data_7WEC
#
_entry.id   7WEC
#
_cell.length_a   1.00
_cell.length_b   1.00
_cell.length_c   1.00
_cell.angle_alpha   90.00
_cell.angle_beta   90.00
_cell.angle_gamma   90.00
#
_symmetry.space_group_name_H-M   'P 1'
#
loop_
_entity.id
_entity.type
_entity.pdbx_description
1 polymer 'The heavy chain of Fab XGv347'
2 polymer 'The light chain of Fab XGv347'
3 polymer 'Spike glycoprotein'
4 branched 2-acetamido-2-deoxy-beta-D-glucopyranose-(1-4)-2-acetamido-2-deoxy-beta-D-glucopyranose
5 branched beta-D-mannopyranose-(1-4)-2-acetamido-2-deoxy-beta-D-glucopyranose-(1-4)-2-acetamido-2-deoxy-beta-D-glucopyranose
6 non-polymer 2-acetamido-2-deoxy-beta-D-glucopyranose
#
loop_
_entity_poly.entity_id
_entity_poly.type
_entity_poly.pdbx_seq_one_letter_code
_entity_poly.pdbx_strand_id
1 'polypeptide(L)'
;QMQLVQSGPEVKKPGTSVKVSCKASGFTFTDVSSLQWVRQARGQRLEWIGWTVVGTGNTNYAPRFQERVTITTDKSTSTA
YMELSSLRSEDTAVYYCAAPFCSETSCSDGFDLWGQGTKVTVS
;
G,H,I
2 'polypeptide(L)'
;EIVLTQSPGTLSLSPGDRATLSCRASQSVRISYLAWYQQKPGQAPRLLISGSSSRATGIPDRFSASGSGTDFTLTISRLE
PEDFAVYYCQQYANSPWTFGQGTKVEV
;
J,K,L
3 'polypeptide(L)'
;MFVFLVLLPLVSSQCVNLTTRTQLPPAYTNSFTRGVYYPDKVFRSSVLHSTQDLFLPFFSNVTWFHVISGTNGTKRFDNP
VLPFNDGVYFASIEKSNIIRGWIFGTTLDSKTQSLLIVNNATNVVIKVCEFQFCNDPFLDHKNNKSWMESEFRVYSSANN
CTFEYVSQPFLMDLEGKQGNFKNLREFVFKNIDGYFKIYSKHTPILVREPEDLPQGFSALEPLVDLPIGINITRFQTLLA
LHRSYLTPGDSSSGWTAGAAAYYVGYLQPRTFLLKYNENGTITDAVDCALDPLSETKCTLKSFTVEKGIYQTSNFRVQPT
ESIVRFPNITNLCPFDEVFNATRFASVYAWNRKRISNCVADYSVLYNLAPFFTFKCYGVSPTKLNDLCFTNVYADSFVIR
GDEVRQIAPGQTGNIADYNYKLPDDFTGCVIAWNSNKLDSKVSGNYNYLYRLFRKSNLKPFERDISTEIYQAGNKPCNGV
AGFNCYFPLRSYSFRPTYGVGHQPYRVVVLSFELLHAPATVCGPKKSTNLVKNKCVNFNFNGLKGTGVLTESNKKFLPFQ
QFGRDIADTTDAVRDPQTLEILDITPCSFGGVSVITPGTNTSNQVAVLYQGVNCTEVPVAIHADQLTPTWRVYSTGSNVF
QTRAGCLIGAEYVNNSYECDIPIGAGICASYQTQTKSHRRARSVASQSIIAYTMSLGAENSVAYSNNSIAIPTNFTISVT
TEILPVSMTKTSVDCTMYICGDSTECSNLLLQYGSFCTQLKRALTGIAVEQDKNTQEVFAQVKQIYKTPPIKYFGGFNFS
QILPDPSKPSKRSFIEDLLFNKVTLADAGFIKQYGDCLGDIAARDLICAQKFKGLTVLPPLLTDEMIAQYTSALLAGTIT
SGWTFGAGAALQIPFAMQMAYRFNGIGVTQNVLYENQKLIANQFNSAIGKIQDSLSSTASALGKLQDVVNHNAQALNTLV
KQLSSKFGAISSVLNDIFSRLDKVEAEVQIDRLITGRLQSLQTYVTQQLIRAAEIRASANLAATKMSECVLGQSKRVDFC
GKGYHLMSFPQSAPHGVVFLHVTYVPAQEKNFTTAPAICHDGKAHFPREGVFVSNGTHWFVTQRNFYEPQIITTDNTFVS
GNCDVVIGIVNNTVYDPLQPELDSFKEELDKYFKNHTSPDVDLGDISGINASVVNIQKEIDRLNEVAKNLNESLIDLQEL
GKYEQYIKWPWYIWLGFIAGLIAIVMVTIMLCCMTSCCSCLKGCCSCGSCCKFDEDDSEPVLKGVKLHYT
;
A,B,C
#
# COMPACT_ATOMS: atom_id res chain seq x y z
N GLN A 1 -8.11 51.11 -16.13
CA GLN A 1 -9.53 51.34 -16.35
C GLN A 1 -9.89 51.14 -17.81
N MET A 2 -11.19 51.09 -18.09
CA MET A 2 -11.68 50.93 -19.46
C MET A 2 -11.54 52.27 -20.15
N GLN A 3 -10.42 52.45 -20.84
CA GLN A 3 -10.10 53.71 -21.49
C GLN A 3 -9.29 53.41 -22.74
N LEU A 4 -9.34 54.35 -23.69
CA LEU A 4 -8.64 54.21 -24.95
C LEU A 4 -7.68 55.38 -25.12
N VAL A 5 -6.45 55.07 -25.55
CA VAL A 5 -5.43 56.07 -25.80
C VAL A 5 -5.15 56.11 -27.30
N GLN A 6 -4.70 57.26 -27.77
CA GLN A 6 -4.42 57.46 -29.18
C GLN A 6 -3.23 58.38 -29.32
N SER A 7 -2.56 58.31 -30.48
CA SER A 7 -1.37 59.09 -30.72
C SER A 7 -1.70 60.58 -30.78
N GLY A 8 -0.65 61.39 -30.85
CA GLY A 8 -0.80 62.83 -30.86
C GLY A 8 -1.02 63.40 -32.25
N PRO A 9 -1.27 64.70 -32.32
CA PRO A 9 -1.45 65.35 -33.62
C PRO A 9 -0.18 65.29 -34.44
N GLU A 10 -0.34 65.24 -35.77
CA GLU A 10 0.78 65.10 -36.67
C GLU A 10 0.62 66.03 -37.86
N VAL A 11 1.76 66.42 -38.43
CA VAL A 11 1.83 67.23 -39.64
C VAL A 11 2.61 66.46 -40.69
N LYS A 12 2.09 66.42 -41.91
CA LYS A 12 2.71 65.66 -42.99
C LYS A 12 2.72 66.50 -44.26
N LYS A 13 3.23 65.91 -45.33
CA LYS A 13 3.47 66.60 -46.59
C LYS A 13 2.67 65.94 -47.71
N PRO A 14 2.37 66.68 -48.79
CA PRO A 14 1.63 66.09 -49.91
C PRO A 14 2.43 64.99 -50.60
N GLY A 15 1.70 64.06 -51.20
CA GLY A 15 2.34 62.95 -51.89
C GLY A 15 2.84 61.85 -50.97
N THR A 16 2.33 61.76 -49.76
CA THR A 16 2.76 60.76 -48.78
C THR A 16 1.54 60.10 -48.15
N SER A 17 1.80 58.97 -47.50
CA SER A 17 0.77 58.18 -46.83
C SER A 17 0.96 58.24 -45.32
N VAL A 18 -0.15 58.03 -44.60
CA VAL A 18 -0.18 58.13 -43.15
C VAL A 18 -0.76 56.85 -42.58
N LYS A 19 -0.11 56.31 -41.54
CA LYS A 19 -0.60 55.16 -40.80
C LYS A 19 -1.04 55.64 -39.42
N VAL A 20 -2.29 55.38 -39.08
CA VAL A 20 -2.89 55.86 -37.84
C VAL A 20 -3.32 54.67 -36.99
N SER A 21 -3.10 54.77 -35.68
CA SER A 21 -3.39 53.67 -34.76
C SER A 21 -3.86 54.24 -33.43
N CYS A 22 -4.66 53.44 -32.71
CA CYS A 22 -5.10 53.77 -31.36
C CYS A 22 -5.16 52.50 -30.53
N LYS A 23 -4.73 52.60 -29.28
CA LYS A 23 -4.62 51.45 -28.39
C LYS A 23 -5.61 51.58 -27.23
N ALA A 24 -5.71 50.52 -26.44
CA ALA A 24 -6.63 50.46 -25.32
C ALA A 24 -5.87 50.20 -24.03
N SER A 25 -6.58 50.34 -22.90
CA SER A 25 -6.02 50.07 -21.57
C SER A 25 -6.77 48.88 -20.99
N GLY A 26 -6.28 47.68 -21.29
CA GLY A 26 -6.89 46.47 -20.81
C GLY A 26 -8.06 45.97 -21.62
N PHE A 27 -8.50 46.72 -22.62
CA PHE A 27 -9.59 46.30 -23.50
C PHE A 27 -9.03 45.43 -24.61
N THR A 28 -9.75 44.35 -24.93
CA THR A 28 -9.32 43.36 -25.91
C THR A 28 -10.17 43.48 -27.16
N PHE A 29 -9.53 43.37 -28.32
CA PHE A 29 -10.27 43.43 -29.58
C PHE A 29 -11.14 42.20 -29.77
N THR A 30 -10.67 41.03 -29.31
CA THR A 30 -11.37 39.74 -29.34
C THR A 30 -12.00 39.48 -30.71
N ASP A 31 -13.22 38.94 -30.74
CA ASP A 31 -13.94 38.72 -31.99
C ASP A 31 -15.21 39.54 -32.08
N VAL A 32 -16.05 39.49 -31.05
CA VAL A 32 -17.34 40.19 -31.11
C VAL A 32 -17.14 41.70 -31.14
N SER A 33 -16.11 42.21 -30.45
CA SER A 33 -15.87 43.65 -30.40
C SER A 33 -15.55 44.20 -31.79
N SER A 34 -16.19 45.33 -32.12
CA SER A 34 -15.97 46.02 -33.38
C SER A 34 -15.79 47.51 -33.10
N LEU A 35 -14.86 48.13 -33.83
CA LEU A 35 -14.53 49.54 -33.66
C LEU A 35 -14.77 50.30 -34.95
N GLN A 36 -15.30 51.52 -34.84
CA GLN A 36 -15.51 52.38 -35.99
C GLN A 36 -14.66 53.64 -35.85
N TRP A 37 -14.49 54.32 -36.98
CA TRP A 37 -13.69 55.54 -37.06
C TRP A 37 -14.58 56.71 -37.48
N VAL A 38 -14.37 57.85 -36.84
CA VAL A 38 -15.07 59.09 -37.19
C VAL A 38 -14.04 60.20 -37.31
N ARG A 39 -14.41 61.23 -38.06
CA ARG A 39 -13.55 62.38 -38.31
C ARG A 39 -14.32 63.67 -38.10
N GLN A 40 -13.64 64.66 -37.53
CA GLN A 40 -14.23 65.96 -37.26
C GLN A 40 -13.29 67.05 -37.77
N ALA A 41 -13.79 67.90 -38.66
CA ALA A 41 -13.04 69.03 -39.17
C ALA A 41 -13.37 70.28 -38.36
N ARG A 42 -12.78 71.40 -38.75
CA ARG A 42 -12.97 72.66 -38.02
C ARG A 42 -14.39 73.16 -38.25
N GLY A 43 -15.23 73.00 -37.24
CA GLY A 43 -16.62 73.47 -37.33
C GLY A 43 -17.42 72.77 -38.39
N GLN A 44 -17.25 71.46 -38.53
CA GLN A 44 -17.95 70.69 -39.56
C GLN A 44 -18.64 69.49 -38.91
N ARG A 45 -19.69 69.02 -39.58
CA ARG A 45 -20.45 67.89 -39.08
C ARG A 45 -19.61 66.62 -39.08
N LEU A 46 -19.91 65.72 -38.14
CA LEU A 46 -19.21 64.44 -38.06
C LEU A 46 -19.53 63.58 -39.27
N GLU A 47 -18.52 62.85 -39.75
CA GLU A 47 -18.69 61.96 -40.89
C GLU A 47 -18.21 60.56 -40.54
N TRP A 48 -18.97 59.56 -40.97
CA TRP A 48 -18.62 58.17 -40.75
C TRP A 48 -17.67 57.71 -41.86
N ILE A 49 -16.63 56.99 -41.46
CA ILE A 49 -15.62 56.48 -42.39
C ILE A 49 -15.73 54.97 -42.57
N GLY A 50 -15.56 54.20 -41.50
CA GLY A 50 -15.63 52.76 -41.61
C GLY A 50 -15.55 52.09 -40.26
N TRP A 51 -16.10 50.88 -40.21
CA TRP A 51 -16.00 50.01 -39.06
C TRP A 51 -15.67 48.60 -39.54
N THR A 52 -14.91 47.88 -38.71
CA THR A 52 -14.41 46.57 -39.08
C THR A 52 -14.70 45.57 -37.98
N VAL A 53 -14.74 44.30 -38.35
CA VAL A 53 -14.93 43.20 -37.41
C VAL A 53 -13.61 42.48 -37.24
N VAL A 54 -13.12 42.43 -36.00
CA VAL A 54 -11.83 41.80 -35.74
C VAL A 54 -11.90 40.31 -36.00
N GLY A 55 -12.98 39.66 -35.56
CA GLY A 55 -13.12 38.23 -35.70
C GLY A 55 -13.37 37.76 -37.12
N THR A 56 -14.52 38.16 -37.69
CA THR A 56 -14.86 37.69 -39.03
C THR A 56 -14.01 38.35 -40.12
N GLY A 57 -13.40 39.49 -39.82
CA GLY A 57 -12.60 40.19 -40.82
C GLY A 57 -13.39 41.04 -41.79
N ASN A 58 -14.71 41.16 -41.60
CA ASN A 58 -15.51 41.97 -42.50
C ASN A 58 -15.26 43.46 -42.26
N THR A 59 -15.27 44.24 -43.33
CA THR A 59 -15.03 45.67 -43.26
C THR A 59 -16.15 46.42 -43.98
N ASN A 60 -16.40 47.64 -43.53
CA ASN A 60 -17.35 48.54 -44.17
C ASN A 60 -16.65 49.85 -44.47
N TYR A 61 -16.91 50.40 -45.67
CA TYR A 61 -16.28 51.64 -46.10
C TYR A 61 -17.32 52.55 -46.74
N ALA A 62 -17.05 53.85 -46.68
CA ALA A 62 -17.88 54.82 -47.37
C ALA A 62 -17.62 54.77 -48.87
N PRO A 63 -18.63 55.03 -49.69
CA PRO A 63 -18.40 55.05 -51.14
C PRO A 63 -17.38 56.09 -51.58
N ARG A 64 -17.32 57.23 -50.89
CA ARG A 64 -16.31 58.24 -51.20
C ARG A 64 -14.92 57.77 -50.82
N PHE A 65 -14.81 56.99 -49.75
CA PHE A 65 -13.52 56.52 -49.22
C PHE A 65 -13.23 55.08 -49.66
N GLN A 66 -13.64 54.71 -50.87
CA GLN A 66 -13.53 53.33 -51.33
C GLN A 66 -12.25 53.08 -52.12
N GLU A 67 -11.35 54.06 -52.20
CA GLU A 67 -10.17 53.94 -53.05
C GLU A 67 -8.86 54.32 -52.40
N ARG A 68 -8.85 55.05 -51.27
CA ARG A 68 -7.58 55.56 -50.76
C ARG A 68 -7.49 55.44 -49.24
N VAL A 69 -8.22 54.50 -48.64
CA VAL A 69 -8.12 54.25 -47.21
C VAL A 69 -8.29 52.75 -46.95
N THR A 70 -7.54 52.24 -45.98
CA THR A 70 -7.60 50.84 -45.60
C THR A 70 -7.64 50.74 -44.08
N ILE A 71 -8.53 49.91 -43.55
CA ILE A 71 -8.67 49.70 -42.12
C ILE A 71 -8.43 48.22 -41.82
N THR A 72 -7.55 47.94 -40.87
CA THR A 72 -7.23 46.58 -40.46
C THR A 72 -7.14 46.51 -38.94
N THR A 73 -7.32 45.31 -38.40
CA THR A 73 -7.28 45.10 -36.96
C THR A 73 -6.41 43.89 -36.63
N ASP A 74 -5.75 43.95 -35.48
CA ASP A 74 -4.92 42.87 -34.96
C ASP A 74 -5.35 42.57 -33.53
N LYS A 75 -6.00 41.42 -33.34
CA LYS A 75 -6.46 41.04 -32.01
C LYS A 75 -5.28 40.78 -31.07
N SER A 76 -4.24 40.11 -31.57
CA SER A 76 -3.11 39.75 -30.72
C SER A 76 -2.48 40.97 -30.05
N THR A 77 -2.25 42.03 -30.83
CA THR A 77 -1.82 43.30 -30.28
C THR A 77 -2.98 44.22 -29.97
N SER A 78 -4.21 43.83 -30.33
CA SER A 78 -5.42 44.61 -30.05
C SER A 78 -5.30 46.03 -30.61
N THR A 79 -4.77 46.14 -31.82
CA THR A 79 -4.52 47.43 -32.45
C THR A 79 -5.34 47.57 -33.73
N ALA A 80 -5.51 48.82 -34.15
CA ALA A 80 -6.20 49.15 -35.39
C ALA A 80 -5.30 50.03 -36.24
N TYR A 81 -5.16 49.68 -37.52
CA TYR A 81 -4.30 50.39 -38.45
C TYR A 81 -5.15 50.97 -39.57
N MET A 82 -5.05 52.29 -39.78
CA MET A 82 -5.61 52.93 -40.96
C MET A 82 -4.46 53.41 -41.83
N GLU A 83 -4.46 52.96 -43.08
CA GLU A 83 -3.54 53.49 -44.10
C GLU A 83 -4.33 54.47 -44.96
N LEU A 84 -3.90 55.73 -44.97
CA LEU A 84 -4.52 56.78 -45.76
C LEU A 84 -3.51 57.30 -46.77
N SER A 85 -3.91 57.36 -48.03
CA SER A 85 -3.05 57.81 -49.11
C SER A 85 -3.59 59.10 -49.70
N SER A 86 -2.68 59.99 -50.10
CA SER A 86 -3.01 61.27 -50.72
C SER A 86 -3.89 62.11 -49.79
N LEU A 87 -3.30 62.50 -48.66
CA LEU A 87 -3.99 63.35 -47.70
C LEU A 87 -3.91 64.80 -48.15
N ARG A 88 -5.05 65.40 -48.45
CA ARG A 88 -5.13 66.77 -48.91
C ARG A 88 -5.44 67.70 -47.73
N SER A 89 -5.66 68.98 -48.03
CA SER A 89 -6.01 69.94 -46.99
C SER A 89 -7.40 69.66 -46.43
N GLU A 90 -8.29 69.09 -47.23
CA GLU A 90 -9.61 68.72 -46.73
C GLU A 90 -9.55 67.52 -45.79
N ASP A 91 -8.46 66.77 -45.82
CA ASP A 91 -8.28 65.61 -44.96
C ASP A 91 -7.62 65.96 -43.62
N THR A 92 -7.33 67.23 -43.39
CA THR A 92 -6.74 67.68 -42.14
C THR A 92 -7.84 67.86 -41.11
N ALA A 93 -7.91 66.95 -40.14
CA ALA A 93 -9.00 66.93 -39.18
C ALA A 93 -8.60 66.04 -38.01
N VAL A 94 -9.54 65.83 -37.07
CA VAL A 94 -9.30 65.04 -35.87
C VAL A 94 -10.01 63.70 -36.05
N TYR A 95 -9.26 62.62 -35.85
CA TYR A 95 -9.78 61.26 -35.97
C TYR A 95 -10.05 60.69 -34.59
N TYR A 96 -11.15 59.93 -34.48
CA TYR A 96 -11.51 59.23 -33.26
C TYR A 96 -11.90 57.80 -33.59
N CYS A 97 -11.46 56.86 -32.75
CA CYS A 97 -11.86 55.46 -32.85
C CYS A 97 -12.72 55.10 -31.65
N ALA A 98 -13.85 54.45 -31.91
CA ALA A 98 -14.81 54.12 -30.86
C ALA A 98 -15.17 52.65 -30.93
N ALA A 99 -15.30 52.03 -29.75
CA ALA A 99 -15.73 50.66 -29.63
C ALA A 99 -16.60 50.55 -28.37
N PRO A 100 -17.54 49.61 -28.35
CA PRO A 100 -18.36 49.44 -27.14
C PRO A 100 -17.65 48.56 -26.12
N PHE A 101 -18.19 48.57 -24.90
CA PHE A 101 -17.70 47.72 -23.82
C PHE A 101 -18.16 46.30 -24.12
N CYS A 102 -17.45 45.66 -25.04
CA CYS A 102 -17.90 44.39 -25.61
C CYS A 102 -17.01 43.28 -25.09
N SER A 103 -17.50 42.54 -24.11
CA SER A 103 -16.78 41.45 -23.48
C SER A 103 -17.74 40.30 -23.22
N GLU A 104 -17.18 39.09 -23.11
CA GLU A 104 -17.97 37.88 -22.87
C GLU A 104 -19.04 37.71 -23.95
N THR A 105 -18.65 37.96 -25.20
CA THR A 105 -19.49 37.80 -26.41
C THR A 105 -20.88 38.40 -26.22
N SER A 106 -20.96 39.46 -25.43
CA SER A 106 -22.22 40.17 -25.23
C SER A 106 -21.93 41.64 -24.98
N CYS A 107 -22.70 42.52 -25.64
CA CYS A 107 -22.49 43.95 -25.51
C CYS A 107 -23.61 44.72 -26.19
N SER A 108 -23.96 45.86 -25.61
CA SER A 108 -25.06 46.69 -26.09
C SER A 108 -24.70 47.39 -27.39
N ASP A 109 -25.64 48.20 -27.88
CA ASP A 109 -25.52 48.86 -29.17
C ASP A 109 -24.90 50.25 -29.09
N GLY A 110 -24.43 50.68 -27.92
CA GLY A 110 -23.87 52.00 -27.74
C GLY A 110 -22.36 51.93 -27.57
N PHE A 111 -21.66 52.86 -28.22
CA PHE A 111 -20.20 52.95 -28.11
C PHE A 111 -19.86 53.95 -27.01
N ASP A 112 -19.60 53.43 -25.81
CA ASP A 112 -19.26 54.31 -24.70
C ASP A 112 -17.84 54.84 -24.82
N LEU A 113 -16.90 53.99 -25.22
CA LEU A 113 -15.50 54.39 -25.28
C LEU A 113 -15.27 55.40 -26.40
N TRP A 114 -14.37 56.34 -26.15
CA TRP A 114 -14.11 57.44 -27.08
C TRP A 114 -12.69 57.92 -26.89
N GLY A 115 -11.87 57.79 -27.94
CA GLY A 115 -10.50 58.25 -27.88
C GLY A 115 -10.38 59.76 -28.01
N GLN A 116 -9.20 60.26 -27.64
CA GLN A 116 -8.96 61.70 -27.68
C GLN A 116 -8.91 62.23 -29.11
N GLY A 117 -8.46 61.42 -30.06
CA GLY A 117 -8.42 61.83 -31.45
C GLY A 117 -7.05 62.37 -31.85
N THR A 118 -6.72 62.19 -33.12
CA THR A 118 -5.47 62.69 -33.70
C THR A 118 -5.78 63.83 -34.65
N LYS A 119 -5.11 64.96 -34.45
CA LYS A 119 -5.23 66.11 -35.34
C LYS A 119 -4.18 65.97 -36.44
N VAL A 120 -4.60 65.48 -37.60
CA VAL A 120 -3.71 65.25 -38.73
C VAL A 120 -3.86 66.43 -39.69
N THR A 121 -2.75 67.08 -40.00
CA THR A 121 -2.73 68.20 -40.94
C THR A 121 -1.63 67.98 -41.96
N VAL A 122 -1.98 68.11 -43.24
CA VAL A 122 -1.03 67.96 -44.33
C VAL A 122 -1.04 69.23 -45.17
N SER A 123 0.14 69.80 -45.38
CA SER A 123 0.26 71.05 -46.14
C SER A 123 0.93 70.80 -47.49
N GLN B 1 51.10 4.01 -18.78
CA GLN B 1 51.80 5.12 -18.14
C GLN B 1 51.59 6.41 -18.90
N MET B 2 51.94 7.53 -18.26
CA MET B 2 51.87 8.83 -18.92
C MET B 2 53.09 8.99 -19.82
N GLN B 3 52.86 8.87 -21.13
CA GLN B 3 53.96 8.88 -22.09
C GLN B 3 53.44 9.45 -23.40
N LEU B 4 54.38 9.99 -24.19
CA LEU B 4 54.06 10.61 -25.48
C LEU B 4 54.68 9.79 -26.60
N VAL B 5 53.90 9.53 -27.65
CA VAL B 5 54.36 8.81 -28.83
C VAL B 5 54.19 9.70 -30.04
N GLN B 6 55.25 9.85 -30.81
CA GLN B 6 55.24 10.68 -32.01
C GLN B 6 55.55 9.79 -33.22
N SER B 7 55.28 10.32 -34.41
CA SER B 7 55.44 9.55 -35.63
C SER B 7 56.93 9.30 -35.92
N GLY B 8 57.19 8.64 -37.04
CA GLY B 8 58.54 8.29 -37.41
C GLY B 8 59.23 9.35 -38.23
N PRO B 9 60.54 9.22 -38.42
CA PRO B 9 61.27 10.16 -39.27
C PRO B 9 60.79 10.10 -40.72
N GLU B 10 60.83 11.24 -41.39
CA GLU B 10 60.33 11.36 -42.75
C GLU B 10 61.30 12.10 -43.64
N VAL B 11 61.24 11.76 -44.93
CA VAL B 11 62.00 12.44 -45.98
C VAL B 11 61.01 13.03 -46.97
N LYS B 12 61.20 14.30 -47.31
CA LYS B 12 60.29 15.01 -48.20
C LYS B 12 61.10 15.79 -49.24
N LYS B 13 60.37 16.50 -50.10
CA LYS B 13 60.94 17.20 -51.24
C LYS B 13 60.65 18.69 -51.14
N PRO B 14 61.47 19.53 -51.77
CA PRO B 14 61.21 20.98 -51.75
C PRO B 14 59.93 21.33 -52.47
N GLY B 15 59.31 22.43 -52.03
CA GLY B 15 58.05 22.86 -52.60
C GLY B 15 56.85 22.07 -52.15
N THR B 16 56.91 21.44 -50.98
CA THR B 16 55.82 20.63 -50.46
C THR B 16 55.59 20.95 -48.99
N SER B 17 54.37 20.69 -48.52
CA SER B 17 53.98 20.93 -47.15
C SER B 17 53.93 19.62 -46.38
N VAL B 18 54.25 19.71 -45.08
CA VAL B 18 54.33 18.55 -44.20
C VAL B 18 53.46 18.79 -42.97
N LYS B 19 52.69 17.78 -42.59
CA LYS B 19 51.87 17.80 -41.38
C LYS B 19 52.47 16.85 -40.36
N VAL B 20 52.69 17.34 -39.15
CA VAL B 20 53.35 16.60 -38.09
C VAL B 20 52.42 16.53 -36.88
N SER B 21 52.41 15.37 -36.20
CA SER B 21 51.52 15.14 -35.08
C SER B 21 52.20 14.27 -34.04
N CYS B 22 51.74 14.40 -32.79
CA CYS B 22 52.17 13.53 -31.70
C CYS B 22 51.01 13.29 -30.77
N LYS B 23 50.86 12.05 -30.32
CA LYS B 23 49.77 11.61 -29.47
C LYS B 23 50.30 11.19 -28.10
N ALA B 24 49.38 10.82 -27.22
CA ALA B 24 49.71 10.48 -25.85
C ALA B 24 49.03 9.17 -25.46
N SER B 25 49.62 8.50 -24.47
CA SER B 25 49.07 7.26 -23.92
C SER B 25 48.51 7.59 -22.54
N GLY B 26 47.18 7.68 -22.45
CA GLY B 26 46.52 7.99 -21.21
C GLY B 26 46.45 9.46 -20.88
N PHE B 27 47.15 10.30 -21.62
CA PHE B 27 47.11 11.75 -21.41
C PHE B 27 46.22 12.39 -22.47
N THR B 28 45.41 13.34 -22.04
CA THR B 28 44.48 14.03 -22.93
C THR B 28 44.77 15.52 -22.92
N PHE B 29 44.46 16.17 -24.05
CA PHE B 29 44.70 17.60 -24.16
C PHE B 29 43.83 18.38 -23.18
N THR B 30 42.59 17.91 -22.97
CA THR B 30 41.61 18.49 -22.05
C THR B 30 41.47 20.00 -22.23
N ASP B 31 41.29 20.74 -21.15
CA ASP B 31 41.06 22.19 -21.19
C ASP B 31 42.29 22.97 -20.74
N VAL B 32 42.89 22.59 -19.62
CA VAL B 32 43.98 23.39 -19.07
C VAL B 32 45.32 23.04 -19.70
N SER B 33 45.51 21.78 -20.13
CA SER B 33 46.82 21.33 -20.60
C SER B 33 47.22 22.04 -21.88
N SER B 34 48.51 22.33 -22.00
CA SER B 34 49.09 22.97 -23.17
C SER B 34 50.50 22.43 -23.39
N LEU B 35 50.92 22.37 -24.65
CA LEU B 35 52.21 21.82 -25.02
C LEU B 35 52.97 22.80 -25.90
N GLN B 36 54.30 22.70 -25.86
CA GLN B 36 55.16 23.48 -26.73
C GLN B 36 55.89 22.54 -27.69
N TRP B 37 56.36 23.13 -28.79
CA TRP B 37 57.13 22.40 -29.80
C TRP B 37 58.55 22.93 -29.83
N VAL B 38 59.53 22.01 -29.86
CA VAL B 38 60.94 22.37 -29.94
C VAL B 38 61.57 21.60 -31.09
N ARG B 39 62.66 22.16 -31.62
CA ARG B 39 63.39 21.61 -32.74
C ARG B 39 64.86 21.55 -32.41
N GLN B 40 65.51 20.46 -32.83
CA GLN B 40 66.94 20.25 -32.59
C GLN B 40 67.60 19.84 -33.88
N ALA B 41 68.59 20.64 -34.31
CA ALA B 41 69.36 20.33 -35.50
C ALA B 41 70.61 19.55 -35.13
N ARG B 42 71.44 19.23 -36.11
CA ARG B 42 72.63 18.42 -35.88
C ARG B 42 73.67 19.26 -35.14
N GLY B 43 73.83 19.00 -33.86
CA GLY B 43 74.82 19.72 -33.06
C GLY B 43 74.56 21.21 -32.95
N GLN B 44 73.30 21.60 -32.82
CA GLN B 44 72.91 22.99 -32.74
C GLN B 44 72.04 23.23 -31.51
N ARG B 45 72.01 24.49 -31.06
CA ARG B 45 71.20 24.86 -29.92
C ARG B 45 69.71 24.70 -30.24
N LEU B 46 68.92 24.43 -29.21
CA LEU B 46 67.49 24.24 -29.38
C LEU B 46 66.81 25.55 -29.75
N GLU B 47 65.77 25.46 -30.58
CA GLU B 47 64.98 26.62 -30.98
C GLU B 47 63.51 26.39 -30.61
N TRP B 48 62.90 27.40 -30.00
CA TRP B 48 61.49 27.37 -29.65
C TRP B 48 60.65 27.77 -30.86
N ILE B 49 59.57 27.04 -31.10
CA ILE B 49 58.71 27.31 -32.24
C ILE B 49 57.40 27.95 -31.80
N GLY B 50 56.61 27.23 -31.00
CA GLY B 50 55.31 27.74 -30.60
C GLY B 50 54.62 26.77 -29.66
N TRP B 51 53.63 27.31 -28.95
CA TRP B 51 52.82 26.52 -28.02
C TRP B 51 51.38 26.98 -28.15
N THR B 52 50.44 26.09 -27.82
CA THR B 52 49.02 26.37 -28.01
C THR B 52 48.23 26.06 -26.74
N VAL B 53 47.14 26.79 -26.54
CA VAL B 53 46.17 26.51 -25.49
C VAL B 53 45.06 25.68 -26.09
N VAL B 54 44.86 24.47 -25.57
CA VAL B 54 43.78 23.62 -26.09
C VAL B 54 42.42 24.24 -25.78
N GLY B 55 42.24 24.74 -24.57
CA GLY B 55 40.95 25.26 -24.16
C GLY B 55 40.55 26.57 -24.80
N THR B 56 41.27 27.64 -24.48
CA THR B 56 40.93 28.96 -25.04
C THR B 56 41.13 28.98 -26.55
N GLY B 57 42.22 28.38 -27.03
CA GLY B 57 42.55 28.42 -28.43
C GLY B 57 43.59 29.44 -28.83
N ASN B 58 44.21 30.12 -27.87
CA ASN B 58 45.24 31.11 -28.18
C ASN B 58 46.53 30.41 -28.61
N THR B 59 47.28 31.07 -29.48
CA THR B 59 48.52 30.54 -30.03
C THR B 59 49.62 31.58 -29.93
N ASN B 60 50.86 31.10 -29.77
CA ASN B 60 52.04 31.94 -29.83
C ASN B 60 53.02 31.37 -30.84
N TYR B 61 53.63 32.25 -31.64
CA TYR B 61 54.54 31.86 -32.69
C TYR B 61 55.80 32.69 -32.63
N ALA B 62 56.89 32.12 -33.12
CA ALA B 62 58.14 32.87 -33.25
C ALA B 62 58.01 33.91 -34.35
N PRO B 63 58.65 35.07 -34.20
CA PRO B 63 58.60 36.09 -35.25
C PRO B 63 59.13 35.60 -36.59
N ARG B 64 60.15 34.74 -36.58
CA ARG B 64 60.68 34.17 -37.81
C ARG B 64 59.81 33.07 -38.38
N PHE B 65 58.96 32.46 -37.55
CA PHE B 65 58.03 31.42 -37.98
C PHE B 65 56.60 31.94 -38.08
N GLN B 66 56.42 33.18 -38.54
CA GLN B 66 55.11 33.81 -38.59
C GLN B 66 54.50 33.75 -39.99
N GLU B 67 55.05 32.96 -40.89
CA GLU B 67 54.56 32.94 -42.27
C GLU B 67 54.40 31.56 -42.87
N ARG B 68 54.93 30.49 -42.28
CA ARG B 68 54.90 29.20 -42.95
C ARG B 68 54.60 28.03 -42.02
N VAL B 69 54.27 28.26 -40.75
CA VAL B 69 53.94 27.19 -39.81
C VAL B 69 52.62 27.51 -39.14
N THR B 70 51.80 26.48 -38.96
CA THR B 70 50.51 26.60 -38.28
C THR B 70 50.36 25.44 -37.30
N ILE B 71 49.89 25.75 -36.10
CA ILE B 71 49.67 24.75 -35.06
C ILE B 71 48.21 24.78 -34.66
N THR B 72 47.60 23.58 -34.61
CA THR B 72 46.19 23.45 -34.23
C THR B 72 46.06 22.26 -33.29
N THR B 73 45.07 22.34 -32.38
CA THR B 73 44.81 21.29 -31.42
C THR B 73 43.35 20.85 -31.49
N ASP B 74 43.13 19.54 -31.33
CA ASP B 74 41.80 18.96 -31.30
C ASP B 74 41.63 18.27 -29.95
N LYS B 75 40.74 18.80 -29.11
CA LYS B 75 40.51 18.25 -27.79
C LYS B 75 39.92 16.85 -27.86
N SER B 76 39.00 16.61 -28.80
CA SER B 76 38.30 15.34 -28.91
C SER B 76 39.28 14.18 -29.06
N THR B 77 40.08 14.20 -30.12
CA THR B 77 41.17 13.24 -30.25
C THR B 77 42.41 13.66 -29.48
N SER B 78 42.40 14.86 -28.89
CA SER B 78 43.55 15.37 -28.14
C SER B 78 44.83 15.35 -28.97
N THR B 79 44.71 15.71 -30.24
CA THR B 79 45.80 15.66 -31.19
C THR B 79 46.30 17.05 -31.53
N ALA B 80 47.54 17.12 -32.01
CA ALA B 80 48.16 18.37 -32.41
C ALA B 80 48.65 18.24 -33.84
N TYR B 81 48.28 19.20 -34.68
CA TYR B 81 48.67 19.22 -36.09
C TYR B 81 49.54 20.45 -36.34
N MET B 82 50.74 20.22 -36.88
CA MET B 82 51.58 21.31 -37.36
C MET B 82 51.65 21.20 -38.88
N GLU B 83 51.27 22.26 -39.57
CA GLU B 83 51.46 22.35 -41.01
C GLU B 83 52.63 23.28 -41.28
N LEU B 84 53.67 22.74 -41.92
CA LEU B 84 54.84 23.51 -42.30
C LEU B 84 54.95 23.50 -43.81
N SER B 85 55.05 24.69 -44.40
CA SER B 85 55.06 24.85 -45.85
C SER B 85 56.45 25.23 -46.33
N SER B 86 56.88 24.61 -47.42
CA SER B 86 58.15 24.90 -48.08
C SER B 86 59.33 24.67 -47.13
N LEU B 87 59.49 23.42 -46.72
CA LEU B 87 60.61 23.06 -45.86
C LEU B 87 61.91 23.07 -46.66
N ARG B 88 62.94 23.70 -46.11
CA ARG B 88 64.24 23.80 -46.77
C ARG B 88 65.20 22.78 -46.17
N SER B 89 66.47 22.85 -46.60
CA SER B 89 67.49 21.98 -46.03
C SER B 89 67.87 22.41 -44.62
N GLU B 90 67.58 23.65 -44.24
CA GLU B 90 67.82 24.11 -42.87
C GLU B 90 66.71 23.66 -41.91
N ASP B 91 65.58 23.20 -42.43
CA ASP B 91 64.47 22.73 -41.62
C ASP B 91 64.55 21.25 -41.31
N THR B 92 65.60 20.56 -41.79
CA THR B 92 65.79 19.15 -41.51
C THR B 92 66.34 19.00 -40.10
N ALA B 93 65.52 18.50 -39.19
CA ALA B 93 65.89 18.43 -37.78
C ALA B 93 64.91 17.50 -37.07
N VAL B 94 65.07 17.38 -35.75
CA VAL B 94 64.24 16.51 -34.93
C VAL B 94 63.27 17.37 -34.14
N TYR B 95 61.99 17.02 -34.21
CA TYR B 95 60.93 17.75 -33.54
C TYR B 95 60.50 17.01 -32.28
N TYR B 96 60.22 17.77 -31.22
CA TYR B 96 59.69 17.23 -29.97
C TYR B 96 58.51 18.08 -29.50
N CYS B 97 57.51 17.42 -28.93
CA CYS B 97 56.38 18.08 -28.28
C CYS B 97 56.42 17.77 -26.79
N ALA B 98 56.26 18.80 -25.96
CA ALA B 98 56.34 18.64 -24.52
C ALA B 98 55.13 19.28 -23.85
N ALA B 99 54.53 18.55 -22.91
CA ALA B 99 53.41 19.06 -22.12
C ALA B 99 53.59 18.62 -20.68
N PRO B 100 53.07 19.39 -19.72
CA PRO B 100 53.14 18.97 -18.32
C PRO B 100 51.94 18.12 -17.92
N PHE B 101 52.10 17.43 -16.78
CA PHE B 101 51.05 16.61 -16.20
C PHE B 101 50.04 17.54 -15.53
N CYS B 102 49.09 18.01 -16.33
CA CYS B 102 48.19 19.08 -15.90
C CYS B 102 46.75 18.56 -15.96
N SER B 103 46.25 18.09 -14.81
CA SER B 103 44.91 17.57 -14.69
C SER B 103 44.18 18.29 -13.56
N GLU B 104 42.94 18.71 -13.84
CA GLU B 104 42.11 19.43 -12.87
C GLU B 104 42.82 20.69 -12.35
N THR B 105 43.43 21.44 -13.27
CA THR B 105 44.11 22.69 -12.96
C THR B 105 45.16 22.52 -11.85
N SER B 106 45.90 21.40 -11.92
CA SER B 106 46.98 21.12 -10.97
C SER B 106 48.21 20.68 -11.77
N CYS B 107 49.04 21.65 -12.15
CA CYS B 107 50.27 21.36 -12.87
C CYS B 107 51.37 22.38 -12.54
N SER B 108 52.58 21.87 -12.36
CA SER B 108 53.75 22.69 -12.09
C SER B 108 54.19 23.43 -13.35
N ASP B 109 55.22 24.25 -13.20
CA ASP B 109 55.74 25.09 -14.26
C ASP B 109 56.87 24.43 -15.05
N GLY B 110 56.89 23.10 -15.11
CA GLY B 110 57.88 22.39 -15.90
C GLY B 110 57.23 21.33 -16.76
N PHE B 111 57.84 21.12 -17.93
CA PHE B 111 57.31 20.18 -18.92
C PHE B 111 57.98 18.83 -18.71
N ASP B 112 57.32 17.96 -17.95
CA ASP B 112 57.89 16.65 -17.64
C ASP B 112 57.89 15.73 -18.85
N LEU B 113 56.76 15.68 -19.57
CA LEU B 113 56.61 14.74 -20.67
C LEU B 113 57.46 15.19 -21.86
N TRP B 114 58.00 14.21 -22.58
CA TRP B 114 58.93 14.48 -23.68
C TRP B 114 58.82 13.37 -24.71
N GLY B 115 58.41 13.72 -25.93
CA GLY B 115 58.35 12.74 -26.99
C GLY B 115 59.71 12.44 -27.59
N GLN B 116 59.78 11.34 -28.35
CA GLN B 116 61.05 10.92 -28.92
C GLN B 116 61.51 11.83 -30.05
N GLY B 117 60.60 12.52 -30.71
CA GLY B 117 60.98 13.42 -31.79
C GLY B 117 60.92 12.77 -33.15
N THR B 118 60.72 13.59 -34.17
CA THR B 118 60.68 13.15 -35.56
C THR B 118 61.83 13.78 -36.32
N LYS B 119 62.60 12.95 -37.03
CA LYS B 119 63.69 13.44 -37.87
C LYS B 119 63.13 13.71 -39.26
N VAL B 120 62.90 14.98 -39.56
CA VAL B 120 62.36 15.41 -40.84
C VAL B 120 63.50 15.96 -41.68
N THR B 121 63.69 15.38 -42.86
CA THR B 121 64.74 15.81 -43.78
C THR B 121 64.13 16.06 -45.15
N VAL B 122 64.43 17.22 -45.73
CA VAL B 122 63.93 17.61 -47.04
C VAL B 122 65.12 17.90 -47.94
N SER B 123 65.17 17.25 -49.10
CA SER B 123 66.27 17.43 -50.04
C SER B 123 65.80 18.14 -51.31
N GLN C 1 -15.76 -16.15 -50.67
CA GLN C 1 -15.07 -17.43 -50.53
C GLN C 1 -13.68 -17.38 -51.15
N MET C 2 -13.06 -18.55 -51.29
CA MET C 2 -11.72 -18.65 -51.87
C MET C 2 -11.85 -18.82 -53.39
N GLN C 3 -11.97 -17.69 -54.07
CA GLN C 3 -12.06 -17.66 -55.52
C GLN C 3 -11.57 -16.30 -56.00
N LEU C 4 -10.91 -16.29 -57.16
CA LEU C 4 -10.35 -15.07 -57.72
C LEU C 4 -11.36 -14.37 -58.61
N VAL C 5 -11.24 -13.05 -58.68
CA VAL C 5 -12.07 -12.22 -59.55
C VAL C 5 -11.15 -11.41 -60.45
N GLN C 6 -11.71 -10.95 -61.56
CA GLN C 6 -10.94 -10.25 -62.57
C GLN C 6 -11.86 -9.29 -63.32
N SER C 7 -11.26 -8.43 -64.14
CA SER C 7 -12.02 -7.45 -64.89
C SER C 7 -12.78 -8.13 -66.03
N GLY C 8 -13.43 -7.32 -66.85
CA GLY C 8 -14.21 -7.83 -67.96
C GLY C 8 -13.46 -7.82 -69.26
N PRO C 9 -14.06 -8.37 -70.31
CA PRO C 9 -13.42 -8.34 -71.64
C PRO C 9 -13.29 -6.90 -72.15
N GLU C 10 -12.24 -6.67 -72.94
CA GLU C 10 -11.93 -5.33 -73.41
C GLU C 10 -11.59 -5.37 -74.89
N VAL C 11 -11.83 -4.23 -75.54
CA VAL C 11 -11.53 -4.02 -76.95
C VAL C 11 -10.58 -2.85 -77.07
N LYS C 12 -9.50 -3.04 -77.82
CA LYS C 12 -8.48 -2.02 -78.01
C LYS C 12 -8.19 -1.85 -79.50
N LYS C 13 -7.26 -0.94 -79.80
CA LYS C 13 -6.91 -0.59 -81.17
C LYS C 13 -5.43 -0.84 -81.40
N PRO C 14 -5.02 -1.07 -82.65
CA PRO C 14 -3.60 -1.27 -82.93
C PRO C 14 -2.78 -0.03 -82.60
N GLY C 15 -1.53 -0.26 -82.21
CA GLY C 15 -0.66 0.84 -81.82
C GLY C 15 -0.88 1.37 -80.42
N THR C 16 -1.58 0.61 -79.57
CA THR C 16 -1.87 1.02 -78.21
C THR C 16 -1.37 -0.05 -77.22
N SER C 17 -1.49 0.26 -75.94
CA SER C 17 -1.06 -0.64 -74.87
C SER C 17 -2.16 -0.73 -73.82
N VAL C 18 -2.14 -1.85 -73.09
CA VAL C 18 -3.16 -2.14 -72.09
C VAL C 18 -2.49 -2.61 -70.80
N LYS C 19 -3.22 -2.53 -69.70
CA LYS C 19 -2.81 -3.06 -68.42
C LYS C 19 -3.90 -3.99 -67.90
N VAL C 20 -3.51 -5.22 -67.56
CA VAL C 20 -4.46 -6.26 -67.15
C VAL C 20 -4.15 -6.63 -65.71
N SER C 21 -5.20 -6.73 -64.89
CA SER C 21 -5.07 -6.89 -63.44
C SER C 21 -5.86 -8.09 -62.96
N CYS C 22 -5.36 -8.74 -61.91
CA CYS C 22 -6.02 -9.88 -61.26
C CYS C 22 -6.09 -9.64 -59.76
N LYS C 23 -6.54 -8.45 -59.36
CA LYS C 23 -6.79 -8.17 -57.95
C LYS C 23 -8.04 -8.94 -57.51
N ALA C 24 -7.87 -9.84 -56.55
CA ALA C 24 -8.97 -10.68 -56.09
C ALA C 24 -9.09 -10.60 -54.58
N SER C 25 -10.32 -10.36 -54.11
CA SER C 25 -10.59 -10.33 -52.67
C SER C 25 -10.74 -11.72 -52.07
N GLY C 26 -10.90 -12.74 -52.90
CA GLY C 26 -11.03 -14.11 -52.43
C GLY C 26 -9.74 -14.82 -52.16
N PHE C 27 -8.60 -14.14 -52.29
CA PHE C 27 -7.31 -14.74 -52.04
C PHE C 27 -6.38 -13.71 -51.43
N THR C 28 -5.50 -14.17 -50.56
CA THR C 28 -4.52 -13.31 -49.89
C THR C 28 -3.16 -13.51 -50.55
N PHE C 29 -2.57 -12.41 -51.03
CA PHE C 29 -1.30 -12.50 -51.75
C PHE C 29 -0.18 -12.98 -50.85
N THR C 30 -0.22 -12.64 -49.56
CA THR C 30 0.73 -13.01 -48.49
C THR C 30 2.14 -12.82 -49.01
N ASP C 31 3.08 -13.73 -48.76
CA ASP C 31 4.46 -13.56 -49.19
C ASP C 31 5.07 -14.77 -49.88
N VAL C 32 4.54 -15.98 -49.71
CA VAL C 32 5.04 -17.14 -50.43
C VAL C 32 4.21 -17.44 -51.68
N SER C 33 2.99 -16.93 -51.76
CA SER C 33 2.10 -17.27 -52.87
C SER C 33 2.61 -16.68 -54.18
N SER C 34 2.41 -17.43 -55.26
CA SER C 34 2.76 -17.00 -56.60
C SER C 34 1.64 -17.39 -57.56
N LEU C 35 1.55 -16.66 -58.67
CA LEU C 35 0.50 -16.87 -59.65
C LEU C 35 1.09 -16.91 -61.05
N GLN C 36 0.51 -17.76 -61.91
CA GLN C 36 0.88 -17.80 -63.31
C GLN C 36 -0.25 -17.26 -64.17
N TRP C 37 0.10 -16.92 -65.40
CA TRP C 37 -0.84 -16.38 -66.37
C TRP C 37 -0.88 -17.28 -67.60
N VAL C 38 -2.09 -17.60 -68.07
CA VAL C 38 -2.26 -18.42 -69.25
C VAL C 38 -3.21 -17.71 -70.21
N ARG C 39 -3.11 -18.08 -71.49
CA ARG C 39 -3.89 -17.47 -72.55
C ARG C 39 -4.55 -18.56 -73.38
N GLN C 40 -5.83 -18.33 -73.70
CA GLN C 40 -6.62 -19.26 -74.51
C GLN C 40 -7.17 -18.54 -75.71
N ALA C 41 -6.79 -18.99 -76.91
CA ALA C 41 -7.32 -18.44 -78.14
C ALA C 41 -8.56 -19.24 -78.56
N ARG C 42 -9.04 -19.01 -79.77
CA ARG C 42 -10.24 -19.72 -80.25
C ARG C 42 -9.83 -21.10 -80.72
N GLY C 43 -10.12 -22.12 -79.90
CA GLY C 43 -9.83 -23.49 -80.27
C GLY C 43 -8.35 -23.78 -80.45
N GLN C 44 -7.51 -23.27 -79.55
CA GLN C 44 -6.08 -23.46 -79.64
C GLN C 44 -5.55 -24.02 -78.33
N ARG C 45 -4.35 -24.59 -78.41
CA ARG C 45 -3.69 -25.12 -77.21
C ARG C 45 -3.31 -23.97 -76.28
N LEU C 46 -3.36 -24.25 -74.98
CA LEU C 46 -2.98 -23.25 -73.98
C LEU C 46 -1.48 -22.98 -74.03
N GLU C 47 -1.12 -21.73 -73.75
CA GLU C 47 0.27 -21.32 -73.74
C GLU C 47 0.59 -20.60 -72.44
N TRP C 48 1.78 -20.88 -71.91
CA TRP C 48 2.24 -20.27 -70.66
C TRP C 48 2.93 -18.95 -70.98
N ILE C 49 2.60 -17.92 -70.22
CA ILE C 49 3.18 -16.59 -70.42
C ILE C 49 4.23 -16.31 -69.37
N GLY C 50 3.82 -16.28 -68.11
CA GLY C 50 4.75 -15.97 -67.03
C GLY C 50 4.12 -16.14 -65.67
N TRP C 51 5.00 -16.32 -64.68
CA TRP C 51 4.62 -16.36 -63.28
C TRP C 51 5.65 -15.58 -62.48
N THR C 52 5.20 -14.95 -61.40
CA THR C 52 6.05 -14.09 -60.58
C THR C 52 5.85 -14.43 -59.11
N VAL C 53 6.86 -14.09 -58.31
CA VAL C 53 6.87 -14.36 -56.88
C VAL C 53 6.52 -13.08 -56.13
N VAL C 54 5.58 -13.19 -55.19
CA VAL C 54 5.21 -12.02 -54.39
C VAL C 54 6.34 -11.60 -53.48
N GLY C 55 6.96 -12.56 -52.78
CA GLY C 55 7.96 -12.25 -51.79
C GLY C 55 9.27 -11.70 -52.34
N THR C 56 10.00 -12.53 -53.08
CA THR C 56 11.30 -12.10 -53.62
C THR C 56 11.17 -11.24 -54.85
N GLY C 57 9.99 -11.16 -55.46
CA GLY C 57 9.80 -10.31 -56.62
C GLY C 57 10.41 -10.83 -57.91
N ASN C 58 10.88 -12.07 -57.92
CA ASN C 58 11.48 -12.63 -59.12
C ASN C 58 10.41 -12.97 -60.15
N THR C 59 10.79 -12.83 -61.42
CA THR C 59 9.90 -13.09 -62.54
C THR C 59 10.40 -14.28 -63.34
N ASN C 60 9.58 -14.69 -64.31
CA ASN C 60 9.96 -15.77 -65.22
C ASN C 60 9.12 -15.63 -66.47
N TYR C 61 9.76 -15.29 -67.59
CA TYR C 61 9.07 -14.98 -68.83
C TYR C 61 9.29 -16.06 -69.88
N ALA C 62 8.45 -16.01 -70.91
CA ALA C 62 8.58 -16.93 -72.04
C ALA C 62 9.78 -16.54 -72.89
N PRO C 63 10.35 -17.49 -73.65
CA PRO C 63 11.46 -17.16 -74.54
C PRO C 63 11.10 -16.18 -75.65
N ARG C 64 9.81 -15.94 -75.89
CA ARG C 64 9.35 -15.07 -76.96
C ARG C 64 8.60 -13.83 -76.47
N PHE C 65 8.50 -13.64 -75.15
CA PHE C 65 7.83 -12.47 -74.57
C PHE C 65 8.77 -11.55 -73.80
N GLN C 66 9.96 -11.27 -74.33
CA GLN C 66 10.86 -10.30 -73.71
C GLN C 66 10.83 -8.95 -74.44
N GLU C 67 9.76 -8.65 -75.16
CA GLU C 67 9.70 -7.40 -75.90
C GLU C 67 8.39 -6.63 -75.79
N ARG C 68 7.30 -7.24 -75.32
CA ARG C 68 6.02 -6.56 -75.32
C ARG C 68 5.17 -6.78 -74.08
N VAL C 69 5.65 -7.49 -73.07
CA VAL C 69 4.87 -7.75 -71.87
C VAL C 69 5.75 -7.53 -70.63
N THR C 70 5.15 -6.96 -69.60
CA THR C 70 5.80 -6.77 -68.31
C THR C 70 4.84 -7.20 -67.21
N ILE C 71 5.36 -7.94 -66.23
CA ILE C 71 4.55 -8.46 -65.12
C ILE C 71 5.10 -7.91 -63.81
N THR C 72 4.21 -7.40 -62.97
CA THR C 72 4.58 -6.83 -61.68
C THR C 72 3.50 -7.22 -60.66
N THR C 73 3.90 -7.37 -59.41
CA THR C 73 2.99 -7.70 -58.31
C THR C 73 3.09 -6.65 -57.23
N ASP C 74 1.95 -6.18 -56.75
CA ASP C 74 1.87 -5.23 -55.64
C ASP C 74 1.19 -5.92 -54.46
N LYS C 75 1.95 -6.15 -53.40
CA LYS C 75 1.41 -6.80 -52.21
C LYS C 75 0.52 -5.86 -51.40
N SER C 76 0.85 -4.57 -51.36
CA SER C 76 0.08 -3.63 -50.56
C SER C 76 -1.37 -3.56 -51.02
N THR C 77 -1.59 -3.50 -52.34
CA THR C 77 -2.93 -3.55 -52.90
C THR C 77 -3.36 -4.96 -53.27
N SER C 78 -2.48 -5.94 -53.12
CA SER C 78 -2.79 -7.35 -53.39
C SER C 78 -3.31 -7.53 -54.82
N THR C 79 -2.44 -7.21 -55.78
CA THR C 79 -2.82 -7.24 -57.18
C THR C 79 -1.62 -7.61 -58.04
N ALA C 80 -1.91 -8.02 -59.27
CA ALA C 80 -0.89 -8.33 -60.26
C ALA C 80 -1.22 -7.61 -61.56
N TYR C 81 -0.27 -6.87 -62.09
CA TYR C 81 -0.44 -6.09 -63.32
C TYR C 81 0.44 -6.65 -64.42
N MET C 82 -0.11 -6.68 -65.64
CA MET C 82 0.69 -6.88 -66.84
C MET C 82 0.49 -5.67 -67.74
N GLU C 83 1.60 -5.07 -68.15
CA GLU C 83 1.58 -4.07 -69.20
C GLU C 83 1.87 -4.79 -70.53
N LEU C 84 0.90 -4.75 -71.43
CA LEU C 84 1.02 -5.38 -72.74
C LEU C 84 1.05 -4.31 -73.81
N SER C 85 2.05 -4.38 -74.68
CA SER C 85 2.20 -3.46 -75.80
C SER C 85 2.23 -4.25 -77.10
N SER C 86 1.98 -3.54 -78.20
CA SER C 86 1.96 -4.14 -79.54
C SER C 86 0.93 -5.27 -79.62
N LEU C 87 -0.33 -4.88 -79.46
CA LEU C 87 -1.44 -5.83 -79.46
C LEU C 87 -2.00 -5.93 -80.88
N ARG C 88 -1.66 -7.01 -81.57
CA ARG C 88 -2.22 -7.33 -82.88
C ARG C 88 -3.40 -8.28 -82.74
N SER C 89 -3.91 -8.74 -83.88
CA SER C 89 -5.06 -9.63 -83.90
C SER C 89 -4.73 -11.01 -83.37
N GLU C 90 -3.45 -11.42 -83.40
CA GLU C 90 -3.06 -12.70 -82.84
C GLU C 90 -3.04 -12.70 -81.32
N ASP C 91 -3.08 -11.53 -80.69
CA ASP C 91 -3.08 -11.40 -79.24
C ASP C 91 -4.48 -11.34 -78.65
N THR C 92 -5.52 -11.43 -79.49
CA THR C 92 -6.90 -11.40 -79.02
C THR C 92 -7.27 -12.79 -78.48
N ALA C 93 -7.42 -12.89 -77.17
CA ALA C 93 -7.67 -14.18 -76.53
C ALA C 93 -8.12 -13.91 -75.10
N VAL C 94 -8.38 -14.99 -74.35
CA VAL C 94 -8.84 -14.90 -72.98
C VAL C 94 -7.68 -15.17 -72.04
N TYR C 95 -7.46 -14.25 -71.11
CA TYR C 95 -6.38 -14.37 -70.13
C TYR C 95 -6.94 -14.94 -68.82
N TYR C 96 -6.13 -15.79 -68.18
CA TYR C 96 -6.49 -16.39 -66.90
C TYR C 96 -5.32 -16.28 -65.94
N CYS C 97 -5.61 -15.97 -64.69
CA CYS C 97 -4.64 -15.93 -63.61
C CYS C 97 -4.92 -17.05 -62.63
N ALA C 98 -3.88 -17.80 -62.25
CA ALA C 98 -4.03 -18.92 -61.33
C ALA C 98 -3.02 -18.82 -60.21
N ALA C 99 -3.44 -19.16 -59.00
CA ALA C 99 -2.56 -19.13 -57.85
C ALA C 99 -3.05 -20.14 -56.83
N PRO C 100 -2.16 -20.96 -56.27
CA PRO C 100 -2.59 -21.93 -55.25
C PRO C 100 -2.94 -21.24 -53.94
N PHE C 101 -3.79 -21.91 -53.17
CA PHE C 101 -4.17 -21.47 -51.83
C PHE C 101 -3.00 -21.72 -50.91
N CYS C 102 -2.08 -20.77 -50.83
CA CYS C 102 -0.81 -20.97 -50.15
C CYS C 102 -0.66 -19.90 -49.08
N SER C 103 -0.96 -20.26 -47.84
CA SER C 103 -0.86 -19.35 -46.71
C SER C 103 0.29 -19.79 -45.81
N GLU C 104 1.20 -18.85 -45.52
CA GLU C 104 2.41 -19.12 -44.75
C GLU C 104 3.19 -20.22 -45.48
N THR C 105 3.55 -21.32 -44.83
CA THR C 105 4.44 -22.31 -45.41
C THR C 105 3.71 -23.54 -45.96
N SER C 106 2.39 -23.55 -45.95
CA SER C 106 1.62 -24.73 -46.35
C SER C 106 0.91 -24.46 -47.67
N CYS C 107 1.28 -25.22 -48.69
CA CYS C 107 0.60 -25.22 -49.98
C CYS C 107 1.14 -26.34 -50.87
N SER C 108 0.34 -26.69 -51.88
CA SER C 108 0.57 -27.86 -52.69
C SER C 108 1.24 -27.50 -54.00
N ASP C 109 1.40 -28.50 -54.87
CA ASP C 109 2.10 -28.36 -56.13
C ASP C 109 1.20 -27.99 -57.29
N GLY C 110 -0.09 -27.74 -57.05
CA GLY C 110 -1.03 -27.43 -58.10
C GLY C 110 -1.74 -26.11 -57.87
N PHE C 111 -2.12 -25.47 -58.96
CA PHE C 111 -2.83 -24.18 -58.92
C PHE C 111 -4.31 -24.47 -58.87
N ASP C 112 -4.85 -24.63 -57.66
CA ASP C 112 -6.25 -24.99 -57.49
C ASP C 112 -7.17 -23.85 -57.94
N LEU C 113 -6.89 -22.64 -57.46
CA LEU C 113 -7.74 -21.50 -57.77
C LEU C 113 -7.53 -21.05 -59.20
N TRP C 114 -8.58 -20.48 -59.79
CA TRP C 114 -8.57 -20.19 -61.22
C TRP C 114 -9.49 -19.01 -61.51
N GLY C 115 -8.96 -17.99 -62.17
CA GLY C 115 -9.78 -16.85 -62.57
C GLY C 115 -10.55 -17.14 -63.85
N GLN C 116 -11.67 -16.44 -64.02
CA GLN C 116 -12.56 -16.72 -65.13
C GLN C 116 -12.01 -16.24 -66.47
N GLY C 117 -11.07 -15.31 -66.45
CA GLY C 117 -10.44 -14.86 -67.69
C GLY C 117 -11.10 -13.63 -68.27
N THR C 118 -10.30 -12.83 -68.97
CA THR C 118 -10.77 -11.64 -69.66
C THR C 118 -10.47 -11.77 -71.14
N LYS C 119 -11.45 -11.46 -71.98
CA LYS C 119 -11.31 -11.57 -73.43
C LYS C 119 -10.80 -10.24 -73.98
N VAL C 120 -9.53 -10.20 -74.36
CA VAL C 120 -8.91 -9.02 -74.93
C VAL C 120 -8.94 -9.16 -76.44
N THR C 121 -9.57 -8.21 -77.13
CA THR C 121 -9.62 -8.22 -78.59
C THR C 121 -9.20 -6.86 -79.12
N VAL C 122 -8.38 -6.87 -80.17
CA VAL C 122 -7.88 -5.65 -80.78
C VAL C 122 -8.17 -5.72 -82.28
N SER C 123 -8.77 -4.65 -82.81
CA SER C 123 -9.10 -4.59 -84.23
C SER C 123 -8.15 -3.67 -84.97
N GLU D 1 -27.25 57.08 -47.46
CA GLU D 1 -28.41 57.56 -48.21
C GLU D 1 -29.49 58.10 -47.28
N ILE D 2 -29.15 58.22 -46.00
CA ILE D 2 -30.07 58.69 -44.97
C ILE D 2 -29.59 60.05 -44.49
N VAL D 3 -30.49 61.02 -44.47
CA VAL D 3 -30.19 62.37 -44.01
C VAL D 3 -31.08 62.68 -42.81
N LEU D 4 -30.45 63.11 -41.72
CA LEU D 4 -31.15 63.48 -40.49
C LEU D 4 -31.10 64.99 -40.32
N THR D 5 -32.25 65.60 -40.05
CA THR D 5 -32.36 67.03 -39.82
C THR D 5 -32.72 67.26 -38.36
N GLN D 6 -31.91 68.05 -37.66
CA GLN D 6 -32.09 68.28 -36.23
C GLN D 6 -32.70 69.65 -35.99
N SER D 7 -33.76 69.69 -35.19
CA SER D 7 -34.50 70.90 -34.87
C SER D 7 -34.77 70.98 -33.38
N PRO D 8 -34.87 72.20 -32.82
CA PRO D 8 -34.64 73.48 -33.51
C PRO D 8 -33.16 73.77 -33.72
N GLY D 9 -32.85 74.69 -34.64
CA GLY D 9 -31.44 74.97 -34.95
C GLY D 9 -30.68 75.54 -33.76
N THR D 10 -31.28 76.52 -33.09
CA THR D 10 -30.65 77.16 -31.94
C THR D 10 -31.68 77.31 -30.82
N LEU D 11 -31.18 77.36 -29.59
CA LEU D 11 -32.03 77.50 -28.42
C LEU D 11 -31.41 78.50 -27.45
N SER D 12 -32.26 79.21 -26.72
CA SER D 12 -31.81 80.11 -25.66
C SER D 12 -32.89 80.11 -24.58
N LEU D 13 -32.72 79.26 -23.57
CA LEU D 13 -33.70 79.10 -22.51
C LEU D 13 -33.04 79.29 -21.16
N SER D 14 -33.85 79.65 -20.18
CA SER D 14 -33.36 79.83 -18.83
C SER D 14 -32.89 78.49 -18.27
N PRO D 15 -31.80 78.48 -17.50
CA PRO D 15 -31.31 77.22 -16.92
C PRO D 15 -32.35 76.59 -15.99
N GLY D 16 -32.39 75.26 -16.01
CA GLY D 16 -33.34 74.52 -15.22
C GLY D 16 -34.67 74.27 -15.89
N ASP D 17 -34.89 74.82 -17.08
CA ASP D 17 -36.14 74.62 -17.80
C ASP D 17 -36.14 73.26 -18.51
N ARG D 18 -37.29 72.90 -19.06
CA ARG D 18 -37.45 71.66 -19.80
C ARG D 18 -37.28 71.95 -21.29
N ALA D 19 -36.43 71.18 -21.95
CA ALA D 19 -36.15 71.36 -23.36
C ALA D 19 -36.36 70.05 -24.10
N THR D 20 -36.70 70.14 -25.39
CA THR D 20 -36.91 68.97 -26.22
C THR D 20 -36.35 69.22 -27.61
N LEU D 21 -35.74 68.19 -28.19
CA LEU D 21 -35.14 68.27 -29.52
C LEU D 21 -35.64 67.11 -30.36
N SER D 22 -35.70 67.33 -31.67
CA SER D 22 -36.19 66.31 -32.59
C SER D 22 -35.25 66.21 -33.79
N CYS D 23 -35.30 65.07 -34.46
CA CYS D 23 -34.51 64.86 -35.66
C CYS D 23 -35.27 63.97 -36.63
N ARG D 24 -35.01 64.22 -37.91
CA ARG D 24 -35.80 63.80 -39.07
C ARG D 24 -34.98 62.84 -39.92
N ALA D 25 -35.59 61.72 -40.30
CA ALA D 25 -35.00 60.76 -41.21
C ALA D 25 -35.87 60.62 -42.45
N SER D 26 -35.25 60.25 -43.57
CA SER D 26 -35.96 60.07 -44.82
C SER D 26 -35.98 58.63 -45.30
N GLN D 27 -35.18 57.76 -44.71
CA GLN D 27 -35.11 56.36 -45.12
C GLN D 27 -36.10 55.52 -44.31
N SER D 28 -35.92 54.20 -44.34
CA SER D 28 -36.82 53.29 -43.63
C SER D 28 -36.84 53.60 -42.13
N VAL D 29 -37.89 53.11 -41.48
CA VAL D 29 -38.15 53.41 -40.08
C VAL D 29 -37.40 52.41 -39.20
N ARG D 30 -36.65 52.94 -38.23
CA ARG D 30 -35.99 52.12 -37.22
C ARG D 30 -35.88 52.96 -35.95
N ILE D 31 -36.12 52.32 -34.80
CA ILE D 31 -36.18 53.04 -33.54
C ILE D 31 -35.13 52.59 -32.54
N SER D 32 -34.58 51.39 -32.68
CA SER D 32 -33.61 50.87 -31.72
C SER D 32 -32.16 51.01 -32.20
N TYR D 33 -31.94 51.61 -33.37
CA TYR D 33 -30.61 51.80 -33.91
C TYR D 33 -30.23 53.27 -34.00
N LEU D 34 -30.80 54.10 -33.14
CA LEU D 34 -30.53 55.53 -33.10
C LEU D 34 -29.83 55.89 -31.80
N ALA D 35 -28.83 56.76 -31.90
CA ALA D 35 -28.04 57.20 -30.76
C ALA D 35 -27.90 58.72 -30.76
N TRP D 36 -27.81 59.28 -29.56
CA TRP D 36 -27.65 60.71 -29.36
C TRP D 36 -26.27 61.00 -28.78
N TYR D 37 -25.60 62.01 -29.33
CA TYR D 37 -24.24 62.33 -28.90
C TYR D 37 -24.09 63.83 -28.64
N GLN D 38 -23.18 64.16 -27.73
CA GLN D 38 -22.76 65.53 -27.45
C GLN D 38 -21.26 65.65 -27.62
N GLN D 39 -20.82 66.67 -28.34
CA GLN D 39 -19.40 66.96 -28.54
C GLN D 39 -19.09 68.32 -27.92
N LYS D 40 -18.18 68.33 -26.95
CA LYS D 40 -17.73 69.61 -26.44
C LYS D 40 -16.51 70.09 -27.21
N PRO D 41 -16.30 71.41 -27.32
CA PRO D 41 -15.10 71.90 -28.00
C PRO D 41 -13.83 71.45 -27.29
N GLY D 42 -12.90 70.89 -28.06
CA GLY D 42 -11.67 70.39 -27.52
C GLY D 42 -11.74 68.99 -26.93
N GLN D 43 -12.91 68.34 -26.97
CA GLN D 43 -13.06 67.00 -26.42
C GLN D 43 -13.84 66.14 -27.40
N ALA D 44 -13.62 64.84 -27.31
CA ALA D 44 -14.32 63.90 -28.17
C ALA D 44 -15.80 63.85 -27.82
N PRO D 45 -16.67 63.51 -28.78
CA PRO D 45 -18.09 63.39 -28.48
C PRO D 45 -18.35 62.27 -27.49
N ARG D 46 -19.39 62.44 -26.69
CA ARG D 46 -19.78 61.46 -25.68
C ARG D 46 -21.20 60.99 -25.95
N LEU D 47 -21.42 59.69 -25.76
CA LEU D 47 -22.74 59.11 -26.00
C LEU D 47 -23.65 59.35 -24.82
N LEU D 48 -24.92 59.63 -25.11
CA LEU D 48 -25.92 59.89 -24.07
C LEU D 48 -26.98 58.81 -24.04
N ILE D 49 -27.68 58.59 -25.15
CA ILE D 49 -28.75 57.61 -25.25
C ILE D 49 -28.49 56.73 -26.45
N SER D 50 -28.61 55.42 -26.26
CA SER D 50 -28.37 54.43 -27.31
C SER D 50 -29.66 53.65 -27.54
N GLY D 51 -30.08 53.57 -28.80
CA GLY D 51 -31.26 52.81 -29.16
C GLY D 51 -32.58 53.48 -28.86
N SER D 52 -32.57 54.73 -28.38
CA SER D 52 -33.76 55.50 -28.06
C SER D 52 -34.63 54.85 -26.98
N SER D 53 -34.13 53.82 -26.32
CA SER D 53 -34.89 53.16 -25.26
C SER D 53 -34.06 52.78 -24.05
N SER D 54 -32.75 53.05 -24.04
CA SER D 54 -31.90 52.69 -22.93
C SER D 54 -30.88 53.79 -22.69
N ARG D 55 -30.39 53.87 -21.46
CA ARG D 55 -29.36 54.82 -21.06
C ARG D 55 -27.98 54.16 -21.11
N ALA D 56 -26.96 55.00 -21.14
CA ALA D 56 -25.59 54.54 -21.16
C ALA D 56 -25.05 54.43 -19.72
N THR D 57 -23.74 54.26 -19.59
CA THR D 57 -23.11 54.14 -18.28
C THR D 57 -22.94 55.54 -17.67
N GLY D 58 -23.49 55.74 -16.49
CA GLY D 58 -23.34 56.98 -15.77
C GLY D 58 -24.22 58.12 -16.24
N ILE D 59 -25.11 57.89 -17.19
CA ILE D 59 -25.98 58.94 -17.72
C ILE D 59 -27.11 59.18 -16.73
N PRO D 60 -27.28 60.42 -16.25
CA PRO D 60 -28.38 60.70 -15.34
C PRO D 60 -29.73 60.63 -16.04
N ASP D 61 -30.79 60.60 -15.23
CA ASP D 61 -32.17 60.53 -15.71
C ASP D 61 -32.63 61.82 -16.39
N ARG D 62 -31.71 62.78 -16.55
CA ARG D 62 -32.05 64.04 -17.22
C ARG D 62 -32.47 63.81 -18.67
N PHE D 63 -31.76 62.94 -19.37
CA PHE D 63 -32.03 62.69 -20.78
C PHE D 63 -33.05 61.57 -20.91
N SER D 64 -34.17 61.86 -21.58
CA SER D 64 -35.22 60.89 -21.81
C SER D 64 -35.53 60.82 -23.29
N ALA D 65 -35.46 59.62 -23.85
CA ALA D 65 -35.72 59.43 -25.28
C ALA D 65 -37.19 59.12 -25.51
N SER D 66 -37.66 59.46 -26.70
CA SER D 66 -39.06 59.26 -27.08
C SER D 66 -39.13 59.04 -28.58
N GLY D 67 -40.34 59.04 -29.11
CA GLY D 67 -40.53 58.83 -30.53
C GLY D 67 -40.75 57.38 -30.90
N SER D 68 -41.69 57.13 -31.82
CA SER D 68 -41.98 55.77 -32.26
C SER D 68 -41.83 55.67 -33.78
N GLY D 69 -42.20 56.72 -34.49
CA GLY D 69 -42.13 56.75 -35.94
C GLY D 69 -40.75 57.14 -36.44
N THR D 70 -40.73 57.68 -37.66
CA THR D 70 -39.46 58.09 -38.24
C THR D 70 -38.83 59.23 -37.46
N ASP D 71 -39.64 60.06 -36.80
CA ASP D 71 -39.11 61.11 -35.95
C ASP D 71 -38.39 60.53 -34.74
N PHE D 72 -37.33 61.21 -34.30
CA PHE D 72 -36.64 60.81 -33.10
C PHE D 72 -36.53 62.01 -32.17
N THR D 73 -36.89 61.83 -30.90
CA THR D 73 -36.97 62.94 -29.98
C THR D 73 -36.21 62.65 -28.69
N LEU D 74 -35.65 63.70 -28.10
CA LEU D 74 -35.00 63.63 -26.80
C LEU D 74 -35.47 64.79 -25.96
N THR D 75 -35.48 64.61 -24.63
CA THR D 75 -35.95 65.61 -23.71
C THR D 75 -34.99 65.73 -22.53
N ILE D 76 -34.68 66.96 -22.15
CA ILE D 76 -33.85 67.27 -20.99
C ILE D 76 -34.72 68.00 -19.98
N SER D 77 -34.82 67.44 -18.77
CA SER D 77 -35.73 67.99 -17.77
C SER D 77 -35.24 69.34 -17.25
N ARG D 78 -33.96 69.43 -16.90
CA ARG D 78 -33.38 70.65 -16.36
C ARG D 78 -32.12 71.02 -17.13
N LEU D 79 -31.95 72.31 -17.39
CA LEU D 79 -30.82 72.82 -18.16
C LEU D 79 -29.75 73.31 -17.19
N GLU D 80 -29.05 72.37 -16.56
CA GLU D 80 -27.96 72.72 -15.67
C GLU D 80 -26.85 73.38 -16.49
N PRO D 81 -26.22 74.45 -15.96
CA PRO D 81 -25.36 75.29 -16.81
C PRO D 81 -24.22 74.58 -17.54
N GLU D 82 -23.96 73.29 -17.27
CA GLU D 82 -22.94 72.58 -18.02
C GLU D 82 -23.52 71.76 -19.18
N ASP D 83 -24.85 71.71 -19.31
CA ASP D 83 -25.48 70.91 -20.36
C ASP D 83 -25.38 71.57 -21.74
N PHE D 84 -24.91 72.80 -21.83
CA PHE D 84 -24.82 73.50 -23.11
C PHE D 84 -23.80 72.80 -24.00
N ALA D 85 -24.29 72.14 -25.04
CA ALA D 85 -23.44 71.40 -25.97
C ALA D 85 -24.19 71.26 -27.29
N VAL D 86 -23.69 70.40 -28.16
CA VAL D 86 -24.29 70.13 -29.46
C VAL D 86 -24.84 68.71 -29.46
N TYR D 87 -25.92 68.50 -30.19
CA TYR D 87 -26.62 67.22 -30.22
C TYR D 87 -26.54 66.61 -31.61
N TYR D 88 -26.23 65.31 -31.67
CA TYR D 88 -26.16 64.59 -32.94
C TYR D 88 -27.01 63.33 -32.86
N CYS D 89 -27.86 63.13 -33.87
CA CYS D 89 -28.57 61.87 -34.08
C CYS D 89 -27.78 60.99 -35.03
N GLN D 90 -27.62 59.71 -34.70
CA GLN D 90 -26.92 58.77 -35.56
C GLN D 90 -27.73 57.49 -35.70
N GLN D 91 -27.86 57.00 -36.93
CA GLN D 91 -28.57 55.77 -37.23
C GLN D 91 -27.59 54.67 -37.58
N TYR D 92 -28.03 53.42 -37.37
CA TYR D 92 -27.19 52.23 -37.56
C TYR D 92 -27.70 51.27 -38.61
N ALA D 93 -29.01 51.23 -38.86
CA ALA D 93 -29.64 50.12 -39.56
C ALA D 93 -29.48 50.16 -41.07
N ASN D 94 -28.93 51.23 -41.64
CA ASN D 94 -28.95 51.41 -43.08
C ASN D 94 -27.57 51.21 -43.68
N SER D 95 -27.51 51.41 -45.01
CA SER D 95 -26.27 51.44 -45.75
C SER D 95 -25.54 52.73 -45.33
N PRO D 96 -24.22 52.87 -45.63
CA PRO D 96 -23.30 53.51 -44.66
C PRO D 96 -23.86 54.64 -43.80
N TRP D 97 -23.62 54.51 -42.50
CA TRP D 97 -24.23 55.40 -41.51
C TRP D 97 -23.81 56.85 -41.72
N THR D 98 -24.65 57.76 -41.25
CA THR D 98 -24.38 59.19 -41.37
C THR D 98 -25.00 59.91 -40.19
N PHE D 99 -24.30 60.94 -39.69
CA PHE D 99 -24.75 61.70 -38.53
C PHE D 99 -25.76 62.76 -38.98
N GLY D 100 -26.09 63.67 -38.07
CA GLY D 100 -26.88 64.84 -38.40
C GLY D 100 -26.00 66.05 -38.63
N GLN D 101 -26.61 67.23 -38.54
CA GLN D 101 -25.82 68.46 -38.62
C GLN D 101 -25.47 69.02 -37.26
N GLY D 102 -26.36 68.90 -36.28
CA GLY D 102 -26.03 69.38 -34.94
C GLY D 102 -26.95 70.47 -34.46
N THR D 103 -27.47 70.28 -33.25
CA THR D 103 -28.32 71.27 -32.58
C THR D 103 -27.54 71.90 -31.44
N LYS D 104 -27.41 73.22 -31.47
CA LYS D 104 -26.64 73.98 -30.49
C LYS D 104 -27.59 74.72 -29.56
N VAL D 105 -27.35 74.59 -28.25
CA VAL D 105 -28.13 75.26 -27.22
C VAL D 105 -27.28 76.39 -26.63
N GLU D 106 -27.88 77.56 -26.48
CA GLU D 106 -27.19 78.75 -25.99
C GLU D 106 -27.84 79.23 -24.71
N VAL D 107 -27.10 80.02 -23.95
CA VAL D 107 -27.60 80.60 -22.70
C VAL D 107 -28.49 81.80 -22.98
N GLU E 1 11.27 -26.03 -74.01
CA GLU E 1 11.94 -27.03 -74.82
C GLU E 1 11.33 -28.41 -74.62
N ILE E 2 10.10 -28.42 -74.10
CA ILE E 2 9.37 -29.65 -73.81
C ILE E 2 8.09 -29.65 -74.62
N VAL E 3 7.83 -30.74 -75.34
CA VAL E 3 6.63 -30.91 -76.14
C VAL E 3 5.86 -32.11 -75.59
N LEU E 4 4.58 -31.89 -75.30
CA LEU E 4 3.72 -32.92 -74.74
C LEU E 4 2.71 -33.39 -75.77
N THR E 5 2.57 -34.70 -75.92
CA THR E 5 1.59 -35.31 -76.79
C THR E 5 0.65 -36.17 -75.94
N GLN E 6 -0.65 -35.97 -76.11
CA GLN E 6 -1.66 -36.67 -75.33
C GLN E 6 -2.35 -37.70 -76.22
N SER E 7 -2.49 -38.92 -75.71
CA SER E 7 -3.07 -40.04 -76.45
C SER E 7 -4.10 -40.76 -75.60
N PRO E 8 -5.12 -41.36 -76.24
CA PRO E 8 -5.42 -41.28 -77.68
C PRO E 8 -6.01 -39.92 -78.07
N GLY E 9 -6.02 -39.62 -79.37
CA GLY E 9 -6.48 -38.31 -79.80
C GLY E 9 -7.95 -38.06 -79.49
N THR E 10 -8.80 -39.03 -79.81
CA THR E 10 -10.23 -38.90 -79.57
C THR E 10 -10.77 -40.21 -79.01
N LEU E 11 -11.88 -40.10 -78.29
CA LEU E 11 -12.54 -41.25 -77.68
C LEU E 11 -14.04 -41.13 -77.84
N SER E 12 -14.71 -42.27 -77.88
CA SER E 12 -16.17 -42.31 -77.89
C SER E 12 -16.59 -43.63 -77.21
N LEU E 13 -16.88 -43.54 -75.92
CA LEU E 13 -17.21 -44.71 -75.11
C LEU E 13 -18.54 -44.50 -74.41
N SER E 14 -19.17 -45.61 -74.05
CA SER E 14 -20.43 -45.55 -73.34
C SER E 14 -20.22 -44.95 -71.96
N PRO E 15 -21.18 -44.15 -71.46
CA PRO E 15 -21.03 -43.57 -70.12
C PRO E 15 -20.95 -44.66 -69.05
N GLY E 16 -20.16 -44.38 -68.02
CA GLY E 16 -19.95 -45.32 -66.93
C GLY E 16 -18.84 -46.31 -67.15
N ASP E 17 -18.20 -46.31 -68.32
CA ASP E 17 -17.11 -47.24 -68.60
C ASP E 17 -15.80 -46.71 -68.02
N ARG E 18 -14.78 -47.56 -68.05
CA ARG E 18 -13.46 -47.21 -67.54
C ARG E 18 -12.58 -46.77 -68.70
N ALA E 19 -11.91 -45.63 -68.53
CA ALA E 19 -11.05 -45.07 -69.55
C ALA E 19 -9.72 -44.66 -68.95
N THR E 20 -8.69 -44.63 -69.77
CA THR E 20 -7.36 -44.20 -69.35
C THR E 20 -6.68 -43.44 -70.48
N LEU E 21 -6.03 -42.33 -70.13
CA LEU E 21 -5.36 -41.46 -71.08
C LEU E 21 -3.92 -41.25 -70.62
N SER E 22 -3.06 -40.90 -71.59
CA SER E 22 -1.64 -40.73 -71.30
C SER E 22 -1.12 -39.48 -71.98
N CYS E 23 -0.03 -38.94 -71.43
CA CYS E 23 0.71 -37.85 -72.04
C CYS E 23 2.21 -38.13 -71.97
N ARG E 24 2.89 -37.64 -73.00
CA ARG E 24 4.28 -37.97 -73.33
C ARG E 24 5.09 -36.70 -73.56
N ALA E 25 6.36 -36.76 -73.16
CA ALA E 25 7.28 -35.65 -73.35
C ALA E 25 8.61 -36.21 -73.86
N SER E 26 9.61 -35.35 -73.96
CA SER E 26 10.93 -35.75 -74.43
C SER E 26 12.06 -35.28 -73.52
N GLN E 27 11.76 -34.53 -72.47
CA GLN E 27 12.77 -33.98 -71.60
C GLN E 27 13.02 -34.93 -70.42
N SER E 28 13.69 -34.44 -69.38
CA SER E 28 14.04 -35.25 -68.23
C SER E 28 12.80 -35.81 -67.55
N VAL E 29 13.03 -36.77 -66.66
CA VAL E 29 11.95 -37.48 -65.98
C VAL E 29 11.56 -36.73 -64.72
N ARG E 30 10.26 -36.48 -64.56
CA ARG E 30 9.72 -35.86 -63.35
C ARG E 30 8.26 -36.28 -63.23
N ILE E 31 7.84 -36.60 -62.01
CA ILE E 31 6.49 -37.12 -61.80
C ILE E 31 5.71 -36.19 -60.87
N SER E 32 6.42 -35.44 -60.03
CA SER E 32 5.78 -34.61 -59.03
C SER E 32 5.48 -33.20 -59.53
N TYR E 33 5.91 -32.84 -60.73
CA TYR E 33 5.67 -31.51 -61.28
C TYR E 33 4.69 -31.53 -62.45
N LEU E 34 3.82 -32.54 -62.49
CA LEU E 34 2.86 -32.70 -63.57
C LEU E 34 1.44 -32.53 -63.03
N ALA E 35 0.62 -31.81 -63.80
CA ALA E 35 -0.75 -31.52 -63.43
C ALA E 35 -1.68 -31.79 -64.60
N TRP E 36 -2.90 -32.23 -64.27
CA TRP E 36 -3.94 -32.52 -65.25
C TRP E 36 -5.09 -31.53 -65.10
N TYR E 37 -5.62 -31.06 -66.22
CA TYR E 37 -6.68 -30.05 -66.19
C TYR E 37 -7.79 -30.40 -67.17
N GLN E 38 -9.00 -29.92 -66.85
CA GLN E 38 -10.15 -29.95 -67.73
C GLN E 38 -10.63 -28.52 -67.96
N GLN E 39 -10.88 -28.16 -69.20
CA GLN E 39 -11.44 -26.87 -69.56
C GLN E 39 -12.75 -27.06 -70.27
N LYS E 40 -13.79 -26.36 -69.81
CA LYS E 40 -15.08 -26.44 -70.48
C LYS E 40 -15.33 -25.20 -71.33
N PRO E 41 -16.09 -25.34 -72.42
CA PRO E 41 -16.43 -24.17 -73.23
C PRO E 41 -17.07 -23.05 -72.42
N GLY E 42 -16.48 -21.87 -72.47
CA GLY E 42 -16.97 -20.73 -71.73
C GLY E 42 -16.59 -20.68 -70.27
N GLN E 43 -15.77 -21.62 -69.79
CA GLN E 43 -15.35 -21.66 -68.40
C GLN E 43 -13.85 -21.87 -68.32
N ALA E 44 -13.26 -21.37 -67.24
CA ALA E 44 -11.82 -21.52 -67.04
C ALA E 44 -11.47 -22.98 -66.76
N PRO E 45 -10.24 -23.39 -67.09
CA PRO E 45 -9.81 -24.75 -66.79
C PRO E 45 -9.78 -24.99 -65.28
N ARG E 46 -10.03 -26.24 -64.90
CA ARG E 46 -10.03 -26.65 -63.50
C ARG E 46 -9.00 -27.75 -63.30
N LEU E 47 -8.39 -27.76 -62.10
CA LEU E 47 -7.35 -28.72 -61.78
C LEU E 47 -7.97 -30.01 -61.28
N LEU E 48 -7.37 -31.13 -61.67
CA LEU E 48 -7.83 -32.46 -61.27
C LEU E 48 -6.83 -33.15 -60.35
N ILE E 49 -5.58 -33.31 -60.81
CA ILE E 49 -4.53 -33.93 -60.03
C ILE E 49 -3.23 -33.19 -60.29
N SER E 50 -2.40 -33.09 -59.25
CA SER E 50 -1.11 -32.42 -59.33
C SER E 50 -0.04 -33.37 -58.81
N GLY E 51 1.03 -33.52 -59.58
CA GLY E 51 2.14 -34.35 -59.16
C GLY E 51 1.91 -35.83 -59.29
N SER E 52 0.79 -36.25 -59.90
CA SER E 52 0.46 -37.65 -60.11
C SER E 52 0.40 -38.45 -58.81
N SER E 53 0.32 -37.78 -57.67
CA SER E 53 0.28 -38.47 -56.39
C SER E 53 -0.73 -37.90 -55.41
N SER E 54 -1.35 -36.75 -55.68
CA SER E 54 -2.28 -36.14 -54.75
C SER E 54 -3.47 -35.57 -55.52
N ARG E 55 -4.59 -35.42 -54.81
CA ARG E 55 -5.81 -34.85 -55.36
C ARG E 55 -5.96 -33.41 -54.88
N ALA E 56 -6.79 -32.66 -55.61
CA ALA E 56 -7.07 -31.27 -55.26
C ALA E 56 -8.30 -31.21 -54.37
N THR E 57 -8.78 -29.99 -54.12
CA THR E 57 -9.96 -29.80 -53.28
C THR E 57 -11.22 -30.14 -54.07
N GLY E 58 -12.05 -31.00 -53.48
CA GLY E 58 -13.31 -31.38 -54.10
C GLY E 58 -13.21 -32.38 -55.22
N ILE E 59 -12.03 -32.92 -55.50
CA ILE E 59 -11.85 -33.87 -56.59
C ILE E 59 -12.30 -35.25 -56.11
N PRO E 60 -13.29 -35.86 -56.74
CA PRO E 60 -13.69 -37.22 -56.35
C PRO E 60 -12.66 -38.26 -56.74
N ASP E 61 -12.75 -39.42 -56.09
CA ASP E 61 -11.80 -40.51 -56.27
C ASP E 61 -11.83 -41.12 -57.66
N ARG E 62 -12.67 -40.60 -58.57
CA ARG E 62 -12.76 -41.16 -59.92
C ARG E 62 -11.43 -41.03 -60.66
N PHE E 63 -10.78 -39.88 -60.54
CA PHE E 63 -9.51 -39.64 -61.22
C PHE E 63 -8.38 -40.31 -60.43
N SER E 64 -7.70 -41.26 -61.07
CA SER E 64 -6.59 -41.97 -60.46
C SER E 64 -5.34 -41.78 -61.30
N ALA E 65 -4.26 -41.37 -60.66
CA ALA E 65 -2.99 -41.15 -61.35
C ALA E 65 -2.12 -42.40 -61.28
N SER E 66 -1.25 -42.54 -62.27
CA SER E 66 -0.37 -43.71 -62.35
C SER E 66 0.87 -43.31 -63.15
N GLY E 67 1.72 -44.30 -63.44
CA GLY E 67 2.93 -44.07 -64.20
C GLY E 67 4.10 -43.71 -63.32
N SER E 68 5.23 -44.38 -63.54
CA SER E 68 6.46 -44.10 -62.79
C SER E 68 7.57 -43.54 -63.66
N GLY E 69 7.54 -43.76 -64.97
CA GLY E 69 8.56 -43.27 -65.87
C GLY E 69 8.22 -41.91 -66.42
N THR E 70 8.75 -41.62 -67.61
CA THR E 70 8.47 -40.33 -68.24
C THR E 70 7.01 -40.21 -68.66
N ASP E 71 6.36 -41.35 -68.94
CA ASP E 71 4.94 -41.34 -69.26
C ASP E 71 4.11 -40.84 -68.09
N PHE E 72 3.00 -40.18 -68.39
CA PHE E 72 2.04 -39.82 -67.36
C PHE E 72 0.66 -40.32 -67.76
N THR E 73 -0.08 -40.86 -66.80
CA THR E 73 -1.36 -41.49 -67.10
C THR E 73 -2.42 -41.05 -66.10
N LEU E 74 -3.66 -41.00 -66.56
CA LEU E 74 -4.82 -40.76 -65.72
C LEU E 74 -5.90 -41.78 -66.08
N THR E 75 -6.68 -42.18 -65.08
CA THR E 75 -7.72 -43.18 -65.25
C THR E 75 -9.01 -42.69 -64.62
N ILE E 76 -10.11 -42.86 -65.34
CA ILE E 76 -11.45 -42.55 -64.85
C ILE E 76 -12.27 -43.83 -64.84
N SER E 77 -12.84 -44.15 -63.66
CA SER E 77 -13.53 -45.43 -63.49
C SER E 77 -14.86 -45.44 -64.24
N ARG E 78 -15.64 -44.36 -64.11
CA ARG E 78 -16.94 -44.27 -64.74
C ARG E 78 -17.07 -42.91 -65.42
N LEU E 79 -17.69 -42.90 -66.60
CA LEU E 79 -17.82 -41.68 -67.40
C LEU E 79 -19.22 -41.11 -67.21
N GLU E 80 -19.38 -40.36 -66.11
CA GLU E 80 -20.65 -39.69 -65.89
C GLU E 80 -20.81 -38.57 -66.91
N PRO E 81 -21.99 -38.43 -67.52
CA PRO E 81 -22.12 -37.61 -68.74
C PRO E 81 -21.64 -36.17 -68.67
N GLU E 82 -21.23 -35.66 -67.51
CA GLU E 82 -20.72 -34.29 -67.46
C GLU E 82 -19.21 -34.19 -67.62
N ASP E 83 -18.51 -35.32 -67.68
CA ASP E 83 -17.05 -35.31 -67.73
C ASP E 83 -16.51 -35.18 -69.15
N PHE E 84 -17.37 -35.07 -70.16
CA PHE E 84 -16.91 -34.93 -71.54
C PHE E 84 -16.26 -33.57 -71.70
N ALA E 85 -14.94 -33.55 -71.74
CA ALA E 85 -14.17 -32.31 -71.83
C ALA E 85 -12.81 -32.63 -72.41
N VAL E 86 -11.88 -31.70 -72.30
CA VAL E 86 -10.53 -31.85 -72.83
C VAL E 86 -9.54 -31.84 -71.67
N TYR E 87 -8.57 -32.75 -71.72
CA TYR E 87 -7.56 -32.86 -70.68
C TYR E 87 -6.27 -32.21 -71.13
N TYR E 88 -5.55 -31.60 -70.18
CA TYR E 88 -4.29 -30.94 -70.44
C TYR E 88 -3.24 -31.40 -69.43
N CYS E 89 -2.05 -31.72 -69.92
CA CYS E 89 -0.91 -32.11 -69.08
C CYS E 89 0.06 -30.94 -69.02
N GLN E 90 0.51 -30.59 -67.82
CA GLN E 90 1.43 -29.48 -67.62
C GLN E 90 2.59 -29.90 -66.73
N GLN E 91 3.80 -29.53 -67.13
CA GLN E 91 5.01 -29.77 -66.37
C GLN E 91 5.60 -28.46 -65.86
N TYR E 92 6.45 -28.56 -64.84
CA TYR E 92 7.07 -27.39 -64.20
C TYR E 92 8.59 -27.41 -64.20
N ALA E 93 9.22 -28.58 -64.21
CA ALA E 93 10.62 -28.68 -63.82
C ALA E 93 11.55 -27.93 -64.77
N ASN E 94 11.32 -28.03 -66.07
CA ASN E 94 12.31 -27.65 -67.05
C ASN E 94 12.16 -26.16 -67.42
N SER E 95 12.79 -25.76 -68.52
CA SER E 95 12.76 -24.44 -69.15
C SER E 95 11.30 -24.02 -69.36
N PRO E 96 11.02 -22.71 -69.67
CA PRO E 96 9.65 -22.19 -69.53
C PRO E 96 8.53 -23.13 -69.95
N TRP E 97 7.48 -23.16 -69.12
CA TRP E 97 6.47 -24.19 -69.15
C TRP E 97 5.67 -24.15 -70.44
N THR E 98 5.14 -25.32 -70.83
CA THR E 98 4.32 -25.44 -72.03
C THR E 98 3.32 -26.56 -71.82
N PHE E 99 2.07 -26.31 -72.22
CA PHE E 99 1.01 -27.30 -72.07
C PHE E 99 1.03 -28.29 -73.23
N GLY E 100 0.07 -29.22 -73.22
CA GLY E 100 -0.09 -30.17 -74.29
C GLY E 100 -1.05 -29.66 -75.35
N GLN E 101 -1.45 -30.58 -76.23
CA GLN E 101 -2.41 -30.24 -77.28
C GLN E 101 -3.85 -30.53 -76.87
N GLY E 102 -4.08 -31.42 -75.91
CA GLY E 102 -5.41 -31.70 -75.43
C GLY E 102 -6.04 -32.95 -76.02
N THR E 103 -6.77 -33.69 -75.19
CA THR E 103 -7.50 -34.88 -75.62
C THR E 103 -8.99 -34.65 -75.39
N LYS E 104 -9.77 -34.76 -76.45
CA LYS E 104 -11.22 -34.56 -76.38
C LYS E 104 -11.92 -35.90 -76.41
N VAL E 105 -12.86 -36.09 -75.49
CA VAL E 105 -13.64 -37.32 -75.39
C VAL E 105 -15.06 -37.02 -75.85
N GLU E 106 -15.61 -37.93 -76.66
CA GLU E 106 -16.94 -37.76 -77.23
C GLU E 106 -17.89 -38.82 -76.68
N VAL E 107 -19.18 -38.58 -76.88
CA VAL E 107 -20.22 -39.50 -76.43
C VAL E 107 -20.49 -40.54 -77.50
N GLU F 1 62.79 35.69 -24.71
CA GLU F 1 63.71 36.33 -25.64
C GLU F 1 65.02 36.70 -24.97
N ILE F 2 65.14 36.34 -23.70
CA ILE F 2 66.35 36.65 -22.94
C ILE F 2 67.50 35.80 -23.46
N VAL F 3 68.54 36.46 -23.97
CA VAL F 3 69.73 35.76 -24.42
C VAL F 3 70.45 35.20 -23.21
N LEU F 4 70.59 33.88 -23.15
CA LEU F 4 71.16 33.19 -22.00
C LEU F 4 72.56 32.69 -22.35
N THR F 5 73.52 32.98 -21.47
CA THR F 5 74.88 32.49 -21.59
C THR F 5 75.17 31.55 -20.41
N GLN F 6 75.63 30.35 -20.71
CA GLN F 6 75.87 29.33 -19.71
C GLN F 6 77.37 29.17 -19.49
N SER F 7 77.80 29.19 -18.23
CA SER F 7 79.19 29.12 -17.85
C SER F 7 79.38 28.09 -16.74
N PRO F 8 80.56 27.43 -16.69
CA PRO F 8 81.64 27.52 -17.69
C PRO F 8 81.32 26.75 -18.96
N GLY F 9 82.05 27.02 -20.05
CA GLY F 9 81.75 26.38 -21.31
C GLY F 9 81.97 24.88 -21.28
N THR F 10 83.11 24.45 -20.74
CA THR F 10 83.43 23.03 -20.65
C THR F 10 83.99 22.72 -19.27
N LEU F 11 83.85 21.46 -18.86
CA LEU F 11 84.34 21.01 -17.57
C LEU F 11 84.98 19.64 -17.72
N SER F 12 85.93 19.35 -16.83
CA SER F 12 86.56 18.03 -16.75
C SER F 12 86.92 17.79 -15.28
N LEU F 13 86.01 17.13 -14.57
CA LEU F 13 86.15 16.90 -13.14
C LEU F 13 86.11 15.41 -12.84
N SER F 14 86.76 15.03 -11.74
CA SER F 14 86.73 13.64 -11.32
C SER F 14 85.32 13.26 -10.89
N PRO F 15 84.90 12.01 -11.16
CA PRO F 15 83.55 11.59 -10.75
C PRO F 15 83.37 11.66 -9.24
N GLY F 16 82.16 12.02 -8.81
CA GLY F 16 81.85 12.16 -7.41
C GLY F 16 82.16 13.53 -6.82
N ASP F 17 82.77 14.42 -7.59
CA ASP F 17 83.09 15.75 -7.11
C ASP F 17 81.85 16.64 -7.13
N ARG F 18 81.96 17.80 -6.48
CA ARG F 18 80.89 18.79 -6.45
C ARG F 18 81.13 19.81 -7.55
N ALA F 19 80.10 20.06 -8.37
CA ALA F 19 80.20 20.99 -9.47
C ALA F 19 79.04 21.97 -9.41
N THR F 20 79.26 23.18 -9.96
CA THR F 20 78.22 24.18 -10.02
C THR F 20 78.34 24.95 -11.32
N LEU F 21 77.19 25.24 -11.93
CA LEU F 21 77.12 25.96 -13.20
C LEU F 21 76.16 27.12 -13.06
N SER F 22 76.33 28.12 -13.93
CA SER F 22 75.53 29.33 -13.90
C SER F 22 75.07 29.68 -15.31
N CYS F 23 73.98 30.45 -15.38
CA CYS F 23 73.52 31.01 -16.64
C CYS F 23 72.99 32.42 -16.41
N ARG F 24 73.17 33.24 -17.45
CA ARG F 24 73.03 34.69 -17.43
C ARG F 24 72.08 35.16 -18.50
N ALA F 25 71.34 36.22 -18.21
CA ALA F 25 70.44 36.87 -19.15
C ALA F 25 70.69 38.37 -19.16
N SER F 26 70.02 39.06 -20.07
CA SER F 26 70.06 40.52 -20.12
C SER F 26 68.70 41.15 -20.34
N GLN F 27 67.64 40.36 -20.53
CA GLN F 27 66.27 40.84 -20.65
C GLN F 27 65.59 40.86 -19.29
N SER F 28 64.26 40.94 -19.30
CA SER F 28 63.49 41.06 -18.07
C SER F 28 63.87 39.98 -17.06
N VAL F 29 63.94 40.38 -15.80
CA VAL F 29 64.48 39.53 -14.73
C VAL F 29 63.33 38.77 -14.08
N ARG F 30 63.37 37.44 -14.20
CA ARG F 30 62.45 36.56 -13.50
C ARG F 30 63.25 35.47 -12.81
N ILE F 31 62.74 35.00 -11.67
CA ILE F 31 63.46 34.03 -10.86
C ILE F 31 62.78 32.67 -10.83
N SER F 32 61.44 32.61 -10.85
CA SER F 32 60.72 31.35 -10.68
C SER F 32 60.18 30.80 -11.99
N TYR F 33 60.60 31.34 -13.13
CA TYR F 33 60.17 30.85 -14.43
C TYR F 33 61.33 30.22 -15.21
N LEU F 34 62.32 29.70 -14.50
CA LEU F 34 63.51 29.12 -15.10
C LEU F 34 63.54 27.62 -14.85
N ALA F 35 63.93 26.88 -15.87
CA ALA F 35 64.05 25.43 -15.80
C ALA F 35 65.38 24.99 -16.41
N TRP F 36 65.88 23.87 -15.89
CA TRP F 36 67.14 23.28 -16.34
C TRP F 36 66.86 21.95 -17.02
N TYR F 37 67.52 21.72 -18.15
CA TYR F 37 67.29 20.52 -18.95
C TYR F 37 68.62 19.87 -19.32
N GLN F 38 68.57 18.56 -19.53
CA GLN F 38 69.71 17.76 -19.96
C GLN F 38 69.29 16.87 -21.11
N GLN F 39 70.02 16.94 -22.22
CA GLN F 39 69.72 16.15 -23.40
C GLN F 39 70.86 15.19 -23.67
N LYS F 40 70.53 13.91 -23.80
CA LYS F 40 71.52 12.92 -24.21
C LYS F 40 71.52 12.79 -25.73
N PRO F 41 72.64 12.39 -26.33
CA PRO F 41 72.65 12.17 -27.78
C PRO F 41 71.71 11.05 -28.17
N GLY F 42 70.84 11.35 -29.14
CA GLY F 42 69.87 10.39 -29.60
C GLY F 42 68.61 10.28 -28.75
N GLN F 43 68.47 11.10 -27.72
CA GLN F 43 67.30 11.06 -26.85
C GLN F 43 66.82 12.48 -26.59
N ALA F 44 65.53 12.60 -26.28
CA ALA F 44 64.95 13.90 -25.98
C ALA F 44 65.50 14.44 -24.67
N PRO F 45 65.55 15.77 -24.50
CA PRO F 45 66.01 16.34 -23.24
C PRO F 45 65.07 15.98 -22.10
N ARG F 46 65.65 15.88 -20.90
CA ARG F 46 64.88 15.60 -19.69
C ARG F 46 64.99 16.78 -18.74
N LEU F 47 63.90 17.03 -18.02
CA LEU F 47 63.85 18.15 -17.09
C LEU F 47 64.51 17.78 -15.78
N LEU F 48 65.26 18.72 -15.20
CA LEU F 48 65.92 18.52 -13.92
C LEU F 48 65.30 19.36 -12.82
N ILE F 49 65.26 20.68 -13.00
CA ILE F 49 64.73 21.61 -12.00
C ILE F 49 63.77 22.55 -12.71
N SER F 50 62.59 22.75 -12.12
CA SER F 50 61.58 23.64 -12.66
C SER F 50 61.34 24.79 -11.69
N GLY F 51 61.39 26.01 -12.21
CA GLY F 51 61.16 27.19 -11.39
C GLY F 51 62.29 27.60 -10.50
N SER F 52 63.45 26.94 -10.60
CA SER F 52 64.62 27.19 -9.79
C SER F 52 64.38 26.97 -8.30
N SER F 53 63.24 26.39 -7.92
CA SER F 53 62.93 26.15 -6.52
C SER F 53 62.22 24.83 -6.26
N SER F 54 62.03 23.98 -7.28
CA SER F 54 61.29 22.75 -7.08
C SER F 54 61.86 21.67 -7.99
N ARG F 55 61.97 20.45 -7.46
CA ARG F 55 62.38 19.32 -8.27
C ARG F 55 61.19 18.75 -9.04
N ALA F 56 61.49 17.97 -10.07
CA ALA F 56 60.49 17.29 -10.86
C ALA F 56 60.30 15.86 -10.33
N THR F 57 59.55 15.05 -11.06
CA THR F 57 59.26 13.69 -10.65
C THR F 57 60.48 12.81 -10.85
N GLY F 58 60.93 12.15 -9.78
CA GLY F 58 62.04 11.23 -9.86
C GLY F 58 63.41 11.87 -9.82
N ILE F 59 63.49 13.19 -9.75
CA ILE F 59 64.79 13.87 -9.79
C ILE F 59 65.54 13.57 -8.50
N PRO F 60 66.82 13.19 -8.57
CA PRO F 60 67.59 12.93 -7.35
C PRO F 60 67.93 14.23 -6.63
N ASP F 61 68.27 14.08 -5.35
CA ASP F 61 68.64 15.21 -4.52
C ASP F 61 69.96 15.84 -4.92
N ARG F 62 70.72 15.21 -5.81
CA ARG F 62 72.02 15.75 -6.22
C ARG F 62 71.87 17.13 -6.84
N PHE F 63 70.88 17.30 -7.72
CA PHE F 63 70.63 18.62 -8.30
C PHE F 63 70.06 19.56 -7.26
N SER F 64 70.57 20.80 -7.26
CA SER F 64 70.12 21.80 -6.29
C SER F 64 70.21 23.17 -6.96
N ALA F 65 69.07 23.82 -7.13
CA ALA F 65 69.02 25.15 -7.72
C ALA F 65 69.28 26.21 -6.66
N SER F 66 69.85 27.33 -7.09
CA SER F 66 70.17 28.43 -6.20
C SER F 66 70.02 29.74 -6.97
N GLY F 67 70.51 30.82 -6.38
CA GLY F 67 70.46 32.12 -7.02
C GLY F 67 69.19 32.88 -6.73
N SER F 68 69.34 34.14 -6.30
CA SER F 68 68.19 35.01 -6.05
C SER F 68 68.07 36.15 -7.04
N GLY F 69 69.16 36.55 -7.68
CA GLY F 69 69.15 37.63 -8.64
C GLY F 69 68.90 37.14 -10.05
N THR F 70 69.42 37.89 -11.02
CA THR F 70 69.24 37.51 -12.42
C THR F 70 70.03 36.24 -12.76
N ASP F 71 71.12 35.98 -12.05
CA ASP F 71 71.88 34.76 -12.27
C ASP F 71 71.06 33.55 -11.88
N PHE F 72 71.20 32.46 -12.65
CA PHE F 72 70.54 31.20 -12.32
C PHE F 72 71.60 30.11 -12.21
N THR F 73 71.71 29.52 -11.03
CA THR F 73 72.77 28.57 -10.74
C THR F 73 72.21 27.21 -10.37
N LEU F 74 72.94 26.17 -10.73
CA LEU F 74 72.63 24.79 -10.36
C LEU F 74 73.88 24.13 -9.81
N THR F 75 73.68 23.19 -8.89
CA THR F 75 74.78 22.49 -8.24
C THR F 75 74.50 20.99 -8.23
N ILE F 76 75.52 20.20 -8.55
CA ILE F 76 75.47 18.75 -8.47
C ILE F 76 76.50 18.31 -7.44
N SER F 77 76.04 17.55 -6.44
CA SER F 77 76.90 17.17 -5.32
C SER F 77 77.93 16.12 -5.76
N ARG F 78 77.49 15.09 -6.49
CA ARG F 78 78.35 14.03 -6.94
C ARG F 78 78.14 13.77 -8.42
N LEU F 79 79.23 13.58 -9.15
CA LEU F 79 79.17 13.41 -10.60
C LEU F 79 79.30 11.92 -10.93
N GLU F 80 78.16 11.23 -10.85
CA GLU F 80 78.15 9.83 -11.23
C GLU F 80 78.28 9.73 -12.76
N PRO F 81 79.07 8.78 -13.28
CA PRO F 81 79.50 8.85 -14.68
C PRO F 81 78.42 8.90 -15.75
N GLU F 82 77.14 8.83 -15.39
CA GLU F 82 76.10 8.98 -16.42
C GLU F 82 75.64 10.42 -16.58
N ASP F 83 76.18 11.34 -15.80
CA ASP F 83 75.75 12.74 -15.82
C ASP F 83 76.46 13.58 -16.87
N PHE F 84 77.39 13.00 -17.63
CA PHE F 84 78.14 13.73 -18.63
C PHE F 84 77.26 14.00 -19.84
N ALA F 85 76.65 15.19 -19.87
CA ALA F 85 75.81 15.61 -21.00
C ALA F 85 75.76 17.13 -21.00
N VAL F 86 74.86 17.69 -21.81
CA VAL F 86 74.74 19.12 -22.00
C VAL F 86 73.54 19.64 -21.20
N TYR F 87 73.68 20.86 -20.68
CA TYR F 87 72.63 21.47 -19.86
C TYR F 87 72.12 22.73 -20.53
N TYR F 88 70.83 23.01 -20.33
CA TYR F 88 70.17 24.15 -20.94
C TYR F 88 69.33 24.88 -19.89
N CYS F 89 69.42 26.21 -19.89
CA CYS F 89 68.54 27.06 -19.10
C CYS F 89 67.44 27.61 -19.99
N GLN F 90 66.21 27.65 -19.45
CA GLN F 90 65.09 28.21 -20.18
C GLN F 90 64.25 29.06 -19.24
N GLN F 91 63.71 30.16 -19.77
CA GLN F 91 62.86 31.07 -19.03
C GLN F 91 61.45 31.04 -19.62
N TYR F 92 60.45 31.37 -18.81
CA TYR F 92 59.08 31.47 -19.31
C TYR F 92 58.46 32.86 -19.17
N ALA F 93 59.13 33.79 -18.49
CA ALA F 93 58.54 35.11 -18.29
C ALA F 93 58.37 35.87 -19.60
N ASN F 94 59.34 35.77 -20.50
CA ASN F 94 59.49 36.74 -21.57
C ASN F 94 58.69 36.36 -22.83
N SER F 95 58.86 37.16 -23.88
CA SER F 95 58.31 37.05 -25.22
C SER F 95 59.06 35.95 -25.97
N PRO F 96 58.72 35.63 -27.27
CA PRO F 96 58.96 34.27 -27.77
C PRO F 96 60.34 33.72 -27.43
N TRP F 97 60.30 32.58 -26.74
CA TRP F 97 61.38 32.18 -25.85
C TRP F 97 62.60 31.72 -26.64
N THR F 98 63.78 31.85 -26.02
CA THR F 98 65.02 31.38 -26.61
C THR F 98 65.76 30.49 -25.62
N PHE F 99 66.26 29.37 -26.10
CA PHE F 99 67.09 28.49 -25.28
C PHE F 99 68.48 29.08 -25.12
N GLY F 100 69.33 28.37 -24.40
CA GLY F 100 70.72 28.75 -24.24
C GLY F 100 71.58 28.13 -25.31
N GLN F 101 72.90 28.13 -25.06
CA GLN F 101 73.84 27.50 -25.95
C GLN F 101 74.25 26.11 -25.49
N GLY F 102 74.23 25.85 -24.19
CA GLY F 102 74.53 24.53 -23.68
C GLY F 102 75.90 24.47 -23.02
N THR F 103 75.95 23.84 -21.85
CA THR F 103 77.20 23.59 -21.14
C THR F 103 77.46 22.08 -21.15
N LYS F 104 78.62 21.69 -21.67
CA LYS F 104 79.00 20.29 -21.79
C LYS F 104 80.04 19.94 -20.74
N VAL F 105 79.81 18.85 -20.02
CA VAL F 105 80.72 18.35 -19.01
C VAL F 105 81.42 17.11 -19.54
N GLU F 106 82.74 17.06 -19.38
CA GLU F 106 83.56 15.98 -19.90
C GLU F 106 84.25 15.25 -18.76
N VAL F 107 84.69 14.02 -19.05
CA VAL F 107 85.38 13.21 -18.06
C VAL F 107 86.84 13.63 -17.96
N GLN G 14 -48.06 16.48 -48.75
CA GLN G 14 -49.08 17.51 -48.57
C GLN G 14 -49.54 17.57 -47.11
N CYS G 15 -49.97 18.74 -46.68
CA CYS G 15 -50.45 18.93 -45.32
C CYS G 15 -51.69 19.82 -45.34
N VAL G 16 -52.55 19.64 -44.33
CA VAL G 16 -53.78 20.39 -44.20
C VAL G 16 -53.87 20.92 -42.77
N ASN G 17 -54.27 22.19 -42.64
CA ASN G 17 -54.52 22.78 -41.34
C ASN G 17 -55.78 22.16 -40.75
N LEU G 18 -55.60 21.13 -39.91
CA LEU G 18 -56.76 20.47 -39.31
C LEU G 18 -57.55 21.44 -38.45
N THR G 19 -56.86 22.30 -37.69
CA THR G 19 -57.48 23.26 -36.80
C THR G 19 -58.46 22.58 -35.86
N THR G 20 -59.56 23.27 -35.54
CA THR G 20 -60.61 22.80 -34.61
C THR G 20 -60.01 22.02 -33.44
N ARG G 21 -58.98 22.61 -32.83
CA ARG G 21 -58.23 21.94 -31.78
C ARG G 21 -59.05 21.86 -30.50
N THR G 22 -59.75 20.73 -30.31
CA THR G 22 -60.55 20.49 -29.11
C THR G 22 -59.61 20.07 -27.97
N GLN G 23 -58.86 21.06 -27.48
CA GLN G 23 -57.86 20.80 -26.45
C GLN G 23 -58.54 20.52 -25.11
N LEU G 24 -58.12 19.44 -24.46
CA LEU G 24 -58.62 19.05 -23.15
C LEU G 24 -57.45 18.85 -22.21
N PRO G 25 -57.66 19.10 -20.91
CA PRO G 25 -56.57 18.90 -19.94
C PRO G 25 -56.16 17.43 -19.89
N PRO G 26 -54.87 17.16 -19.77
CA PRO G 26 -54.41 15.76 -19.62
C PRO G 26 -54.65 15.27 -18.20
N ALA G 27 -54.69 13.94 -18.07
CA ALA G 27 -54.91 13.35 -16.75
C ALA G 27 -53.57 12.96 -16.12
N TYR G 28 -53.64 12.59 -14.85
CA TYR G 28 -52.46 12.12 -14.12
C TYR G 28 -52.72 10.70 -13.64
N THR G 29 -51.72 9.84 -13.78
CA THR G 29 -51.84 8.47 -13.31
C THR G 29 -50.58 8.08 -12.54
N ASN G 30 -50.71 7.09 -11.66
CA ASN G 30 -49.59 6.60 -10.87
C ASN G 30 -48.96 5.42 -11.60
N SER G 31 -47.73 5.60 -12.08
CA SER G 31 -46.96 4.51 -12.65
C SER G 31 -46.45 3.66 -11.50
N PHE G 32 -47.08 2.51 -11.28
CA PHE G 32 -46.79 1.73 -10.09
C PHE G 32 -45.34 1.25 -10.07
N THR G 33 -44.98 0.39 -11.02
CA THR G 33 -43.64 -0.18 -11.03
C THR G 33 -43.01 -0.20 -12.42
N ARG G 34 -43.77 0.11 -13.47
CA ARG G 34 -43.27 0.02 -14.84
C ARG G 34 -42.02 0.88 -15.04
N GLY G 35 -41.19 0.46 -16.00
CA GLY G 35 -40.05 1.26 -16.40
C GLY G 35 -38.69 0.76 -15.92
N VAL G 36 -38.47 -0.55 -15.95
CA VAL G 36 -37.19 -1.14 -15.57
C VAL G 36 -36.70 -2.03 -16.70
N TYR G 37 -35.41 -1.90 -17.04
CA TYR G 37 -34.85 -2.57 -18.20
C TYR G 37 -33.52 -3.21 -17.84
N TYR G 38 -32.97 -3.96 -18.79
CA TYR G 38 -31.68 -4.60 -18.60
C TYR G 38 -30.57 -3.57 -18.79
N PRO G 39 -29.71 -3.35 -17.79
CA PRO G 39 -28.66 -2.32 -17.93
C PRO G 39 -27.49 -2.73 -18.79
N ASP G 40 -27.22 -4.03 -18.97
CA ASP G 40 -26.05 -4.46 -19.72
C ASP G 40 -26.31 -5.81 -20.35
N LYS G 41 -25.43 -6.19 -21.27
CA LYS G 41 -25.58 -7.43 -22.04
C LYS G 41 -24.71 -8.53 -21.44
N VAL G 42 -25.08 -8.94 -20.22
CA VAL G 42 -24.38 -10.01 -19.50
C VAL G 42 -25.42 -10.88 -18.82
N PHE G 43 -25.22 -12.20 -18.88
CA PHE G 43 -26.16 -13.16 -18.32
C PHE G 43 -25.80 -13.44 -16.86
N ARG G 44 -26.70 -13.10 -15.94
CA ARG G 44 -26.53 -13.39 -14.53
C ARG G 44 -27.75 -14.13 -14.01
N SER G 45 -27.54 -15.11 -13.15
CA SER G 45 -28.61 -15.94 -12.64
C SER G 45 -28.53 -16.04 -11.12
N SER G 46 -29.67 -15.79 -10.46
CA SER G 46 -29.83 -15.98 -9.02
C SER G 46 -28.81 -15.15 -8.22
N VAL G 47 -28.87 -13.84 -8.42
CA VAL G 47 -28.04 -12.88 -7.72
C VAL G 47 -28.89 -11.67 -7.37
N LEU G 48 -28.28 -10.72 -6.66
CA LEU G 48 -28.84 -9.38 -6.47
C LEU G 48 -27.79 -8.38 -6.92
N HIS G 49 -28.16 -7.51 -7.85
CA HIS G 49 -27.20 -6.59 -8.46
C HIS G 49 -27.67 -5.15 -8.28
N SER G 50 -26.77 -4.30 -7.81
CA SER G 50 -27.07 -2.90 -7.55
C SER G 50 -26.48 -2.05 -8.67
N THR G 51 -27.33 -1.34 -9.41
CA THR G 51 -26.91 -0.54 -10.54
C THR G 51 -27.32 0.91 -10.35
N GLN G 52 -26.67 1.79 -11.10
CA GLN G 52 -27.03 3.21 -11.13
C GLN G 52 -27.20 3.64 -12.57
N ASP G 53 -28.34 4.25 -12.90
CA ASP G 53 -28.64 4.59 -14.28
C ASP G 53 -29.68 5.71 -14.28
N LEU G 54 -30.29 5.95 -15.43
CA LEU G 54 -31.46 6.82 -15.55
C LEU G 54 -32.70 5.92 -15.62
N PHE G 55 -33.49 5.93 -14.55
CA PHE G 55 -34.66 5.07 -14.44
C PHE G 55 -35.90 5.92 -14.23
N LEU G 56 -37.06 5.28 -14.34
CA LEU G 56 -38.32 5.94 -13.98
C LEU G 56 -38.62 5.65 -12.51
N PRO G 57 -38.68 6.66 -11.66
CA PRO G 57 -38.90 6.41 -10.23
C PRO G 57 -40.23 5.72 -9.98
N PHE G 58 -40.25 4.83 -8.99
CA PHE G 58 -41.46 4.11 -8.67
C PHE G 58 -42.54 5.06 -8.14
N PHE G 59 -43.79 4.74 -8.45
CA PHE G 59 -44.94 5.51 -7.98
C PHE G 59 -44.85 6.97 -8.40
N SER G 60 -44.41 7.22 -9.63
CA SER G 60 -44.35 8.56 -10.16
C SER G 60 -45.64 8.91 -10.89
N ASN G 61 -45.76 10.17 -11.28
CA ASN G 61 -46.94 10.68 -11.95
C ASN G 61 -46.68 10.76 -13.45
N VAL G 62 -47.47 10.02 -14.22
CA VAL G 62 -47.35 9.99 -15.67
C VAL G 62 -48.53 10.75 -16.26
N THR G 63 -48.25 11.54 -17.29
CA THR G 63 -49.29 12.25 -18.01
C THR G 63 -50.06 11.30 -18.90
N TRP G 64 -51.39 11.45 -18.87
CA TRP G 64 -52.35 10.52 -19.43
C TRP G 64 -53.07 11.21 -20.58
N PHE G 65 -52.95 10.65 -21.79
CA PHE G 65 -53.53 11.24 -22.98
C PHE G 65 -54.48 10.26 -23.64
N HIS G 66 -55.66 10.74 -24.00
CA HIS G 66 -56.69 9.95 -24.65
C HIS G 66 -56.97 10.52 -26.02
N VAL G 67 -57.11 9.63 -27.01
CA VAL G 67 -57.47 10.01 -28.37
C VAL G 67 -58.66 9.18 -28.80
N ILE G 68 -59.72 9.84 -29.24
CA ILE G 68 -60.93 9.15 -29.66
C ILE G 68 -61.15 9.33 -31.17
N LYS G 75 -63.35 14.08 -33.70
CA LYS G 75 -63.98 14.52 -32.48
C LYS G 75 -62.94 14.92 -31.43
N ARG G 76 -62.22 13.93 -30.91
CA ARG G 76 -61.16 14.15 -29.93
C ARG G 76 -59.81 13.93 -30.59
N PHE G 77 -58.90 14.87 -30.38
CA PHE G 77 -57.58 14.82 -31.01
C PHE G 77 -56.59 15.49 -30.08
N ASP G 78 -55.66 14.70 -29.52
CA ASP G 78 -54.66 15.23 -28.60
C ASP G 78 -53.30 14.67 -28.99
N ASN G 79 -52.38 15.56 -29.36
CA ASN G 79 -50.99 15.19 -29.60
C ASN G 79 -50.10 16.44 -29.56
N PRO G 80 -50.01 17.13 -28.42
CA PRO G 80 -49.21 18.35 -28.37
C PRO G 80 -47.74 18.05 -28.24
N VAL G 81 -46.93 19.07 -28.50
CA VAL G 81 -45.49 18.96 -28.28
C VAL G 81 -45.22 18.83 -26.79
N LEU G 82 -44.29 17.93 -26.44
CA LEU G 82 -44.01 17.63 -25.06
C LEU G 82 -42.52 17.76 -24.78
N PRO G 83 -42.15 18.17 -23.57
CA PRO G 83 -40.72 18.34 -23.26
C PRO G 83 -40.02 17.00 -23.14
N PHE G 84 -38.93 16.86 -23.89
CA PHE G 84 -38.06 15.70 -23.86
C PHE G 84 -36.78 16.10 -23.13
N ASN G 85 -36.51 15.45 -22.00
CA ASN G 85 -35.28 15.72 -21.28
C ASN G 85 -34.88 14.52 -20.45
N ASP G 86 -33.62 14.11 -20.58
CA ASP G 86 -33.07 12.96 -19.87
C ASP G 86 -33.89 11.70 -20.13
N GLY G 87 -34.34 11.53 -21.36
CA GLY G 87 -35.07 10.34 -21.75
C GLY G 87 -36.55 10.43 -21.40
N VAL G 88 -37.33 9.57 -22.02
CA VAL G 88 -38.78 9.54 -21.85
C VAL G 88 -39.27 8.11 -21.93
N TYR G 89 -40.19 7.74 -21.04
CA TYR G 89 -40.87 6.46 -21.06
C TYR G 89 -42.26 6.66 -21.66
N PHE G 90 -42.52 6.01 -22.80
CA PHE G 90 -43.76 6.17 -23.53
C PHE G 90 -44.47 4.83 -23.65
N ALA G 91 -45.72 4.77 -23.20
CA ALA G 91 -46.51 3.55 -23.24
C ALA G 91 -47.82 3.79 -23.96
N SER G 92 -48.40 2.71 -24.50
CA SER G 92 -49.66 2.83 -25.22
C SER G 92 -50.48 1.57 -25.04
N ILE G 93 -51.77 1.75 -24.76
CA ILE G 93 -52.70 0.63 -24.63
C ILE G 93 -53.66 0.67 -25.81
N GLU G 94 -53.30 -0.02 -26.89
CA GLU G 94 -53.82 0.29 -28.22
C GLU G 94 -54.27 -1.00 -28.91
N LYS G 95 -55.53 -1.03 -29.35
CA LYS G 95 -56.05 -2.16 -30.11
C LYS G 95 -56.22 -1.90 -31.59
N SER G 96 -56.45 -0.67 -32.01
CA SER G 96 -56.67 -0.36 -33.41
C SER G 96 -55.39 0.07 -34.13
N ASN G 97 -54.27 0.13 -33.41
CA ASN G 97 -52.96 0.42 -34.00
C ASN G 97 -52.95 1.79 -34.70
N ILE G 98 -53.45 2.81 -34.01
CA ILE G 98 -53.43 4.17 -34.54
C ILE G 98 -52.05 4.80 -34.40
N ILE G 99 -51.41 4.62 -33.25
CA ILE G 99 -50.15 5.30 -32.95
C ILE G 99 -49.03 4.66 -33.76
N ARG G 100 -48.31 5.48 -34.53
CA ARG G 100 -47.30 4.98 -35.46
C ARG G 100 -45.89 5.40 -35.11
N GLY G 101 -45.60 6.69 -35.02
CA GLY G 101 -44.21 7.11 -34.95
C GLY G 101 -43.92 8.24 -33.99
N TRP G 102 -42.77 8.88 -34.18
CA TRP G 102 -42.32 9.92 -33.28
C TRP G 102 -41.48 10.94 -34.04
N ILE G 103 -41.47 12.16 -33.50
CA ILE G 103 -40.64 13.26 -33.98
C ILE G 103 -39.80 13.76 -32.82
N PHE G 104 -38.49 13.85 -33.02
CA PHE G 104 -37.60 14.36 -32.00
C PHE G 104 -36.80 15.53 -32.57
N GLY G 105 -36.51 16.50 -31.72
CA GLY G 105 -35.75 17.65 -32.16
C GLY G 105 -35.72 18.72 -31.09
N THR G 106 -35.31 19.91 -31.50
CA THR G 106 -35.23 21.04 -30.60
C THR G 106 -36.18 22.18 -30.95
N THR G 107 -36.41 22.45 -32.23
CA THR G 107 -37.33 23.51 -32.62
C THR G 107 -38.32 23.03 -33.67
N LEU G 108 -37.88 22.08 -34.51
CA LEU G 108 -38.73 21.51 -35.56
C LEU G 108 -39.25 22.57 -36.52
N ASP G 109 -38.33 23.38 -37.05
CA ASP G 109 -38.69 24.45 -37.98
C ASP G 109 -37.69 24.53 -39.13
N SER G 110 -37.19 23.38 -39.57
CA SER G 110 -36.36 23.26 -40.76
C SER G 110 -35.05 24.07 -40.67
N LYS G 111 -34.58 24.35 -39.46
CA LYS G 111 -33.27 24.94 -39.27
C LYS G 111 -32.36 24.09 -38.41
N THR G 112 -32.88 23.07 -37.74
CA THR G 112 -32.09 22.15 -36.93
C THR G 112 -32.49 20.72 -37.27
N GLN G 113 -31.52 19.81 -37.16
CA GLN G 113 -31.77 18.43 -37.51
C GLN G 113 -32.78 17.81 -36.56
N SER G 114 -33.51 16.81 -37.05
CA SER G 114 -34.58 16.19 -36.30
C SER G 114 -34.67 14.72 -36.67
N LEU G 115 -35.17 13.92 -35.73
CA LEU G 115 -35.41 12.50 -35.96
C LEU G 115 -36.87 12.29 -36.34
N LEU G 116 -37.09 11.58 -37.43
CA LEU G 116 -38.40 11.04 -37.78
C LEU G 116 -38.32 9.54 -37.68
N ILE G 117 -39.21 8.95 -36.87
CA ILE G 117 -39.31 7.49 -36.76
C ILE G 117 -40.71 7.09 -37.17
N VAL G 118 -40.82 6.32 -38.25
CA VAL G 118 -42.12 5.89 -38.78
C VAL G 118 -42.03 4.42 -39.14
N ASN G 119 -42.96 3.62 -38.62
CA ASN G 119 -42.97 2.18 -38.86
C ASN G 119 -44.36 1.71 -39.25
N ASN G 120 -44.96 2.40 -40.21
CA ASN G 120 -46.38 2.20 -40.51
C ASN G 120 -46.71 0.79 -41.01
N ALA G 121 -46.31 0.47 -42.24
CA ALA G 121 -46.67 -0.83 -42.81
C ALA G 121 -45.45 -1.63 -43.26
N THR G 122 -44.59 -0.99 -44.04
CA THR G 122 -43.55 -1.71 -44.77
C THR G 122 -42.39 -2.10 -43.86
N ASN G 123 -41.72 -1.12 -43.29
CA ASN G 123 -40.59 -1.35 -42.40
C ASN G 123 -40.52 -0.20 -41.40
N VAL G 124 -39.40 -0.07 -40.72
CA VAL G 124 -39.14 1.03 -39.79
C VAL G 124 -38.15 1.97 -40.46
N VAL G 125 -38.59 3.17 -40.79
CA VAL G 125 -37.71 4.19 -41.37
C VAL G 125 -37.34 5.19 -40.29
N ILE G 126 -36.04 5.41 -40.14
CA ILE G 126 -35.47 6.35 -39.18
C ILE G 126 -34.65 7.35 -39.98
N LYS G 127 -34.97 8.63 -39.84
CA LYS G 127 -34.33 9.67 -40.63
C LYS G 127 -33.82 10.78 -39.73
N VAL G 128 -32.55 11.14 -39.92
CA VAL G 128 -31.95 12.29 -39.25
C VAL G 128 -31.82 13.39 -40.29
N CYS G 129 -32.68 14.40 -40.17
CA CYS G 129 -32.86 15.34 -41.27
C CYS G 129 -33.61 16.56 -40.76
N GLU G 130 -33.38 17.70 -41.42
CA GLU G 130 -34.06 18.94 -41.05
C GLU G 130 -35.29 19.12 -41.94
N PHE G 131 -36.34 18.40 -41.58
CA PHE G 131 -37.60 18.51 -42.31
C PHE G 131 -38.25 19.86 -42.05
N GLN G 132 -39.18 20.22 -42.93
CA GLN G 132 -40.03 21.40 -42.73
C GLN G 132 -41.39 20.88 -42.29
N PHE G 133 -41.57 20.73 -40.98
CA PHE G 133 -42.78 20.13 -40.46
C PHE G 133 -43.98 21.06 -40.61
N CYS G 134 -45.15 20.46 -40.84
CA CYS G 134 -46.38 21.20 -41.01
C CYS G 134 -47.03 21.47 -39.65
N ASN G 135 -48.15 22.18 -39.67
CA ASN G 135 -48.83 22.53 -38.42
C ASN G 135 -49.39 21.30 -37.73
N ASP G 136 -50.13 20.47 -38.47
CA ASP G 136 -50.78 19.29 -37.92
C ASP G 136 -50.39 18.08 -38.77
N PRO G 137 -49.30 17.40 -38.45
CA PRO G 137 -48.94 16.19 -39.18
C PRO G 137 -49.84 15.03 -38.78
N PHE G 138 -50.27 14.25 -39.78
CA PHE G 138 -51.06 13.06 -39.53
C PHE G 138 -50.92 12.12 -40.72
N LEU G 139 -51.33 10.87 -40.51
CA LEU G 139 -51.34 9.85 -41.56
C LEU G 139 -52.62 9.03 -41.52
N ASP G 140 -53.74 9.66 -41.16
CA ASP G 140 -54.98 8.97 -40.83
C ASP G 140 -56.19 9.42 -41.65
N HIS G 141 -56.28 10.70 -41.98
CA HIS G 141 -57.51 11.25 -42.53
C HIS G 141 -57.67 10.86 -44.00
N LYS G 142 -58.69 10.07 -44.30
CA LYS G 142 -59.02 9.72 -45.67
C LYS G 142 -60.48 9.25 -45.71
N ASN G 143 -61.24 9.80 -46.65
CA ASN G 143 -62.68 9.57 -46.70
C ASN G 143 -63.01 8.08 -46.77
N ASN G 144 -63.99 7.66 -45.96
CA ASN G 144 -64.72 8.56 -45.09
C ASN G 144 -64.50 8.23 -43.61
N LYS G 145 -64.59 6.94 -43.28
CA LYS G 145 -64.38 6.47 -41.92
C LYS G 145 -63.22 5.50 -41.79
N SER G 146 -62.64 5.05 -42.90
CA SER G 146 -61.54 4.09 -42.88
C SER G 146 -60.22 4.85 -42.98
N TRP G 147 -59.32 4.57 -42.04
CA TRP G 147 -57.98 5.13 -42.07
C TRP G 147 -57.22 4.69 -43.32
N MET G 148 -56.39 5.58 -43.83
CA MET G 148 -55.55 5.29 -44.99
C MET G 148 -54.27 6.10 -44.87
N GLU G 149 -53.26 5.72 -45.65
CA GLU G 149 -51.96 6.39 -45.59
C GLU G 149 -51.99 7.71 -46.35
N SER G 150 -52.90 8.60 -45.99
CA SER G 150 -53.03 9.88 -46.65
C SER G 150 -52.10 10.92 -46.02
N GLU G 151 -51.74 11.92 -46.81
CA GLU G 151 -50.79 12.96 -46.41
C GLU G 151 -49.49 12.34 -45.90
N PHE G 152 -48.96 11.41 -46.69
CA PHE G 152 -47.72 10.73 -46.32
C PHE G 152 -46.58 11.73 -46.19
N ARG G 153 -46.51 12.70 -47.11
CA ARG G 153 -45.44 13.70 -47.09
C ARG G 153 -45.74 14.76 -46.03
N VAL G 154 -45.65 14.33 -44.77
CA VAL G 154 -45.79 15.28 -43.66
C VAL G 154 -44.62 16.25 -43.64
N TYR G 155 -43.47 15.84 -44.16
CA TYR G 155 -42.32 16.72 -44.32
C TYR G 155 -42.28 17.21 -45.76
N SER G 156 -42.06 18.52 -45.93
CA SER G 156 -42.11 19.12 -47.25
C SER G 156 -40.74 19.29 -47.89
N SER G 157 -39.65 19.08 -47.16
CA SER G 157 -38.33 19.30 -47.74
C SER G 157 -37.29 18.48 -46.97
N ALA G 158 -36.17 18.23 -47.65
CA ALA G 158 -35.03 17.56 -47.03
C ALA G 158 -33.79 17.94 -47.85
N ASN G 159 -33.02 18.91 -47.37
CA ASN G 159 -31.94 19.47 -48.19
C ASN G 159 -30.69 18.60 -48.13
N ASN G 160 -30.10 18.46 -46.95
CA ASN G 160 -28.91 17.63 -46.79
C ASN G 160 -28.94 17.03 -45.39
N CYS G 161 -28.86 15.71 -45.29
CA CYS G 161 -29.08 15.07 -44.01
C CYS G 161 -28.61 13.62 -44.04
N THR G 162 -28.49 13.04 -42.85
CA THR G 162 -27.49 12.00 -42.63
C THR G 162 -28.00 10.57 -42.82
N PHE G 163 -28.96 10.14 -42.00
CA PHE G 163 -29.29 8.73 -41.92
C PHE G 163 -30.42 8.32 -42.86
N GLU G 164 -30.33 7.06 -43.31
CA GLU G 164 -31.43 6.37 -43.97
C GLU G 164 -31.37 4.92 -43.49
N TYR G 165 -32.12 4.62 -42.44
CA TYR G 165 -32.09 3.32 -41.80
C TYR G 165 -33.40 2.58 -42.02
N VAL G 166 -33.31 1.26 -42.12
CA VAL G 166 -34.48 0.41 -42.30
C VAL G 166 -34.34 -0.83 -41.42
N SER G 167 -35.47 -1.29 -40.88
CA SER G 167 -35.50 -2.47 -40.04
C SER G 167 -36.91 -3.05 -40.06
N GLN G 168 -37.02 -4.29 -39.60
CA GLN G 168 -38.30 -4.98 -39.64
C GLN G 168 -39.33 -4.29 -38.74
N PRO G 169 -40.60 -4.30 -39.15
CA PRO G 169 -41.63 -3.59 -38.38
C PRO G 169 -42.02 -4.32 -37.10
N PHE G 170 -43.03 -3.79 -36.42
CA PHE G 170 -43.51 -4.32 -35.15
C PHE G 170 -44.86 -5.02 -35.36
N LEU G 171 -45.43 -5.53 -34.27
CA LEU G 171 -46.72 -6.19 -34.33
C LEU G 171 -47.83 -5.15 -34.43
N MET G 172 -48.60 -5.21 -35.51
CA MET G 172 -49.63 -4.23 -35.81
C MET G 172 -51.01 -4.81 -35.57
N ASP G 173 -52.03 -3.99 -35.81
CA ASP G 173 -53.43 -4.41 -35.76
C ASP G 173 -54.13 -3.97 -37.03
N LEU G 174 -55.04 -4.80 -37.52
CA LEU G 174 -55.77 -4.53 -38.75
C LEU G 174 -57.07 -3.81 -38.43
N GLU G 175 -57.39 -2.79 -39.24
CA GLU G 175 -58.62 -2.01 -39.11
C GLU G 175 -58.68 -1.27 -37.77
N GLY G 176 -59.82 -0.70 -37.45
CA GLY G 176 -59.95 0.06 -36.22
C GLY G 176 -60.98 -0.49 -35.25
N LYS G 177 -60.50 -0.99 -34.11
CA LYS G 177 -61.36 -1.51 -33.05
C LYS G 177 -61.23 -0.63 -31.82
N GLN G 178 -62.37 -0.16 -31.31
CA GLN G 178 -62.40 0.75 -30.18
C GLN G 178 -62.69 -0.02 -28.90
N GLY G 179 -61.79 0.09 -27.93
CA GLY G 179 -61.92 -0.66 -26.70
C GLY G 179 -61.38 -2.08 -26.84
N ASN G 180 -61.47 -2.82 -25.74
CA ASN G 180 -61.00 -4.20 -25.67
C ASN G 180 -59.55 -4.32 -26.13
N PHE G 181 -58.71 -3.43 -25.63
CA PHE G 181 -57.30 -3.42 -26.04
C PHE G 181 -56.58 -4.64 -25.48
N LYS G 182 -55.97 -5.40 -26.38
CA LYS G 182 -55.16 -6.55 -25.99
C LYS G 182 -53.67 -6.31 -26.20
N ASN G 183 -53.27 -5.13 -26.67
CA ASN G 183 -51.86 -4.84 -26.92
C ASN G 183 -51.42 -3.68 -26.02
N LEU G 184 -50.38 -3.93 -25.23
CA LEU G 184 -49.75 -2.91 -24.40
C LEU G 184 -48.29 -2.80 -24.81
N ARG G 185 -47.91 -1.67 -25.37
CA ARG G 185 -46.55 -1.45 -25.81
C ARG G 185 -45.88 -0.42 -24.90
N GLU G 186 -44.60 -0.61 -24.63
CA GLU G 186 -43.87 0.35 -23.81
C GLU G 186 -42.44 0.47 -24.30
N PHE G 187 -42.03 1.68 -24.65
CA PHE G 187 -40.68 1.98 -25.08
C PHE G 187 -40.08 3.00 -24.12
N VAL G 188 -38.75 3.02 -24.08
CA VAL G 188 -38.01 4.06 -23.39
C VAL G 188 -36.92 4.58 -24.31
N PHE G 189 -36.84 5.91 -24.44
CA PHE G 189 -35.88 6.58 -25.30
C PHE G 189 -34.89 7.35 -24.44
N LYS G 190 -33.60 7.24 -24.78
CA LYS G 190 -32.57 7.93 -24.00
C LYS G 190 -31.35 8.15 -24.88
N ASN G 191 -30.83 9.38 -24.90
CA ASN G 191 -29.64 9.68 -25.68
C ASN G 191 -28.47 9.99 -24.75
N ILE G 192 -27.36 9.28 -24.95
CA ILE G 192 -26.14 9.50 -24.19
C ILE G 192 -24.97 9.50 -25.16
N ASP G 193 -24.20 10.58 -25.15
CA ASP G 193 -23.01 10.73 -26.01
C ASP G 193 -23.37 10.45 -27.48
N GLY G 194 -24.53 10.94 -27.89
CA GLY G 194 -24.99 10.79 -29.26
C GLY G 194 -25.66 9.46 -29.54
N TYR G 195 -25.30 8.44 -28.78
CA TYR G 195 -25.97 7.16 -28.91
C TYR G 195 -27.40 7.32 -28.43
N PHE G 196 -28.33 7.37 -29.39
CA PHE G 196 -29.74 7.28 -29.10
C PHE G 196 -30.09 5.82 -28.91
N LYS G 197 -30.61 5.48 -27.74
CA LYS G 197 -30.90 4.11 -27.35
C LYS G 197 -32.39 3.97 -27.12
N ILE G 198 -32.99 2.98 -27.76
CA ILE G 198 -34.40 2.68 -27.64
C ILE G 198 -34.53 1.27 -27.10
N TYR G 199 -35.27 1.14 -25.99
CA TYR G 199 -35.63 -0.16 -25.44
C TYR G 199 -37.14 -0.36 -25.60
N SER G 200 -37.55 -1.60 -25.87
CA SER G 200 -38.94 -1.87 -26.21
C SER G 200 -39.45 -3.11 -25.49
N LYS G 201 -40.77 -3.15 -25.29
CA LYS G 201 -41.43 -4.33 -24.76
C LYS G 201 -42.90 -4.33 -25.17
N HIS G 202 -43.43 -5.52 -25.42
CA HIS G 202 -44.80 -5.69 -25.90
C HIS G 202 -45.48 -6.79 -25.10
N THR G 203 -46.62 -6.49 -24.50
CA THR G 203 -47.41 -7.48 -23.77
C THR G 203 -48.76 -7.65 -24.44
N PRO G 204 -49.09 -8.87 -24.87
CA PRO G 204 -50.39 -9.11 -25.52
C PRO G 204 -51.45 -9.52 -24.52
N ILE G 205 -52.66 -9.82 -25.02
CA ILE G 205 -53.79 -10.39 -24.29
C ILE G 205 -54.03 -9.64 -22.99
N LEU G 206 -53.92 -8.31 -23.03
CA LEU G 206 -54.07 -7.51 -21.83
C LEU G 206 -55.54 -7.47 -21.42
N VAL G 207 -55.80 -7.82 -20.16
CA VAL G 207 -57.15 -7.80 -19.62
C VAL G 207 -57.43 -6.54 -18.81
N ARG G 208 -56.64 -5.49 -19.00
CA ARG G 208 -56.82 -4.23 -18.29
C ARG G 208 -57.62 -3.26 -19.16
N GLU G 209 -58.88 -3.64 -19.42
CA GLU G 209 -59.78 -2.81 -20.21
C GLU G 209 -60.15 -1.46 -19.59
N PRO G 210 -60.33 -1.33 -18.25
CA PRO G 210 -60.87 -0.06 -17.73
C PRO G 210 -60.10 1.19 -18.14
N GLU G 211 -58.76 1.22 -17.95
CA GLU G 211 -57.96 2.41 -18.19
C GLU G 211 -56.55 2.31 -17.62
N ASP G 212 -56.43 2.24 -16.30
CA ASP G 212 -55.15 2.41 -15.63
C ASP G 212 -54.19 1.27 -15.97
N LEU G 213 -52.90 1.57 -15.89
CA LEU G 213 -51.87 0.58 -16.16
C LEU G 213 -51.94 -0.55 -15.13
N PRO G 214 -51.67 -1.78 -15.55
CA PRO G 214 -51.72 -2.91 -14.61
C PRO G 214 -50.68 -2.75 -13.51
N GLN G 215 -51.06 -3.16 -12.30
CA GLN G 215 -50.15 -3.11 -11.15
C GLN G 215 -49.27 -4.36 -11.11
N GLY G 216 -48.53 -4.55 -12.21
CA GLY G 216 -47.70 -5.73 -12.35
C GLY G 216 -46.23 -5.40 -12.55
N PHE G 217 -45.43 -6.43 -12.88
CA PHE G 217 -44.01 -6.26 -13.11
C PHE G 217 -43.61 -6.87 -14.44
N SER G 218 -42.82 -6.13 -15.22
CA SER G 218 -42.30 -6.62 -16.49
C SER G 218 -41.08 -5.79 -16.86
N ALA G 219 -40.08 -6.45 -17.44
CA ALA G 219 -38.83 -5.78 -17.78
C ALA G 219 -38.85 -5.32 -19.23
N LEU G 220 -37.82 -4.55 -19.61
CA LEU G 220 -37.65 -4.04 -20.95
C LEU G 220 -36.32 -4.52 -21.51
N GLU G 221 -36.32 -4.94 -22.77
CA GLU G 221 -35.13 -5.48 -23.40
C GLU G 221 -34.55 -4.47 -24.40
N PRO G 222 -33.24 -4.46 -24.59
CA PRO G 222 -32.64 -3.54 -25.56
C PRO G 222 -33.14 -3.82 -26.96
N LEU G 223 -33.41 -2.74 -27.70
CA LEU G 223 -33.96 -2.84 -29.05
C LEU G 223 -33.03 -2.26 -30.10
N VAL G 224 -32.55 -1.04 -29.94
CA VAL G 224 -31.67 -0.45 -30.95
C VAL G 224 -30.81 0.62 -30.30
N ASP G 225 -29.60 0.79 -30.82
CA ASP G 225 -28.67 1.84 -30.44
C ASP G 225 -28.09 2.43 -31.72
N LEU G 226 -28.11 3.76 -31.83
CA LEU G 226 -27.62 4.34 -33.08
C LEU G 226 -27.16 5.77 -32.88
N PRO G 227 -26.10 6.21 -33.58
CA PRO G 227 -25.49 7.55 -33.37
C PRO G 227 -26.08 8.70 -34.19
N ILE G 228 -27.21 9.25 -33.74
CA ILE G 228 -27.85 10.34 -34.47
C ILE G 228 -26.94 11.55 -34.56
N GLY G 229 -26.38 11.99 -33.43
CA GLY G 229 -25.47 13.11 -33.44
C GLY G 229 -26.10 14.49 -33.40
N ILE G 230 -27.30 14.64 -32.85
CA ILE G 230 -27.97 15.93 -32.79
C ILE G 230 -28.40 16.22 -31.36
N ASN G 231 -29.00 17.39 -31.17
CA ASN G 231 -29.41 17.91 -29.87
C ASN G 231 -30.94 17.87 -29.80
N ILE G 232 -31.47 17.05 -28.90
CA ILE G 232 -32.90 16.79 -28.81
C ILE G 232 -33.43 17.33 -27.48
N THR G 233 -34.47 18.17 -27.55
CA THR G 233 -35.08 18.68 -26.34
C THR G 233 -36.60 18.77 -26.39
N ARG G 234 -37.25 18.32 -27.48
CA ARG G 234 -38.70 18.36 -27.57
C ARG G 234 -39.17 17.26 -28.53
N PHE G 235 -40.30 16.64 -28.20
CA PHE G 235 -40.80 15.56 -29.05
C PHE G 235 -42.32 15.59 -29.07
N GLN G 236 -42.88 15.01 -30.13
CA GLN G 236 -44.32 14.96 -30.34
C GLN G 236 -44.67 13.67 -31.07
N THR G 237 -45.74 13.02 -30.63
CA THR G 237 -46.11 11.72 -31.17
C THR G 237 -46.78 11.84 -32.53
N LEU G 238 -46.85 10.70 -33.23
CA LEU G 238 -47.54 10.59 -34.50
C LEU G 238 -48.59 9.50 -34.43
N LEU G 239 -49.80 9.83 -34.87
CA LEU G 239 -50.91 8.89 -34.89
C LEU G 239 -51.48 8.79 -36.29
N ALA G 240 -51.98 7.61 -36.62
CA ALA G 240 -52.47 7.34 -37.98
C ALA G 240 -53.64 6.36 -37.95
N SER G 251 -62.00 14.50 -45.80
CA SER G 251 -60.95 13.62 -45.29
C SER G 251 -60.22 14.26 -44.12
N SER G 252 -59.39 15.26 -44.43
CA SER G 252 -58.62 15.93 -43.38
C SER G 252 -59.54 16.62 -42.37
N SER G 253 -60.57 17.31 -42.84
CA SER G 253 -61.51 18.01 -41.97
C SER G 253 -62.69 17.10 -41.67
N GLY G 254 -62.83 16.71 -40.41
CA GLY G 254 -63.90 15.83 -40.00
C GLY G 254 -63.48 14.37 -39.96
N TRP G 255 -63.37 13.80 -38.77
CA TRP G 255 -62.95 12.43 -38.61
C TRP G 255 -63.58 11.83 -37.36
N THR G 256 -63.67 10.50 -37.36
CA THR G 256 -64.16 9.73 -36.20
C THR G 256 -63.08 8.68 -35.90
N ALA G 257 -62.09 9.07 -35.11
CA ALA G 257 -60.97 8.19 -34.81
C ALA G 257 -61.37 7.15 -33.77
N GLY G 258 -60.54 6.11 -33.67
CA GLY G 258 -60.78 5.04 -32.72
C GLY G 258 -60.30 5.38 -31.32
N ALA G 259 -60.58 4.46 -30.40
CA ALA G 259 -60.18 4.63 -29.00
C ALA G 259 -58.71 4.25 -28.82
N ALA G 260 -57.95 5.16 -28.22
CA ALA G 260 -56.54 4.91 -27.96
C ALA G 260 -56.11 5.73 -26.76
N ALA G 261 -55.14 5.21 -26.02
CA ALA G 261 -54.58 5.91 -24.87
C ALA G 261 -53.08 5.75 -24.86
N TYR G 262 -52.37 6.86 -24.66
CA TYR G 262 -50.92 6.82 -24.55
C TYR G 262 -50.46 7.67 -23.36
N TYR G 263 -49.40 7.19 -22.72
CA TYR G 263 -48.97 7.67 -21.42
C TYR G 263 -47.51 8.08 -21.53
N VAL G 264 -47.14 9.18 -20.90
CA VAL G 264 -45.77 9.68 -20.98
C VAL G 264 -45.24 9.97 -19.58
N GLY G 265 -44.02 9.50 -19.30
CA GLY G 265 -43.36 9.80 -18.04
C GLY G 265 -41.89 10.12 -18.30
N TYR G 266 -41.26 10.74 -17.32
CA TYR G 266 -39.89 11.22 -17.47
C TYR G 266 -38.94 10.45 -16.57
N LEU G 267 -37.70 10.32 -17.04
CA LEU G 267 -36.67 9.57 -16.36
C LEU G 267 -35.80 10.49 -15.49
N GLN G 268 -35.30 9.94 -14.39
CA GLN G 268 -34.42 10.65 -13.48
C GLN G 268 -33.27 9.72 -13.11
N PRO G 269 -32.13 10.28 -12.69
CA PRO G 269 -31.00 9.45 -12.26
C PRO G 269 -31.31 8.75 -10.94
N ARG G 270 -31.31 7.43 -10.98
CA ARG G 270 -31.66 6.62 -9.81
C ARG G 270 -30.72 5.43 -9.71
N THR G 271 -30.57 4.94 -8.49
CA THR G 271 -29.86 3.69 -8.21
C THR G 271 -30.88 2.64 -7.78
N PHE G 272 -30.82 1.47 -8.43
CA PHE G 272 -31.79 0.41 -8.24
C PHE G 272 -31.09 -0.86 -7.80
N LEU G 273 -31.86 -1.76 -7.18
CA LEU G 273 -31.40 -3.10 -6.87
C LEU G 273 -32.30 -4.10 -7.59
N LEU G 274 -31.69 -4.98 -8.37
CA LEU G 274 -32.42 -5.89 -9.25
C LEU G 274 -32.16 -7.32 -8.83
N LYS G 275 -33.20 -8.16 -8.93
CA LYS G 275 -33.12 -9.56 -8.55
C LYS G 275 -33.30 -10.44 -9.77
N TYR G 276 -32.43 -11.42 -9.93
CA TYR G 276 -32.49 -12.37 -11.02
C TYR G 276 -32.90 -13.73 -10.49
N ASN G 277 -33.80 -14.40 -11.19
CA ASN G 277 -34.19 -15.75 -10.82
C ASN G 277 -33.25 -16.76 -11.49
N GLU G 278 -33.50 -18.05 -11.26
CA GLU G 278 -32.60 -19.07 -11.76
C GLU G 278 -32.58 -19.13 -13.29
N ASN G 279 -33.67 -18.71 -13.93
CA ASN G 279 -33.72 -18.74 -15.39
C ASN G 279 -32.94 -17.58 -16.01
N GLY G 280 -32.64 -16.54 -15.26
CA GLY G 280 -31.85 -15.44 -15.74
C GLY G 280 -32.63 -14.22 -16.17
N THR G 281 -33.77 -13.95 -15.56
CA THR G 281 -34.61 -12.80 -15.91
C THR G 281 -35.00 -12.03 -14.67
N ILE G 282 -35.26 -10.73 -14.86
CA ILE G 282 -35.63 -9.87 -13.74
C ILE G 282 -36.99 -10.30 -13.22
N THR G 283 -37.09 -10.45 -11.90
CA THR G 283 -38.36 -10.76 -11.25
C THR G 283 -38.78 -9.78 -10.18
N ASP G 284 -37.86 -8.95 -9.68
CA ASP G 284 -38.21 -7.95 -8.69
C ASP G 284 -37.11 -6.90 -8.66
N ALA G 285 -37.47 -5.70 -8.22
CA ALA G 285 -36.51 -4.61 -8.12
C ALA G 285 -36.99 -3.62 -7.08
N VAL G 286 -36.04 -3.00 -6.40
CA VAL G 286 -36.32 -2.02 -5.36
C VAL G 286 -35.57 -0.73 -5.66
N ASP G 287 -36.26 0.40 -5.54
CA ASP G 287 -35.64 1.70 -5.62
C ASP G 287 -34.91 2.01 -4.33
N CYS G 288 -33.72 2.60 -4.44
CA CYS G 288 -32.89 2.87 -3.28
C CYS G 288 -33.00 4.31 -2.79
N ALA G 289 -33.91 5.10 -3.36
CA ALA G 289 -34.03 6.50 -2.96
C ALA G 289 -35.47 6.95 -2.84
N LEU G 290 -36.37 6.02 -2.52
CA LEU G 290 -37.80 6.32 -2.42
C LEU G 290 -38.26 6.53 -0.99
N ASP G 291 -38.02 5.55 -0.13
CA ASP G 291 -38.46 5.55 1.26
C ASP G 291 -37.30 5.14 2.15
N PRO G 292 -37.35 5.49 3.43
CA PRO G 292 -36.32 4.97 4.36
C PRO G 292 -36.29 3.45 4.40
N LEU G 293 -37.45 2.81 4.31
CA LEU G 293 -37.49 1.35 4.32
C LEU G 293 -36.76 0.79 3.10
N SER G 294 -37.04 1.33 1.92
CA SER G 294 -36.33 0.90 0.73
C SER G 294 -34.85 1.25 0.82
N GLU G 295 -34.52 2.37 1.49
CA GLU G 295 -33.13 2.73 1.68
C GLU G 295 -32.39 1.68 2.50
N THR G 296 -32.99 1.21 3.59
CA THR G 296 -32.31 0.20 4.38
C THR G 296 -32.32 -1.16 3.69
N LYS G 297 -33.34 -1.43 2.87
CA LYS G 297 -33.31 -2.63 2.03
C LYS G 297 -32.13 -2.60 1.08
N CYS G 298 -31.86 -1.44 0.50
CA CYS G 298 -30.75 -1.31 -0.44
C CYS G 298 -29.41 -1.39 0.27
N THR G 299 -29.30 -0.76 1.44
CA THR G 299 -27.98 -0.73 2.15
C THR G 299 -27.65 -2.13 2.68
N LEU G 300 -28.62 -2.82 3.29
CA LEU G 300 -28.42 -4.21 3.79
C LEU G 300 -28.18 -5.14 2.59
N LYS G 301 -28.81 -4.85 1.44
CA LYS G 301 -28.71 -5.72 0.23
C LYS G 301 -29.63 -6.93 0.41
N SER G 302 -30.56 -6.85 1.37
CA SER G 302 -31.53 -7.95 1.60
C SER G 302 -32.95 -7.42 1.40
N PHE G 303 -33.78 -8.15 0.65
CA PHE G 303 -35.18 -7.72 0.38
C PHE G 303 -35.99 -7.68 1.69
N THR G 304 -35.75 -8.62 2.61
CA THR G 304 -36.49 -8.65 3.90
C THR G 304 -35.55 -8.22 5.04
N VAL G 305 -35.99 -7.28 5.88
CA VAL G 305 -35.16 -6.78 7.00
C VAL G 305 -35.69 -7.31 8.33
N GLU G 306 -34.93 -7.17 9.42
CA GLU G 306 -35.33 -7.68 10.73
C GLU G 306 -35.49 -6.51 11.69
N LYS G 307 -36.21 -6.76 12.78
CA LYS G 307 -36.46 -5.72 13.77
C LYS G 307 -35.16 -5.19 14.35
N GLY G 308 -35.03 -3.88 14.41
CA GLY G 308 -33.85 -3.29 15.00
C GLY G 308 -33.62 -1.87 14.48
N ILE G 309 -32.39 -1.39 14.68
CA ILE G 309 -31.96 -0.07 14.25
C ILE G 309 -30.81 -0.25 13.26
N TYR G 310 -30.86 0.49 12.15
CA TYR G 310 -29.86 0.37 11.10
C TYR G 310 -29.37 1.75 10.69
N GLN G 311 -28.07 1.88 10.49
CA GLN G 311 -27.48 3.14 10.06
C GLN G 311 -27.35 3.16 8.54
N THR G 312 -27.79 4.26 7.94
CA THR G 312 -27.91 4.36 6.49
C THR G 312 -27.14 5.58 5.97
N SER G 313 -27.40 5.92 4.72
CA SER G 313 -26.67 6.98 4.02
C SER G 313 -26.67 8.27 4.83
N ASN G 314 -25.60 9.04 4.66
CA ASN G 314 -25.36 10.21 5.48
C ASN G 314 -26.20 11.41 5.02
N PHE G 315 -26.38 12.35 5.95
CA PHE G 315 -27.23 13.53 5.80
C PHE G 315 -26.37 14.75 5.47
N ARG G 316 -26.25 15.06 4.17
CA ARG G 316 -25.47 16.21 3.70
C ARG G 316 -26.36 17.43 3.49
N VAL G 317 -25.77 18.51 2.99
CA VAL G 317 -26.48 19.70 2.52
C VAL G 317 -25.72 20.25 1.33
N GLN G 318 -26.39 20.33 0.18
CA GLN G 318 -25.74 20.73 -1.05
C GLN G 318 -25.54 22.24 -1.13
N PRO G 319 -24.44 22.71 -1.73
CA PRO G 319 -24.27 24.15 -1.95
C PRO G 319 -25.28 24.68 -2.96
N THR G 320 -25.60 25.97 -2.85
CA THR G 320 -26.63 26.56 -3.68
C THR G 320 -26.10 27.33 -4.90
N GLU G 321 -24.84 27.75 -4.90
CA GLU G 321 -24.33 28.58 -5.98
C GLU G 321 -22.80 28.55 -5.94
N SER G 322 -22.19 29.39 -6.79
CA SER G 322 -20.75 29.51 -6.88
C SER G 322 -20.35 30.98 -6.89
N ILE G 323 -19.31 31.31 -6.13
CA ILE G 323 -18.74 32.65 -6.12
C ILE G 323 -17.23 32.55 -6.29
N VAL G 324 -16.69 33.43 -7.13
CA VAL G 324 -15.24 33.56 -7.31
C VAL G 324 -14.86 35.00 -7.02
N ARG G 325 -13.78 35.18 -6.25
CA ARG G 325 -13.28 36.54 -5.95
C ARG G 325 -11.76 36.59 -6.18
N PHE G 326 -11.32 37.42 -7.13
CA PHE G 326 -9.87 37.53 -7.47
C PHE G 326 -9.48 39.01 -7.44
N PRO G 327 -8.19 39.37 -7.28
CA PRO G 327 -7.80 40.78 -7.18
C PRO G 327 -8.22 41.54 -8.46
N ASN G 328 -8.72 42.77 -8.30
CA ASN G 328 -9.24 43.51 -9.48
C ASN G 328 -8.13 44.38 -10.08
N ILE G 329 -7.60 43.99 -11.24
CA ILE G 329 -6.54 44.76 -11.96
C ILE G 329 -6.51 44.23 -13.39
N THR G 330 -6.18 45.06 -14.38
CA THR G 330 -6.04 44.52 -15.73
C THR G 330 -4.58 44.44 -16.15
N ASN G 331 -3.94 45.62 -16.26
CA ASN G 331 -2.48 45.79 -16.36
C ASN G 331 -1.78 44.56 -16.95
N LEU G 332 -2.07 44.28 -18.21
CA LEU G 332 -1.53 43.07 -18.85
C LEU G 332 -0.01 43.04 -18.74
N CYS G 333 0.52 41.88 -18.34
CA CYS G 333 1.95 41.78 -18.04
C CYS G 333 2.78 42.00 -19.29
N PRO G 334 3.93 42.66 -19.18
CA PRO G 334 4.78 42.91 -20.34
C PRO G 334 5.51 41.67 -20.81
N PHE G 335 4.78 40.61 -21.15
CA PHE G 335 5.38 39.41 -21.70
C PHE G 335 6.01 39.64 -23.07
N ASP G 336 5.70 40.76 -23.73
CA ASP G 336 6.24 41.00 -25.07
C ASP G 336 7.72 41.32 -25.03
N GLU G 337 8.15 42.15 -24.08
CA GLU G 337 9.53 42.60 -24.03
C GLU G 337 10.49 41.44 -23.81
N VAL G 338 10.12 40.51 -22.94
CA VAL G 338 11.01 39.40 -22.61
C VAL G 338 11.26 38.53 -23.83
N PHE G 339 10.21 38.24 -24.60
CA PHE G 339 10.31 37.29 -25.70
C PHE G 339 10.64 37.95 -27.03
N ASN G 340 10.47 39.26 -27.17
CA ASN G 340 10.72 39.94 -28.43
C ASN G 340 11.87 40.93 -28.34
N ALA G 341 12.72 40.80 -27.33
CA ALA G 341 13.88 41.69 -27.22
C ALA G 341 14.85 41.43 -28.36
N THR G 342 15.44 42.50 -28.87
CA THR G 342 16.40 42.36 -29.98
C THR G 342 17.70 41.73 -29.50
N ARG G 343 18.19 42.13 -28.33
CA ARG G 343 19.45 41.65 -27.79
C ARG G 343 19.22 40.85 -26.52
N PHE G 344 19.88 39.70 -26.42
CA PHE G 344 19.83 38.85 -25.24
C PHE G 344 21.19 38.83 -24.58
N ALA G 345 21.19 38.81 -23.25
CA ALA G 345 22.45 38.79 -22.50
C ALA G 345 23.15 37.45 -22.68
N SER G 346 24.46 37.47 -22.43
CA SER G 346 25.25 36.25 -22.53
C SER G 346 24.87 35.29 -21.41
N VAL G 347 25.46 34.09 -21.46
CA VAL G 347 25.17 33.09 -20.45
C VAL G 347 25.70 33.53 -19.08
N TYR G 348 26.95 33.96 -19.05
CA TYR G 348 27.64 34.23 -17.80
C TYR G 348 27.12 35.46 -17.07
N ALA G 349 26.30 36.29 -17.72
CA ALA G 349 25.73 37.48 -17.10
C ALA G 349 24.25 37.58 -17.43
N TRP G 350 23.53 36.47 -17.26
CA TRP G 350 22.13 36.41 -17.63
C TRP G 350 21.31 37.44 -16.88
N ASN G 351 20.41 38.11 -17.60
CA ASN G 351 19.57 39.13 -17.03
C ASN G 351 18.38 38.51 -16.28
N ARG G 352 17.71 39.34 -15.49
CA ARG G 352 16.55 38.89 -14.72
C ARG G 352 15.55 40.02 -14.61
N LYS G 353 14.31 39.77 -15.02
CA LYS G 353 13.26 40.76 -15.00
C LYS G 353 12.16 40.32 -14.04
N ARG G 354 11.65 41.28 -13.26
CA ARG G 354 10.64 41.02 -12.25
C ARG G 354 9.27 41.35 -12.81
N ILE G 355 8.37 40.37 -12.79
CA ILE G 355 7.00 40.54 -13.27
C ILE G 355 6.07 40.46 -12.07
N SER G 356 5.33 41.54 -11.80
CA SER G 356 4.42 41.58 -10.66
C SER G 356 3.38 42.65 -10.89
N ASN G 357 2.32 42.59 -10.09
CA ASN G 357 1.23 43.57 -10.13
C ASN G 357 0.62 43.65 -11.53
N CYS G 358 0.36 42.51 -12.13
CA CYS G 358 -0.15 42.46 -13.49
C CYS G 358 -0.96 41.19 -13.69
N VAL G 359 -1.75 41.17 -14.76
CA VAL G 359 -2.51 39.99 -15.17
C VAL G 359 -1.81 39.36 -16.35
N ALA G 360 -1.49 38.07 -16.23
CA ALA G 360 -0.70 37.36 -17.22
C ALA G 360 -1.60 36.45 -18.05
N ASP G 361 -1.47 36.55 -19.36
CA ASP G 361 -2.17 35.68 -20.30
C ASP G 361 -1.13 34.82 -21.00
N TYR G 362 -1.16 33.52 -20.72
CA TYR G 362 -0.19 32.58 -21.28
C TYR G 362 -0.59 32.08 -22.66
N SER G 363 -1.74 32.51 -23.17
CA SER G 363 -2.20 32.02 -24.48
C SER G 363 -1.24 32.45 -25.58
N VAL G 364 -0.83 33.72 -25.58
CA VAL G 364 0.11 34.19 -26.60
C VAL G 364 1.46 33.52 -26.43
N LEU G 365 1.83 33.14 -25.20
CA LEU G 365 3.09 32.47 -24.97
C LEU G 365 3.11 31.10 -25.63
N TYR G 366 2.09 30.29 -25.37
CA TYR G 366 2.06 28.91 -25.84
C TYR G 366 1.66 28.79 -27.30
N ASN G 367 1.24 29.88 -27.94
CA ASN G 367 0.79 29.85 -29.32
C ASN G 367 1.85 30.40 -30.28
N LEU G 368 3.12 30.37 -29.90
CA LEU G 368 4.20 30.78 -30.79
C LEU G 368 4.73 29.56 -31.52
N ALA G 369 4.86 29.67 -32.84
CA ALA G 369 5.17 28.51 -33.67
C ALA G 369 6.51 27.86 -33.37
N PRO G 370 7.65 28.58 -33.32
CA PRO G 370 8.94 27.88 -33.29
C PRO G 370 9.34 27.37 -31.90
N PHE G 371 8.40 27.31 -30.97
CA PHE G 371 8.71 26.78 -29.65
C PHE G 371 8.99 25.28 -29.74
N PHE G 372 10.14 24.86 -29.22
CA PHE G 372 10.60 23.49 -29.40
C PHE G 372 10.69 22.74 -28.07
N THR G 373 11.45 23.26 -27.10
CA THR G 373 11.68 22.58 -25.83
C THR G 373 10.87 23.32 -24.76
N PHE G 374 9.70 22.77 -24.42
CA PHE G 374 8.78 23.41 -23.47
C PHE G 374 8.19 22.29 -22.61
N LYS G 375 8.83 22.04 -21.47
CA LYS G 375 8.37 21.05 -20.50
C LYS G 375 8.34 21.67 -19.13
N CYS G 376 7.27 21.42 -18.37
CA CYS G 376 7.11 22.03 -17.06
C CYS G 376 7.12 20.97 -15.97
N TYR G 377 7.73 21.33 -14.83
CA TYR G 377 8.01 20.39 -13.77
C TYR G 377 6.93 20.37 -12.70
N GLY G 378 6.69 21.51 -12.05
CA GLY G 378 5.72 21.53 -10.96
C GLY G 378 4.28 21.61 -11.38
N VAL G 379 4.01 21.99 -12.62
CA VAL G 379 2.67 22.21 -13.12
C VAL G 379 2.53 21.57 -14.50
N SER G 380 1.37 21.76 -15.11
CA SER G 380 1.13 21.37 -16.49
C SER G 380 0.82 22.60 -17.32
N PRO G 381 1.41 22.73 -18.51
CA PRO G 381 1.33 23.99 -19.24
C PRO G 381 -0.09 24.44 -19.60
N THR G 382 -1.04 23.52 -19.64
CA THR G 382 -2.41 23.87 -19.99
C THR G 382 -3.21 24.42 -18.81
N LYS G 383 -2.65 24.39 -17.60
CA LYS G 383 -3.35 24.86 -16.41
C LYS G 383 -2.65 26.06 -15.79
N LEU G 384 -1.96 26.85 -16.61
CA LEU G 384 -1.29 28.05 -16.14
C LEU G 384 -2.17 29.29 -16.16
N ASN G 385 -3.37 29.19 -16.71
CA ASN G 385 -4.24 30.34 -16.88
C ASN G 385 -5.29 30.48 -15.80
N ASP G 386 -5.29 29.62 -14.79
CA ASP G 386 -6.29 29.65 -13.73
C ASP G 386 -5.65 29.60 -12.35
N LEU G 387 -4.48 30.21 -12.20
CA LEU G 387 -3.75 30.21 -10.94
C LEU G 387 -3.17 31.59 -10.70
N CYS G 388 -2.90 31.88 -9.42
CA CYS G 388 -2.29 33.13 -9.02
C CYS G 388 -0.96 32.83 -8.34
N PHE G 389 0.10 33.50 -8.79
CA PHE G 389 1.45 33.25 -8.30
C PHE G 389 1.92 34.43 -7.46
N THR G 390 2.78 34.12 -6.48
CA THR G 390 3.27 35.15 -5.58
C THR G 390 4.14 36.16 -6.30
N ASN G 391 5.13 35.67 -7.06
CA ASN G 391 6.03 36.54 -7.80
C ASN G 391 6.65 35.74 -8.93
N VAL G 392 6.58 36.27 -10.14
CA VAL G 392 7.06 35.59 -11.34
C VAL G 392 8.20 36.41 -11.93
N TYR G 393 9.33 35.75 -12.19
CA TYR G 393 10.52 36.42 -12.69
C TYR G 393 11.28 35.48 -13.62
N ALA G 394 11.74 36.02 -14.75
CA ALA G 394 12.24 35.25 -15.87
C ALA G 394 13.70 35.58 -16.17
N ASP G 395 14.41 34.60 -16.71
CA ASP G 395 15.84 34.70 -17.01
C ASP G 395 16.05 34.46 -18.49
N SER G 396 16.92 35.26 -19.11
CA SER G 396 17.18 35.17 -20.54
C SER G 396 18.67 35.05 -20.81
N PHE G 397 19.03 34.10 -21.67
CA PHE G 397 20.41 33.95 -22.12
C PHE G 397 20.41 33.10 -23.38
N VAL G 398 21.53 33.15 -24.10
CA VAL G 398 21.67 32.44 -25.37
C VAL G 398 22.82 31.45 -25.24
N ILE G 399 22.53 30.18 -25.48
CA ILE G 399 23.52 29.11 -25.37
C ILE G 399 23.53 28.31 -26.66
N ARG G 400 24.62 27.58 -26.87
CA ARG G 400 24.73 26.72 -28.03
C ARG G 400 23.79 25.52 -27.88
N GLY G 401 23.31 25.01 -29.02
CA GLY G 401 22.36 23.92 -28.99
C GLY G 401 22.89 22.64 -28.38
N ASP G 402 24.22 22.49 -28.33
CA ASP G 402 24.84 21.32 -27.73
C ASP G 402 24.64 21.26 -26.22
N GLU G 403 24.22 22.36 -25.58
CA GLU G 403 24.12 22.43 -24.14
C GLU G 403 22.71 22.75 -23.65
N VAL G 404 21.70 22.67 -24.52
CA VAL G 404 20.34 22.97 -24.09
C VAL G 404 19.85 21.95 -23.07
N ARG G 405 20.28 20.69 -23.21
CA ARG G 405 19.85 19.67 -22.28
C ARG G 405 20.36 19.91 -20.86
N GLN G 406 21.39 20.73 -20.70
CA GLN G 406 21.99 20.91 -19.38
C GLN G 406 21.22 21.90 -18.51
N ILE G 407 20.21 22.58 -19.06
CA ILE G 407 19.42 23.50 -18.26
C ILE G 407 18.53 22.75 -17.26
N ALA G 408 18.13 21.53 -17.59
CA ALA G 408 17.27 20.76 -16.70
C ALA G 408 17.98 20.53 -15.36
N PRO G 409 17.23 20.47 -14.26
CA PRO G 409 17.86 20.36 -12.94
C PRO G 409 18.64 19.06 -12.80
N GLY G 410 19.75 19.15 -12.07
CA GLY G 410 20.61 18.01 -11.82
C GLY G 410 21.70 17.78 -12.85
N GLN G 411 21.70 18.53 -13.95
CA GLN G 411 22.69 18.34 -15.00
C GLN G 411 24.03 18.95 -14.60
N THR G 412 25.10 18.37 -15.13
CA THR G 412 26.45 18.83 -14.86
C THR G 412 27.21 18.98 -16.18
N GLY G 413 28.14 19.92 -16.20
CA GLY G 413 28.91 20.16 -17.41
C GLY G 413 29.67 21.48 -17.31
N ASN G 414 30.09 21.98 -18.47
CA ASN G 414 30.83 23.23 -18.53
C ASN G 414 29.94 24.46 -18.48
N ILE G 415 28.63 24.28 -18.50
CA ILE G 415 27.70 25.39 -18.39
C ILE G 415 26.78 25.30 -17.18
N ALA G 416 26.53 24.11 -16.65
CA ALA G 416 25.70 23.96 -15.47
C ALA G 416 26.49 24.02 -14.18
N ASP G 417 27.78 24.30 -14.24
CA ASP G 417 28.61 24.44 -13.05
C ASP G 417 29.30 25.78 -12.94
N TYR G 418 29.63 26.43 -14.05
CA TYR G 418 30.34 27.69 -14.02
C TYR G 418 29.52 28.86 -14.57
N ASN G 419 28.36 28.60 -15.16
CA ASN G 419 27.59 29.65 -15.81
C ASN G 419 26.22 29.86 -15.20
N TYR G 420 25.43 28.80 -15.05
CA TYR G 420 24.06 28.93 -14.57
C TYR G 420 23.57 27.57 -14.12
N LYS G 421 23.17 27.45 -12.86
CA LYS G 421 22.72 26.19 -12.29
C LYS G 421 21.32 26.34 -11.72
N LEU G 422 20.45 25.35 -12.01
CA LEU G 422 19.10 25.35 -11.48
C LEU G 422 19.03 24.55 -10.17
N PRO G 423 18.19 24.96 -9.23
CA PRO G 423 18.08 24.22 -7.97
C PRO G 423 17.45 22.86 -8.19
N ASP G 424 17.76 21.94 -7.27
CA ASP G 424 17.24 20.59 -7.36
C ASP G 424 15.71 20.57 -7.25
N ASP G 425 15.16 21.35 -6.33
CA ASP G 425 13.72 21.46 -6.15
C ASP G 425 13.27 22.72 -6.90
N PHE G 426 12.86 22.53 -8.15
CA PHE G 426 12.55 23.63 -9.05
C PHE G 426 11.07 23.62 -9.41
N THR G 427 10.44 24.78 -9.30
CA THR G 427 9.04 24.97 -9.71
C THR G 427 9.01 26.03 -10.80
N GLY G 428 8.33 25.73 -11.90
CA GLY G 428 8.36 26.53 -13.10
C GLY G 428 8.86 25.71 -14.26
N CYS G 429 9.16 26.38 -15.37
CA CYS G 429 9.61 25.65 -16.54
C CYS G 429 10.29 26.56 -17.56
N VAL G 430 10.97 25.91 -18.51
CA VAL G 430 11.88 26.55 -19.44
C VAL G 430 11.29 26.50 -20.84
N ILE G 431 11.64 27.50 -21.64
CA ILE G 431 11.27 27.55 -23.05
C ILE G 431 12.53 27.83 -23.85
N ALA G 432 12.75 27.03 -24.90
CA ALA G 432 13.92 27.20 -25.75
C ALA G 432 13.54 27.02 -27.21
N TRP G 433 14.01 27.94 -28.05
CA TRP G 433 13.76 27.87 -29.49
C TRP G 433 15.04 28.21 -30.23
N ASN G 434 15.27 27.49 -31.33
CA ASN G 434 16.45 27.74 -32.16
C ASN G 434 16.24 29.01 -32.97
N SER G 435 17.16 29.95 -32.84
CA SER G 435 17.11 31.22 -33.57
C SER G 435 18.49 31.43 -34.20
N ASN G 436 18.69 30.85 -35.39
CA ASN G 436 19.91 31.06 -36.15
C ASN G 436 19.82 32.27 -37.08
N LYS G 437 18.65 32.91 -37.16
CA LYS G 437 18.49 34.03 -38.08
C LYS G 437 19.18 35.28 -37.56
N LEU G 438 19.05 35.56 -36.27
CA LEU G 438 19.45 36.86 -35.73
C LEU G 438 20.87 36.86 -35.17
N ASP G 439 21.13 36.00 -34.19
CA ASP G 439 22.40 36.05 -33.47
C ASP G 439 23.58 35.74 -34.40
N SER G 440 23.43 34.76 -35.28
CA SER G 440 24.49 34.46 -36.24
C SER G 440 24.65 35.60 -37.24
N LYS G 441 25.88 35.80 -37.69
CA LYS G 441 26.20 36.88 -38.61
C LYS G 441 27.08 36.36 -39.75
N VAL G 442 27.00 37.04 -40.89
CA VAL G 442 27.83 36.67 -42.04
C VAL G 442 29.31 36.89 -41.73
N SER G 443 29.63 38.05 -41.15
CA SER G 443 31.00 38.34 -40.75
C SER G 443 31.40 37.78 -39.40
N GLY G 444 30.46 37.20 -38.66
CA GLY G 444 30.77 36.63 -37.37
C GLY G 444 30.46 37.55 -36.21
N ASN G 445 29.62 37.09 -35.28
CA ASN G 445 29.26 37.84 -34.09
C ASN G 445 29.95 37.22 -32.89
N TYR G 446 30.62 38.04 -32.10
CA TYR G 446 31.41 37.59 -30.96
C TYR G 446 31.11 38.38 -29.71
N ASN G 447 29.84 38.75 -29.53
CA ASN G 447 29.42 39.45 -28.32
C ASN G 447 28.81 38.50 -27.29
N TYR G 448 28.80 37.20 -27.55
CA TYR G 448 28.32 36.21 -26.61
C TYR G 448 29.51 35.44 -26.04
N LEU G 449 29.57 35.35 -24.72
CA LEU G 449 30.73 34.79 -24.03
C LEU G 449 30.30 33.79 -22.98
N TYR G 450 31.23 32.94 -22.58
CA TYR G 450 31.00 31.93 -21.55
C TYR G 450 32.33 31.53 -20.95
N ARG G 451 32.28 30.97 -19.74
CA ARG G 451 33.49 30.68 -19.00
C ARG G 451 33.98 29.27 -19.27
N LEU G 452 35.30 29.10 -19.19
CA LEU G 452 35.96 27.81 -19.33
C LEU G 452 36.53 27.29 -18.03
N PHE G 453 37.12 28.16 -17.22
CA PHE G 453 37.77 27.78 -15.97
C PHE G 453 37.09 28.48 -14.80
N ARG G 454 37.14 27.83 -13.64
CA ARG G 454 36.68 28.45 -12.41
C ARG G 454 37.25 27.67 -11.24
N LYS G 455 37.42 28.35 -10.11
CA LYS G 455 38.00 27.70 -8.94
C LYS G 455 37.13 26.56 -8.45
N SER G 456 35.81 26.75 -8.43
CA SER G 456 34.90 25.72 -7.98
C SER G 456 33.54 25.96 -8.62
N ASN G 457 32.59 25.09 -8.30
CA ASN G 457 31.23 25.23 -8.81
C ASN G 457 30.55 26.43 -8.16
N LEU G 458 29.28 26.64 -8.51
CA LEU G 458 28.53 27.78 -7.99
C LEU G 458 27.16 27.33 -7.50
N LYS G 459 26.68 28.02 -6.47
CA LYS G 459 25.35 27.78 -5.94
C LYS G 459 24.30 28.20 -6.96
N PRO G 460 23.07 27.70 -6.84
CA PRO G 460 22.04 28.08 -7.82
C PRO G 460 21.81 29.58 -7.87
N PHE G 461 21.54 30.08 -9.07
CA PHE G 461 21.11 31.46 -9.32
C PHE G 461 22.18 32.48 -8.89
N GLU G 462 23.30 32.46 -9.62
CA GLU G 462 24.34 33.47 -9.47
C GLU G 462 24.41 34.34 -10.72
N ARG G 463 24.37 35.66 -10.53
CA ARG G 463 24.02 36.61 -11.59
C ARG G 463 24.91 37.86 -11.53
N ASP G 464 26.21 37.71 -11.33
CA ASP G 464 27.06 38.88 -11.21
C ASP G 464 28.25 38.80 -12.15
N ILE G 465 29.22 39.70 -12.02
CA ILE G 465 30.36 39.81 -12.92
C ILE G 465 31.65 39.62 -12.14
N SER G 466 32.60 38.89 -12.75
CA SER G 466 33.94 38.76 -12.16
C SER G 466 34.89 38.43 -13.31
N THR G 467 35.65 39.42 -13.76
CA THR G 467 36.51 39.28 -14.94
C THR G 467 37.99 39.18 -14.58
N GLU G 468 38.30 38.75 -13.37
CA GLU G 468 39.69 38.70 -12.92
C GLU G 468 40.42 37.55 -13.63
N ILE G 469 41.66 37.33 -13.23
CA ILE G 469 42.49 36.30 -13.87
C ILE G 469 42.38 35.01 -13.09
N TYR G 470 42.68 33.89 -13.75
CA TYR G 470 42.64 32.57 -13.15
C TYR G 470 43.97 31.88 -13.35
N GLN G 471 44.52 31.33 -12.27
CA GLN G 471 45.85 30.74 -12.26
C GLN G 471 45.74 29.22 -12.30
N ALA G 472 46.27 28.61 -13.37
CA ALA G 472 46.25 27.16 -13.47
C ALA G 472 47.24 26.51 -12.51
N GLY G 473 48.45 27.05 -12.43
CA GLY G 473 49.52 26.44 -11.65
C GLY G 473 49.59 26.98 -10.23
N ASN G 474 50.39 26.29 -9.42
CA ASN G 474 50.57 26.68 -8.03
C ASN G 474 51.33 27.99 -7.89
N LYS G 475 52.13 28.35 -8.87
CA LYS G 475 52.91 29.58 -8.81
C LYS G 475 51.99 30.77 -9.02
N PRO G 476 51.91 31.71 -8.08
CA PRO G 476 51.03 32.87 -8.27
C PRO G 476 51.49 33.73 -9.44
N CYS G 477 50.51 34.25 -10.18
CA CYS G 477 50.75 35.16 -11.28
C CYS G 477 49.78 36.33 -11.18
N ASN G 478 50.15 37.43 -11.81
CA ASN G 478 49.33 38.63 -11.80
C ASN G 478 49.69 39.49 -13.01
N GLY G 479 48.92 40.55 -13.21
CA GLY G 479 49.16 41.43 -14.33
C GLY G 479 48.37 41.06 -15.56
N VAL G 480 49.00 40.35 -16.49
CA VAL G 480 48.39 39.99 -17.76
C VAL G 480 48.55 38.50 -17.98
N ALA G 481 48.11 38.04 -19.15
CA ALA G 481 48.17 36.62 -19.50
C ALA G 481 49.61 36.16 -19.63
N GLY G 482 49.86 34.93 -19.19
CA GLY G 482 51.19 34.36 -19.24
C GLY G 482 51.15 32.83 -19.23
N PHE G 483 52.06 32.22 -18.49
CA PHE G 483 52.13 30.77 -18.39
C PHE G 483 51.39 30.31 -17.14
N ASN G 484 50.67 29.20 -17.27
CA ASN G 484 49.91 28.59 -16.18
C ASN G 484 48.84 29.52 -15.61
N CYS G 485 48.43 30.53 -16.37
CA CYS G 485 47.26 31.33 -16.02
C CYS G 485 46.78 32.06 -17.26
N TYR G 486 45.46 31.98 -17.50
CA TYR G 486 44.86 32.38 -18.77
C TYR G 486 43.65 33.27 -18.49
N PHE G 487 43.00 33.70 -19.55
CA PHE G 487 41.76 34.47 -19.41
C PHE G 487 40.59 33.50 -19.25
N PRO G 488 39.74 33.69 -18.23
CA PRO G 488 38.72 32.69 -17.92
C PRO G 488 37.46 32.79 -18.78
N LEU G 489 37.51 33.51 -19.90
CA LEU G 489 36.35 33.64 -20.75
C LEU G 489 36.71 33.28 -22.20
N ARG G 490 35.74 32.73 -22.90
CA ARG G 490 35.86 32.41 -24.31
C ARG G 490 34.61 32.90 -25.04
N SER G 491 34.78 33.30 -26.29
CA SER G 491 33.70 33.89 -27.07
C SER G 491 33.14 32.88 -28.06
N TYR G 492 31.82 32.80 -28.13
CA TYR G 492 31.16 31.98 -29.13
C TYR G 492 31.43 32.50 -30.54
N SER G 493 31.43 31.59 -31.50
CA SER G 493 31.56 31.91 -32.92
C SER G 493 30.36 31.32 -33.64
N PHE G 494 29.38 32.17 -33.96
CA PHE G 494 28.13 31.74 -34.58
C PHE G 494 28.14 32.17 -36.04
N ARG G 495 28.23 31.19 -36.94
CA ARG G 495 28.22 31.44 -38.38
C ARG G 495 27.12 30.63 -39.04
N PRO G 496 26.51 31.17 -40.10
CA PRO G 496 25.46 30.41 -40.80
C PRO G 496 25.96 29.13 -41.44
N THR G 497 27.26 29.02 -41.70
CA THR G 497 27.80 27.80 -42.29
C THR G 497 27.70 26.62 -41.35
N TYR G 498 27.77 26.86 -40.04
CA TYR G 498 27.69 25.78 -39.07
C TYR G 498 26.31 25.15 -39.10
N GLY G 499 26.27 23.82 -38.92
CA GLY G 499 25.02 23.09 -38.91
C GLY G 499 24.36 23.11 -37.54
N VAL G 500 23.33 22.27 -37.41
CA VAL G 500 22.64 22.14 -36.14
C VAL G 500 23.57 21.55 -35.09
N GLY G 501 23.33 21.89 -33.83
CA GLY G 501 24.22 21.54 -32.76
C GLY G 501 25.27 22.58 -32.45
N HIS G 502 25.42 23.59 -33.30
CA HIS G 502 26.30 24.72 -33.03
C HIS G 502 25.62 26.06 -33.20
N GLN G 503 24.37 26.09 -33.64
CA GLN G 503 23.63 27.33 -33.83
C GLN G 503 23.18 27.90 -32.48
N PRO G 504 23.03 29.21 -32.38
CA PRO G 504 22.55 29.81 -31.13
C PRO G 504 21.12 29.40 -30.83
N TYR G 505 20.81 29.31 -29.53
CA TYR G 505 19.49 28.92 -29.06
C TYR G 505 19.04 29.90 -27.99
N ARG G 506 18.07 30.74 -28.31
CA ARG G 506 17.52 31.65 -27.32
C ARG G 506 16.75 30.86 -26.28
N VAL G 507 17.01 31.12 -25.01
CA VAL G 507 16.42 30.38 -23.90
C VAL G 507 15.82 31.36 -22.91
N VAL G 508 14.65 31.03 -22.40
CA VAL G 508 14.00 31.80 -21.34
C VAL G 508 13.47 30.82 -20.30
N VAL G 509 13.67 31.15 -19.02
CA VAL G 509 13.31 30.29 -17.90
C VAL G 509 12.33 31.03 -17.01
N LEU G 510 11.22 30.38 -16.68
CA LEU G 510 10.18 30.95 -15.83
C LEU G 510 10.19 30.21 -14.50
N SER G 511 10.36 30.96 -13.40
CA SER G 511 10.38 30.39 -12.06
C SER G 511 9.46 31.20 -11.18
N PHE G 512 8.73 30.52 -10.30
CA PHE G 512 7.65 31.14 -9.54
C PHE G 512 7.14 30.18 -8.47
N GLU G 513 6.79 30.75 -7.31
CA GLU G 513 6.26 29.98 -6.19
C GLU G 513 4.76 29.77 -6.37
N LEU G 514 4.08 29.28 -5.34
CA LEU G 514 2.67 28.91 -5.50
C LEU G 514 1.93 29.15 -4.18
N LEU G 515 1.15 30.23 -4.15
CA LEU G 515 0.04 30.41 -3.22
C LEU G 515 0.46 30.28 -1.76
N HIS G 516 1.27 31.23 -1.31
CA HIS G 516 1.55 31.38 0.12
C HIS G 516 1.55 32.82 0.60
N ALA G 517 1.79 33.79 -0.28
CA ALA G 517 1.79 35.20 0.06
C ALA G 517 0.67 35.89 -0.70
N PRO G 518 0.34 37.14 -0.36
CA PRO G 518 -0.66 37.87 -1.18
C PRO G 518 -0.26 37.92 -2.65
N ALA G 519 -1.07 37.29 -3.49
CA ALA G 519 -0.73 37.14 -4.90
C ALA G 519 -0.81 38.47 -5.64
N THR G 520 0.03 38.60 -6.66
CA THR G 520 0.00 39.76 -7.56
C THR G 520 -0.30 39.36 -8.99
N VAL G 521 0.42 38.40 -9.55
CA VAL G 521 0.14 37.91 -10.89
C VAL G 521 -1.01 36.91 -10.81
N CYS G 522 -2.01 37.11 -11.66
CA CYS G 522 -3.22 36.28 -11.63
C CYS G 522 -3.69 36.02 -13.06
N GLY G 523 -4.53 35.00 -13.18
CA GLY G 523 -5.09 34.63 -14.46
C GLY G 523 -6.27 35.49 -14.84
N PRO G 524 -6.68 35.38 -16.11
CA PRO G 524 -7.82 36.17 -16.63
C PRO G 524 -9.19 35.58 -16.29
N LYS G 525 -9.67 35.88 -15.08
CA LYS G 525 -10.99 35.45 -14.67
C LYS G 525 -11.72 36.61 -13.99
N LYS G 526 -13.04 36.57 -14.07
CA LYS G 526 -13.89 37.64 -13.56
C LYS G 526 -14.41 37.28 -12.18
N SER G 527 -14.25 38.19 -11.23
CA SER G 527 -14.78 38.00 -9.89
C SER G 527 -16.26 38.33 -9.86
N THR G 528 -16.94 37.81 -8.85
CA THR G 528 -18.36 38.03 -8.65
C THR G 528 -18.60 38.64 -7.26
N ASN G 529 -19.87 38.77 -6.90
CA ASN G 529 -20.22 39.31 -5.60
C ASN G 529 -20.05 38.26 -4.51
N LEU G 530 -19.76 38.73 -3.30
CA LEU G 530 -19.62 37.84 -2.15
C LEU G 530 -20.98 37.53 -1.56
N VAL G 531 -21.18 36.27 -1.18
CA VAL G 531 -22.41 35.82 -0.53
C VAL G 531 -22.04 35.29 0.85
N LYS G 532 -22.71 35.78 1.87
CA LYS G 532 -22.38 35.49 3.26
C LYS G 532 -23.48 34.65 3.91
N ASN G 533 -23.07 33.71 4.76
CA ASN G 533 -23.99 32.87 5.52
C ASN G 533 -24.88 32.03 4.60
N LYS G 534 -24.24 31.32 3.67
CA LYS G 534 -24.95 30.40 2.79
C LYS G 534 -23.94 29.40 2.24
N CYS G 535 -24.37 28.15 2.09
CA CYS G 535 -23.50 27.11 1.56
C CYS G 535 -23.23 27.38 0.08
N VAL G 536 -22.02 27.82 -0.22
CA VAL G 536 -21.63 28.21 -1.56
C VAL G 536 -20.36 27.46 -1.95
N ASN G 537 -19.86 27.74 -3.15
CA ASN G 537 -18.65 27.11 -3.69
C ASN G 537 -17.64 28.23 -3.96
N PHE G 538 -16.87 28.60 -2.94
CA PHE G 538 -16.00 29.75 -3.05
C PHE G 538 -14.75 29.43 -3.86
N ASN G 539 -14.06 30.50 -4.27
CA ASN G 539 -12.80 30.36 -5.00
C ASN G 539 -12.01 31.65 -4.78
N PHE G 540 -11.04 31.62 -3.87
CA PHE G 540 -10.19 32.76 -3.55
C PHE G 540 -8.78 32.46 -4.05
N ASN G 541 -8.43 33.04 -5.20
CA ASN G 541 -7.08 32.90 -5.76
C ASN G 541 -6.67 31.44 -5.90
N GLY G 542 -7.59 30.61 -6.39
CA GLY G 542 -7.30 29.21 -6.61
C GLY G 542 -7.53 28.30 -5.43
N LEU G 543 -7.95 28.83 -4.28
CA LEU G 543 -8.25 28.01 -3.11
C LEU G 543 -9.72 27.59 -3.19
N LYS G 544 -9.96 26.51 -3.92
CA LYS G 544 -11.31 25.99 -4.07
C LYS G 544 -11.75 25.27 -2.80
N GLY G 545 -13.05 25.23 -2.58
CA GLY G 545 -13.58 24.61 -1.38
C GLY G 545 -15.09 24.63 -1.40
N THR G 546 -15.68 24.38 -0.23
CA THR G 546 -17.13 24.35 -0.09
C THR G 546 -17.47 24.60 1.36
N GLY G 547 -18.34 25.58 1.62
CA GLY G 547 -18.73 25.87 2.98
C GLY G 547 -19.48 27.19 3.06
N VAL G 548 -19.70 27.63 4.29
CA VAL G 548 -20.37 28.91 4.54
C VAL G 548 -19.35 29.89 5.10
N LEU G 549 -19.50 31.16 4.72
CA LEU G 549 -18.57 32.21 5.07
C LEU G 549 -19.21 33.19 6.02
N THR G 550 -18.47 33.60 7.05
CA THR G 550 -18.96 34.51 8.07
C THR G 550 -17.88 35.55 8.33
N GLU G 551 -18.06 36.31 9.41
CA GLU G 551 -17.09 37.31 9.84
C GLU G 551 -16.46 36.88 11.17
N SER G 552 -15.15 37.10 11.30
CA SER G 552 -14.43 36.74 12.50
C SER G 552 -13.53 37.90 12.92
N ASN G 553 -13.17 37.91 14.20
CA ASN G 553 -12.39 38.99 14.78
C ASN G 553 -10.88 38.70 14.80
N LYS G 554 -10.45 37.60 14.19
CA LYS G 554 -9.04 37.25 14.20
C LYS G 554 -8.21 38.30 13.47
N LYS G 555 -7.10 38.70 14.08
CA LYS G 555 -6.27 39.78 13.56
C LYS G 555 -5.16 39.21 12.70
N PHE G 556 -5.11 39.63 11.44
CA PHE G 556 -4.11 39.17 10.49
C PHE G 556 -3.08 40.27 10.28
N LEU G 557 -1.80 39.92 10.42
CA LEU G 557 -0.74 40.87 10.12
C LEU G 557 -0.68 41.11 8.62
N PRO G 558 -0.11 42.25 8.20
CA PRO G 558 -0.14 42.59 6.76
C PRO G 558 0.45 41.54 5.84
N PHE G 559 1.35 40.69 6.34
CA PHE G 559 2.01 39.70 5.50
C PHE G 559 1.33 38.33 5.53
N GLN G 560 0.18 38.22 6.17
CA GLN G 560 -0.55 36.97 6.27
C GLN G 560 -1.85 37.05 5.48
N GLN G 561 -2.20 35.95 4.81
CA GLN G 561 -3.43 35.92 4.03
C GLN G 561 -4.30 34.71 4.38
N PHE G 562 -3.68 33.63 4.82
CA PHE G 562 -4.39 32.39 5.10
C PHE G 562 -4.26 32.02 6.56
N GLY G 563 -5.25 31.29 7.05
CA GLY G 563 -5.22 30.76 8.41
C GLY G 563 -5.24 29.25 8.38
N ARG G 564 -4.74 28.60 9.44
CA ARG G 564 -4.68 27.15 9.48
C ARG G 564 -5.03 26.68 10.88
N ASP G 565 -5.31 25.37 10.98
CA ASP G 565 -5.63 24.77 12.27
C ASP G 565 -4.78 23.53 12.51
N ILE G 566 -5.13 22.75 13.53
CA ILE G 566 -4.30 21.62 13.94
C ILE G 566 -4.16 20.60 12.81
N ALA G 567 -5.26 20.30 12.13
CA ALA G 567 -5.21 19.38 11.00
C ALA G 567 -4.53 19.97 9.78
N ASP G 568 -4.10 21.23 9.85
CA ASP G 568 -3.41 21.92 8.76
C ASP G 568 -4.29 22.01 7.52
N THR G 569 -5.48 22.58 7.70
CA THR G 569 -6.39 22.88 6.61
C THR G 569 -6.85 24.32 6.74
N THR G 570 -7.14 24.94 5.60
CA THR G 570 -7.50 26.36 5.60
C THR G 570 -8.86 26.57 6.24
N ASP G 571 -8.93 27.51 7.19
CA ASP G 571 -10.20 27.82 7.83
C ASP G 571 -10.38 29.32 8.08
N ALA G 572 -9.60 30.16 7.43
CA ALA G 572 -9.78 31.61 7.52
C ALA G 572 -9.02 32.25 6.37
N VAL G 573 -9.72 33.04 5.56
CA VAL G 573 -9.11 33.70 4.41
C VAL G 573 -9.44 35.18 4.47
N ARG G 574 -8.68 35.96 3.69
CA ARG G 574 -8.90 37.39 3.57
C ARG G 574 -9.41 37.69 2.16
N ASP G 575 -10.54 38.40 2.08
CA ASP G 575 -11.09 38.77 0.79
C ASP G 575 -10.12 39.70 0.07
N PRO G 576 -9.71 39.38 -1.15
CA PRO G 576 -8.72 40.23 -1.82
C PRO G 576 -9.15 41.67 -2.05
N GLN G 577 -10.21 41.90 -2.84
CA GLN G 577 -10.68 43.22 -3.28
C GLN G 577 -10.71 44.07 -2.01
N THR G 578 -11.57 43.71 -1.06
CA THR G 578 -11.70 44.43 0.19
C THR G 578 -11.25 43.56 1.35
N LEU G 579 -10.51 44.17 2.29
CA LEU G 579 -9.57 43.45 3.14
C LEU G 579 -10.18 42.97 4.46
N GLU G 580 -11.47 42.66 4.51
CA GLU G 580 -11.97 42.08 5.75
C GLU G 580 -11.61 40.59 5.81
N ILE G 581 -11.71 40.04 7.02
CA ILE G 581 -11.32 38.65 7.28
C ILE G 581 -12.58 37.81 7.43
N LEU G 582 -12.65 36.73 6.66
CA LEU G 582 -13.76 35.79 6.72
C LEU G 582 -13.32 34.51 7.42
N ASP G 583 -14.30 33.74 7.89
CA ASP G 583 -14.07 32.50 8.61
C ASP G 583 -14.81 31.38 7.92
N ILE G 584 -14.09 30.33 7.55
CA ILE G 584 -14.63 29.24 6.75
C ILE G 584 -15.00 28.09 7.67
N THR G 585 -16.23 27.61 7.57
CA THR G 585 -16.71 26.46 8.30
C THR G 585 -17.59 25.63 7.37
N PRO G 586 -17.56 24.30 7.49
CA PRO G 586 -18.27 23.47 6.52
C PRO G 586 -19.78 23.50 6.70
N CYS G 587 -20.49 22.82 5.80
CA CYS G 587 -21.94 22.77 5.84
C CYS G 587 -22.37 21.85 6.98
N SER G 588 -23.68 21.62 7.09
CA SER G 588 -24.23 20.80 8.16
C SER G 588 -24.37 19.36 7.70
N PHE G 589 -23.82 18.43 8.47
CA PHE G 589 -23.87 17.01 8.17
C PHE G 589 -24.17 16.26 9.45
N GLY G 590 -24.44 14.95 9.29
CA GLY G 590 -24.83 14.15 10.43
C GLY G 590 -24.93 12.67 10.14
N GLY G 591 -26.00 12.04 10.62
CA GLY G 591 -26.24 10.64 10.36
C GLY G 591 -27.72 10.36 10.44
N VAL G 592 -28.13 9.28 9.78
CA VAL G 592 -29.54 8.89 9.72
C VAL G 592 -29.65 7.42 10.07
N SER G 593 -30.52 7.10 11.03
CA SER G 593 -30.81 5.74 11.44
C SER G 593 -32.31 5.53 11.38
N VAL G 594 -32.74 4.37 10.91
CA VAL G 594 -34.16 4.07 10.75
C VAL G 594 -34.56 3.02 11.78
N ILE G 595 -35.74 3.20 12.37
CA ILE G 595 -36.30 2.28 13.35
C ILE G 595 -37.39 1.48 12.66
N THR G 596 -37.18 0.16 12.54
CA THR G 596 -38.16 -0.63 11.84
C THR G 596 -38.49 -1.92 12.59
N PRO G 597 -39.77 -2.28 12.68
CA PRO G 597 -40.12 -3.66 13.02
C PRO G 597 -39.84 -4.55 11.82
N GLY G 598 -40.04 -5.86 11.95
CA GLY G 598 -39.72 -6.75 10.85
C GLY G 598 -40.53 -6.44 9.61
N THR G 599 -39.91 -6.65 8.45
CA THR G 599 -40.65 -6.53 7.20
C THR G 599 -41.80 -7.52 7.15
N ASN G 600 -41.66 -8.67 7.82
CA ASN G 600 -42.78 -9.58 7.97
C ASN G 600 -43.95 -8.91 8.69
N THR G 601 -43.66 -8.02 9.62
CA THR G 601 -44.68 -7.22 10.29
C THR G 601 -44.89 -5.97 9.41
N SER G 602 -45.58 -4.96 9.92
CA SER G 602 -45.92 -3.79 9.11
C SER G 602 -44.66 -3.10 8.60
N ASN G 603 -44.87 -2.17 7.66
CA ASN G 603 -43.78 -1.49 6.98
C ASN G 603 -43.58 -0.06 7.45
N GLN G 604 -44.16 0.33 8.57
CA GLN G 604 -43.91 1.65 9.13
C GLN G 604 -42.49 1.72 9.68
N VAL G 605 -41.93 2.93 9.69
CA VAL G 605 -40.57 3.17 10.16
C VAL G 605 -40.55 4.47 10.95
N ALA G 606 -39.37 4.85 11.42
CA ALA G 606 -39.16 6.10 12.14
C ALA G 606 -37.68 6.44 12.07
N VAL G 607 -37.36 7.60 11.52
CA VAL G 607 -35.96 7.97 11.29
C VAL G 607 -35.44 8.75 12.48
N LEU G 608 -34.13 8.69 12.67
CA LEU G 608 -33.44 9.39 13.74
C LEU G 608 -32.31 10.21 13.13
N TYR G 609 -32.23 11.49 13.52
CA TYR G 609 -31.17 12.38 13.05
C TYR G 609 -30.19 12.57 14.19
N GLN G 610 -29.03 11.93 14.09
CA GLN G 610 -28.14 11.80 15.23
C GLN G 610 -27.48 13.13 15.59
N GLY G 611 -27.58 13.50 16.86
CA GLY G 611 -26.83 14.62 17.40
C GLY G 611 -27.06 15.95 16.74
N VAL G 612 -28.32 16.33 16.51
CA VAL G 612 -28.65 17.61 15.92
C VAL G 612 -29.82 18.21 16.68
N ASN G 613 -29.76 19.53 16.89
CA ASN G 613 -30.93 20.25 17.37
C ASN G 613 -32.07 20.05 16.38
N CYS G 614 -33.27 19.84 16.91
CA CYS G 614 -34.33 19.33 16.04
C CYS G 614 -34.89 20.41 15.12
N THR G 615 -34.55 21.67 15.35
CA THR G 615 -35.00 22.76 14.49
C THR G 615 -34.03 23.04 13.34
N GLU G 616 -32.97 22.25 13.21
CA GLU G 616 -32.00 22.48 12.14
C GLU G 616 -32.45 21.85 10.82
N VAL G 617 -33.03 20.65 10.87
CA VAL G 617 -33.42 19.93 9.66
C VAL G 617 -34.67 20.52 9.00
N PRO G 618 -35.66 21.09 9.70
CA PRO G 618 -36.79 21.69 8.98
C PRO G 618 -36.38 22.81 8.05
N VAL G 619 -35.32 23.55 8.41
CA VAL G 619 -34.82 24.61 7.55
C VAL G 619 -34.27 24.02 6.24
N ALA G 620 -33.66 22.85 6.32
CA ALA G 620 -33.07 22.22 5.14
C ALA G 620 -34.12 21.64 4.19
N ILE G 621 -35.40 21.64 4.59
CA ILE G 621 -36.46 21.09 3.75
C ILE G 621 -36.57 21.90 2.46
N HIS G 622 -36.27 21.25 1.33
CA HIS G 622 -36.35 21.87 0.01
C HIS G 622 -36.16 20.76 -1.01
N ALA G 623 -36.06 21.13 -2.28
CA ALA G 623 -35.75 20.20 -3.36
C ALA G 623 -34.30 20.38 -3.77
N ASP G 624 -33.58 19.27 -3.93
CA ASP G 624 -32.18 19.28 -4.35
C ASP G 624 -31.31 20.09 -3.39
N GLN G 625 -31.53 19.87 -2.09
CA GLN G 625 -30.67 20.47 -1.06
C GLN G 625 -30.16 19.40 -0.11
N LEU G 626 -30.91 18.31 0.04
CA LEU G 626 -30.53 17.23 0.93
C LEU G 626 -30.16 15.99 0.13
N THR G 627 -29.16 15.27 0.61
CA THR G 627 -28.78 14.01 -0.04
C THR G 627 -29.89 12.96 0.00
N PRO G 628 -30.55 12.69 1.14
CA PRO G 628 -31.75 11.85 1.07
C PRO G 628 -32.90 12.63 0.46
N THR G 629 -33.64 11.97 -0.42
CA THR G 629 -34.75 12.61 -1.13
C THR G 629 -36.10 12.36 -0.47
N TRP G 630 -36.14 11.70 0.68
CA TRP G 630 -37.40 11.42 1.36
C TRP G 630 -37.79 12.54 2.32
N ARG G 631 -37.74 13.77 1.83
CA ARG G 631 -37.98 14.95 2.66
C ARG G 631 -39.38 14.97 3.27
N VAL G 632 -40.27 14.09 2.82
CA VAL G 632 -41.64 14.09 3.34
C VAL G 632 -41.67 13.75 4.82
N TYR G 633 -40.76 12.89 5.28
CA TYR G 633 -40.75 12.51 6.69
C TYR G 633 -40.37 13.70 7.58
N SER G 634 -39.58 14.64 7.07
CA SER G 634 -39.20 15.80 7.86
C SER G 634 -40.43 16.60 8.27
N THR G 635 -41.39 16.77 7.36
CA THR G 635 -42.70 17.30 7.70
C THR G 635 -43.66 16.12 7.89
N GLY G 636 -43.39 15.35 8.95
CA GLY G 636 -44.15 14.15 9.21
C GLY G 636 -44.88 14.15 10.54
N SER G 637 -44.72 13.08 11.30
CA SER G 637 -45.43 12.93 12.57
C SER G 637 -44.79 13.81 13.63
N ASN G 638 -45.27 13.70 14.87
CA ASN G 638 -44.77 14.55 15.94
C ASN G 638 -43.31 14.24 16.22
N VAL G 639 -42.53 15.31 16.43
CA VAL G 639 -41.09 15.20 16.63
C VAL G 639 -40.80 15.22 18.13
N PHE G 640 -40.05 14.23 18.59
CA PHE G 640 -39.65 14.11 19.98
C PHE G 640 -38.15 14.25 20.06
N GLN G 641 -37.68 15.18 20.88
CA GLN G 641 -36.26 15.52 20.98
C GLN G 641 -35.61 14.75 22.13
N THR G 642 -34.49 14.11 21.84
CA THR G 642 -33.71 13.36 22.82
C THR G 642 -32.26 13.83 22.77
N ARG G 643 -31.43 13.24 23.64
CA ARG G 643 -30.03 13.62 23.71
C ARG G 643 -29.23 13.15 22.50
N ALA G 644 -29.74 12.17 21.75
CA ALA G 644 -29.05 11.66 20.57
C ALA G 644 -29.63 12.20 19.28
N GLY G 645 -30.49 13.20 19.34
CA GLY G 645 -31.23 13.69 18.19
C GLY G 645 -32.72 13.43 18.35
N CYS G 646 -33.48 14.08 17.47
CA CYS G 646 -34.93 14.04 17.61
C CYS G 646 -35.52 12.97 16.70
N LEU G 647 -36.24 12.03 17.32
CA LEU G 647 -36.95 11.00 16.58
C LEU G 647 -38.13 11.62 15.83
N ILE G 648 -38.31 11.21 14.59
CA ILE G 648 -39.43 11.66 13.77
C ILE G 648 -40.22 10.44 13.32
N GLY G 649 -41.51 10.43 13.61
CA GLY G 649 -42.37 9.31 13.27
C GLY G 649 -42.84 8.48 14.44
N ALA G 650 -42.53 8.87 15.67
CA ALA G 650 -42.93 8.12 16.85
C ALA G 650 -43.47 9.08 17.90
N GLU G 651 -44.34 8.56 18.76
CA GLU G 651 -44.99 9.35 19.81
C GLU G 651 -44.46 8.95 21.18
N TYR G 652 -44.40 9.92 22.08
CA TYR G 652 -43.81 9.73 23.40
C TYR G 652 -44.91 9.46 24.41
N VAL G 653 -45.03 8.19 24.81
CA VAL G 653 -46.00 7.79 25.82
C VAL G 653 -45.43 8.04 27.21
N ASN G 654 -46.26 7.93 28.24
CA ASN G 654 -45.84 8.15 29.61
C ASN G 654 -45.45 6.85 30.33
N ASN G 655 -46.35 5.87 30.34
CA ASN G 655 -46.07 4.61 31.01
C ASN G 655 -44.90 3.91 30.35
N SER G 656 -44.13 3.18 31.16
CA SER G 656 -42.88 2.58 30.72
C SER G 656 -43.00 1.06 30.65
N TYR G 657 -42.30 0.48 29.68
CA TYR G 657 -42.23 -0.96 29.54
C TYR G 657 -40.77 -1.40 29.49
N GLU G 658 -40.53 -2.67 29.15
CA GLU G 658 -39.17 -3.13 28.92
C GLU G 658 -38.64 -2.59 27.60
N CYS G 659 -37.31 -2.54 27.49
CA CYS G 659 -36.69 -2.02 26.28
C CYS G 659 -36.81 -3.01 25.14
N ASP G 660 -37.19 -2.51 23.96
CA ASP G 660 -37.35 -3.32 22.76
C ASP G 660 -36.32 -2.97 21.70
N ILE G 661 -36.28 -1.71 21.27
CA ILE G 661 -35.28 -1.21 20.34
C ILE G 661 -34.50 -0.12 21.07
N PRO G 662 -33.24 -0.33 21.41
CA PRO G 662 -32.50 0.67 22.20
C PRO G 662 -32.14 1.88 21.35
N ILE G 663 -32.68 3.04 21.74
CA ILE G 663 -32.46 4.28 21.02
C ILE G 663 -31.20 4.96 21.52
N GLY G 664 -31.15 5.28 22.80
CA GLY G 664 -29.98 5.90 23.38
C GLY G 664 -30.37 6.88 24.47
N ALA G 665 -29.50 6.96 25.49
CA ALA G 665 -29.69 7.87 26.62
C ALA G 665 -31.00 7.60 27.35
N GLY G 666 -31.33 6.32 27.54
CA GLY G 666 -32.48 5.95 28.33
C GLY G 666 -33.81 5.97 27.61
N ILE G 667 -33.81 5.81 26.29
CA ILE G 667 -35.04 5.81 25.50
C ILE G 667 -35.07 4.54 24.66
N CYS G 668 -36.23 3.90 24.59
CA CYS G 668 -36.40 2.71 23.77
C CYS G 668 -37.71 2.82 22.99
N ALA G 669 -37.68 2.37 21.74
CA ALA G 669 -38.83 2.38 20.86
C ALA G 669 -39.41 0.98 20.72
N SER G 670 -40.69 0.92 20.36
CA SER G 670 -41.39 -0.35 20.27
C SER G 670 -42.57 -0.20 19.34
N TYR G 671 -43.24 -1.32 19.07
CA TYR G 671 -44.38 -1.39 18.16
C TYR G 671 -45.59 -1.87 18.96
N GLN G 672 -46.46 -0.95 19.35
CA GLN G 672 -47.60 -1.26 20.21
C GLN G 672 -48.91 -0.95 19.49
N THR G 673 -50.00 -1.14 20.21
CA THR G 673 -51.35 -0.93 19.67
C THR G 673 -51.78 0.51 19.83
N SER G 686 -54.78 0.22 13.96
CA SER G 686 -54.64 0.56 15.37
C SER G 686 -53.23 0.25 15.88
N GLN G 687 -52.24 0.43 15.00
CA GLN G 687 -50.86 0.16 15.34
C GLN G 687 -49.98 1.34 14.94
N SER G 688 -48.95 1.60 15.75
CA SER G 688 -48.02 2.69 15.48
C SER G 688 -46.74 2.43 16.25
N ILE G 689 -45.73 3.25 15.98
CA ILE G 689 -44.44 3.17 16.64
C ILE G 689 -44.39 4.20 17.75
N ILE G 690 -44.07 3.75 18.96
CA ILE G 690 -44.05 4.62 20.13
C ILE G 690 -42.64 4.62 20.72
N ALA G 691 -42.31 5.71 21.40
CA ALA G 691 -41.02 5.85 22.07
C ALA G 691 -41.28 6.19 23.53
N TYR G 692 -40.58 5.51 24.42
CA TYR G 692 -40.82 5.64 25.86
C TYR G 692 -39.47 5.64 26.58
N THR G 693 -39.52 5.47 27.89
CA THR G 693 -38.34 5.42 28.73
C THR G 693 -38.21 4.02 29.34
N MET G 694 -36.98 3.56 29.50
CA MET G 694 -36.75 2.24 30.06
C MET G 694 -37.37 2.10 31.45
N SER G 695 -37.75 0.87 31.79
CA SER G 695 -38.19 0.52 33.13
C SER G 695 -37.15 -0.39 33.76
N LEU G 696 -36.66 -0.01 34.94
CA LEU G 696 -35.60 -0.77 35.58
C LEU G 696 -36.11 -2.06 36.19
N GLY G 697 -37.41 -2.22 36.33
CA GLY G 697 -37.99 -3.39 36.96
C GLY G 697 -39.04 -3.01 37.99
N ALA G 698 -39.73 -4.05 38.47
CA ALA G 698 -40.80 -3.85 39.43
C ALA G 698 -40.25 -3.36 40.77
N GLU G 699 -40.78 -2.24 41.25
CA GLU G 699 -40.34 -1.69 42.52
C GLU G 699 -40.79 -2.59 43.67
N ASN G 700 -39.94 -2.70 44.69
CA ASN G 700 -40.24 -3.47 45.88
C ASN G 700 -39.66 -2.74 47.09
N SER G 701 -40.30 -2.94 48.24
CA SER G 701 -39.83 -2.37 49.49
C SER G 701 -39.75 -3.49 50.53
N VAL G 702 -38.62 -3.57 51.22
CA VAL G 702 -38.39 -4.60 52.22
C VAL G 702 -38.66 -3.99 53.60
N ALA G 703 -39.61 -4.57 54.33
CA ALA G 703 -39.99 -4.07 55.65
C ALA G 703 -38.92 -4.49 56.64
N TYR G 704 -37.88 -3.68 56.77
CA TYR G 704 -36.79 -3.98 57.67
C TYR G 704 -37.12 -3.49 59.07
N SER G 705 -37.06 -4.40 60.04
CA SER G 705 -37.17 -4.07 61.45
C SER G 705 -36.10 -4.84 62.19
N ASN G 706 -35.73 -4.34 63.36
CA ASN G 706 -34.57 -4.87 64.06
C ASN G 706 -34.87 -6.08 64.92
N ASN G 707 -36.11 -6.58 64.94
CA ASN G 707 -36.40 -7.80 65.66
C ASN G 707 -37.38 -8.69 64.90
N SER G 708 -37.35 -8.67 63.58
CA SER G 708 -38.27 -9.47 62.78
C SER G 708 -37.52 -10.15 61.64
N ILE G 709 -37.76 -11.45 61.48
CA ILE G 709 -37.08 -12.26 60.47
C ILE G 709 -38.12 -13.03 59.67
N ALA G 710 -37.71 -13.50 58.50
CA ALA G 710 -38.56 -14.27 57.61
C ALA G 710 -37.87 -15.59 57.27
N ILE G 711 -38.60 -16.69 57.40
CA ILE G 711 -38.07 -18.03 57.16
C ILE G 711 -38.95 -18.69 56.10
N PRO G 712 -38.38 -19.26 55.04
CA PRO G 712 -39.20 -19.95 54.05
C PRO G 712 -39.69 -21.29 54.57
N THR G 713 -40.94 -21.62 54.24
CA THR G 713 -41.56 -22.86 54.71
C THR G 713 -41.75 -23.88 53.60
N ASN G 714 -41.17 -23.64 52.42
CA ASN G 714 -41.29 -24.56 51.30
C ASN G 714 -40.19 -24.23 50.31
N PHE G 715 -39.96 -25.14 49.36
CA PHE G 715 -38.94 -24.91 48.36
C PHE G 715 -39.46 -25.21 46.95
N THR G 716 -38.56 -25.19 45.97
CA THR G 716 -38.88 -25.62 44.63
C THR G 716 -37.58 -25.97 43.92
N ILE G 717 -37.70 -26.76 42.86
CA ILE G 717 -36.56 -27.22 42.08
C ILE G 717 -36.77 -26.79 40.64
N SER G 718 -35.78 -26.11 40.07
CA SER G 718 -35.88 -25.59 38.72
C SER G 718 -34.63 -25.95 37.94
N VAL G 719 -34.78 -26.10 36.63
CA VAL G 719 -33.69 -26.46 35.73
C VAL G 719 -33.49 -25.31 34.75
N THR G 720 -32.25 -24.83 34.66
CA THR G 720 -31.91 -23.68 33.84
C THR G 720 -30.89 -24.09 32.79
N THR G 721 -31.12 -23.69 31.54
CA THR G 721 -30.22 -24.03 30.47
C THR G 721 -29.13 -22.97 30.32
N GLU G 722 -28.10 -23.30 29.55
CA GLU G 722 -26.97 -22.39 29.32
C GLU G 722 -26.17 -22.88 28.13
N ILE G 723 -25.82 -21.97 27.23
CA ILE G 723 -25.17 -22.30 25.96
C ILE G 723 -23.83 -21.59 25.90
N LEU G 724 -22.79 -22.32 25.46
CA LEU G 724 -21.45 -21.76 25.35
C LEU G 724 -20.76 -22.27 24.08
N PRO G 725 -20.24 -21.38 23.23
CA PRO G 725 -19.42 -21.83 22.11
C PRO G 725 -18.10 -22.42 22.59
N VAL G 726 -17.58 -23.36 21.80
CA VAL G 726 -16.34 -24.03 22.16
C VAL G 726 -15.31 -23.95 21.03
N SER G 727 -15.78 -23.87 19.79
CA SER G 727 -14.87 -23.87 18.66
C SER G 727 -15.57 -23.30 17.43
N MET G 728 -14.78 -22.96 16.42
CA MET G 728 -15.30 -22.44 15.17
C MET G 728 -14.69 -23.21 14.01
N THR G 729 -15.21 -22.96 12.81
CA THR G 729 -14.84 -23.75 11.65
C THR G 729 -13.39 -23.53 11.27
N LYS G 730 -12.69 -24.62 10.98
CA LYS G 730 -11.34 -24.53 10.44
C LYS G 730 -11.39 -24.11 8.98
N THR G 731 -10.31 -23.50 8.51
CA THR G 731 -10.27 -22.99 7.15
C THR G 731 -8.83 -22.92 6.68
N SER G 732 -8.67 -22.80 5.36
CA SER G 732 -7.35 -22.69 4.76
C SER G 732 -7.49 -21.95 3.44
N VAL G 733 -6.45 -21.19 3.08
CA VAL G 733 -6.48 -20.33 1.91
C VAL G 733 -5.28 -20.64 1.03
N ASP G 734 -5.52 -20.68 -0.28
CA ASP G 734 -4.45 -20.84 -1.26
C ASP G 734 -4.00 -19.45 -1.71
N CYS G 735 -2.83 -19.02 -1.23
CA CYS G 735 -2.36 -17.67 -1.53
C CYS G 735 -2.12 -17.48 -3.02
N THR G 736 -1.52 -18.47 -3.68
CA THR G 736 -1.08 -18.26 -5.06
C THR G 736 -2.24 -18.25 -6.04
N MET G 737 -3.36 -18.88 -5.70
CA MET G 737 -4.46 -19.02 -6.64
C MET G 737 -5.61 -18.05 -6.39
N TYR G 738 -5.76 -17.56 -5.15
CA TYR G 738 -6.74 -16.51 -4.90
C TYR G 738 -6.35 -15.23 -5.63
N ILE G 739 -5.07 -14.88 -5.62
CA ILE G 739 -4.64 -13.58 -6.13
C ILE G 739 -4.45 -13.61 -7.63
N CYS G 740 -3.73 -14.61 -8.14
CA CYS G 740 -3.35 -14.64 -9.54
C CYS G 740 -3.95 -15.86 -10.24
N GLY G 741 -5.23 -16.09 -10.05
CA GLY G 741 -5.88 -17.28 -10.57
C GLY G 741 -5.70 -17.50 -12.06
N ASP G 742 -5.29 -18.72 -12.42
CA ASP G 742 -5.11 -19.18 -13.80
C ASP G 742 -4.41 -18.17 -14.70
N SER G 743 -3.41 -17.46 -14.18
CA SER G 743 -2.59 -16.55 -14.96
C SER G 743 -1.13 -16.92 -14.77
N THR G 744 -0.44 -17.24 -15.86
CA THR G 744 0.94 -17.69 -15.75
C THR G 744 1.92 -16.56 -15.50
N GLU G 745 1.60 -15.34 -15.93
CA GLU G 745 2.51 -14.22 -15.76
C GLU G 745 2.26 -13.41 -14.50
N CYS G 746 1.33 -13.85 -13.65
CA CYS G 746 1.12 -13.22 -12.36
C CYS G 746 1.76 -13.99 -11.21
N SER G 747 1.81 -15.32 -11.31
CA SER G 747 2.42 -16.11 -10.24
C SER G 747 3.91 -15.84 -10.13
N ASN G 748 4.58 -15.60 -11.26
CA ASN G 748 6.00 -15.27 -11.21
C ASN G 748 6.24 -13.95 -10.50
N LEU G 749 5.41 -12.95 -10.78
CA LEU G 749 5.56 -11.65 -10.12
C LEU G 749 5.30 -11.75 -8.63
N LEU G 750 4.40 -12.66 -8.22
CA LEU G 750 4.12 -12.82 -6.80
C LEU G 750 5.32 -13.34 -6.02
N LEU G 751 6.26 -13.99 -6.69
CA LEU G 751 7.43 -14.53 -6.00
C LEU G 751 8.34 -13.43 -5.48
N GLN G 752 8.34 -12.27 -6.12
CA GLN G 752 9.18 -11.16 -5.70
C GLN G 752 8.73 -10.54 -4.39
N TYR G 753 7.55 -10.90 -3.89
CA TYR G 753 7.04 -10.33 -2.64
C TYR G 753 7.55 -11.07 -1.41
N GLY G 754 8.29 -12.14 -1.59
CA GLY G 754 9.04 -12.74 -0.48
C GLY G 754 8.24 -13.80 0.24
N SER G 755 7.90 -13.52 1.50
CA SER G 755 7.40 -14.52 2.43
C SER G 755 5.98 -14.22 2.91
N PHE G 756 5.17 -13.55 2.09
CA PHE G 756 3.83 -13.22 2.52
C PHE G 756 2.94 -14.44 2.59
N CYS G 757 2.98 -15.30 1.58
CA CYS G 757 2.06 -16.43 1.52
C CYS G 757 2.36 -17.47 2.60
N THR G 758 3.64 -17.69 2.91
CA THR G 758 3.95 -18.69 3.92
C THR G 758 3.74 -18.18 5.34
N GLN G 759 3.59 -16.88 5.55
CA GLN G 759 3.17 -16.38 6.86
C GLN G 759 1.68 -16.61 7.08
N LEU G 760 0.88 -16.48 6.03
CA LEU G 760 -0.55 -16.72 6.17
C LEU G 760 -0.83 -18.20 6.39
N LYS G 761 -0.10 -19.08 5.69
CA LYS G 761 -0.26 -20.50 5.92
C LYS G 761 0.17 -20.89 7.34
N ARG G 762 1.15 -20.19 7.90
CA ARG G 762 1.59 -20.48 9.25
C ARG G 762 0.63 -19.93 10.30
N ALA G 763 -0.02 -18.81 10.03
CA ALA G 763 -0.97 -18.26 10.98
C ALA G 763 -2.28 -19.04 11.00
N LEU G 764 -2.75 -19.46 9.84
CA LEU G 764 -4.02 -20.19 9.77
C LEU G 764 -3.87 -21.61 10.29
N THR G 765 -2.68 -22.20 10.17
CA THR G 765 -2.45 -23.52 10.75
C THR G 765 -2.40 -23.43 12.27
N GLY G 766 -2.01 -22.27 12.82
CA GLY G 766 -2.10 -22.08 14.25
C GLY G 766 -3.53 -22.08 14.75
N ILE G 767 -4.43 -21.44 14.00
CA ILE G 767 -5.84 -21.45 14.37
C ILE G 767 -6.40 -22.85 14.28
N ALA G 768 -6.09 -23.57 13.19
CA ALA G 768 -6.68 -24.87 12.96
C ALA G 768 -6.25 -25.89 14.01
N VAL G 769 -4.97 -25.91 14.36
CA VAL G 769 -4.50 -26.86 15.35
C VAL G 769 -5.09 -26.55 16.72
N GLU G 770 -5.22 -25.26 17.04
CA GLU G 770 -5.77 -24.87 18.34
C GLU G 770 -7.22 -25.30 18.49
N GLN G 771 -8.00 -25.28 17.41
CA GLN G 771 -9.41 -25.62 17.49
C GLN G 771 -9.62 -27.06 17.95
N ASP G 772 -8.66 -27.94 17.69
CA ASP G 772 -8.75 -29.31 18.19
C ASP G 772 -8.44 -29.41 19.67
N LYS G 773 -7.72 -28.44 20.23
CA LYS G 773 -7.45 -28.41 21.66
C LYS G 773 -8.65 -27.93 22.45
N ASN G 774 -9.44 -27.03 21.90
CA ASN G 774 -10.60 -26.51 22.62
C ASN G 774 -11.63 -27.61 22.88
N THR G 775 -11.74 -28.57 21.97
CA THR G 775 -12.65 -29.69 22.17
C THR G 775 -12.01 -30.83 22.94
N GLN G 776 -10.69 -30.93 22.94
CA GLN G 776 -10.01 -31.98 23.69
C GLN G 776 -9.88 -31.65 25.17
N GLU G 777 -10.10 -30.40 25.56
CA GLU G 777 -10.02 -30.01 26.96
C GLU G 777 -11.37 -29.95 27.66
N VAL G 778 -12.45 -29.89 26.91
CA VAL G 778 -13.78 -29.77 27.49
C VAL G 778 -14.33 -31.16 27.76
N PHE G 779 -14.42 -31.98 26.72
CA PHE G 779 -15.12 -33.26 26.81
C PHE G 779 -14.24 -34.40 27.30
N ALA G 780 -12.92 -34.28 27.23
CA ALA G 780 -12.01 -35.39 27.47
C ALA G 780 -11.44 -35.38 28.87
N GLN G 781 -12.24 -35.00 29.87
CA GLN G 781 -11.80 -34.97 31.25
C GLN G 781 -12.00 -36.31 31.96
N VAL G 782 -12.21 -37.38 31.21
CA VAL G 782 -12.34 -38.72 31.78
C VAL G 782 -11.40 -39.66 31.05
N LYS G 783 -11.04 -40.75 31.74
CA LYS G 783 -10.10 -41.73 31.20
C LYS G 783 -10.77 -43.03 30.78
N GLN G 784 -11.85 -43.43 31.42
CA GLN G 784 -12.61 -44.60 31.05
C GLN G 784 -13.97 -44.21 30.49
N ILE G 785 -14.53 -45.08 29.69
CA ILE G 785 -15.85 -44.86 29.08
C ILE G 785 -16.84 -45.72 29.86
N TYR G 786 -17.48 -45.12 30.86
CA TYR G 786 -18.45 -45.85 31.66
C TYR G 786 -19.73 -46.05 30.87
N LYS G 787 -20.58 -46.95 31.36
CA LYS G 787 -21.87 -47.20 30.75
C LYS G 787 -22.89 -47.51 31.83
N THR G 788 -24.11 -47.03 31.64
CA THR G 788 -25.18 -47.20 32.62
C THR G 788 -25.71 -48.63 32.60
N PRO G 789 -26.13 -49.14 33.75
CA PRO G 789 -26.65 -50.52 33.80
C PRO G 789 -27.98 -50.63 33.09
N PRO G 790 -28.40 -51.86 32.74
CA PRO G 790 -29.67 -52.00 32.01
C PRO G 790 -30.88 -51.49 32.77
N ILE G 791 -30.91 -51.63 34.09
CA ILE G 791 -32.02 -51.13 34.89
C ILE G 791 -31.93 -49.62 34.99
N LYS G 792 -33.03 -48.94 34.74
CA LYS G 792 -33.08 -47.49 34.71
C LYS G 792 -34.07 -46.93 35.74
N TYR G 793 -34.11 -47.53 36.92
CA TYR G 793 -34.95 -47.04 38.01
C TYR G 793 -34.06 -46.34 39.02
N PHE G 794 -33.89 -45.04 38.84
CA PHE G 794 -33.05 -44.24 39.73
C PHE G 794 -33.86 -43.57 40.83
N GLY G 795 -34.62 -44.37 41.57
CA GLY G 795 -35.34 -43.86 42.73
C GLY G 795 -36.55 -43.02 42.43
N GLY G 796 -36.97 -42.93 41.17
CA GLY G 796 -38.11 -42.13 40.76
C GLY G 796 -37.76 -41.05 39.76
N PHE G 797 -36.53 -40.57 39.79
CA PHE G 797 -36.08 -39.59 38.80
C PHE G 797 -36.05 -40.24 37.43
N ASN G 798 -36.48 -39.50 36.42
CA ASN G 798 -36.64 -40.02 35.07
C ASN G 798 -35.60 -39.34 34.17
N PHE G 799 -34.59 -40.10 33.76
CA PHE G 799 -33.49 -39.59 32.95
C PHE G 799 -33.61 -40.00 31.49
N SER G 800 -34.81 -40.42 31.06
CA SER G 800 -34.94 -40.92 29.68
C SER G 800 -34.67 -39.83 28.66
N GLN G 801 -34.85 -38.56 29.04
CA GLN G 801 -34.68 -37.46 28.10
C GLN G 801 -33.21 -37.13 27.84
N ILE G 802 -32.30 -37.50 28.73
CA ILE G 802 -30.91 -37.13 28.58
C ILE G 802 -30.00 -38.32 28.27
N LEU G 803 -30.38 -39.53 28.68
CA LEU G 803 -29.56 -40.69 28.39
C LEU G 803 -29.65 -41.04 26.90
N PRO G 804 -28.67 -41.76 26.37
CA PRO G 804 -28.69 -42.08 24.93
C PRO G 804 -29.89 -42.91 24.54
N ASP G 805 -30.34 -42.69 23.30
CA ASP G 805 -31.50 -43.37 22.74
C ASP G 805 -31.06 -44.36 21.68
N PRO G 806 -31.28 -45.67 21.85
CA PRO G 806 -30.75 -46.64 20.88
C PRO G 806 -31.59 -46.77 19.62
N SER G 807 -32.85 -46.34 19.62
CA SER G 807 -33.67 -46.47 18.43
C SER G 807 -33.14 -45.64 17.27
N LYS G 808 -32.74 -44.41 17.55
CA LYS G 808 -32.17 -43.55 16.52
C LYS G 808 -30.83 -44.12 16.06
N PRO G 809 -30.51 -43.98 14.77
CA PRO G 809 -29.23 -44.54 14.27
C PRO G 809 -28.01 -44.05 15.02
N SER G 810 -27.98 -42.79 15.43
CA SER G 810 -26.94 -42.30 16.31
C SER G 810 -27.33 -42.49 17.77
N LYS G 811 -26.33 -42.50 18.63
CA LYS G 811 -26.57 -42.69 20.07
C LYS G 811 -26.79 -41.35 20.77
N ARG G 812 -27.72 -40.56 20.24
CA ARG G 812 -27.99 -39.23 20.74
C ARG G 812 -29.32 -39.19 21.47
N SER G 813 -29.36 -38.45 22.58
CA SER G 813 -30.55 -38.41 23.41
C SER G 813 -31.67 -37.65 22.70
N PHE G 814 -32.82 -37.59 23.36
CA PHE G 814 -33.94 -36.83 22.80
C PHE G 814 -33.64 -35.34 22.76
N ILE G 815 -33.03 -34.80 23.82
CA ILE G 815 -32.74 -33.37 23.85
C ILE G 815 -31.69 -33.02 22.81
N GLU G 816 -30.71 -33.89 22.60
CA GLU G 816 -29.66 -33.60 21.63
C GLU G 816 -30.21 -33.53 20.21
N ASP G 817 -31.32 -34.22 19.93
CA ASP G 817 -31.90 -34.18 18.60
C ASP G 817 -32.50 -32.81 18.30
N LEU G 818 -33.23 -32.23 19.25
CA LEU G 818 -33.77 -30.89 19.04
C LEU G 818 -32.66 -29.88 18.86
N LEU G 819 -31.55 -30.04 19.59
CA LEU G 819 -30.43 -29.11 19.47
C LEU G 819 -29.78 -29.21 18.09
N PHE G 820 -29.66 -30.41 17.55
CA PHE G 820 -28.95 -30.57 16.28
C PHE G 820 -29.82 -30.20 15.08
N ASN G 821 -31.13 -30.06 15.25
CA ASN G 821 -32.01 -29.68 14.17
C ASN G 821 -32.37 -28.20 14.20
N LYS G 822 -31.73 -27.42 15.07
CA LYS G 822 -32.01 -26.00 15.18
C LYS G 822 -30.84 -25.11 14.80
N VAL G 823 -29.66 -25.69 14.54
CA VAL G 823 -28.50 -24.95 14.09
C VAL G 823 -28.08 -25.53 12.75
N THR G 824 -28.05 -24.69 11.72
CA THR G 824 -27.77 -25.12 10.36
C THR G 824 -26.37 -24.69 9.96
N LEU G 825 -25.57 -25.65 9.49
CA LEU G 825 -24.20 -25.38 9.10
C LEU G 825 -24.09 -25.13 7.60
N LEU G 846 -24.96 -23.90 -2.90
CA LEU G 846 -24.21 -23.77 -4.16
C LEU G 846 -23.05 -22.81 -3.95
N ILE G 847 -23.17 -21.94 -2.94
CA ILE G 847 -22.10 -20.99 -2.65
C ILE G 847 -20.83 -21.71 -2.24
N CYS G 848 -20.98 -22.83 -1.52
CA CYS G 848 -19.80 -23.61 -1.14
C CYS G 848 -19.05 -24.16 -2.35
N ALA G 849 -19.74 -24.33 -3.48
CA ALA G 849 -19.08 -24.70 -4.73
C ALA G 849 -18.55 -23.51 -5.49
N GLN G 850 -18.89 -22.28 -5.08
CA GLN G 850 -18.31 -21.07 -5.64
C GLN G 850 -16.99 -20.71 -4.97
N LYS G 851 -16.36 -21.66 -4.30
CA LYS G 851 -15.07 -21.47 -3.64
C LYS G 851 -13.94 -22.07 -4.46
N PHE G 852 -14.00 -21.91 -5.78
CA PHE G 852 -12.92 -22.22 -6.70
C PHE G 852 -11.78 -21.25 -6.61
N LYS G 853 -11.76 -20.33 -5.65
CA LYS G 853 -10.62 -19.43 -5.48
C LYS G 853 -9.61 -19.94 -4.47
N GLY G 854 -9.84 -21.11 -3.88
CA GLY G 854 -8.90 -21.68 -2.93
C GLY G 854 -9.33 -21.60 -1.49
N LEU G 855 -10.59 -21.31 -1.21
CA LEU G 855 -11.09 -21.20 0.15
C LEU G 855 -11.74 -22.53 0.51
N THR G 856 -11.04 -23.35 1.28
CA THR G 856 -11.52 -24.66 1.66
C THR G 856 -11.74 -24.73 3.17
N VAL G 857 -12.41 -25.80 3.61
CA VAL G 857 -12.75 -26.00 5.00
C VAL G 857 -12.31 -27.40 5.41
N LEU G 858 -11.41 -27.49 6.37
CA LEU G 858 -10.91 -28.78 6.82
C LEU G 858 -11.87 -29.39 7.85
N PRO G 859 -11.91 -30.71 7.94
CA PRO G 859 -12.83 -31.35 8.88
C PRO G 859 -12.23 -31.45 10.26
N PRO G 860 -13.05 -31.39 11.31
CA PRO G 860 -12.51 -31.50 12.67
C PRO G 860 -11.99 -32.90 12.95
N LEU G 861 -11.03 -32.97 13.88
CA LEU G 861 -10.44 -34.25 14.23
C LEU G 861 -11.43 -35.16 14.93
N LEU G 862 -12.21 -34.63 15.86
CA LEU G 862 -13.18 -35.43 16.61
C LEU G 862 -14.50 -35.46 15.85
N THR G 863 -14.89 -36.64 15.39
CA THR G 863 -16.17 -36.76 14.71
C THR G 863 -17.31 -36.59 15.72
N ASP G 864 -18.51 -36.33 15.18
CA ASP G 864 -19.65 -36.06 16.05
C ASP G 864 -20.06 -37.30 16.83
N GLU G 865 -19.98 -38.47 16.20
CA GLU G 865 -20.39 -39.70 16.88
C GLU G 865 -19.43 -40.12 17.98
N MET G 866 -18.25 -39.52 18.05
CA MET G 866 -17.32 -39.77 19.15
C MET G 866 -17.44 -38.74 20.26
N ILE G 867 -17.90 -37.53 19.95
CA ILE G 867 -18.20 -36.56 21.00
C ILE G 867 -19.40 -37.01 21.81
N ALA G 868 -20.39 -37.61 21.15
CA ALA G 868 -21.56 -38.13 21.86
C ALA G 868 -21.23 -39.30 22.77
N GLN G 869 -20.04 -39.87 22.66
CA GLN G 869 -19.61 -40.94 23.56
C GLN G 869 -18.89 -40.41 24.79
N TYR G 870 -18.14 -39.32 24.66
CA TYR G 870 -17.63 -38.62 25.83
C TYR G 870 -18.77 -38.12 26.71
N THR G 871 -19.77 -37.50 26.10
CA THR G 871 -20.90 -36.99 26.87
C THR G 871 -21.68 -38.13 27.53
N SER G 872 -21.75 -39.28 26.88
CA SER G 872 -22.44 -40.42 27.48
C SER G 872 -21.75 -40.90 28.75
N ALA G 873 -20.42 -40.94 28.75
CA ALA G 873 -19.68 -41.38 29.92
C ALA G 873 -19.80 -40.38 31.07
N LEU G 874 -19.86 -39.10 30.76
CA LEU G 874 -20.06 -38.10 31.81
C LEU G 874 -21.41 -38.30 32.49
N LEU G 875 -22.45 -38.60 31.72
CA LEU G 875 -23.78 -38.76 32.26
C LEU G 875 -24.03 -40.12 32.88
N ALA G 876 -23.15 -41.10 32.63
CA ALA G 876 -23.32 -42.43 33.20
C ALA G 876 -22.38 -42.69 34.37
N GLY G 877 -21.50 -41.76 34.68
CA GLY G 877 -20.62 -41.90 35.82
C GLY G 877 -20.91 -40.84 36.86
N THR G 878 -21.86 -39.95 36.55
CA THR G 878 -22.32 -38.94 37.47
C THR G 878 -23.67 -39.27 38.09
N ILE G 879 -24.30 -40.37 37.67
CA ILE G 879 -25.55 -40.82 38.27
C ILE G 879 -25.41 -42.13 39.01
N THR G 880 -24.31 -42.86 38.82
CA THR G 880 -24.05 -44.06 39.59
C THR G 880 -22.97 -43.83 40.65
N SER G 881 -21.85 -43.21 40.26
CA SER G 881 -20.72 -43.00 41.14
C SER G 881 -20.74 -41.63 41.80
N GLY G 882 -21.77 -40.82 41.57
CA GLY G 882 -21.80 -39.50 42.16
C GLY G 882 -20.71 -38.62 41.58
N TRP G 883 -20.00 -37.92 42.46
CA TRP G 883 -18.91 -37.04 42.05
C TRP G 883 -17.55 -37.59 42.46
N THR G 884 -17.48 -38.86 42.84
CA THR G 884 -16.23 -39.45 43.28
C THR G 884 -15.33 -39.88 42.12
N PHE G 885 -15.84 -39.92 40.89
CA PHE G 885 -15.07 -40.41 39.78
C PHE G 885 -14.11 -39.38 39.20
N GLY G 886 -14.26 -38.12 39.56
CA GLY G 886 -13.34 -37.09 39.12
C GLY G 886 -12.10 -36.94 39.94
N ALA G 887 -11.98 -37.67 41.05
CA ALA G 887 -10.85 -37.52 41.96
C ALA G 887 -10.20 -38.86 42.30
N GLY G 888 -10.45 -39.89 41.50
CA GLY G 888 -9.85 -41.18 41.76
C GLY G 888 -10.64 -42.36 41.21
N ALA G 889 -10.82 -43.38 42.03
CA ALA G 889 -11.56 -44.57 41.61
C ALA G 889 -13.05 -44.34 41.78
N ALA G 890 -13.83 -44.62 40.73
CA ALA G 890 -15.27 -44.41 40.77
C ALA G 890 -15.91 -45.37 41.76
N LEU G 891 -16.77 -44.84 42.63
CA LEU G 891 -17.36 -45.58 43.72
C LEU G 891 -18.88 -45.47 43.63
N GLN G 892 -19.56 -46.60 43.48
CA GLN G 892 -21.00 -46.54 43.25
C GLN G 892 -21.73 -46.11 44.53
N ILE G 893 -22.92 -45.56 44.33
CA ILE G 893 -23.73 -44.98 45.40
C ILE G 893 -25.16 -44.88 44.90
N PRO G 894 -26.15 -45.29 45.69
CA PRO G 894 -27.55 -45.17 45.24
C PRO G 894 -27.93 -43.71 45.03
N PHE G 895 -28.70 -43.46 43.97
CA PHE G 895 -29.01 -42.07 43.61
C PHE G 895 -29.84 -41.38 44.68
N ALA G 896 -30.87 -42.05 45.20
CA ALA G 896 -31.67 -41.43 46.25
C ALA G 896 -30.84 -41.10 47.47
N MET G 897 -29.68 -41.74 47.63
CA MET G 897 -28.76 -41.45 48.71
C MET G 897 -27.71 -40.43 48.32
N GLN G 898 -27.31 -40.39 47.04
CA GLN G 898 -26.36 -39.38 46.60
C GLN G 898 -26.97 -37.99 46.71
N MET G 899 -28.23 -37.84 46.32
CA MET G 899 -28.88 -36.53 46.39
C MET G 899 -29.02 -36.03 47.82
N ALA G 900 -28.99 -36.93 48.80
CA ALA G 900 -28.99 -36.50 50.18
C ALA G 900 -27.69 -35.78 50.56
N TYR G 901 -26.63 -35.99 49.79
CA TYR G 901 -25.37 -35.29 50.02
C TYR G 901 -25.33 -33.93 49.35
N ARG G 902 -26.00 -33.77 48.21
CA ARG G 902 -26.12 -32.45 47.60
C ARG G 902 -26.95 -31.51 48.48
N PHE G 903 -28.02 -32.03 49.10
CA PHE G 903 -28.79 -31.24 50.04
C PHE G 903 -27.96 -30.86 51.26
N ASN G 904 -27.13 -31.80 51.74
CA ASN G 904 -26.32 -31.54 52.92
C ASN G 904 -25.28 -30.46 52.68
N GLY G 905 -24.90 -30.21 51.43
CA GLY G 905 -23.94 -29.18 51.10
C GLY G 905 -24.51 -27.79 50.96
N ILE G 906 -25.82 -27.64 51.03
CA ILE G 906 -26.46 -26.34 50.94
C ILE G 906 -26.64 -25.70 52.32
N GLY G 907 -27.00 -26.51 53.30
CA GLY G 907 -27.33 -25.99 54.62
C GLY G 907 -28.66 -26.56 55.07
N VAL G 908 -29.15 -27.54 54.32
CA VAL G 908 -30.42 -28.21 54.61
C VAL G 908 -30.10 -29.65 54.95
N THR G 909 -30.52 -30.08 56.14
CA THR G 909 -30.19 -31.41 56.62
C THR G 909 -30.84 -32.47 55.72
N GLN G 910 -30.24 -33.65 55.71
CA GLN G 910 -30.68 -34.71 54.81
C GLN G 910 -32.04 -35.28 55.19
N ASN G 911 -32.58 -34.96 56.36
CA ASN G 911 -33.83 -35.54 56.78
C ASN G 911 -35.02 -35.03 55.98
N VAL G 912 -34.83 -34.00 55.15
CA VAL G 912 -35.95 -33.46 54.40
C VAL G 912 -36.11 -34.17 53.06
N LEU G 913 -35.03 -34.67 52.47
CA LEU G 913 -35.14 -35.31 51.16
C LEU G 913 -35.95 -36.60 51.25
N TYR G 914 -35.65 -37.45 52.23
CA TYR G 914 -36.38 -38.70 52.36
C TYR G 914 -37.84 -38.45 52.68
N GLU G 915 -38.12 -37.48 53.56
CA GLU G 915 -39.49 -37.19 53.93
C GLU G 915 -40.29 -36.54 52.82
N ASN G 916 -39.63 -36.09 51.75
CA ASN G 916 -40.32 -35.50 50.61
C ASN G 916 -39.76 -36.08 49.31
N GLN G 917 -39.41 -37.36 49.32
CA GLN G 917 -38.78 -37.97 48.16
C GLN G 917 -39.73 -38.01 46.96
N LYS G 918 -40.97 -38.42 47.17
CA LYS G 918 -41.91 -38.53 46.06
C LYS G 918 -42.21 -37.17 45.44
N LEU G 919 -42.43 -36.15 46.27
CA LEU G 919 -42.74 -34.82 45.76
C LEU G 919 -41.56 -34.24 44.98
N ILE G 920 -40.34 -34.44 45.50
CA ILE G 920 -39.17 -33.88 44.84
C ILE G 920 -38.93 -34.55 43.49
N ALA G 921 -39.10 -35.87 43.43
CA ALA G 921 -38.86 -36.59 42.19
C ALA G 921 -39.81 -36.13 41.09
N ASN G 922 -41.10 -36.01 41.41
CA ASN G 922 -42.06 -35.53 40.42
C ASN G 922 -41.77 -34.09 40.03
N GLN G 923 -41.37 -33.27 41.00
CA GLN G 923 -41.09 -31.87 40.73
C GLN G 923 -39.88 -31.72 39.81
N PHE G 924 -38.90 -32.61 39.93
CA PHE G 924 -37.78 -32.62 39.00
C PHE G 924 -38.15 -33.24 37.66
N ASN G 925 -39.04 -34.23 37.66
CA ASN G 925 -39.47 -34.83 36.40
C ASN G 925 -40.21 -33.83 35.52
N SER G 926 -41.09 -33.03 36.11
CA SER G 926 -41.83 -32.04 35.33
C SER G 926 -40.91 -30.95 34.81
N ALA G 927 -39.89 -30.58 35.59
CA ALA G 927 -38.98 -29.53 35.16
C ALA G 927 -38.22 -29.93 33.90
N ILE G 928 -37.78 -31.18 33.82
CA ILE G 928 -37.02 -31.62 32.65
C ILE G 928 -37.91 -31.69 31.42
N GLY G 929 -39.21 -31.95 31.60
CA GLY G 929 -40.11 -31.97 30.46
C GLY G 929 -40.33 -30.60 29.86
N LYS G 930 -40.47 -29.58 30.72
CA LYS G 930 -40.71 -28.23 30.25
C LYS G 930 -39.51 -27.66 29.48
N ILE G 931 -38.31 -28.16 29.78
CA ILE G 931 -37.12 -27.65 29.12
C ILE G 931 -37.13 -28.00 27.64
N GLN G 932 -37.62 -29.19 27.31
CA GLN G 932 -37.57 -29.64 25.92
C GLN G 932 -38.40 -28.73 25.02
N ASP G 933 -39.56 -28.29 25.50
CA ASP G 933 -40.40 -27.39 24.71
C ASP G 933 -39.80 -25.98 24.66
N SER G 934 -39.17 -25.53 25.75
CA SER G 934 -38.59 -24.19 25.77
C SER G 934 -37.47 -24.06 24.75
N LEU G 935 -36.66 -25.11 24.60
CA LEU G 935 -35.56 -25.06 23.64
C LEU G 935 -36.08 -24.87 22.22
N SER G 936 -37.16 -25.57 21.87
CA SER G 936 -37.74 -25.52 20.54
C SER G 936 -38.85 -24.47 20.42
N SER G 937 -39.03 -23.64 21.43
CA SER G 937 -40.11 -22.65 21.40
C SER G 937 -39.82 -21.58 20.34
N THR G 938 -38.72 -20.85 20.49
CA THR G 938 -38.40 -19.74 19.62
C THR G 938 -37.13 -20.03 18.84
N ALA G 939 -36.81 -19.14 17.91
CA ALA G 939 -35.61 -19.25 17.08
C ALA G 939 -34.42 -18.50 17.66
N SER G 940 -34.59 -17.85 18.80
CA SER G 940 -33.51 -17.14 19.47
C SER G 940 -32.93 -17.92 20.64
N ALA G 941 -33.37 -19.17 20.85
CA ALA G 941 -32.84 -19.96 21.94
C ALA G 941 -31.37 -20.28 21.75
N LEU G 942 -31.00 -20.69 20.54
CA LEU G 942 -29.63 -21.09 20.22
C LEU G 942 -28.86 -19.96 19.53
N GLY G 943 -29.13 -18.72 19.93
CA GLY G 943 -28.51 -17.58 19.26
C GLY G 943 -27.00 -17.53 19.42
N LYS G 944 -26.50 -17.95 20.58
CA LYS G 944 -25.06 -17.85 20.85
C LYS G 944 -24.27 -18.76 19.92
N LEU G 945 -24.77 -19.96 19.63
CA LEU G 945 -24.11 -20.85 18.69
C LEU G 945 -24.41 -20.50 17.24
N GLN G 946 -25.32 -19.56 16.99
CA GLN G 946 -25.73 -19.24 15.63
C GLN G 946 -24.82 -18.18 15.00
N ASP G 947 -24.62 -17.06 15.68
CA ASP G 947 -23.75 -16.03 15.11
C ASP G 947 -22.30 -16.49 15.01
N VAL G 948 -21.93 -17.55 15.73
CA VAL G 948 -20.60 -18.12 15.55
C VAL G 948 -20.45 -18.69 14.15
N VAL G 949 -21.47 -19.40 13.66
CA VAL G 949 -21.37 -19.98 12.33
C VAL G 949 -21.74 -18.98 11.25
N ASN G 950 -22.52 -17.95 11.57
CA ASN G 950 -22.80 -16.90 10.59
C ASN G 950 -21.59 -16.02 10.36
N HIS G 951 -20.92 -15.60 11.42
CA HIS G 951 -19.76 -14.72 11.27
C HIS G 951 -18.63 -15.40 10.50
N ASN G 952 -18.56 -16.71 10.55
CA ASN G 952 -17.51 -17.45 9.86
C ASN G 952 -17.88 -17.82 8.43
N ALA G 953 -19.12 -17.57 8.02
CA ALA G 953 -19.54 -17.75 6.63
C ALA G 953 -19.90 -16.43 5.96
N GLN G 954 -20.31 -15.43 6.73
CA GLN G 954 -20.51 -14.10 6.18
C GLN G 954 -19.17 -13.40 5.92
N ALA G 955 -18.13 -13.78 6.65
CA ALA G 955 -16.80 -13.23 6.40
C ALA G 955 -16.15 -13.83 5.18
N LEU G 956 -16.56 -15.04 4.78
CA LEU G 956 -16.01 -15.66 3.59
C LEU G 956 -16.59 -15.06 2.32
N ASN G 957 -17.88 -14.68 2.36
CA ASN G 957 -18.51 -14.10 1.17
C ASN G 957 -17.88 -12.76 0.81
N THR G 958 -17.60 -11.92 1.80
CA THR G 958 -16.97 -10.64 1.51
C THR G 958 -15.58 -10.83 0.94
N LEU G 959 -14.89 -11.90 1.33
CA LEU G 959 -13.59 -12.21 0.75
C LEU G 959 -13.72 -12.53 -0.73
N VAL G 960 -14.73 -13.32 -1.10
CA VAL G 960 -14.92 -13.71 -2.49
C VAL G 960 -15.39 -12.52 -3.32
N LYS G 961 -16.36 -11.77 -2.82
CA LYS G 961 -16.90 -10.63 -3.56
C LYS G 961 -15.90 -9.50 -3.69
N GLN G 962 -14.83 -9.50 -2.90
CA GLN G 962 -13.87 -8.40 -2.92
C GLN G 962 -13.01 -8.40 -4.17
N LEU G 963 -12.87 -9.53 -4.84
CA LEU G 963 -11.98 -9.59 -5.99
C LEU G 963 -12.65 -9.14 -7.29
N SER G 964 -13.83 -8.51 -7.21
CA SER G 964 -14.43 -7.87 -8.37
C SER G 964 -14.14 -6.38 -8.44
N SER G 965 -13.36 -5.85 -7.50
CA SER G 965 -13.04 -4.43 -7.46
C SER G 965 -11.78 -4.15 -8.29
N LYS G 966 -11.59 -2.88 -8.62
CA LYS G 966 -10.50 -2.48 -9.50
C LYS G 966 -9.32 -1.86 -8.76
N PHE G 967 -9.56 -1.22 -7.61
CA PHE G 967 -8.50 -0.55 -6.86
C PHE G 967 -7.78 0.50 -7.70
N GLY G 968 -8.53 1.16 -8.58
CA GLY G 968 -7.95 2.17 -9.43
C GLY G 968 -7.27 1.67 -10.69
N ALA G 969 -7.32 0.37 -10.95
CA ALA G 969 -6.76 -0.16 -12.19
C ALA G 969 -7.74 0.04 -13.34
N ILE G 970 -7.35 -0.39 -14.54
CA ILE G 970 -8.24 -0.27 -15.69
C ILE G 970 -9.39 -1.26 -15.57
N SER G 971 -9.10 -2.50 -15.20
CA SER G 971 -10.13 -3.52 -15.14
C SER G 971 -9.84 -4.47 -13.99
N SER G 972 -10.89 -5.14 -13.52
CA SER G 972 -10.77 -6.11 -12.45
C SER G 972 -10.33 -7.48 -12.93
N VAL G 973 -10.32 -7.72 -14.23
CA VAL G 973 -9.91 -9.01 -14.78
C VAL G 973 -8.44 -8.95 -15.14
N LEU G 974 -7.70 -9.96 -14.69
CA LEU G 974 -6.24 -9.91 -14.77
C LEU G 974 -5.73 -10.21 -16.17
N ASN G 975 -6.42 -11.07 -16.91
CA ASN G 975 -5.92 -11.49 -18.21
C ASN G 975 -6.03 -10.37 -19.25
N ASP G 976 -7.10 -9.59 -19.18
CA ASP G 976 -7.32 -8.56 -20.19
C ASP G 976 -6.42 -7.35 -20.01
N ILE G 977 -5.84 -7.16 -18.83
CA ILE G 977 -4.88 -6.06 -18.66
C ILE G 977 -3.65 -6.31 -19.52
N PHE G 978 -3.18 -7.55 -19.58
CA PHE G 978 -1.94 -7.85 -20.29
C PHE G 978 -2.13 -7.76 -21.80
N SER G 979 -3.28 -8.16 -22.31
CA SER G 979 -3.53 -8.18 -23.74
C SER G 979 -4.04 -6.85 -24.27
N ARG G 980 -3.81 -5.76 -23.55
CA ARG G 980 -4.21 -4.43 -24.01
C ARG G 980 -3.15 -3.37 -23.82
N LEU G 981 -2.10 -3.61 -23.04
CA LEU G 981 -1.10 -2.60 -22.74
C LEU G 981 0.29 -3.17 -22.96
N ASP G 982 1.21 -2.30 -23.36
CA ASP G 982 2.61 -2.69 -23.50
C ASP G 982 3.20 -3.01 -22.13
N LYS G 983 4.18 -3.92 -22.12
CA LYS G 983 4.69 -4.47 -20.88
C LYS G 983 5.47 -3.45 -20.05
N VAL G 984 5.83 -2.30 -20.62
CA VAL G 984 6.63 -1.32 -19.87
C VAL G 984 5.80 -0.70 -18.75
N GLU G 985 4.51 -0.45 -19.00
CA GLU G 985 3.66 0.22 -18.02
C GLU G 985 2.47 -0.62 -17.59
N ALA G 986 2.26 -1.80 -18.16
CA ALA G 986 1.27 -2.72 -17.62
C ALA G 986 1.65 -3.19 -16.22
N GLU G 987 2.92 -3.06 -15.84
CA GLU G 987 3.35 -3.38 -14.49
C GLU G 987 2.94 -2.33 -13.47
N VAL G 988 2.49 -1.16 -13.92
CA VAL G 988 1.99 -0.15 -12.99
C VAL G 988 0.57 -0.48 -12.56
N GLN G 989 -0.30 -0.81 -13.51
CA GLN G 989 -1.68 -1.11 -13.19
C GLN G 989 -1.79 -2.37 -12.34
N ILE G 990 -1.03 -3.41 -12.67
CA ILE G 990 -1.19 -4.68 -11.98
C ILE G 990 -0.75 -4.58 -10.53
N ASP G 991 0.19 -3.69 -10.23
CA ASP G 991 0.60 -3.52 -8.84
C ASP G 991 -0.53 -2.97 -7.99
N ARG G 992 -1.32 -2.05 -8.54
CA ARG G 992 -2.50 -1.57 -7.83
C ARG G 992 -3.49 -2.69 -7.56
N LEU G 993 -3.52 -3.70 -8.43
CA LEU G 993 -4.49 -4.78 -8.32
C LEU G 993 -3.97 -5.96 -7.52
N ILE G 994 -2.65 -6.13 -7.45
CA ILE G 994 -2.07 -7.22 -6.67
C ILE G 994 -1.77 -6.82 -5.24
N THR G 995 -1.77 -5.52 -4.93
CA THR G 995 -1.63 -5.09 -3.55
C THR G 995 -2.98 -4.94 -2.85
N GLY G 996 -4.00 -4.51 -3.58
CA GLY G 996 -5.34 -4.50 -3.00
C GLY G 996 -5.84 -5.89 -2.68
N ARG G 997 -5.63 -6.83 -3.61
CA ARG G 997 -6.03 -8.22 -3.37
C ARG G 997 -5.21 -8.87 -2.27
N LEU G 998 -4.07 -8.29 -1.93
CA LEU G 998 -3.22 -8.86 -0.89
C LEU G 998 -3.50 -8.23 0.48
N GLN G 999 -3.86 -6.96 0.51
CA GLN G 999 -4.31 -6.34 1.76
C GLN G 999 -5.72 -6.75 2.14
N SER G 1000 -6.51 -7.22 1.18
CA SER G 1000 -7.84 -7.74 1.48
C SER G 1000 -7.79 -9.15 2.03
N LEU G 1001 -6.66 -9.82 1.94
CA LEU G 1001 -6.47 -11.15 2.51
C LEU G 1001 -5.71 -11.11 3.83
N GLN G 1002 -4.84 -10.12 4.01
CA GLN G 1002 -4.22 -9.92 5.31
C GLN G 1002 -5.23 -9.44 6.35
N THR G 1003 -6.23 -8.67 5.91
CA THR G 1003 -7.29 -8.24 6.83
C THR G 1003 -8.10 -9.44 7.32
N TYR G 1004 -8.37 -10.40 6.44
CA TYR G 1004 -9.15 -11.57 6.84
C TYR G 1004 -8.43 -12.37 7.91
N VAL G 1005 -7.11 -12.55 7.78
CA VAL G 1005 -6.36 -13.31 8.76
C VAL G 1005 -6.38 -12.59 10.11
N THR G 1006 -6.16 -11.28 10.11
CA THR G 1006 -6.09 -10.54 11.37
C THR G 1006 -7.40 -10.64 12.15
N GLN G 1007 -8.54 -10.59 11.45
CA GLN G 1007 -9.81 -10.75 12.13
C GLN G 1007 -9.97 -12.14 12.73
N GLN G 1008 -9.41 -13.16 12.08
CA GLN G 1008 -9.48 -14.51 12.64
C GLN G 1008 -8.67 -14.62 13.92
N LEU G 1009 -7.52 -13.95 13.98
CA LEU G 1009 -6.71 -13.97 15.19
C LEU G 1009 -7.46 -13.34 16.35
N ILE G 1010 -8.26 -12.30 16.08
CA ILE G 1010 -9.06 -11.69 17.12
C ILE G 1010 -10.19 -12.62 17.56
N ARG G 1011 -10.89 -13.22 16.58
CA ARG G 1011 -12.02 -14.07 16.90
C ARG G 1011 -11.61 -15.33 17.63
N ALA G 1012 -10.50 -15.95 17.20
CA ALA G 1012 -10.04 -17.17 17.86
C ALA G 1012 -9.59 -16.91 19.29
N ALA G 1013 -9.30 -15.66 19.63
CA ALA G 1013 -8.95 -15.31 21.01
C ALA G 1013 -10.16 -15.10 21.89
N GLU G 1014 -11.35 -14.94 21.31
CA GLU G 1014 -12.58 -14.86 22.09
C GLU G 1014 -13.34 -16.18 22.15
N ILE G 1015 -12.99 -17.14 21.30
CA ILE G 1015 -13.47 -18.50 21.49
C ILE G 1015 -12.57 -19.24 22.46
N ARG G 1016 -11.26 -18.98 22.42
CA ARG G 1016 -10.35 -19.56 23.39
C ARG G 1016 -10.69 -19.13 24.81
N ALA G 1017 -11.28 -17.95 24.96
CA ALA G 1017 -11.71 -17.47 26.26
C ALA G 1017 -13.04 -18.07 26.69
N SER G 1018 -13.77 -18.72 25.78
CA SER G 1018 -15.00 -19.42 26.13
C SER G 1018 -14.83 -20.92 26.22
N ALA G 1019 -13.80 -21.48 25.59
CA ALA G 1019 -13.44 -22.87 25.82
C ALA G 1019 -12.69 -23.06 27.12
N ASN G 1020 -12.19 -21.96 27.71
CA ASN G 1020 -11.61 -21.99 29.05
C ASN G 1020 -12.63 -21.72 30.13
N LEU G 1021 -13.86 -21.37 29.76
CA LEU G 1021 -14.96 -21.27 30.71
C LEU G 1021 -15.85 -22.51 30.68
N ALA G 1022 -15.98 -23.15 29.52
CA ALA G 1022 -16.69 -24.42 29.46
C ALA G 1022 -15.89 -25.53 30.09
N ALA G 1023 -14.56 -25.41 30.08
CA ALA G 1023 -13.70 -26.40 30.72
C ALA G 1023 -13.63 -26.21 32.23
N THR G 1024 -14.05 -25.06 32.74
CA THR G 1024 -14.17 -24.83 34.18
C THR G 1024 -15.56 -25.16 34.68
N LYS G 1025 -16.59 -24.87 33.89
CA LYS G 1025 -17.95 -25.25 34.26
C LYS G 1025 -18.09 -26.76 34.33
N MET G 1026 -17.40 -27.49 33.45
CA MET G 1026 -17.44 -28.94 33.48
C MET G 1026 -16.64 -29.52 34.63
N SER G 1027 -15.52 -28.89 34.99
CA SER G 1027 -14.72 -29.41 36.08
C SER G 1027 -15.41 -29.22 37.42
N GLU G 1028 -16.10 -28.09 37.60
CA GLU G 1028 -16.65 -27.72 38.89
C GLU G 1028 -18.15 -28.00 39.02
N CYS G 1029 -18.96 -27.50 38.08
CA CYS G 1029 -20.40 -27.71 38.19
C CYS G 1029 -20.77 -29.18 38.00
N VAL G 1030 -20.12 -29.86 37.07
CA VAL G 1030 -20.50 -31.23 36.71
C VAL G 1030 -19.80 -32.25 37.60
N LEU G 1031 -18.48 -32.16 37.74
CA LEU G 1031 -17.72 -33.13 38.51
C LEU G 1031 -17.70 -32.83 39.99
N GLY G 1032 -18.54 -31.92 40.46
CA GLY G 1032 -18.63 -31.63 41.88
C GLY G 1032 -19.84 -30.78 42.16
N GLN G 1033 -19.89 -30.23 43.36
CA GLN G 1033 -20.90 -29.23 43.71
C GLN G 1033 -20.20 -27.92 44.01
N SER G 1034 -20.70 -26.84 43.43
CA SER G 1034 -20.00 -25.56 43.45
C SER G 1034 -20.54 -24.67 44.56
N LYS G 1035 -19.62 -24.07 45.32
CA LYS G 1035 -19.97 -23.09 46.33
C LYS G 1035 -19.94 -21.67 45.81
N ARG G 1036 -19.48 -21.44 44.58
CA ARG G 1036 -19.44 -20.11 44.01
C ARG G 1036 -20.85 -19.68 43.66
N VAL G 1037 -21.30 -18.57 44.24
CA VAL G 1037 -22.66 -18.11 44.03
C VAL G 1037 -22.82 -17.57 42.61
N ASP G 1038 -23.91 -17.95 41.96
CA ASP G 1038 -24.29 -17.46 40.64
C ASP G 1038 -23.28 -17.85 39.57
N PHE G 1039 -22.62 -19.00 39.75
CA PHE G 1039 -21.72 -19.56 38.76
C PHE G 1039 -22.34 -20.71 37.98
N CYS G 1040 -23.01 -21.64 38.66
CA CYS G 1040 -23.67 -22.77 38.05
C CYS G 1040 -25.19 -22.66 38.18
N GLY G 1041 -25.72 -21.48 37.91
CA GLY G 1041 -27.16 -21.28 37.92
C GLY G 1041 -27.61 -20.31 38.98
N LYS G 1042 -28.78 -19.70 38.77
CA LYS G 1042 -29.33 -18.75 39.73
C LYS G 1042 -30.03 -19.53 40.84
N GLY G 1043 -29.39 -19.62 42.00
CA GLY G 1043 -29.90 -20.34 43.13
C GLY G 1043 -28.79 -21.13 43.79
N TYR G 1044 -29.19 -22.01 44.71
CA TYR G 1044 -28.24 -22.90 45.37
C TYR G 1044 -28.03 -24.13 44.50
N HIS G 1045 -26.80 -24.32 44.01
CA HIS G 1045 -26.51 -25.34 43.02
C HIS G 1045 -26.71 -26.74 43.61
N LEU G 1046 -27.15 -27.67 42.76
CA LEU G 1046 -27.25 -29.08 43.11
C LEU G 1046 -26.43 -29.98 42.21
N MET G 1047 -26.52 -29.83 40.89
CA MET G 1047 -25.79 -30.67 39.94
C MET G 1047 -25.94 -30.07 38.56
N SER G 1048 -25.41 -30.78 37.55
CA SER G 1048 -25.54 -30.33 36.17
C SER G 1048 -25.39 -31.53 35.24
N PHE G 1049 -25.88 -31.36 34.02
CA PHE G 1049 -25.82 -32.41 33.00
C PHE G 1049 -25.39 -31.82 31.66
N PRO G 1050 -24.24 -32.21 31.14
CA PRO G 1050 -23.81 -31.67 29.84
C PRO G 1050 -24.65 -32.24 28.71
N GLN G 1051 -24.75 -31.46 27.64
CA GLN G 1051 -25.29 -31.93 26.37
C GLN G 1051 -24.45 -31.33 25.25
N SER G 1052 -24.28 -32.09 24.18
CA SER G 1052 -23.50 -31.61 23.06
C SER G 1052 -24.37 -30.79 22.12
N ALA G 1053 -23.70 -29.99 21.29
CA ALA G 1053 -24.37 -29.16 20.29
C ALA G 1053 -23.35 -28.79 19.24
N PRO G 1054 -23.79 -28.38 18.05
CA PRO G 1054 -22.82 -28.00 17.01
C PRO G 1054 -21.96 -26.83 17.44
N HIS G 1055 -20.65 -27.07 17.51
CA HIS G 1055 -19.66 -26.05 17.83
C HIS G 1055 -19.88 -25.46 19.22
N GLY G 1056 -20.30 -26.28 20.17
CA GLY G 1056 -20.55 -25.76 21.49
C GLY G 1056 -20.99 -26.85 22.46
N VAL G 1057 -21.50 -26.40 23.60
CA VAL G 1057 -21.96 -27.30 24.66
C VAL G 1057 -23.12 -26.61 25.37
N VAL G 1058 -24.02 -27.42 25.93
CA VAL G 1058 -25.20 -26.93 26.63
C VAL G 1058 -25.25 -27.60 27.99
N PHE G 1059 -25.41 -26.81 29.04
CA PHE G 1059 -25.52 -27.32 30.40
C PHE G 1059 -26.96 -27.24 30.88
N LEU G 1060 -27.30 -28.09 31.85
CA LEU G 1060 -28.64 -28.19 32.42
C LEU G 1060 -28.49 -28.09 33.94
N HIS G 1061 -28.47 -26.88 34.47
CA HIS G 1061 -28.19 -26.69 35.88
C HIS G 1061 -29.46 -26.92 36.71
N VAL G 1062 -29.35 -27.75 37.73
CA VAL G 1062 -30.45 -28.02 38.65
C VAL G 1062 -30.16 -27.30 39.96
N THR G 1063 -31.06 -26.39 40.34
CA THR G 1063 -30.83 -25.50 41.47
C THR G 1063 -32.00 -25.54 42.44
N TYR G 1064 -31.70 -25.16 43.68
CA TYR G 1064 -32.68 -25.14 44.77
C TYR G 1064 -33.11 -23.70 45.01
N VAL G 1065 -34.43 -23.48 45.11
CA VAL G 1065 -34.96 -22.13 45.29
C VAL G 1065 -36.01 -22.12 46.39
N PRO G 1066 -35.89 -21.25 47.39
CA PRO G 1066 -36.89 -21.22 48.47
C PRO G 1066 -38.23 -20.70 47.99
N ALA G 1067 -39.30 -21.33 48.48
CA ALA G 1067 -40.67 -20.97 48.15
C ALA G 1067 -41.21 -20.01 49.23
N GLN G 1068 -42.53 -19.88 49.30
CA GLN G 1068 -43.20 -18.90 50.14
C GLN G 1068 -42.66 -18.92 51.57
N GLU G 1069 -42.77 -17.77 52.24
CA GLU G 1069 -42.16 -17.53 53.54
C GLU G 1069 -43.20 -17.02 54.53
N LYS G 1070 -42.73 -16.67 55.72
CA LYS G 1070 -43.58 -16.15 56.79
C LYS G 1070 -42.73 -15.31 57.72
N ASN G 1071 -43.34 -14.24 58.24
CA ASN G 1071 -42.65 -13.37 59.19
C ASN G 1071 -42.45 -14.09 60.52
N PHE G 1072 -41.49 -13.59 61.31
CA PHE G 1072 -41.24 -14.16 62.63
C PHE G 1072 -40.55 -13.11 63.48
N THR G 1073 -40.45 -13.42 64.78
CA THR G 1073 -39.79 -12.54 65.75
C THR G 1073 -38.59 -13.27 66.34
N THR G 1074 -37.46 -12.58 66.40
CA THR G 1074 -36.18 -13.21 66.72
C THR G 1074 -35.44 -12.42 67.81
N ALA G 1075 -34.60 -13.15 68.55
CA ALA G 1075 -33.74 -12.59 69.59
C ALA G 1075 -32.37 -13.23 69.48
N PRO G 1076 -31.30 -12.47 69.69
CA PRO G 1076 -29.96 -12.98 69.36
C PRO G 1076 -29.42 -14.01 70.34
N ALA G 1077 -29.94 -14.08 71.56
CA ALA G 1077 -29.45 -15.02 72.55
C ALA G 1077 -30.61 -15.42 73.44
N ILE G 1078 -30.31 -16.10 74.54
CA ILE G 1078 -31.34 -16.48 75.51
C ILE G 1078 -30.67 -16.72 76.86
N CYS G 1079 -31.23 -16.15 77.92
CA CYS G 1079 -30.63 -16.20 79.25
C CYS G 1079 -31.56 -16.96 80.19
N HIS G 1080 -31.10 -18.09 80.70
CA HIS G 1080 -31.91 -18.91 81.60
C HIS G 1080 -31.34 -18.96 83.01
N ASP G 1081 -30.12 -19.48 83.18
CA ASP G 1081 -29.47 -19.49 84.49
C ASP G 1081 -28.50 -18.32 84.63
N GLY G 1082 -28.97 -17.12 84.34
CA GLY G 1082 -28.11 -15.95 84.40
C GLY G 1082 -26.97 -15.98 83.40
N LYS G 1083 -27.04 -16.87 82.42
CA LYS G 1083 -26.00 -17.02 81.42
C LYS G 1083 -26.61 -17.01 80.02
N ALA G 1084 -25.97 -16.31 79.11
CA ALA G 1084 -26.46 -16.25 77.74
C ALA G 1084 -26.30 -17.60 77.06
N HIS G 1085 -27.17 -17.87 76.09
CA HIS G 1085 -27.08 -19.07 75.28
C HIS G 1085 -27.26 -18.72 73.81
N PHE G 1086 -26.47 -19.34 72.96
CA PHE G 1086 -26.46 -19.07 71.54
C PHE G 1086 -26.76 -20.34 70.75
N PRO G 1087 -27.39 -20.24 69.58
CA PRO G 1087 -27.75 -21.45 68.84
C PRO G 1087 -26.52 -22.09 68.23
N ARG G 1088 -26.40 -23.40 68.42
CA ARG G 1088 -25.27 -24.13 67.83
C ARG G 1088 -25.35 -24.11 66.31
N GLU G 1089 -26.49 -24.53 65.75
CA GLU G 1089 -26.75 -24.44 64.31
C GLU G 1089 -28.23 -24.06 64.15
N GLY G 1090 -28.49 -22.77 64.03
CA GLY G 1090 -29.85 -22.32 63.85
C GLY G 1090 -30.03 -20.89 64.31
N VAL G 1091 -31.28 -20.44 64.27
CA VAL G 1091 -31.65 -19.09 64.64
C VAL G 1091 -32.88 -19.15 65.53
N PHE G 1092 -32.88 -18.34 66.59
CA PHE G 1092 -33.99 -18.35 67.53
C PHE G 1092 -35.20 -17.64 66.92
N VAL G 1093 -36.35 -18.31 66.93
CA VAL G 1093 -37.60 -17.74 66.44
C VAL G 1093 -38.69 -18.06 67.44
N SER G 1094 -39.80 -17.32 67.33
CA SER G 1094 -40.98 -17.59 68.13
C SER G 1094 -42.21 -17.15 67.36
N ASN G 1095 -43.34 -17.73 67.72
CA ASN G 1095 -44.61 -17.41 67.08
C ASN G 1095 -45.53 -16.61 67.99
N GLY G 1096 -44.98 -15.92 68.97
CA GLY G 1096 -45.78 -15.10 69.86
C GLY G 1096 -45.81 -15.60 71.28
N THR G 1097 -45.84 -16.92 71.46
CA THR G 1097 -45.95 -17.53 72.78
C THR G 1097 -44.71 -18.31 73.18
N HIS G 1098 -44.25 -19.23 72.34
CA HIS G 1098 -43.17 -20.14 72.68
C HIS G 1098 -42.00 -19.92 71.74
N TRP G 1099 -40.79 -20.06 72.27
CA TRP G 1099 -39.59 -19.88 71.47
C TRP G 1099 -39.13 -21.21 70.87
N PHE G 1100 -38.42 -21.11 69.76
CA PHE G 1100 -37.95 -22.28 69.04
C PHE G 1100 -36.64 -21.94 68.34
N VAL G 1101 -35.88 -22.99 68.02
CA VAL G 1101 -34.67 -22.88 67.21
C VAL G 1101 -34.88 -23.67 65.93
N THR G 1102 -34.58 -23.07 64.79
CA THR G 1102 -34.82 -23.70 63.51
C THR G 1102 -33.63 -23.49 62.61
N GLN G 1103 -33.50 -24.38 61.61
CA GLN G 1103 -32.47 -24.24 60.61
C GLN G 1103 -32.80 -23.07 59.68
N ARG G 1104 -31.76 -22.55 59.02
CA ARG G 1104 -31.87 -21.24 58.38
C ARG G 1104 -32.80 -21.27 57.17
N ASN G 1105 -32.64 -22.27 56.30
CA ASN G 1105 -33.25 -22.24 54.97
C ASN G 1105 -34.52 -23.07 54.85
N PHE G 1106 -35.08 -23.52 55.96
CA PHE G 1106 -36.30 -24.32 55.92
C PHE G 1106 -36.93 -24.29 57.30
N TYR G 1107 -38.25 -24.10 57.34
CA TYR G 1107 -38.95 -23.96 58.62
C TYR G 1107 -39.14 -25.33 59.26
N GLU G 1108 -38.40 -25.59 60.34
CA GLU G 1108 -38.58 -26.81 61.11
C GLU G 1108 -38.25 -26.51 62.57
N PRO G 1109 -39.22 -26.02 63.32
CA PRO G 1109 -38.96 -25.64 64.71
C PRO G 1109 -38.62 -26.83 65.58
N GLN G 1110 -37.79 -26.59 66.59
CA GLN G 1110 -37.43 -27.60 67.57
C GLN G 1110 -37.45 -26.97 68.95
N ILE G 1111 -37.65 -27.80 69.97
CA ILE G 1111 -37.69 -27.31 71.34
C ILE G 1111 -36.29 -26.89 71.78
N ILE G 1112 -36.21 -25.78 72.50
CA ILE G 1112 -34.93 -25.34 73.04
C ILE G 1112 -34.44 -26.35 74.06
N THR G 1113 -33.18 -26.75 73.95
CA THR G 1113 -32.64 -27.82 74.76
C THR G 1113 -31.15 -27.60 74.90
N THR G 1114 -30.58 -28.01 76.04
CA THR G 1114 -29.16 -27.78 76.28
C THR G 1114 -28.29 -28.50 75.26
N ASP G 1115 -28.76 -29.62 74.72
CA ASP G 1115 -28.03 -30.27 73.64
C ASP G 1115 -28.06 -29.45 72.36
N ASN G 1116 -28.96 -28.47 72.27
CA ASN G 1116 -29.13 -27.68 71.06
C ASN G 1116 -28.36 -26.36 71.08
N THR G 1117 -27.96 -25.88 72.25
CA THR G 1117 -27.35 -24.57 72.41
C THR G 1117 -26.00 -24.71 73.11
N PHE G 1118 -25.20 -23.64 73.06
CA PHE G 1118 -23.97 -23.57 73.82
C PHE G 1118 -23.92 -22.25 74.57
N VAL G 1119 -23.31 -22.29 75.75
CA VAL G 1119 -23.33 -21.18 76.70
C VAL G 1119 -21.96 -20.52 76.74
N SER G 1120 -21.95 -19.18 76.77
CA SER G 1120 -20.70 -18.43 76.77
C SER G 1120 -20.94 -17.07 77.40
N GLY G 1121 -20.52 -16.90 78.64
CA GLY G 1121 -20.51 -15.61 79.30
C GLY G 1121 -21.83 -15.25 79.97
N ASN G 1122 -21.78 -14.17 80.73
CA ASN G 1122 -22.96 -13.67 81.43
C ASN G 1122 -23.95 -13.08 80.44
N CYS G 1123 -25.22 -13.00 80.89
CA CYS G 1123 -26.32 -12.52 80.05
C CYS G 1123 -26.69 -11.08 80.35
N ASP G 1124 -25.74 -10.27 80.76
CA ASP G 1124 -25.98 -8.85 81.01
C ASP G 1124 -25.18 -7.92 80.10
N VAL G 1125 -24.40 -8.47 79.18
CA VAL G 1125 -23.53 -7.68 78.32
C VAL G 1125 -24.06 -7.63 76.89
N VAL G 1126 -24.65 -8.72 76.40
CA VAL G 1126 -25.17 -8.74 75.05
C VAL G 1126 -26.45 -7.90 74.99
N ILE G 1127 -26.66 -7.24 73.86
CA ILE G 1127 -27.83 -6.39 73.65
C ILE G 1127 -28.93 -7.22 73.00
N GLY G 1128 -30.15 -7.05 73.49
CA GLY G 1128 -31.31 -7.70 72.89
C GLY G 1128 -31.61 -9.09 73.41
N ILE G 1129 -30.89 -9.58 74.41
CA ILE G 1129 -31.17 -10.89 74.97
C ILE G 1129 -32.54 -10.87 75.63
N VAL G 1130 -33.21 -12.03 75.63
CA VAL G 1130 -34.57 -12.16 76.13
C VAL G 1130 -34.62 -13.34 77.09
N ASN G 1131 -35.69 -13.40 77.87
CA ASN G 1131 -35.86 -14.37 78.93
C ASN G 1131 -36.68 -15.58 78.47
N ASN G 1132 -36.19 -16.77 78.76
CA ASN G 1132 -36.92 -18.01 78.53
C ASN G 1132 -36.20 -19.12 79.29
N THR G 1133 -36.71 -20.33 79.17
CA THR G 1133 -36.21 -21.48 79.89
C THR G 1133 -35.63 -22.50 78.93
N VAL G 1134 -34.41 -22.94 79.19
CA VAL G 1134 -33.75 -23.98 78.41
C VAL G 1134 -33.93 -25.31 79.14
N TYR G 1135 -34.47 -26.30 78.44
CA TYR G 1135 -34.83 -27.57 79.06
C TYR G 1135 -33.63 -28.51 79.00
N ASP G 1136 -33.21 -28.99 80.15
CA ASP G 1136 -32.07 -29.91 80.23
C ASP G 1136 -32.48 -31.27 79.67
N PRO G 1137 -31.76 -31.81 78.68
CA PRO G 1137 -32.09 -33.15 78.18
C PRO G 1137 -31.58 -34.22 79.13
N LEU G 1138 -30.52 -33.88 79.86
CA LEU G 1138 -29.94 -34.82 80.81
C LEU G 1138 -30.79 -34.94 82.07
N GLN G 1139 -31.63 -33.94 82.36
CA GLN G 1139 -32.50 -34.05 83.52
C GLN G 1139 -33.51 -35.19 83.41
N PRO G 1140 -34.31 -35.31 82.34
CA PRO G 1140 -35.19 -36.49 82.26
C PRO G 1140 -34.43 -37.80 82.25
N GLU G 1141 -33.19 -37.80 81.72
CA GLU G 1141 -32.34 -38.98 81.85
C GLU G 1141 -32.04 -39.30 83.31
N LEU G 1142 -32.20 -38.33 84.21
CA LEU G 1142 -32.19 -38.59 85.64
C LEU G 1142 -33.52 -38.31 86.31
N ASP G 1143 -34.33 -37.40 85.78
CA ASP G 1143 -35.64 -37.12 86.36
C ASP G 1143 -36.56 -38.34 86.26
N SER G 1144 -36.59 -38.98 85.09
CA SER G 1144 -37.27 -40.26 84.96
C SER G 1144 -36.62 -41.32 85.84
N PHE G 1145 -35.34 -41.14 86.19
CA PHE G 1145 -34.70 -41.98 87.17
C PHE G 1145 -34.80 -41.42 88.58
N LYS G 1146 -34.99 -40.10 88.72
CA LYS G 1146 -35.50 -39.59 89.99
C LYS G 1146 -36.92 -40.09 90.20
N GLU G 1147 -37.68 -40.27 89.12
CA GLU G 1147 -38.92 -41.02 89.15
C GLU G 1147 -38.68 -42.50 89.41
N GLU G 1148 -37.42 -42.95 89.35
CA GLU G 1148 -37.08 -44.34 89.63
C GLU G 1148 -36.20 -44.49 90.87
N LEU G 1149 -35.04 -43.81 90.91
CA LEU G 1149 -34.14 -43.95 92.05
C LEU G 1149 -34.75 -43.39 93.33
N ASP G 1150 -35.25 -42.15 93.26
CA ASP G 1150 -35.90 -41.56 94.43
C ASP G 1150 -37.19 -42.28 94.76
N LYS G 1151 -37.91 -42.77 93.74
CA LYS G 1151 -39.07 -43.59 93.98
C LYS G 1151 -38.69 -44.88 94.70
N TYR G 1152 -37.55 -45.47 94.33
CA TYR G 1152 -37.03 -46.62 95.06
C TYR G 1152 -36.71 -46.24 96.50
N PHE G 1153 -36.17 -45.04 96.71
CA PHE G 1153 -35.99 -44.54 98.07
C PHE G 1153 -37.34 -44.38 98.77
N LYS G 1154 -38.33 -43.82 98.06
CA LYS G 1154 -39.67 -43.75 98.61
C LYS G 1154 -40.27 -45.13 98.81
N ASN G 1155 -39.93 -46.07 97.94
CA ASN G 1155 -40.36 -47.46 98.08
C ASN G 1155 -39.63 -48.19 99.20
N HIS G 1156 -38.53 -47.61 99.70
CA HIS G 1156 -37.74 -48.24 100.75
C HIS G 1156 -37.74 -47.49 102.07
N THR G 1157 -38.01 -46.18 102.06
CA THR G 1157 -38.05 -45.43 103.30
C THR G 1157 -39.32 -45.72 104.09
N SER G 1158 -40.45 -45.86 103.40
CA SER G 1158 -41.72 -46.06 104.09
C SER G 1158 -41.76 -47.35 104.93
N PRO G 1159 -41.29 -48.52 104.45
CA PRO G 1159 -41.39 -49.66 105.37
C PRO G 1159 -40.30 -49.64 106.43
N GLN H 14 47.07 -32.24 -41.80
CA GLN H 14 46.42 -33.17 -42.72
C GLN H 14 45.31 -33.94 -42.00
N CYS H 15 44.29 -34.33 -42.76
CA CYS H 15 43.17 -35.10 -42.24
C CYS H 15 42.84 -36.23 -43.21
N VAL H 16 42.27 -37.31 -42.66
CA VAL H 16 42.04 -38.53 -43.41
C VAL H 16 40.58 -38.92 -43.26
N ASN H 17 39.92 -39.19 -44.39
CA ASN H 17 38.59 -39.80 -44.39
C ASN H 17 38.74 -41.30 -44.10
N LEU H 18 39.09 -41.59 -42.83
CA LEU H 18 39.33 -42.97 -42.45
C LEU H 18 38.06 -43.80 -42.47
N THR H 19 36.94 -43.23 -42.03
CA THR H 19 35.64 -43.91 -41.95
C THR H 19 35.82 -45.14 -41.07
N THR H 20 35.47 -46.34 -41.53
CA THR H 20 35.58 -47.61 -40.80
C THR H 20 35.27 -47.44 -39.31
N ARG H 21 34.06 -46.95 -39.04
CA ARG H 21 33.59 -46.73 -37.68
C ARG H 21 32.89 -47.96 -37.14
N THR H 22 33.19 -48.30 -35.88
CA THR H 22 32.55 -49.40 -35.17
C THR H 22 31.83 -48.87 -33.95
N GLN H 23 30.64 -49.40 -33.68
CA GLN H 23 29.81 -48.94 -32.59
C GLN H 23 29.22 -50.14 -31.85
N LEU H 24 29.04 -49.97 -30.55
CA LEU H 24 28.60 -51.02 -29.64
C LEU H 24 27.42 -50.53 -28.80
N PRO H 25 26.59 -51.43 -28.30
CA PRO H 25 25.49 -51.00 -27.44
C PRO H 25 26.02 -50.37 -26.17
N PRO H 26 25.29 -49.38 -25.63
CA PRO H 26 25.77 -48.69 -24.43
C PRO H 26 25.27 -49.32 -23.14
N ALA H 27 25.67 -48.78 -21.99
CA ALA H 27 25.19 -49.28 -20.71
C ALA H 27 24.48 -48.16 -19.97
N TYR H 28 23.81 -48.52 -18.87
CA TYR H 28 23.09 -47.55 -18.05
C TYR H 28 23.59 -47.61 -16.62
N THR H 29 23.75 -46.44 -16.01
CA THR H 29 24.19 -46.40 -14.60
C THR H 29 23.55 -45.19 -13.94
N ASN H 30 23.23 -45.34 -12.65
CA ASN H 30 22.61 -44.25 -11.91
C ASN H 30 23.69 -43.35 -11.33
N SER H 31 23.62 -42.06 -11.66
CA SER H 31 24.49 -41.07 -11.06
C SER H 31 23.92 -40.70 -9.69
N PHE H 32 24.67 -40.99 -8.64
CA PHE H 32 24.13 -40.90 -7.29
C PHE H 32 23.85 -39.46 -6.89
N THR H 33 24.88 -38.63 -6.82
CA THR H 33 24.70 -37.26 -6.36
C THR H 33 25.49 -36.26 -7.20
N ARG H 34 26.26 -36.72 -8.20
CA ARG H 34 27.13 -35.84 -8.94
C ARG H 34 26.33 -34.82 -9.75
N GLY H 35 26.99 -33.71 -10.08
CA GLY H 35 26.39 -32.71 -10.94
C GLY H 35 25.86 -31.48 -10.23
N VAL H 36 26.62 -30.95 -9.27
CA VAL H 36 26.24 -29.75 -8.52
C VAL H 36 27.34 -28.71 -8.70
N TYR H 37 26.95 -27.50 -9.08
CA TYR H 37 27.89 -26.43 -9.37
C TYR H 37 27.46 -25.15 -8.67
N TYR H 38 28.36 -24.17 -8.66
CA TYR H 38 28.08 -22.88 -8.05
C TYR H 38 27.16 -22.08 -8.95
N PRO H 39 25.97 -21.67 -8.48
CA PRO H 39 25.07 -20.93 -9.36
C PRO H 39 25.49 -19.49 -9.63
N ASP H 40 26.03 -18.79 -8.63
CA ASP H 40 26.34 -17.38 -8.77
C ASP H 40 27.76 -17.08 -8.30
N LYS H 41 28.23 -15.88 -8.62
CA LYS H 41 29.59 -15.43 -8.32
C LYS H 41 29.65 -14.67 -7.00
N VAL H 42 29.13 -15.24 -5.91
CA VAL H 42 29.07 -14.55 -4.63
C VAL H 42 29.50 -15.52 -3.54
N PHE H 43 30.10 -14.98 -2.47
CA PHE H 43 30.65 -15.77 -1.38
C PHE H 43 29.66 -15.77 -0.21
N ARG H 44 29.07 -16.92 0.07
CA ARG H 44 28.22 -17.11 1.24
C ARG H 44 28.77 -18.22 2.12
N SER H 45 28.55 -18.10 3.42
CA SER H 45 29.06 -19.07 4.37
C SER H 45 28.05 -19.29 5.48
N SER H 46 27.88 -20.56 5.86
CA SER H 46 27.01 -20.97 6.97
C SER H 46 25.57 -20.52 6.75
N VAL H 47 25.03 -20.84 5.58
CA VAL H 47 23.65 -20.53 5.21
C VAL H 47 23.04 -21.73 4.51
N LEU H 48 21.76 -21.63 4.21
CA LEU H 48 21.07 -22.56 3.30
C LEU H 48 20.40 -21.73 2.22
N HIS H 49 20.72 -22.02 0.97
CA HIS H 49 20.26 -21.21 -0.15
C HIS H 49 19.44 -22.05 -1.11
N SER H 50 18.28 -21.54 -1.52
CA SER H 50 17.38 -22.23 -2.42
C SER H 50 17.42 -21.57 -3.78
N THR H 51 17.84 -22.31 -4.80
CA THR H 51 18.03 -21.76 -6.14
C THR H 51 17.35 -22.64 -7.18
N GLN H 52 16.66 -22.02 -8.12
CA GLN H 52 16.05 -22.72 -9.24
C GLN H 52 16.91 -22.51 -10.48
N ASP H 53 17.29 -23.60 -11.14
CA ASP H 53 18.23 -23.53 -12.25
C ASP H 53 18.24 -24.89 -12.93
N LEU H 54 19.02 -25.01 -14.01
CA LEU H 54 19.16 -26.27 -14.73
C LEU H 54 20.20 -27.14 -14.02
N PHE H 55 19.77 -28.28 -13.50
CA PHE H 55 20.63 -29.18 -12.74
C PHE H 55 20.44 -30.60 -13.24
N LEU H 56 21.37 -31.47 -12.87
CA LEU H 56 21.22 -32.90 -13.14
C LEU H 56 20.43 -33.54 -12.01
N PRO H 57 19.26 -34.11 -12.28
CA PRO H 57 18.44 -34.66 -11.19
C PRO H 57 19.16 -35.78 -10.45
N PHE H 58 18.89 -35.88 -9.17
CA PHE H 58 19.53 -36.90 -8.35
C PHE H 58 19.05 -38.29 -8.74
N PHE H 59 19.97 -39.26 -8.69
CA PHE H 59 19.67 -40.65 -9.02
C PHE H 59 19.13 -40.79 -10.44
N SER H 60 19.65 -39.97 -11.35
CA SER H 60 19.27 -40.07 -12.74
C SER H 60 20.04 -41.19 -13.43
N ASN H 61 19.58 -41.56 -14.63
CA ASN H 61 20.21 -42.62 -15.40
C ASN H 61 21.08 -42.00 -16.49
N VAL H 62 22.39 -42.17 -16.36
CA VAL H 62 23.35 -41.68 -17.34
C VAL H 62 23.79 -42.86 -18.20
N THR H 63 24.10 -42.54 -19.45
CA THR H 63 24.52 -43.54 -20.44
C THR H 63 26.02 -43.71 -20.33
N TRP H 64 26.42 -44.90 -19.87
CA TRP H 64 27.82 -45.29 -19.79
C TRP H 64 28.33 -45.79 -21.13
N PHE H 65 29.54 -45.35 -21.49
CA PHE H 65 30.24 -45.78 -22.69
C PHE H 65 31.64 -46.24 -22.32
N HIS H 66 32.10 -47.27 -23.03
CA HIS H 66 33.39 -47.90 -22.77
C HIS H 66 34.17 -47.99 -24.07
N VAL H 67 35.47 -47.71 -24.00
CA VAL H 67 36.36 -47.76 -25.14
C VAL H 67 37.53 -48.68 -24.82
N ILE H 68 37.82 -49.61 -25.72
CA ILE H 68 38.94 -50.52 -25.55
C ILE H 68 40.25 -49.76 -25.69
N LYS H 75 39.73 -50.44 -29.64
CA LYS H 75 38.91 -50.90 -30.75
C LYS H 75 37.55 -50.19 -30.74
N ARG H 76 37.58 -48.85 -30.83
CA ARG H 76 36.36 -48.07 -30.84
C ARG H 76 36.64 -46.74 -31.52
N PHE H 77 35.58 -46.11 -32.02
CA PHE H 77 35.71 -44.80 -32.65
C PHE H 77 34.35 -44.12 -32.59
N ASP H 78 34.23 -43.12 -31.72
CA ASP H 78 32.99 -42.35 -31.57
C ASP H 78 33.33 -40.86 -31.51
N ASN H 79 32.61 -40.07 -32.29
CA ASN H 79 32.67 -38.61 -32.19
C ASN H 79 31.42 -37.95 -32.74
N PRO H 80 30.24 -38.22 -32.19
CA PRO H 80 29.04 -37.49 -32.60
C PRO H 80 28.89 -36.21 -31.77
N VAL H 81 27.84 -35.45 -32.10
CA VAL H 81 27.45 -34.28 -31.31
C VAL H 81 26.72 -34.75 -30.06
N LEU H 82 26.90 -34.01 -28.99
CA LEU H 82 26.14 -34.28 -27.78
C LEU H 82 24.79 -33.60 -27.86
N PRO H 83 23.66 -34.35 -27.74
CA PRO H 83 22.34 -33.68 -27.74
C PRO H 83 22.26 -32.62 -26.66
N PHE H 84 22.15 -31.37 -27.09
CA PHE H 84 22.58 -30.23 -26.28
C PHE H 84 21.47 -29.18 -26.18
N ASN H 85 21.19 -28.73 -24.95
CA ASN H 85 20.33 -27.57 -24.71
C ASN H 85 21.05 -26.66 -23.72
N ASP H 86 21.99 -25.85 -24.23
CA ASP H 86 22.85 -24.98 -23.42
C ASP H 86 23.25 -25.65 -22.10
N GLY H 87 23.77 -26.87 -22.21
CA GLY H 87 24.23 -27.58 -21.04
C GLY H 87 23.91 -29.06 -20.97
N VAL H 88 24.95 -29.88 -20.80
CA VAL H 88 24.80 -31.31 -20.47
C VAL H 88 25.98 -31.73 -19.61
N TYR H 89 25.92 -32.93 -19.05
CA TYR H 89 26.91 -33.43 -18.11
C TYR H 89 27.71 -34.55 -18.75
N PHE H 90 29.03 -34.49 -18.61
CA PHE H 90 29.94 -35.45 -19.24
C PHE H 90 31.07 -35.74 -18.26
N ALA H 91 31.22 -37.00 -17.86
CA ALA H 91 32.22 -37.38 -16.87
C ALA H 91 33.08 -38.52 -17.39
N SER H 92 34.39 -38.32 -17.39
CA SER H 92 35.32 -39.29 -17.94
C SER H 92 36.27 -39.79 -16.86
N ILE H 93 36.46 -41.10 -16.79
CA ILE H 93 37.40 -41.72 -15.87
C ILE H 93 38.59 -42.22 -16.67
N GLU H 94 39.76 -41.62 -16.45
CA GLU H 94 40.91 -41.90 -17.30
C GLU H 94 42.22 -41.75 -16.54
N LYS H 95 43.28 -42.22 -17.20
CA LYS H 95 44.66 -42.00 -16.78
C LYS H 95 45.49 -41.52 -17.96
N SER H 96 45.10 -41.90 -19.18
CA SER H 96 45.92 -41.67 -20.36
C SER H 96 45.75 -40.28 -20.96
N ASN H 97 44.79 -39.49 -20.49
CA ASN H 97 44.60 -38.10 -20.94
C ASN H 97 44.38 -38.06 -22.46
N ILE H 98 43.27 -38.66 -22.87
CA ILE H 98 42.95 -38.74 -24.30
C ILE H 98 42.31 -37.43 -24.78
N ILE H 99 41.32 -36.92 -24.06
CA ILE H 99 40.56 -35.76 -24.51
C ILE H 99 41.37 -34.49 -24.21
N ARG H 100 41.60 -33.68 -25.25
CA ARG H 100 42.49 -32.53 -25.12
C ARG H 100 41.81 -31.18 -25.31
N GLY H 101 41.20 -30.93 -26.47
CA GLY H 101 40.74 -29.59 -26.80
C GLY H 101 39.26 -29.46 -27.10
N TRP H 102 38.84 -28.34 -27.69
CA TRP H 102 37.43 -28.09 -27.95
C TRP H 102 37.26 -27.41 -29.31
N ILE H 103 36.31 -27.90 -30.09
CA ILE H 103 35.98 -27.34 -31.41
C ILE H 103 34.47 -27.28 -31.52
N PHE H 104 33.91 -26.08 -31.53
CA PHE H 104 32.46 -25.89 -31.58
C PHE H 104 32.13 -25.35 -32.96
N GLY H 105 31.15 -25.93 -33.62
CA GLY H 105 30.80 -25.45 -34.95
C GLY H 105 29.48 -25.96 -35.47
N THR H 106 28.72 -25.09 -36.14
CA THR H 106 27.41 -25.48 -36.65
C THR H 106 27.43 -25.94 -38.10
N THR H 107 28.39 -25.47 -38.91
CA THR H 107 28.49 -25.91 -40.29
C THR H 107 29.91 -26.20 -40.76
N LEU H 108 30.95 -25.78 -40.04
CA LEU H 108 32.34 -26.04 -40.39
C LEU H 108 32.64 -25.63 -41.83
N ASP H 109 32.17 -24.43 -42.19
CA ASP H 109 32.21 -23.97 -43.57
C ASP H 109 32.91 -22.63 -43.74
N SER H 110 33.66 -22.16 -42.74
CA SER H 110 34.34 -20.87 -42.77
C SER H 110 33.37 -19.71 -42.94
N LYS H 111 32.09 -19.91 -42.59
CA LYS H 111 31.09 -18.86 -42.65
C LYS H 111 30.54 -18.53 -41.26
N THR H 112 30.09 -19.54 -40.51
CA THR H 112 29.72 -19.34 -39.12
C THR H 112 30.98 -19.50 -38.27
N GLN H 113 31.30 -18.46 -37.50
CA GLN H 113 32.51 -18.49 -36.69
C GLN H 113 32.49 -19.69 -35.75
N SER H 114 33.54 -20.49 -35.82
CA SER H 114 33.68 -21.69 -35.04
C SER H 114 34.70 -21.47 -33.93
N LEU H 115 34.52 -22.19 -32.83
CA LEU H 115 35.46 -22.10 -31.73
C LEU H 115 36.77 -22.78 -32.07
N LEU H 116 37.78 -22.47 -31.26
CA LEU H 116 39.03 -23.21 -31.27
C LEU H 116 39.64 -23.01 -29.88
N ILE H 117 39.51 -24.02 -29.03
CA ILE H 117 40.04 -23.99 -27.67
C ILE H 117 41.15 -25.03 -27.63
N VAL H 118 42.39 -24.59 -27.43
CA VAL H 118 43.53 -25.48 -27.52
C VAL H 118 44.37 -25.36 -26.26
N ASN H 119 44.68 -26.52 -25.65
CA ASN H 119 45.68 -26.62 -24.58
C ASN H 119 46.54 -27.87 -24.83
N ASN H 120 47.68 -27.66 -25.47
CA ASN H 120 48.55 -28.78 -25.83
C ASN H 120 49.37 -29.25 -24.63
N ALA H 121 50.26 -28.42 -24.11
CA ALA H 121 50.99 -28.73 -22.88
C ALA H 121 50.71 -27.71 -21.79
N THR H 122 50.89 -26.42 -22.07
CA THR H 122 50.66 -25.36 -21.09
C THR H 122 49.81 -24.22 -21.62
N ASN H 123 49.68 -24.07 -22.93
CA ASN H 123 48.99 -22.94 -23.50
C ASN H 123 47.48 -23.16 -23.45
N VAL H 124 46.73 -22.06 -23.31
CA VAL H 124 45.28 -22.15 -23.39
C VAL H 124 44.80 -21.03 -24.30
N VAL H 125 44.62 -21.34 -25.58
CA VAL H 125 44.26 -20.35 -26.57
C VAL H 125 42.79 -20.52 -26.94
N ILE H 126 42.06 -19.42 -26.85
CA ILE H 126 40.65 -19.32 -27.22
C ILE H 126 40.56 -18.46 -28.45
N LYS H 127 39.96 -18.97 -29.51
CA LYS H 127 39.82 -18.15 -30.72
C LYS H 127 38.53 -18.52 -31.43
N VAL H 128 37.67 -17.53 -31.63
CA VAL H 128 36.42 -17.69 -32.36
C VAL H 128 36.65 -17.11 -33.75
N CYS H 129 36.68 -17.99 -34.75
CA CYS H 129 37.03 -17.58 -36.10
C CYS H 129 36.34 -18.48 -37.11
N GLU H 130 35.99 -17.92 -38.26
CA GLU H 130 35.41 -18.71 -39.33
C GLU H 130 36.40 -19.78 -39.76
N PHE H 131 35.95 -21.04 -39.76
CA PHE H 131 36.83 -22.17 -40.01
C PHE H 131 36.18 -23.17 -40.96
N GLN H 132 37.00 -23.74 -41.84
CA GLN H 132 36.61 -24.89 -42.65
C GLN H 132 37.49 -26.05 -42.18
N PHE H 133 36.95 -26.86 -41.26
CA PHE H 133 37.69 -27.96 -40.67
C PHE H 133 37.69 -29.16 -41.61
N CYS H 134 38.11 -30.30 -41.10
CA CYS H 134 38.09 -31.56 -41.84
C CYS H 134 36.79 -32.30 -41.51
N ASN H 135 36.67 -33.54 -41.99
CA ASN H 135 35.50 -34.34 -41.66
C ASN H 135 35.50 -34.72 -40.19
N ASP H 136 36.52 -35.47 -39.76
CA ASP H 136 36.72 -35.82 -38.36
C ASP H 136 38.02 -35.19 -37.88
N PRO H 137 37.96 -34.08 -37.15
CA PRO H 137 39.20 -33.51 -36.62
C PRO H 137 39.77 -34.40 -35.53
N PHE H 138 40.76 -35.23 -35.88
CA PHE H 138 41.26 -36.22 -34.90
C PHE H 138 42.74 -36.00 -34.57
N LEU H 139 43.09 -35.99 -33.29
CA LEU H 139 44.52 -35.91 -32.90
C LEU H 139 44.94 -37.32 -32.47
N ASP H 140 44.01 -38.28 -32.54
CA ASP H 140 44.29 -39.66 -32.06
C ASP H 140 45.39 -40.33 -32.88
N HIS H 141 45.35 -40.22 -34.21
CA HIS H 141 46.07 -41.20 -35.07
C HIS H 141 47.40 -40.61 -35.54
N LYS H 142 48.52 -41.24 -35.16
CA LYS H 142 49.86 -40.75 -35.57
C LYS H 142 50.98 -41.61 -34.97
N ASN H 143 51.82 -42.23 -35.80
CA ASN H 143 53.01 -42.93 -35.33
C ASN H 143 52.68 -44.07 -34.35
N ASN H 144 51.82 -44.98 -34.80
CA ASN H 144 51.56 -46.30 -34.18
C ASN H 144 51.30 -46.08 -32.68
N LYS H 145 52.01 -46.75 -31.78
CA LYS H 145 51.70 -46.67 -30.36
C LYS H 145 51.92 -45.26 -29.81
N SER H 146 52.96 -44.58 -30.28
CA SER H 146 53.37 -43.31 -29.70
C SER H 146 52.32 -42.23 -29.93
N TRP H 147 52.22 -41.32 -28.96
CA TRP H 147 51.30 -40.19 -29.03
C TRP H 147 52.09 -38.89 -29.14
N MET H 148 51.54 -37.94 -29.89
CA MET H 148 52.15 -36.62 -30.02
C MET H 148 51.08 -35.65 -30.53
N GLU H 149 51.41 -34.36 -30.45
CA GLU H 149 50.50 -33.29 -30.86
C GLU H 149 50.50 -33.14 -32.38
N SER H 150 49.99 -34.17 -33.03
CA SER H 150 49.84 -34.17 -34.48
C SER H 150 48.48 -33.63 -34.88
N GLU H 151 48.34 -33.32 -36.17
CA GLU H 151 47.11 -32.79 -36.74
C GLU H 151 46.67 -31.51 -36.03
N PHE H 152 47.64 -30.63 -35.76
CA PHE H 152 47.33 -29.36 -35.11
C PHE H 152 46.44 -28.49 -35.99
N ARG H 153 46.72 -28.45 -37.29
CA ARG H 153 45.97 -27.60 -38.21
C ARG H 153 44.73 -28.33 -38.74
N VAL H 154 43.81 -28.59 -37.82
CA VAL H 154 42.52 -29.15 -38.20
C VAL H 154 41.72 -28.14 -39.02
N TYR H 155 41.85 -26.85 -38.72
CA TYR H 155 41.22 -25.80 -39.50
C TYR H 155 42.03 -25.55 -40.78
N SER H 156 41.44 -24.77 -41.69
CA SER H 156 42.09 -24.42 -42.94
C SER H 156 42.34 -22.93 -43.08
N SER H 157 41.31 -22.09 -42.91
CA SER H 157 41.43 -20.66 -43.10
C SER H 157 40.93 -19.93 -41.87
N ALA H 158 41.59 -18.83 -41.52
CA ALA H 158 41.22 -17.99 -40.38
C ALA H 158 41.15 -16.55 -40.87
N ASN H 159 39.98 -16.15 -41.38
CA ASN H 159 39.84 -14.83 -41.99
C ASN H 159 39.60 -13.75 -40.94
N ASN H 160 38.50 -13.84 -40.20
CA ASN H 160 38.11 -12.83 -39.23
C ASN H 160 37.96 -13.51 -37.87
N CYS H 161 39.02 -13.44 -37.06
CA CYS H 161 39.04 -14.03 -35.73
C CYS H 161 38.80 -12.94 -34.69
N THR H 162 37.91 -13.20 -33.74
CA THR H 162 37.45 -12.16 -32.83
C THR H 162 38.27 -12.10 -31.54
N PHE H 163 38.25 -13.18 -30.76
CA PHE H 163 38.81 -13.17 -29.42
C PHE H 163 40.05 -14.05 -29.35
N GLU H 164 41.07 -13.56 -28.64
CA GLU H 164 42.28 -14.31 -28.37
C GLU H 164 42.63 -14.15 -26.89
N TYR H 165 43.00 -15.26 -26.25
CA TYR H 165 43.23 -15.26 -24.81
C TYR H 165 44.15 -16.43 -24.47
N VAL H 166 45.07 -16.20 -23.52
CA VAL H 166 46.04 -17.19 -23.09
C VAL H 166 45.95 -17.33 -21.57
N SER H 167 45.91 -18.57 -21.09
CA SER H 167 45.84 -18.84 -19.65
C SER H 167 46.49 -20.19 -19.37
N GLN H 168 46.42 -20.60 -18.08
CA GLN H 168 47.04 -21.81 -17.59
C GLN H 168 46.20 -23.05 -17.93
N PRO H 169 46.85 -24.21 -18.10
CA PRO H 169 46.11 -25.41 -18.53
C PRO H 169 45.54 -26.22 -17.38
N PHE H 170 44.96 -27.37 -17.69
CA PHE H 170 44.45 -28.28 -16.68
C PHE H 170 45.62 -29.09 -16.12
N LEU H 171 45.33 -30.14 -15.36
CA LEU H 171 46.36 -31.06 -14.90
C LEU H 171 46.44 -32.20 -15.91
N MET H 172 47.44 -32.13 -16.78
CA MET H 172 47.62 -33.11 -17.84
C MET H 172 48.46 -34.29 -17.34
N ASP H 173 48.44 -35.37 -18.12
CA ASP H 173 49.28 -36.54 -17.87
C ASP H 173 50.25 -36.70 -19.03
N LEU H 174 51.53 -36.89 -18.69
CA LEU H 174 52.55 -37.09 -19.71
C LEU H 174 52.30 -38.39 -20.47
N GLU H 175 52.35 -38.31 -21.80
CA GLU H 175 52.16 -39.45 -22.71
C GLU H 175 50.82 -40.12 -22.37
N GLY H 176 50.74 -41.43 -22.28
CA GLY H 176 49.51 -42.11 -21.92
C GLY H 176 49.79 -43.37 -21.14
N LYS H 177 48.90 -43.67 -20.20
CA LYS H 177 49.02 -44.85 -19.34
C LYS H 177 47.75 -45.67 -19.45
N GLN H 178 47.91 -46.97 -19.69
CA GLN H 178 46.79 -47.89 -19.80
C GLN H 178 46.55 -48.55 -18.44
N GLY H 179 45.35 -48.35 -17.90
CA GLY H 179 45.00 -48.90 -16.60
C GLY H 179 45.29 -47.92 -15.47
N ASN H 180 44.81 -48.30 -14.28
CA ASN H 180 44.94 -47.49 -13.07
C ASN H 180 44.46 -46.06 -13.31
N PHE H 181 43.22 -45.95 -13.80
CA PHE H 181 42.63 -44.66 -14.14
C PHE H 181 42.26 -43.92 -12.87
N LYS H 182 43.26 -43.24 -12.29
CA LYS H 182 43.02 -42.44 -11.11
C LYS H 182 42.16 -41.21 -11.42
N ASN H 183 42.40 -40.57 -12.56
CA ASN H 183 41.79 -39.27 -12.81
C ASN H 183 40.29 -39.40 -13.10
N LEU H 184 39.53 -38.42 -12.63
CA LEU H 184 38.09 -38.36 -12.86
C LEU H 184 37.74 -36.92 -13.15
N ARG H 185 37.32 -36.64 -14.38
CA ARG H 185 37.03 -35.29 -14.83
C ARG H 185 35.54 -35.15 -15.09
N GLU H 186 34.93 -34.14 -14.48
CA GLU H 186 33.52 -33.84 -14.68
C GLU H 186 33.40 -32.48 -15.34
N PHE H 187 32.69 -32.44 -16.47
CA PHE H 187 32.43 -31.19 -17.18
C PHE H 187 30.93 -31.07 -17.41
N VAL H 188 30.34 -29.96 -16.98
CA VAL H 188 29.00 -29.61 -17.40
C VAL H 188 29.09 -28.40 -18.31
N PHE H 189 28.57 -28.54 -19.52
CA PHE H 189 28.72 -27.53 -20.56
C PHE H 189 27.50 -26.64 -20.60
N LYS H 190 27.73 -25.32 -20.57
CA LYS H 190 26.75 -24.32 -20.97
C LYS H 190 27.45 -22.97 -21.16
N ASN H 191 26.66 -21.93 -21.40
CA ASN H 191 27.15 -20.56 -21.43
C ASN H 191 25.96 -19.62 -21.32
N ILE H 192 26.02 -18.72 -20.35
CA ILE H 192 24.88 -17.88 -20.00
C ILE H 192 25.23 -16.43 -20.30
N ASP H 193 24.35 -15.76 -21.04
CA ASP H 193 24.50 -14.35 -21.43
C ASP H 193 25.83 -14.13 -22.16
N GLY H 194 26.18 -15.07 -23.04
CA GLY H 194 27.44 -15.03 -23.73
C GLY H 194 28.63 -15.48 -22.92
N TYR H 195 28.52 -15.47 -21.60
CA TYR H 195 29.59 -15.95 -20.72
C TYR H 195 29.73 -17.45 -20.91
N PHE H 196 30.78 -17.85 -21.63
CA PHE H 196 31.17 -19.25 -21.69
C PHE H 196 31.32 -19.81 -20.30
N LYS H 197 30.70 -20.96 -20.02
CA LYS H 197 30.81 -21.66 -18.74
C LYS H 197 30.84 -23.16 -18.99
N ILE H 198 32.05 -23.68 -19.16
CA ILE H 198 32.29 -25.11 -19.15
C ILE H 198 32.74 -25.42 -17.73
N TYR H 199 31.77 -25.65 -16.83
CA TYR H 199 32.12 -25.92 -15.46
C TYR H 199 32.90 -27.23 -15.38
N SER H 200 34.00 -27.23 -14.64
CA SER H 200 34.88 -28.38 -14.59
C SER H 200 35.30 -28.68 -13.17
N LYS H 201 35.54 -29.97 -12.91
CA LYS H 201 36.07 -30.44 -11.64
C LYS H 201 36.89 -31.69 -11.92
N HIS H 202 38.18 -31.65 -11.57
CA HIS H 202 39.10 -32.76 -11.85
C HIS H 202 39.60 -33.30 -10.52
N THR H 203 39.13 -34.49 -10.15
CA THR H 203 39.55 -35.13 -8.91
C THR H 203 40.34 -36.38 -9.24
N PRO H 204 41.58 -36.51 -8.76
CA PRO H 204 42.31 -37.77 -8.98
C PRO H 204 42.06 -38.75 -7.86
N ILE H 205 40.78 -39.10 -7.66
CA ILE H 205 40.46 -40.10 -6.64
C ILE H 205 39.59 -41.18 -7.25
N LEU H 206 40.23 -42.20 -7.81
CA LEU H 206 39.56 -43.47 -8.09
C LEU H 206 40.45 -44.60 -7.59
N VAL H 207 40.27 -45.00 -6.32
CA VAL H 207 40.89 -46.24 -5.86
C VAL H 207 39.90 -47.39 -6.00
N ARG H 208 39.75 -47.88 -7.24
CA ARG H 208 38.84 -48.98 -7.57
C ARG H 208 38.94 -49.21 -9.07
N GLU H 209 38.17 -50.18 -9.55
CA GLU H 209 37.93 -50.35 -10.97
C GLU H 209 36.94 -49.28 -11.44
N PRO H 210 36.95 -48.95 -12.74
CA PRO H 210 36.01 -47.91 -13.22
C PRO H 210 34.56 -48.24 -12.89
N GLU H 211 34.06 -49.39 -13.35
CA GLU H 211 32.72 -49.88 -13.01
C GLU H 211 31.69 -48.77 -13.12
N ASP H 212 30.92 -48.56 -12.07
CA ASP H 212 29.95 -47.47 -11.98
C ASP H 212 30.64 -46.20 -11.47
N LEU H 213 29.93 -45.08 -11.65
CA LEU H 213 30.39 -43.79 -11.13
C LEU H 213 30.54 -43.89 -9.61
N PRO H 214 31.51 -43.19 -9.02
CA PRO H 214 31.71 -43.30 -7.57
C PRO H 214 30.62 -42.58 -6.81
N GLN H 215 30.63 -42.78 -5.49
CA GLN H 215 29.66 -42.18 -4.60
C GLN H 215 30.35 -41.10 -3.77
N GLY H 216 29.77 -39.91 -3.75
CA GLY H 216 30.33 -38.81 -3.00
C GLY H 216 29.71 -37.50 -3.41
N PHE H 217 30.27 -36.42 -2.89
CA PHE H 217 29.79 -35.08 -3.20
C PHE H 217 30.97 -34.18 -3.51
N SER H 218 30.84 -33.38 -4.57
CA SER H 218 31.87 -32.42 -4.95
C SER H 218 31.26 -31.37 -5.87
N ALA H 219 31.52 -30.10 -5.57
CA ALA H 219 30.98 -29.01 -6.37
C ALA H 219 31.75 -28.87 -7.68
N LEU H 220 31.26 -27.99 -8.55
CA LEU H 220 31.85 -27.76 -9.86
C LEU H 220 32.07 -26.26 -10.05
N GLU H 221 33.31 -25.81 -9.84
CA GLU H 221 33.63 -24.41 -10.10
C GLU H 221 33.60 -24.12 -11.60
N PRO H 222 33.22 -22.91 -11.99
CA PRO H 222 33.29 -22.56 -13.42
C PRO H 222 34.73 -22.37 -13.87
N LEU H 223 35.27 -23.34 -14.61
CA LEU H 223 36.69 -23.30 -14.95
C LEU H 223 36.96 -22.26 -16.03
N VAL H 224 36.12 -22.20 -17.05
CA VAL H 224 36.19 -21.13 -18.05
C VAL H 224 34.87 -20.36 -17.97
N ASP H 225 34.86 -19.32 -17.15
CA ASP H 225 33.77 -18.36 -17.08
C ASP H 225 34.28 -17.12 -17.80
N LEU H 226 34.10 -17.10 -19.12
CA LEU H 226 34.75 -16.03 -19.86
C LEU H 226 33.79 -15.41 -20.88
N PRO H 227 33.86 -14.09 -21.07
CA PRO H 227 32.99 -13.45 -22.05
C PRO H 227 33.43 -13.67 -23.49
N ILE H 228 33.02 -14.78 -24.10
CA ILE H 228 33.27 -14.99 -25.52
C ILE H 228 32.10 -14.43 -26.31
N GLY H 229 30.90 -14.95 -26.08
CA GLY H 229 29.72 -14.32 -26.63
C GLY H 229 28.72 -15.21 -27.34
N ILE H 230 29.17 -16.19 -28.12
CA ILE H 230 28.23 -17.01 -28.87
C ILE H 230 27.82 -18.20 -28.03
N ASN H 231 26.75 -18.87 -28.45
CA ASN H 231 26.16 -19.96 -27.68
C ASN H 231 26.59 -21.30 -28.26
N ILE H 232 26.18 -22.39 -27.62
CA ILE H 232 26.52 -23.74 -28.01
C ILE H 232 25.24 -24.50 -28.34
N THR H 233 25.18 -25.07 -29.55
CA THR H 233 24.04 -25.92 -29.94
C THR H 233 24.43 -27.21 -30.63
N ARG H 234 25.62 -27.30 -31.25
CA ARG H 234 26.06 -28.50 -31.94
C ARG H 234 27.58 -28.45 -32.03
N PHE H 235 28.26 -29.36 -31.35
CA PHE H 235 29.69 -29.23 -31.19
C PHE H 235 30.31 -30.61 -30.97
N GLN H 236 31.64 -30.61 -30.87
CA GLN H 236 32.41 -31.82 -30.62
C GLN H 236 33.50 -31.51 -29.62
N THR H 237 33.94 -32.53 -28.90
CA THR H 237 35.04 -32.41 -27.95
C THR H 237 36.26 -33.13 -28.52
N LEU H 238 37.40 -32.45 -28.52
CA LEU H 238 38.59 -32.96 -29.21
C LEU H 238 39.19 -34.13 -28.42
N LEU H 239 39.35 -35.26 -29.10
CA LEU H 239 39.98 -36.45 -28.52
C LEU H 239 41.34 -36.66 -29.15
N ALA H 240 42.36 -36.88 -28.31
CA ALA H 240 43.71 -37.13 -28.78
C ALA H 240 44.15 -38.55 -28.48
N SER H 251 50.47 -44.40 -40.08
CA SER H 251 50.42 -43.41 -39.00
C SER H 251 49.04 -42.77 -38.89
N SER H 252 48.65 -42.04 -39.94
CA SER H 252 47.42 -41.26 -39.93
C SER H 252 46.17 -42.11 -40.15
N SER H 253 46.26 -43.42 -39.99
CA SER H 253 45.09 -44.29 -40.13
C SER H 253 45.29 -45.51 -39.22
N GLY H 254 44.22 -45.87 -38.50
CA GLY H 254 44.27 -47.02 -37.63
C GLY H 254 44.95 -46.75 -36.30
N TRP H 255 44.41 -47.32 -35.22
CA TRP H 255 44.99 -47.11 -33.90
C TRP H 255 44.54 -48.25 -32.99
N THR H 256 45.34 -48.49 -31.95
CA THR H 256 45.04 -49.47 -30.91
C THR H 256 45.25 -48.76 -29.57
N ALA H 257 44.17 -48.20 -29.01
CA ALA H 257 44.25 -47.40 -27.80
C ALA H 257 43.98 -48.24 -26.56
N GLY H 258 44.15 -47.61 -25.40
CA GLY H 258 43.89 -48.26 -24.13
C GLY H 258 42.45 -48.10 -23.67
N ALA H 259 42.16 -48.70 -22.52
CA ALA H 259 40.81 -48.68 -21.98
C ALA H 259 40.46 -47.30 -21.41
N ALA H 260 39.19 -46.93 -21.57
CA ALA H 260 38.68 -45.68 -21.03
C ALA H 260 37.17 -45.80 -20.88
N ALA H 261 36.59 -44.93 -20.06
CA ALA H 261 35.16 -44.90 -19.84
C ALA H 261 34.69 -43.47 -19.72
N TYR H 262 33.55 -43.17 -20.38
CA TYR H 262 32.96 -41.85 -20.25
C TYR H 262 31.44 -41.96 -20.19
N TYR H 263 30.83 -41.01 -19.49
CA TYR H 263 29.43 -41.08 -19.11
C TYR H 263 28.75 -39.78 -19.55
N VAL H 264 27.52 -39.92 -20.04
CA VAL H 264 26.76 -38.78 -20.54
C VAL H 264 25.41 -38.70 -19.84
N GLY H 265 25.08 -37.51 -19.32
CA GLY H 265 23.81 -37.29 -18.67
C GLY H 265 23.22 -35.95 -19.05
N TYR H 266 21.90 -35.84 -18.84
CA TYR H 266 21.15 -34.68 -19.30
C TYR H 266 20.58 -33.90 -18.12
N LEU H 267 20.53 -32.58 -18.27
CA LEU H 267 20.04 -31.69 -17.23
C LEU H 267 18.57 -31.37 -17.43
N GLN H 268 17.92 -30.97 -16.36
CA GLN H 268 16.52 -30.56 -16.35
C GLN H 268 16.37 -29.39 -15.39
N PRO H 269 15.33 -28.57 -15.57
CA PRO H 269 15.12 -27.42 -14.66
C PRO H 269 14.55 -27.88 -13.32
N ARG H 270 15.32 -27.65 -12.26
CA ARG H 270 14.94 -28.08 -10.93
C ARG H 270 15.31 -27.02 -9.91
N THR H 271 14.71 -27.13 -8.72
CA THR H 271 15.03 -26.27 -7.59
C THR H 271 15.83 -27.06 -6.57
N PHE H 272 16.98 -26.52 -6.16
CA PHE H 272 17.89 -27.19 -5.26
C PHE H 272 18.11 -26.35 -4.00
N LEU H 273 18.23 -27.03 -2.87
CA LEU H 273 18.64 -26.40 -1.62
C LEU H 273 20.09 -26.78 -1.36
N LEU H 274 20.93 -25.78 -1.11
CA LEU H 274 22.37 -25.93 -1.03
C LEU H 274 22.84 -25.47 0.35
N LYS H 275 23.80 -26.21 0.92
CA LYS H 275 24.35 -25.88 2.23
C LYS H 275 25.81 -25.45 2.10
N TYR H 276 26.16 -24.33 2.71
CA TYR H 276 27.52 -23.83 2.75
C TYR H 276 28.07 -23.99 4.16
N ASN H 277 29.29 -24.52 4.27
CA ASN H 277 29.94 -24.62 5.57
C ASN H 277 30.64 -23.30 5.89
N GLU H 278 31.29 -23.25 7.06
CA GLU H 278 31.91 -22.00 7.50
C GLU H 278 33.07 -21.58 6.61
N ASN H 279 33.65 -22.50 5.84
CA ASN H 279 34.77 -22.15 4.97
C ASN H 279 34.31 -21.58 3.63
N GLY H 280 33.02 -21.61 3.33
CA GLY H 280 32.52 -21.05 2.11
C GLY H 280 32.33 -22.02 0.96
N THR H 281 32.39 -23.31 1.20
CA THR H 281 32.26 -24.32 0.16
C THR H 281 31.02 -25.18 0.38
N ILE H 282 30.44 -25.65 -0.71
CA ILE H 282 29.22 -26.43 -0.64
C ILE H 282 29.52 -27.81 -0.06
N THR H 283 28.73 -28.23 0.91
CA THR H 283 28.88 -29.53 1.56
C THR H 283 27.80 -30.51 1.20
N ASP H 284 26.53 -30.08 1.19
CA ASP H 284 25.43 -30.99 0.92
C ASP H 284 24.33 -30.24 0.18
N ALA H 285 23.46 -30.99 -0.47
CA ALA H 285 22.37 -30.41 -1.24
C ALA H 285 21.22 -31.39 -1.33
N VAL H 286 20.04 -30.86 -1.64
CA VAL H 286 18.84 -31.66 -1.84
C VAL H 286 18.04 -31.03 -2.98
N ASP H 287 17.19 -31.83 -3.61
CA ASP H 287 16.32 -31.36 -4.68
C ASP H 287 14.87 -31.52 -4.26
N CYS H 288 14.07 -30.48 -4.45
CA CYS H 288 12.70 -30.48 -3.96
C CYS H 288 11.85 -31.54 -4.65
N ALA H 289 12.05 -31.74 -5.95
CA ALA H 289 11.14 -32.51 -6.77
C ALA H 289 11.58 -33.96 -6.95
N LEU H 290 12.17 -34.56 -5.92
CA LEU H 290 12.56 -35.97 -5.97
C LEU H 290 11.57 -36.86 -5.23
N ASP H 291 11.36 -36.60 -3.95
CA ASP H 291 10.51 -37.40 -3.08
C ASP H 291 9.69 -36.47 -2.22
N PRO H 292 8.58 -36.96 -1.66
CA PRO H 292 7.86 -36.14 -0.67
C PRO H 292 8.72 -35.79 0.53
N LEU H 293 9.63 -36.68 0.93
CA LEU H 293 10.53 -36.37 2.04
C LEU H 293 11.41 -35.17 1.71
N SER H 294 12.03 -35.19 0.53
CA SER H 294 12.82 -34.04 0.12
C SER H 294 11.95 -32.80 -0.08
N GLU H 295 10.71 -33.01 -0.51
CA GLU H 295 9.78 -31.90 -0.68
C GLU H 295 9.57 -31.16 0.63
N THR H 296 9.24 -31.89 1.70
CA THR H 296 9.04 -31.24 2.97
C THR H 296 10.36 -30.76 3.57
N LYS H 297 11.47 -31.43 3.23
CA LYS H 297 12.78 -30.97 3.69
C LYS H 297 13.08 -29.58 3.18
N CYS H 298 12.79 -29.32 1.91
CA CYS H 298 13.05 -28.00 1.35
C CYS H 298 11.90 -27.03 1.59
N THR H 299 10.72 -27.51 1.97
CA THR H 299 9.66 -26.61 2.41
C THR H 299 9.98 -26.03 3.79
N LEU H 300 10.51 -26.86 4.69
CA LEU H 300 10.87 -26.40 6.02
C LEU H 300 12.20 -25.66 6.07
N LYS H 301 12.94 -25.62 4.96
CA LYS H 301 14.26 -25.00 4.91
C LYS H 301 15.20 -25.58 5.96
N SER H 302 15.17 -26.91 6.09
CA SER H 302 16.04 -27.61 7.03
C SER H 302 16.34 -28.99 6.49
N PHE H 303 17.42 -29.58 6.99
CA PHE H 303 17.85 -30.91 6.56
C PHE H 303 17.30 -32.02 7.42
N THR H 304 16.55 -31.70 8.47
CA THR H 304 15.92 -32.71 9.31
C THR H 304 14.50 -32.27 9.63
N VAL H 305 13.57 -33.21 9.59
CA VAL H 305 12.16 -32.94 9.89
C VAL H 305 11.72 -33.85 11.02
N GLU H 306 10.91 -33.31 11.92
CA GLU H 306 10.43 -34.06 13.07
C GLU H 306 9.09 -34.71 12.77
N LYS H 307 8.70 -35.65 13.63
CA LYS H 307 7.48 -36.42 13.42
C LYS H 307 6.26 -35.51 13.41
N GLY H 308 5.40 -35.70 12.42
CA GLY H 308 4.19 -34.90 12.32
C GLY H 308 3.61 -34.96 10.93
N ILE H 309 2.70 -34.02 10.66
CA ILE H 309 2.04 -33.86 9.38
C ILE H 309 2.32 -32.46 8.86
N TYR H 310 2.84 -32.37 7.63
CA TYR H 310 3.25 -31.09 7.06
C TYR H 310 2.54 -30.88 5.73
N GLN H 311 2.09 -29.65 5.50
CA GLN H 311 1.45 -29.29 4.25
C GLN H 311 2.48 -28.74 3.28
N THR H 312 2.34 -29.12 2.01
CA THR H 312 3.34 -28.81 0.99
C THR H 312 2.67 -28.27 -0.26
N SER H 313 3.42 -28.23 -1.37
CA SER H 313 2.93 -27.67 -2.63
C SER H 313 1.60 -28.29 -3.05
N ASN H 314 0.86 -27.58 -3.90
CA ASN H 314 -0.51 -27.94 -4.25
C ASN H 314 -0.52 -29.06 -5.28
N PHE H 315 -1.70 -29.26 -5.88
CA PHE H 315 -2.00 -30.38 -6.76
C PHE H 315 -2.79 -29.87 -7.95
N ARG H 316 -2.12 -29.64 -9.07
CA ARG H 316 -2.79 -29.07 -10.25
C ARG H 316 -2.67 -30.01 -11.43
N VAL H 317 -3.44 -29.72 -12.47
CA VAL H 317 -3.41 -30.48 -13.72
C VAL H 317 -3.11 -29.50 -14.85
N GLN H 318 -2.02 -29.73 -15.56
CA GLN H 318 -1.60 -28.81 -16.61
C GLN H 318 -2.44 -28.98 -17.86
N PRO H 319 -2.72 -27.89 -18.57
CA PRO H 319 -3.42 -28.00 -19.85
C PRO H 319 -2.59 -28.76 -20.87
N THR H 320 -3.29 -29.47 -21.75
CA THR H 320 -2.62 -30.36 -22.69
C THR H 320 -2.47 -29.80 -24.09
N GLU H 321 -3.23 -28.76 -24.45
CA GLU H 321 -3.18 -28.20 -25.79
C GLU H 321 -3.76 -26.79 -25.76
N SER H 322 -3.98 -26.22 -26.94
CA SER H 322 -4.57 -24.90 -27.07
C SER H 322 -5.63 -24.92 -28.16
N ILE H 323 -6.71 -24.17 -27.94
CA ILE H 323 -7.76 -24.01 -28.93
C ILE H 323 -8.08 -22.53 -29.05
N VAL H 324 -8.30 -22.03 -30.27
CA VAL H 324 -8.63 -20.60 -30.52
C VAL H 324 -9.86 -20.56 -31.41
N ARG H 325 -10.97 -19.93 -31.00
CA ARG H 325 -12.14 -19.78 -31.90
C ARG H 325 -12.54 -18.31 -32.07
N PHE H 326 -12.35 -17.75 -33.24
CA PHE H 326 -12.66 -16.33 -33.52
C PHE H 326 -13.73 -16.43 -34.61
N PRO H 327 -14.45 -15.37 -34.99
CA PRO H 327 -15.56 -15.53 -35.94
C PRO H 327 -15.13 -15.97 -37.35
N ASN H 328 -16.02 -16.58 -38.14
CA ASN H 328 -15.65 -17.11 -39.49
C ASN H 328 -15.28 -16.07 -40.54
N ILE H 329 -16.04 -14.98 -40.68
CA ILE H 329 -15.86 -13.99 -41.77
C ILE H 329 -14.41 -13.65 -42.06
N THR H 330 -14.02 -13.52 -43.35
CA THR H 330 -12.67 -13.04 -43.64
C THR H 330 -12.77 -12.07 -44.82
N ASN H 331 -13.00 -10.81 -44.53
CA ASN H 331 -13.07 -9.74 -45.52
C ASN H 331 -11.98 -8.71 -45.21
N LEU H 332 -12.03 -7.59 -45.92
CA LEU H 332 -11.11 -6.49 -45.68
C LEU H 332 -11.91 -5.28 -45.20
N CYS H 333 -11.54 -4.74 -44.05
CA CYS H 333 -12.18 -3.54 -43.56
C CYS H 333 -11.76 -2.35 -44.42
N PRO H 334 -12.69 -1.56 -44.93
CA PRO H 334 -12.31 -0.47 -45.85
C PRO H 334 -11.59 0.66 -45.13
N PHE H 335 -10.29 0.48 -44.90
CA PHE H 335 -9.50 1.45 -44.18
C PHE H 335 -8.88 2.50 -45.09
N ASP H 336 -8.46 2.12 -46.30
CA ASP H 336 -7.80 3.10 -47.17
C ASP H 336 -8.77 4.12 -47.70
N GLU H 337 -10.05 3.75 -47.87
CA GLU H 337 -11.04 4.73 -48.33
C GLU H 337 -11.18 5.87 -47.34
N VAL H 338 -11.20 5.55 -46.04
CA VAL H 338 -11.26 6.59 -45.02
C VAL H 338 -9.96 7.38 -44.98
N PHE H 339 -8.83 6.67 -44.97
CA PHE H 339 -7.54 7.30 -44.75
C PHE H 339 -7.00 8.03 -45.98
N ASN H 340 -7.47 7.68 -47.18
CA ASN H 340 -6.91 8.24 -48.40
C ASN H 340 -8.00 8.66 -49.37
N ALA H 341 -9.05 9.30 -48.86
CA ALA H 341 -10.08 9.85 -49.71
C ALA H 341 -9.59 11.15 -50.35
N THR H 342 -10.18 11.48 -51.50
CA THR H 342 -9.80 12.70 -52.20
C THR H 342 -10.22 13.94 -51.41
N ARG H 343 -11.41 13.93 -50.83
CA ARG H 343 -11.99 15.08 -50.16
C ARG H 343 -12.31 14.76 -48.71
N PHE H 344 -12.01 15.68 -47.81
CA PHE H 344 -12.33 15.56 -46.40
C PHE H 344 -13.30 16.67 -46.02
N ALA H 345 -14.23 16.34 -45.13
CA ALA H 345 -15.25 17.29 -44.73
C ALA H 345 -14.66 18.38 -43.84
N SER H 346 -15.43 19.44 -43.65
CA SER H 346 -15.02 20.53 -42.78
C SER H 346 -15.00 20.06 -41.33
N VAL H 347 -14.38 20.87 -40.47
CA VAL H 347 -14.32 20.50 -39.06
C VAL H 347 -15.71 20.58 -38.42
N TYR H 348 -16.51 21.56 -38.81
CA TYR H 348 -17.79 21.79 -38.15
C TYR H 348 -18.86 20.80 -38.58
N ALA H 349 -18.62 20.02 -39.63
CA ALA H 349 -19.58 19.03 -40.13
C ALA H 349 -18.87 17.71 -40.40
N TRP H 350 -18.09 17.26 -39.44
CA TRP H 350 -17.26 16.08 -39.62
C TRP H 350 -18.12 14.84 -39.92
N ASN H 351 -17.61 13.99 -40.80
CA ASN H 351 -18.33 12.80 -41.23
C ASN H 351 -17.95 11.61 -40.37
N ARG H 352 -18.93 10.74 -40.11
CA ARG H 352 -18.74 9.54 -39.31
C ARG H 352 -19.10 8.33 -40.15
N LYS H 353 -18.18 7.37 -40.23
CA LYS H 353 -18.36 6.18 -41.04
C LYS H 353 -18.39 4.93 -40.18
N ARG H 354 -19.13 3.93 -40.64
CA ARG H 354 -19.31 2.68 -39.91
C ARG H 354 -18.38 1.62 -40.46
N ILE H 355 -17.70 0.91 -39.57
CA ILE H 355 -16.87 -0.23 -39.93
C ILE H 355 -17.35 -1.42 -39.11
N SER H 356 -17.84 -2.46 -39.79
CA SER H 356 -18.33 -3.65 -39.11
C SER H 356 -18.37 -4.80 -40.09
N ASN H 357 -18.45 -6.02 -39.55
CA ASN H 357 -18.52 -7.26 -40.33
C ASN H 357 -17.37 -7.35 -41.32
N CYS H 358 -16.15 -7.13 -40.83
CA CYS H 358 -14.97 -7.24 -41.65
C CYS H 358 -13.77 -7.55 -40.75
N VAL H 359 -12.69 -7.99 -41.38
CA VAL H 359 -11.43 -8.26 -40.71
C VAL H 359 -10.52 -7.06 -40.89
N ALA H 360 -10.06 -6.48 -39.78
CA ALA H 360 -9.29 -5.25 -39.80
C ALA H 360 -7.81 -5.58 -39.62
N ASP H 361 -6.99 -5.13 -40.55
CA ASP H 361 -5.54 -5.28 -40.47
C ASP H 361 -4.94 -3.90 -40.27
N TYR H 362 -4.32 -3.69 -39.12
CA TYR H 362 -3.73 -2.40 -38.78
C TYR H 362 -2.28 -2.28 -39.25
N SER H 363 -1.75 -3.29 -39.94
CA SER H 363 -0.37 -3.23 -40.40
C SER H 363 -0.18 -2.09 -41.39
N VAL H 364 -1.02 -2.01 -42.42
CA VAL H 364 -0.91 -0.94 -43.40
C VAL H 364 -1.19 0.41 -42.74
N LEU H 365 -2.00 0.42 -41.69
CA LEU H 365 -2.28 1.66 -40.98
C LEU H 365 -1.03 2.24 -40.34
N TYR H 366 -0.32 1.42 -39.57
CA TYR H 366 0.85 1.88 -38.83
C TYR H 366 2.09 2.00 -39.70
N ASN H 367 2.04 1.53 -40.94
CA ASN H 367 3.20 1.54 -41.83
C ASN H 367 3.16 2.66 -42.85
N LEU H 368 2.31 3.66 -42.66
CA LEU H 368 2.28 4.82 -43.54
C LEU H 368 3.29 5.85 -43.06
N ALA H 369 4.14 6.32 -43.97
CA ALA H 369 5.30 7.12 -43.59
C ALA H 369 4.96 8.44 -42.91
N PRO H 370 4.07 9.30 -43.45
CA PRO H 370 3.98 10.66 -42.90
C PRO H 370 3.14 10.77 -41.64
N PHE H 371 2.85 9.65 -40.98
CA PHE H 371 2.09 9.70 -39.74
C PHE H 371 2.91 10.37 -38.65
N PHE H 372 2.32 11.37 -37.98
CA PHE H 372 3.04 12.19 -37.03
C PHE H 372 2.51 12.05 -35.60
N THR H 373 1.22 12.30 -35.39
CA THR H 373 0.62 12.29 -34.06
C THR H 373 -0.16 11.00 -33.90
N PHE H 374 0.46 10.01 -33.25
CA PHE H 374 -0.11 8.68 -33.06
C PHE H 374 0.07 8.30 -31.59
N LYS H 375 -0.90 8.66 -30.76
CA LYS H 375 -0.90 8.28 -29.36
C LYS H 375 -2.25 7.67 -29.01
N CYS H 376 -2.22 6.50 -28.39
CA CYS H 376 -3.45 5.78 -28.07
C CYS H 376 -3.63 5.64 -26.57
N TYR H 377 -4.87 5.83 -26.12
CA TYR H 377 -5.19 5.99 -24.71
C TYR H 377 -5.56 4.67 -24.05
N GLY H 378 -6.62 4.02 -24.53
CA GLY H 378 -7.09 2.81 -23.88
C GLY H 378 -6.22 1.60 -24.12
N VAL H 379 -5.44 1.58 -25.20
CA VAL H 379 -4.66 0.43 -25.61
C VAL H 379 -3.24 0.90 -25.97
N SER H 380 -2.44 -0.04 -26.42
CA SER H 380 -1.12 0.24 -26.97
C SER H 380 -1.13 -0.03 -28.46
N PRO H 381 -0.53 0.84 -29.28
CA PRO H 381 -0.74 0.75 -30.73
C PRO H 381 -0.25 -0.55 -31.35
N THR H 382 0.62 -1.30 -30.68
CA THR H 382 1.15 -2.53 -31.24
C THR H 382 0.32 -3.76 -30.88
N LYS H 383 -0.80 -3.59 -30.17
CA LYS H 383 -1.62 -4.72 -29.74
C LYS H 383 -3.04 -4.62 -30.27
N LEU H 384 -3.22 -3.97 -31.42
CA LEU H 384 -4.53 -3.85 -32.04
C LEU H 384 -4.85 -4.98 -33.01
N ASN H 385 -3.89 -5.87 -33.26
CA ASN H 385 -4.08 -6.93 -34.24
C ASN H 385 -4.56 -8.24 -33.64
N ASP H 386 -4.78 -8.24 -32.31
CA ASP H 386 -5.16 -9.50 -31.62
C ASP H 386 -6.36 -9.28 -30.72
N LEU H 387 -7.29 -8.41 -31.12
CA LEU H 387 -8.44 -8.08 -30.31
C LEU H 387 -9.66 -7.95 -31.21
N CYS H 388 -10.84 -8.16 -30.61
CA CYS H 388 -12.11 -8.01 -31.36
C CYS H 388 -12.96 -6.90 -30.74
N PHE H 389 -13.38 -5.92 -31.52
CA PHE H 389 -14.11 -4.75 -31.07
C PHE H 389 -15.58 -4.84 -31.46
N THR H 390 -16.43 -4.23 -30.64
CA THR H 390 -17.87 -4.28 -30.89
C THR H 390 -18.23 -3.51 -32.15
N ASN H 391 -17.76 -2.26 -32.24
CA ASN H 391 -18.02 -1.42 -33.41
C ASN H 391 -16.96 -0.32 -33.45
N VAL H 392 -16.53 0.03 -34.65
CA VAL H 392 -15.46 1.00 -34.85
C VAL H 392 -15.99 2.13 -35.73
N TYR H 393 -15.77 3.36 -35.30
CA TYR H 393 -16.19 4.54 -36.04
C TYR H 393 -14.99 5.43 -36.33
N ALA H 394 -15.00 6.06 -37.49
CA ALA H 394 -13.91 6.92 -37.93
C ALA H 394 -14.44 8.31 -38.24
N ASP H 395 -13.76 9.34 -37.73
CA ASP H 395 -14.16 10.74 -37.91
C ASP H 395 -13.05 11.46 -38.65
N SER H 396 -13.40 12.14 -39.73
CA SER H 396 -12.44 12.84 -40.58
C SER H 396 -12.77 14.32 -40.65
N PHE H 397 -11.76 15.15 -40.42
CA PHE H 397 -11.90 16.58 -40.56
C PHE H 397 -10.52 17.20 -40.71
N VAL H 398 -10.50 18.45 -41.18
CA VAL H 398 -9.26 19.17 -41.44
C VAL H 398 -9.22 20.41 -40.56
N ILE H 399 -8.11 20.59 -39.84
CA ILE H 399 -7.95 21.71 -38.92
C ILE H 399 -6.54 22.29 -39.10
N ARG H 400 -6.34 23.48 -38.53
CA ARG H 400 -5.08 24.18 -38.66
C ARG H 400 -4.00 23.51 -37.82
N GLY H 401 -2.75 23.91 -38.06
CA GLY H 401 -1.63 23.29 -37.38
C GLY H 401 -1.62 23.55 -35.88
N ASP H 402 -1.89 24.80 -35.48
CA ASP H 402 -1.83 25.16 -34.07
C ASP H 402 -2.94 24.52 -33.25
N GLU H 403 -3.90 23.88 -33.89
CA GLU H 403 -5.10 23.39 -33.22
C GLU H 403 -5.11 21.88 -33.06
N VAL H 404 -4.08 21.18 -33.54
CA VAL H 404 -4.06 19.72 -33.48
C VAL H 404 -3.92 19.22 -32.04
N ARG H 405 -3.44 20.06 -31.14
CA ARG H 405 -3.32 19.68 -29.74
C ARG H 405 -4.65 19.68 -29.01
N GLN H 406 -5.69 20.28 -29.58
CA GLN H 406 -6.97 20.40 -28.90
C GLN H 406 -7.81 19.14 -29.00
N ILE H 407 -7.38 18.14 -29.77
CA ILE H 407 -8.12 16.89 -29.89
C ILE H 407 -7.86 15.94 -28.73
N ALA H 408 -6.89 16.24 -27.88
CA ALA H 408 -6.71 15.44 -26.69
C ALA H 408 -7.92 15.59 -25.76
N PRO H 409 -8.33 14.55 -25.06
CA PRO H 409 -9.50 14.65 -24.19
C PRO H 409 -9.28 15.66 -23.07
N GLY H 410 -10.33 16.39 -22.74
CA GLY H 410 -10.27 17.39 -21.70
C GLY H 410 -9.68 18.73 -22.11
N GLN H 411 -9.26 18.87 -23.36
CA GLN H 411 -8.67 20.12 -23.82
C GLN H 411 -9.72 21.19 -23.98
N THR H 412 -9.34 22.43 -23.68
CA THR H 412 -10.23 23.58 -23.72
C THR H 412 -9.77 24.54 -24.82
N GLY H 413 -10.74 25.12 -25.51
CA GLY H 413 -10.45 26.05 -26.58
C GLY H 413 -11.70 26.36 -27.36
N ASN H 414 -11.54 27.15 -28.42
CA ASN H 414 -12.68 27.49 -29.26
C ASN H 414 -13.06 26.34 -30.18
N ILE H 415 -12.11 25.51 -30.60
CA ILE H 415 -12.44 24.39 -31.45
C ILE H 415 -12.92 23.20 -30.65
N ALA H 416 -12.46 23.06 -29.41
CA ALA H 416 -12.92 21.98 -28.55
C ALA H 416 -14.23 22.30 -27.87
N ASP H 417 -14.81 23.47 -28.13
CA ASP H 417 -16.07 23.86 -27.53
C ASP H 417 -17.17 24.18 -28.54
N TYR H 418 -16.82 24.49 -29.79
CA TYR H 418 -17.81 24.86 -30.78
C TYR H 418 -17.80 23.96 -32.01
N ASN H 419 -16.77 23.13 -32.20
CA ASN H 419 -16.65 22.33 -33.42
C ASN H 419 -16.67 20.84 -33.16
N TYR H 420 -15.85 20.34 -32.24
CA TYR H 420 -15.75 18.90 -32.01
C TYR H 420 -15.08 18.66 -30.67
N LYS H 421 -15.77 17.95 -29.78
CA LYS H 421 -15.27 17.71 -28.42
C LYS H 421 -15.28 16.21 -28.14
N LEU H 422 -14.17 15.69 -27.55
CA LEU H 422 -14.13 14.29 -27.16
C LEU H 422 -14.46 14.14 -25.68
N PRO H 423 -15.02 13.01 -25.28
CA PRO H 423 -15.39 12.82 -23.87
C PRO H 423 -14.17 12.57 -23.00
N ASP H 424 -14.38 12.28 -21.72
CA ASP H 424 -13.28 12.02 -20.81
C ASP H 424 -12.92 10.55 -20.71
N ASP H 425 -13.85 9.65 -21.04
CA ASP H 425 -13.60 8.21 -21.02
C ASP H 425 -13.28 7.69 -22.41
N PHE H 426 -12.57 8.47 -23.21
CA PHE H 426 -12.30 8.10 -24.58
C PHE H 426 -11.47 6.83 -24.66
N THR H 427 -11.90 5.90 -25.51
CA THR H 427 -11.15 4.69 -25.82
C THR H 427 -10.95 4.63 -27.32
N GLY H 428 -9.70 4.50 -27.75
CA GLY H 428 -9.31 4.64 -29.13
C GLY H 428 -8.20 5.65 -29.22
N CYS H 429 -7.93 6.14 -30.44
CA CYS H 429 -6.85 7.10 -30.60
C CYS H 429 -6.92 7.82 -31.94
N VAL H 430 -6.16 8.91 -32.02
CA VAL H 430 -6.20 9.87 -33.11
C VAL H 430 -4.94 9.72 -33.95
N ILE H 431 -5.07 10.07 -35.22
CA ILE H 431 -3.95 10.08 -36.16
C ILE H 431 -3.97 11.41 -36.92
N ALA H 432 -2.82 12.06 -37.00
CA ALA H 432 -2.70 13.33 -37.71
C ALA H 432 -1.47 13.31 -38.60
N TRP H 433 -1.56 13.99 -39.73
CA TRP H 433 -0.46 14.05 -40.68
C TRP H 433 -0.60 15.33 -41.50
N ASN H 434 0.49 15.68 -42.18
CA ASN H 434 0.49 16.88 -43.01
C ASN H 434 -0.20 16.62 -44.34
N SER H 435 -0.99 17.60 -44.79
CA SER H 435 -1.67 17.52 -46.08
C SER H 435 -1.54 18.82 -46.84
N ASN H 436 -0.41 19.52 -46.69
CA ASN H 436 -0.18 20.76 -47.41
C ASN H 436 -0.06 20.54 -48.91
N LYS H 437 0.21 19.31 -49.33
CA LYS H 437 0.36 19.02 -50.76
C LYS H 437 -0.95 19.21 -51.51
N LEU H 438 -2.07 18.77 -50.92
CA LEU H 438 -3.34 18.71 -51.64
C LEU H 438 -4.30 19.83 -51.26
N ASP H 439 -4.59 20.00 -49.97
CA ASP H 439 -5.65 20.91 -49.56
C ASP H 439 -5.34 22.36 -49.92
N SER H 440 -4.08 22.78 -49.73
CA SER H 440 -3.70 24.13 -50.10
C SER H 440 -3.72 24.30 -51.62
N LYS H 441 -4.03 25.52 -52.05
CA LYS H 441 -4.15 25.83 -53.47
C LYS H 441 -3.41 27.13 -53.78
N VAL H 442 -2.98 27.26 -55.04
CA VAL H 442 -2.34 28.49 -55.48
C VAL H 442 -3.32 29.65 -55.45
N SER H 443 -4.54 29.43 -55.96
CA SER H 443 -5.56 30.45 -55.92
C SER H 443 -6.22 30.61 -54.56
N GLY H 444 -6.14 29.61 -53.71
CA GLY H 444 -6.70 29.69 -52.38
C GLY H 444 -8.00 28.94 -52.20
N ASN H 445 -7.94 27.75 -51.60
CA ASN H 445 -9.14 26.96 -51.34
C ASN H 445 -9.83 27.50 -50.10
N TYR H 446 -11.06 27.99 -50.28
CA TYR H 446 -11.82 28.62 -49.21
C TYR H 446 -13.08 27.82 -48.88
N ASN H 447 -13.05 26.51 -49.09
CA ASN H 447 -14.18 25.64 -48.84
C ASN H 447 -14.07 24.89 -47.51
N TYR H 448 -13.12 25.26 -46.66
CA TYR H 448 -12.98 24.72 -45.32
C TYR H 448 -13.41 25.78 -44.32
N LEU H 449 -14.36 25.44 -43.46
CA LEU H 449 -15.01 26.41 -42.58
C LEU H 449 -14.95 25.92 -41.14
N TYR H 450 -15.24 26.83 -40.22
CA TYR H 450 -15.27 26.51 -38.80
C TYR H 450 -16.13 27.52 -38.08
N ARG H 451 -16.91 27.05 -37.12
CA ARG H 451 -17.79 27.93 -36.35
C ARG H 451 -16.99 28.83 -35.44
N LEU H 452 -17.44 30.08 -35.29
CA LEU H 452 -16.75 31.09 -34.49
C LEU H 452 -17.48 31.46 -33.22
N PHE H 453 -18.81 31.54 -33.25
CA PHE H 453 -19.59 31.91 -32.07
C PHE H 453 -20.65 30.85 -31.83
N ARG H 454 -20.93 30.58 -30.55
CA ARG H 454 -22.06 29.74 -30.19
C ARG H 454 -22.49 30.12 -28.77
N LYS H 455 -23.80 30.06 -28.54
CA LYS H 455 -24.35 30.50 -27.27
C LYS H 455 -23.91 29.62 -26.10
N SER H 456 -23.47 28.39 -26.38
CA SER H 456 -23.10 27.48 -25.29
C SER H 456 -22.05 26.50 -25.78
N ASN H 457 -21.39 25.87 -24.81
CA ASN H 457 -20.36 24.88 -25.09
C ASN H 457 -21.02 23.55 -25.41
N LEU H 458 -20.71 22.99 -26.58
CA LEU H 458 -21.39 21.77 -27.00
C LEU H 458 -20.90 20.57 -26.21
N LYS H 459 -21.80 19.60 -26.02
CA LYS H 459 -21.50 18.39 -25.30
C LYS H 459 -20.65 17.45 -26.15
N PRO H 460 -20.03 16.44 -25.56
CA PRO H 460 -19.13 15.57 -26.33
C PRO H 460 -19.82 14.97 -27.55
N PHE H 461 -19.11 15.00 -28.68
CA PHE H 461 -19.46 14.42 -29.96
C PHE H 461 -20.59 15.17 -30.68
N GLU H 462 -21.16 16.20 -30.08
CA GLU H 462 -22.14 17.04 -30.76
C GLU H 462 -21.61 17.59 -32.08
N ARG H 463 -22.49 17.68 -33.07
CA ARG H 463 -22.25 18.48 -34.26
C ARG H 463 -23.43 19.42 -34.44
N ASP H 464 -23.22 20.48 -35.21
CA ASP H 464 -24.29 21.42 -35.53
C ASP H 464 -24.12 21.92 -36.95
N ILE H 465 -25.24 22.03 -37.67
CA ILE H 465 -25.23 22.48 -39.05
C ILE H 465 -25.97 23.80 -39.23
N SER H 466 -26.69 24.28 -38.22
CA SER H 466 -27.44 25.52 -38.35
C SER H 466 -26.51 26.69 -38.64
N THR H 467 -26.91 27.53 -39.59
CA THR H 467 -26.13 28.69 -39.98
C THR H 467 -26.86 29.99 -39.65
N GLU H 468 -27.80 29.95 -38.70
CA GLU H 468 -28.56 31.14 -38.36
C GLU H 468 -27.65 32.21 -37.74
N ILE H 469 -28.03 33.47 -37.96
CA ILE H 469 -27.22 34.58 -37.49
C ILE H 469 -27.13 34.59 -35.98
N TYR H 470 -25.94 34.87 -35.47
CA TYR H 470 -25.67 34.91 -34.04
C TYR H 470 -25.71 36.35 -33.56
N GLN H 471 -26.59 36.63 -32.61
CA GLN H 471 -26.79 37.98 -32.10
C GLN H 471 -25.94 38.22 -30.86
N ALA H 472 -25.44 39.45 -30.75
CA ALA H 472 -24.64 39.87 -29.59
C ALA H 472 -25.36 40.86 -28.70
N GLY H 473 -26.04 41.86 -29.27
CA GLY H 473 -26.76 42.81 -28.45
C GLY H 473 -28.03 42.24 -27.87
N ASN H 474 -28.55 42.94 -26.85
CA ASN H 474 -29.80 42.51 -26.23
C ASN H 474 -30.97 42.61 -27.20
N LYS H 475 -31.00 43.65 -28.02
CA LYS H 475 -32.09 43.83 -28.97
C LYS H 475 -32.00 42.77 -30.07
N PRO H 476 -33.05 41.99 -30.30
CA PRO H 476 -32.97 40.94 -31.32
C PRO H 476 -32.83 41.53 -32.72
N CYS H 477 -32.12 40.79 -33.57
CA CYS H 477 -31.94 41.14 -34.97
C CYS H 477 -32.37 39.97 -35.84
N ASN H 478 -32.69 40.27 -37.09
CA ASN H 478 -33.07 39.25 -38.04
C ASN H 478 -32.75 39.74 -39.45
N GLY H 479 -32.97 38.86 -40.41
CA GLY H 479 -32.75 39.21 -41.80
C GLY H 479 -31.36 38.85 -42.29
N VAL H 480 -30.47 39.83 -42.33
CA VAL H 480 -29.13 39.67 -42.86
C VAL H 480 -28.12 40.20 -41.85
N ALA H 481 -26.85 40.22 -42.25
CA ALA H 481 -25.78 40.68 -41.39
C ALA H 481 -25.89 42.19 -41.16
N GLY H 482 -25.15 42.66 -40.17
CA GLY H 482 -25.20 44.05 -39.78
C GLY H 482 -24.47 44.32 -38.48
N PHE H 483 -25.12 45.03 -37.57
CA PHE H 483 -24.52 45.41 -36.30
C PHE H 483 -24.99 44.48 -35.18
N ASN H 484 -24.06 44.11 -34.31
CA ASN H 484 -24.30 43.29 -33.13
C ASN H 484 -24.78 41.88 -33.47
N CYS H 485 -24.73 41.49 -34.74
CA CYS H 485 -25.01 40.11 -35.12
C CYS H 485 -24.43 39.84 -36.49
N TYR H 486 -23.87 38.65 -36.66
CA TYR H 486 -22.96 38.40 -37.78
C TYR H 486 -23.23 36.99 -38.30
N PHE H 487 -22.30 36.49 -39.12
CA PHE H 487 -22.34 35.10 -39.59
C PHE H 487 -21.41 34.24 -38.75
N PRO H 488 -21.90 33.16 -38.16
CA PRO H 488 -21.08 32.39 -37.21
C PRO H 488 -20.01 31.51 -37.85
N LEU H 489 -19.73 31.63 -39.14
CA LEU H 489 -18.74 30.80 -39.80
C LEU H 489 -17.69 31.65 -40.50
N ARG H 490 -16.44 31.22 -40.41
CA ARG H 490 -15.32 31.85 -41.10
C ARG H 490 -14.58 30.78 -41.88
N SER H 491 -14.05 31.16 -43.04
CA SER H 491 -13.37 30.22 -43.92
C SER H 491 -11.86 30.27 -43.73
N TYR H 492 -11.24 29.11 -43.69
CA TYR H 492 -9.78 29.03 -43.68
C TYR H 492 -9.19 29.54 -45.00
N SER H 493 -7.95 29.98 -44.91
CA SER H 493 -7.13 30.30 -46.07
C SER H 493 -5.89 29.44 -46.03
N PHE H 494 -5.67 28.65 -47.07
CA PHE H 494 -4.56 27.69 -47.12
C PHE H 494 -3.74 27.96 -48.38
N ARG H 495 -2.59 28.61 -48.21
CA ARG H 495 -1.67 28.89 -49.29
C ARG H 495 -0.29 28.38 -48.94
N PRO H 496 0.50 27.98 -49.94
CA PRO H 496 1.87 27.52 -49.65
C PRO H 496 2.75 28.59 -49.03
N THR H 497 2.41 29.87 -49.18
CA THR H 497 3.21 30.94 -48.61
C THR H 497 3.21 30.89 -47.09
N TYR H 498 2.14 30.39 -46.48
CA TYR H 498 2.07 30.27 -45.03
C TYR H 498 3.13 29.29 -44.53
N GLY H 499 3.72 29.61 -43.38
CA GLY H 499 4.73 28.77 -42.77
C GLY H 499 4.13 27.68 -41.91
N VAL H 500 5.01 27.05 -41.12
CA VAL H 500 4.57 25.99 -40.22
C VAL H 500 3.64 26.57 -39.16
N GLY H 501 2.58 25.83 -38.84
CA GLY H 501 1.57 26.29 -37.93
C GLY H 501 0.30 26.80 -38.60
N HIS H 502 0.24 26.79 -39.93
CA HIS H 502 -0.95 27.16 -40.65
C HIS H 502 -1.32 26.16 -41.75
N GLN H 503 -0.49 25.15 -41.99
CA GLN H 503 -0.80 24.17 -43.00
C GLN H 503 -1.98 23.30 -42.55
N PRO H 504 -2.81 22.85 -43.49
CA PRO H 504 -3.94 21.99 -43.13
C PRO H 504 -3.49 20.59 -42.73
N TYR H 505 -3.68 20.25 -41.45
CA TYR H 505 -3.30 18.94 -40.93
C TYR H 505 -4.52 18.03 -40.94
N ARG H 506 -4.51 17.03 -41.83
CA ARG H 506 -5.60 16.06 -41.86
C ARG H 506 -5.60 15.22 -40.59
N VAL H 507 -6.79 15.00 -40.04
CA VAL H 507 -6.95 14.27 -38.79
C VAL H 507 -7.99 13.18 -38.99
N VAL H 508 -7.76 12.03 -38.35
CA VAL H 508 -8.74 10.95 -38.31
C VAL H 508 -8.73 10.37 -36.90
N VAL H 509 -9.91 10.06 -36.38
CA VAL H 509 -10.09 9.59 -35.01
C VAL H 509 -10.79 8.24 -35.04
N LEU H 510 -10.25 7.28 -34.29
CA LEU H 510 -10.82 5.95 -34.19
C LEU H 510 -11.30 5.72 -32.76
N SER H 511 -12.56 5.31 -32.61
CA SER H 511 -13.15 5.04 -31.31
C SER H 511 -13.87 3.70 -31.35
N PHE H 512 -13.80 2.96 -30.25
CA PHE H 512 -14.36 1.61 -30.22
C PHE H 512 -14.47 1.14 -28.78
N GLU H 513 -15.46 0.28 -28.53
CA GLU H 513 -15.64 -0.35 -27.23
C GLU H 513 -14.78 -1.60 -27.14
N LEU H 514 -14.91 -2.35 -26.05
CA LEU H 514 -14.04 -3.51 -25.82
C LEU H 514 -14.81 -4.61 -25.11
N LEU H 515 -15.19 -5.64 -25.88
CA LEU H 515 -15.60 -6.94 -25.34
C LEU H 515 -16.77 -6.83 -24.36
N HIS H 516 -17.90 -6.33 -24.87
CA HIS H 516 -19.14 -6.35 -24.10
C HIS H 516 -20.34 -6.70 -24.95
N ALA H 517 -20.14 -7.19 -26.17
CA ALA H 517 -21.22 -7.46 -27.11
C ALA H 517 -20.70 -8.44 -28.15
N PRO H 518 -21.59 -9.08 -28.91
CA PRO H 518 -21.13 -9.94 -30.00
C PRO H 518 -20.25 -9.17 -30.98
N ALA H 519 -18.99 -9.58 -31.05
CA ALA H 519 -18.01 -8.85 -31.85
C ALA H 519 -18.30 -8.99 -33.34
N THR H 520 -17.88 -7.99 -34.09
CA THR H 520 -17.99 -7.99 -35.54
C THR H 520 -16.66 -7.71 -36.25
N VAL H 521 -15.84 -6.83 -35.69
CA VAL H 521 -14.52 -6.53 -36.23
C VAL H 521 -13.51 -7.32 -35.43
N CYS H 522 -12.70 -8.07 -36.15
CA CYS H 522 -11.77 -8.95 -35.43
C CYS H 522 -10.37 -8.76 -35.98
N GLY H 523 -9.46 -9.55 -35.46
CA GLY H 523 -8.09 -9.49 -35.96
C GLY H 523 -7.86 -10.68 -36.89
N PRO H 524 -6.73 -10.77 -37.60
CA PRO H 524 -6.44 -11.95 -38.43
C PRO H 524 -5.92 -13.11 -37.57
N LYS H 525 -6.80 -14.09 -37.35
CA LYS H 525 -6.37 -15.30 -36.60
C LYS H 525 -7.17 -16.47 -37.14
N LYS H 526 -6.71 -17.70 -36.91
CA LYS H 526 -7.31 -18.92 -37.42
C LYS H 526 -7.88 -19.76 -36.28
N SER H 527 -9.09 -20.27 -36.48
CA SER H 527 -9.67 -21.19 -35.52
C SER H 527 -8.95 -22.53 -35.54
N THR H 528 -9.03 -23.25 -34.43
CA THR H 528 -8.33 -24.52 -34.28
C THR H 528 -9.27 -25.54 -33.64
N ASN H 529 -10.48 -25.65 -34.18
CA ASN H 529 -11.47 -26.64 -33.73
C ASN H 529 -11.83 -26.46 -32.26
N LEU H 530 -12.61 -27.41 -31.72
CA LEU H 530 -13.05 -27.34 -30.33
C LEU H 530 -12.87 -28.71 -29.68
N VAL H 531 -12.53 -28.71 -28.40
CA VAL H 531 -12.32 -29.93 -27.63
C VAL H 531 -13.16 -29.84 -26.36
N LYS H 532 -13.90 -30.91 -26.06
CA LYS H 532 -14.79 -30.95 -24.92
C LYS H 532 -14.23 -31.87 -23.85
N ASN H 533 -14.39 -31.45 -22.59
CA ASN H 533 -13.99 -32.24 -21.43
C ASN H 533 -12.49 -32.59 -21.49
N LYS H 534 -11.67 -31.53 -21.47
CA LYS H 534 -10.23 -31.69 -21.50
C LYS H 534 -9.55 -30.37 -21.15
N CYS H 535 -8.57 -30.41 -20.26
CA CYS H 535 -7.91 -29.18 -19.80
C CYS H 535 -7.13 -28.56 -20.95
N VAL H 536 -7.63 -27.44 -21.47
CA VAL H 536 -7.07 -26.78 -22.63
C VAL H 536 -6.83 -25.30 -22.29
N ASN H 537 -6.38 -24.54 -23.28
CA ASN H 537 -6.15 -23.11 -23.15
C ASN H 537 -6.98 -22.39 -24.19
N PHE H 538 -8.23 -22.08 -23.85
CA PHE H 538 -9.15 -21.53 -24.82
C PHE H 538 -8.86 -20.07 -25.10
N ASN H 539 -9.34 -19.50 -26.23
CA ASN H 539 -9.20 -18.06 -26.59
C ASN H 539 -10.41 -17.66 -27.43
N PHE H 540 -11.49 -17.21 -26.80
CA PHE H 540 -12.75 -16.84 -27.45
C PHE H 540 -12.81 -15.32 -27.56
N ASN H 541 -12.64 -14.84 -28.79
CA ASN H 541 -12.78 -13.40 -29.06
C ASN H 541 -11.96 -12.58 -28.06
N GLY H 542 -10.79 -13.06 -27.63
CA GLY H 542 -9.92 -12.25 -26.77
C GLY H 542 -10.01 -12.63 -25.31
N LEU H 543 -10.82 -13.62 -24.98
CA LEU H 543 -11.07 -14.02 -23.60
C LEU H 543 -10.18 -15.21 -23.27
N LYS H 544 -8.91 -14.91 -23.00
CA LYS H 544 -7.96 -15.95 -22.66
C LYS H 544 -8.26 -16.55 -21.29
N GLY H 545 -7.99 -17.83 -21.15
CA GLY H 545 -8.26 -18.50 -19.90
C GLY H 545 -7.68 -19.91 -19.89
N THR H 546 -8.15 -20.70 -18.94
CA THR H 546 -7.70 -22.08 -18.80
C THR H 546 -8.76 -22.87 -18.05
N GLY H 547 -9.16 -24.01 -18.60
CA GLY H 547 -10.16 -24.83 -17.96
C GLY H 547 -10.64 -25.92 -18.89
N VAL H 548 -11.77 -26.52 -18.51
CA VAL H 548 -12.39 -27.59 -19.28
C VAL H 548 -13.78 -27.12 -19.72
N LEU H 549 -14.13 -27.41 -20.96
CA LEU H 549 -15.36 -26.93 -21.58
C LEU H 549 -16.38 -28.06 -21.65
N THR H 550 -17.60 -27.78 -21.22
CA THR H 550 -18.66 -28.78 -21.22
C THR H 550 -19.92 -28.27 -21.91
N GLU H 551 -21.01 -29.00 -21.77
CA GLU H 551 -22.31 -28.60 -22.30
C GLU H 551 -23.16 -28.01 -21.19
N SER H 552 -23.84 -26.91 -21.51
CA SER H 552 -24.68 -26.21 -20.55
C SER H 552 -26.08 -26.02 -21.12
N ASN H 553 -27.07 -25.99 -20.24
CA ASN H 553 -28.47 -25.86 -20.63
C ASN H 553 -29.02 -24.46 -20.45
N LYS H 554 -28.29 -23.56 -19.80
CA LYS H 554 -28.80 -22.22 -19.55
C LYS H 554 -28.94 -21.45 -20.86
N LYS H 555 -30.01 -20.68 -20.97
CA LYS H 555 -30.42 -20.05 -22.21
C LYS H 555 -29.96 -18.59 -22.25
N PHE H 556 -29.32 -18.21 -23.35
CA PHE H 556 -28.81 -16.87 -23.55
C PHE H 556 -29.73 -16.13 -24.52
N LEU H 557 -30.10 -14.90 -24.17
CA LEU H 557 -30.84 -14.06 -25.10
C LEU H 557 -29.94 -13.62 -26.23
N PRO H 558 -30.51 -13.25 -27.38
CA PRO H 558 -29.68 -12.97 -28.57
C PRO H 558 -28.64 -11.89 -28.38
N PHE H 559 -28.83 -10.97 -27.44
CA PHE H 559 -27.89 -9.88 -27.24
C PHE H 559 -26.83 -10.19 -26.19
N GLN H 560 -26.81 -11.41 -25.64
CA GLN H 560 -25.87 -11.79 -24.59
C GLN H 560 -24.87 -12.78 -25.14
N GLN H 561 -23.61 -12.66 -24.71
CA GLN H 561 -22.57 -13.57 -25.14
C GLN H 561 -21.81 -14.19 -23.97
N PHE H 562 -21.69 -13.46 -22.86
CA PHE H 562 -20.91 -13.90 -21.72
C PHE H 562 -21.81 -14.07 -20.51
N GLY H 563 -21.47 -15.05 -19.68
CA GLY H 563 -22.13 -15.24 -18.41
C GLY H 563 -21.22 -14.86 -17.26
N ARG H 564 -21.77 -14.63 -16.08
CA ARG H 564 -20.97 -14.20 -14.95
C ARG H 564 -21.58 -14.73 -13.66
N ASP H 565 -20.77 -14.71 -12.59
CA ASP H 565 -21.24 -15.15 -11.29
C ASP H 565 -20.98 -14.08 -10.24
N ILE H 566 -21.14 -14.44 -8.95
CA ILE H 566 -21.03 -13.46 -7.87
C ILE H 566 -19.65 -12.84 -7.84
N ALA H 567 -18.61 -13.64 -8.01
CA ALA H 567 -17.26 -13.11 -8.03
C ALA H 567 -16.96 -12.27 -9.27
N ASP H 568 -17.93 -12.13 -10.18
CA ASP H 568 -17.79 -11.32 -11.39
C ASP H 568 -16.64 -11.78 -12.26
N THR H 569 -16.56 -13.09 -12.46
CA THR H 569 -15.65 -13.71 -13.40
C THR H 569 -16.44 -14.53 -14.40
N THR H 570 -16.02 -14.50 -15.66
CA THR H 570 -16.77 -15.19 -16.70
C THR H 570 -16.73 -16.71 -16.50
N ASP H 571 -17.90 -17.34 -16.64
CA ASP H 571 -17.98 -18.79 -16.48
C ASP H 571 -18.93 -19.43 -17.49
N ALA H 572 -19.31 -18.73 -18.55
CA ALA H 572 -20.15 -19.30 -19.59
C ALA H 572 -20.00 -18.45 -20.83
N VAL H 573 -19.64 -19.07 -21.95
CA VAL H 573 -19.44 -18.35 -23.21
C VAL H 573 -20.22 -19.05 -24.30
N ARG H 574 -20.40 -18.34 -25.40
CA ARG H 574 -21.05 -18.87 -26.59
C ARG H 574 -20.02 -18.99 -27.70
N ASP H 575 -19.93 -20.19 -28.29
CA ASP H 575 -18.95 -20.45 -29.32
C ASP H 575 -19.25 -19.59 -30.55
N PRO H 576 -18.32 -18.72 -31.01
CA PRO H 576 -18.64 -17.83 -32.11
C PRO H 576 -18.72 -18.40 -33.52
N GLN H 577 -18.90 -19.71 -33.71
CA GLN H 577 -19.04 -20.30 -35.06
C GLN H 577 -20.38 -21.01 -35.10
N THR H 578 -20.73 -21.74 -34.06
CA THR H 578 -22.06 -22.27 -33.86
C THR H 578 -22.82 -21.28 -32.98
N LEU H 579 -23.96 -21.71 -32.44
CA LEU H 579 -24.68 -20.90 -31.45
C LEU H 579 -24.84 -21.64 -30.13
N GLU H 580 -24.05 -22.69 -29.90
CA GLU H 580 -24.19 -23.48 -28.69
C GLU H 580 -23.51 -22.77 -27.51
N ILE H 581 -23.94 -23.16 -26.32
CA ILE H 581 -23.50 -22.53 -25.07
C ILE H 581 -22.57 -23.50 -24.35
N LEU H 582 -21.42 -23.00 -23.93
CA LEU H 582 -20.43 -23.78 -23.20
C LEU H 582 -20.31 -23.26 -21.78
N ASP H 583 -19.95 -24.15 -20.86
CA ASP H 583 -19.81 -23.84 -19.45
C ASP H 583 -18.36 -24.07 -19.04
N ILE H 584 -17.76 -23.05 -18.43
CA ILE H 584 -16.33 -23.06 -18.11
C ILE H 584 -16.15 -23.37 -16.63
N THR H 585 -15.34 -24.38 -16.34
CA THR H 585 -14.98 -24.72 -14.97
C THR H 585 -13.49 -25.07 -14.92
N PRO H 586 -12.81 -24.72 -13.84
CA PRO H 586 -11.35 -24.91 -13.79
C PRO H 586 -10.97 -26.38 -13.62
N CYS H 587 -9.69 -26.63 -13.82
CA CYS H 587 -9.13 -27.97 -13.70
C CYS H 587 -9.10 -28.39 -12.23
N SER H 588 -8.88 -29.69 -12.02
CA SER H 588 -8.86 -30.23 -10.67
C SER H 588 -7.66 -29.70 -9.90
N PHE H 589 -7.90 -29.27 -8.66
CA PHE H 589 -6.84 -28.78 -7.80
C PHE H 589 -7.15 -29.15 -6.36
N GLY H 590 -6.10 -29.15 -5.53
CA GLY H 590 -6.26 -29.50 -4.14
C GLY H 590 -5.04 -29.24 -3.29
N GLY H 591 -4.83 -30.06 -2.27
CA GLY H 591 -3.69 -29.93 -1.40
C GLY H 591 -3.01 -31.27 -1.20
N VAL H 592 -1.78 -31.22 -0.71
CA VAL H 592 -0.98 -32.40 -0.46
C VAL H 592 -0.35 -32.26 0.92
N SER H 593 -0.48 -33.30 1.74
CA SER H 593 0.16 -33.37 3.05
C SER H 593 1.06 -34.59 3.10
N VAL H 594 2.05 -34.54 4.00
CA VAL H 594 3.06 -35.58 4.12
C VAL H 594 3.06 -36.09 5.55
N ILE H 595 2.94 -37.39 5.72
CA ILE H 595 2.95 -38.04 7.03
C ILE H 595 4.34 -38.64 7.22
N THR H 596 5.10 -38.13 8.18
CA THR H 596 6.43 -38.67 8.39
C THR H 596 6.71 -38.89 9.87
N PRO H 597 7.39 -39.98 10.21
CA PRO H 597 7.99 -40.09 11.55
C PRO H 597 9.27 -39.26 11.59
N GLY H 598 10.00 -39.32 12.69
CA GLY H 598 11.23 -38.54 12.77
C GLY H 598 12.20 -38.93 11.65
N THR H 599 13.03 -37.97 11.25
CA THR H 599 13.99 -38.23 10.20
C THR H 599 14.98 -39.31 10.62
N ASN H 600 15.45 -39.25 11.88
CA ASN H 600 16.37 -40.28 12.35
C ASN H 600 15.66 -41.63 12.46
N THR H 601 14.41 -41.63 12.88
CA THR H 601 13.69 -42.89 13.09
C THR H 601 13.55 -43.66 11.78
N SER H 602 13.21 -42.97 10.70
CA SER H 602 13.06 -43.63 9.40
C SER H 602 13.03 -42.58 8.31
N ASN H 603 13.06 -43.05 7.06
CA ASN H 603 12.95 -42.20 5.89
C ASN H 603 11.75 -42.57 5.03
N GLN H 604 10.74 -43.20 5.63
CA GLN H 604 9.54 -43.62 4.93
C GLN H 604 8.38 -42.70 5.30
N VAL H 605 7.54 -42.38 4.31
CA VAL H 605 6.52 -41.36 4.48
C VAL H 605 5.19 -41.86 3.93
N ALA H 606 4.13 -41.15 4.27
CA ALA H 606 2.81 -41.33 3.69
C ALA H 606 2.27 -39.98 3.26
N VAL H 607 1.53 -39.96 2.16
CA VAL H 607 1.06 -38.73 1.54
C VAL H 607 -0.46 -38.74 1.46
N LEU H 608 -1.08 -37.64 1.86
CA LEU H 608 -2.53 -37.50 1.87
C LEU H 608 -2.95 -36.47 0.84
N TYR H 609 -3.99 -36.79 0.07
CA TYR H 609 -4.58 -35.89 -0.91
C TYR H 609 -5.89 -35.37 -0.32
N GLN H 610 -5.92 -34.07 0.00
CA GLN H 610 -6.99 -33.52 0.82
C GLN H 610 -8.29 -33.39 0.03
N GLY H 611 -9.35 -33.97 0.55
CA GLY H 611 -10.69 -33.76 0.04
C GLY H 611 -10.91 -34.15 -1.41
N VAL H 612 -10.44 -35.33 -1.80
CA VAL H 612 -10.66 -35.82 -3.16
C VAL H 612 -11.10 -37.28 -3.10
N ASN H 613 -12.09 -37.61 -3.94
CA ASN H 613 -12.46 -39.00 -4.20
C ASN H 613 -11.22 -39.74 -4.70
N CYS H 614 -11.01 -40.95 -4.21
CA CYS H 614 -9.71 -41.57 -4.42
C CYS H 614 -9.48 -42.00 -5.87
N THR H 615 -10.51 -42.03 -6.72
CA THR H 615 -10.34 -42.43 -8.11
C THR H 615 -10.02 -41.26 -9.02
N GLU H 616 -9.97 -40.04 -8.50
CA GLU H 616 -9.65 -38.87 -9.32
C GLU H 616 -8.17 -38.81 -9.68
N VAL H 617 -7.30 -39.10 -8.72
CA VAL H 617 -5.85 -38.92 -8.91
C VAL H 617 -5.21 -39.97 -9.80
N PRO H 618 -5.63 -41.25 -9.82
CA PRO H 618 -4.93 -42.20 -10.70
C PRO H 618 -5.05 -41.84 -12.17
N VAL H 619 -6.11 -41.14 -12.56
CA VAL H 619 -6.29 -40.74 -13.96
C VAL H 619 -5.23 -39.73 -14.36
N ALA H 620 -4.87 -38.83 -13.46
CA ALA H 620 -3.96 -37.73 -13.76
C ALA H 620 -2.49 -38.14 -13.72
N ILE H 621 -2.18 -39.43 -13.74
CA ILE H 621 -0.80 -39.88 -13.66
C ILE H 621 -0.21 -39.95 -15.06
N HIS H 622 0.32 -38.83 -15.54
CA HIS H 622 0.96 -38.78 -16.84
C HIS H 622 1.98 -37.65 -16.84
N ALA H 623 2.96 -37.75 -17.74
CA ALA H 623 4.02 -36.74 -17.81
C ALA H 623 3.44 -35.37 -18.14
N ASP H 624 3.99 -34.34 -17.49
CA ASP H 624 3.58 -32.95 -17.70
C ASP H 624 2.09 -32.76 -17.47
N GLN H 625 1.56 -33.40 -16.41
CA GLN H 625 0.15 -33.25 -16.07
C GLN H 625 -0.11 -33.01 -14.60
N LEU H 626 0.87 -33.17 -13.71
CA LEU H 626 0.70 -32.90 -12.29
C LEU H 626 1.84 -32.02 -11.81
N THR H 627 1.51 -31.04 -10.95
CA THR H 627 2.53 -30.12 -10.46
C THR H 627 3.62 -30.85 -9.66
N PRO H 628 3.30 -31.68 -8.67
CA PRO H 628 4.33 -32.56 -8.12
C PRO H 628 4.71 -33.61 -9.15
N THR H 629 6.01 -33.80 -9.36
CA THR H 629 6.47 -34.73 -10.38
C THR H 629 6.60 -36.16 -9.87
N TRP H 630 6.50 -36.38 -8.56
CA TRP H 630 6.66 -37.71 -7.98
C TRP H 630 5.34 -38.48 -7.98
N ARG H 631 4.84 -38.70 -9.19
CA ARG H 631 3.61 -39.47 -9.38
C ARG H 631 3.80 -40.95 -9.17
N VAL H 632 5.04 -41.41 -8.99
CA VAL H 632 5.29 -42.82 -8.72
C VAL H 632 4.61 -43.23 -7.43
N TYR H 633 4.46 -42.29 -6.50
CA TYR H 633 3.94 -42.64 -5.19
C TYR H 633 2.44 -42.94 -5.26
N SER H 634 1.73 -42.30 -6.19
CA SER H 634 0.29 -42.52 -6.32
C SER H 634 -0.01 -43.99 -6.60
N THR H 635 0.83 -44.64 -7.39
CA THR H 635 0.77 -46.10 -7.55
C THR H 635 1.68 -46.79 -6.55
N GLY H 636 1.48 -46.49 -5.27
CA GLY H 636 2.28 -47.09 -4.23
C GLY H 636 1.54 -48.16 -3.46
N SER H 637 1.42 -47.99 -2.15
CA SER H 637 0.78 -48.98 -1.31
C SER H 637 -0.74 -48.81 -1.35
N ASN H 638 -1.43 -49.71 -0.65
CA ASN H 638 -2.88 -49.75 -0.71
C ASN H 638 -3.48 -48.44 -0.23
N VAL H 639 -4.55 -48.01 -0.90
CA VAL H 639 -5.18 -46.73 -0.63
C VAL H 639 -6.38 -46.96 0.29
N PHE H 640 -6.45 -46.17 1.35
CA PHE H 640 -7.58 -46.19 2.27
C PHE H 640 -8.29 -44.85 2.16
N GLN H 641 -9.59 -44.86 1.88
CA GLN H 641 -10.35 -43.64 1.70
C GLN H 641 -10.94 -43.17 3.02
N THR H 642 -10.73 -41.90 3.34
CA THR H 642 -11.25 -41.24 4.54
C THR H 642 -12.08 -40.03 4.14
N ARG H 643 -12.68 -39.38 5.14
CA ARG H 643 -13.49 -38.20 4.90
C ARG H 643 -12.65 -36.99 4.50
N ALA H 644 -11.34 -37.03 4.75
CA ALA H 644 -10.45 -35.94 4.38
C ALA H 644 -9.69 -36.22 3.09
N GLY H 645 -10.04 -37.28 2.40
CA GLY H 645 -9.32 -37.75 1.22
C GLY H 645 -8.54 -39.02 1.52
N CYS H 646 -8.24 -39.76 0.46
CA CYS H 646 -7.57 -41.04 0.64
C CYS H 646 -6.09 -40.82 0.77
N LEU H 647 -5.48 -41.53 1.71
CA LEU H 647 -4.06 -41.46 1.97
C LEU H 647 -3.39 -42.70 1.41
N ILE H 648 -2.26 -42.50 0.75
CA ILE H 648 -1.55 -43.56 0.04
C ILE H 648 -0.28 -43.88 0.82
N GLY H 649 0.06 -45.16 0.89
CA GLY H 649 1.28 -45.59 1.52
C GLY H 649 1.17 -46.07 2.95
N ALA H 650 -0.01 -46.04 3.55
CA ALA H 650 -0.22 -46.54 4.91
C ALA H 650 -1.39 -47.51 4.89
N GLU H 651 -1.23 -48.64 5.58
CA GLU H 651 -2.27 -49.66 5.66
C GLU H 651 -3.27 -49.31 6.76
N TYR H 652 -4.36 -50.07 6.79
CA TYR H 652 -5.46 -49.79 7.72
C TYR H 652 -5.72 -51.03 8.56
N VAL H 653 -5.21 -51.03 9.80
CA VAL H 653 -5.55 -52.05 10.78
C VAL H 653 -6.92 -51.70 11.35
N ASN H 654 -7.52 -52.62 12.10
CA ASN H 654 -8.84 -52.37 12.66
C ASN H 654 -8.89 -52.55 14.17
N ASN H 655 -7.75 -52.66 14.84
CA ASN H 655 -7.74 -52.55 16.30
C ASN H 655 -7.63 -51.06 16.66
N SER H 656 -7.40 -50.76 17.93
CA SER H 656 -7.39 -49.38 18.38
C SER H 656 -6.14 -49.11 19.21
N TYR H 657 -5.56 -47.93 19.00
CA TYR H 657 -4.44 -47.46 19.80
C TYR H 657 -4.71 -46.03 20.27
N GLU H 658 -3.71 -45.39 20.85
CA GLU H 658 -3.79 -43.97 21.15
C GLU H 658 -3.34 -43.17 19.92
N CYS H 659 -3.90 -41.97 19.78
CA CYS H 659 -3.58 -41.15 18.61
C CYS H 659 -2.14 -40.66 18.68
N ASP H 660 -1.43 -40.80 17.55
CA ASP H 660 -0.03 -40.40 17.45
C ASP H 660 0.15 -39.23 16.49
N ILE H 661 -0.30 -39.36 15.25
CA ILE H 661 -0.29 -38.29 14.27
C ILE H 661 -1.73 -38.11 13.78
N PRO H 662 -2.41 -37.02 14.14
CA PRO H 662 -3.84 -36.91 13.85
C PRO H 662 -4.09 -36.64 12.37
N ILE H 663 -4.84 -37.53 11.73
CA ILE H 663 -5.14 -37.40 10.31
C ILE H 663 -6.38 -36.55 10.08
N GLY H 664 -7.50 -36.90 10.73
CA GLY H 664 -8.72 -36.15 10.56
C GLY H 664 -9.97 -37.01 10.52
N ALA H 665 -11.04 -36.54 11.14
CA ALA H 665 -12.31 -37.25 11.19
C ALA H 665 -12.18 -38.63 11.81
N GLY H 666 -11.43 -38.72 12.91
CA GLY H 666 -11.35 -39.94 13.68
C GLY H 666 -10.29 -40.93 13.25
N ILE H 667 -9.26 -40.49 12.53
CA ILE H 667 -8.19 -41.37 12.07
C ILE H 667 -6.86 -40.79 12.53
N CYS H 668 -5.99 -41.66 13.05
CA CYS H 668 -4.64 -41.27 13.43
C CYS H 668 -3.65 -42.28 12.92
N ALA H 669 -2.52 -41.80 12.40
CA ALA H 669 -1.47 -42.64 11.85
C ALA H 669 -0.33 -42.80 12.84
N SER H 670 0.43 -43.88 12.69
CA SER H 670 1.52 -44.18 13.61
C SER H 670 2.52 -45.08 12.92
N TYR H 671 3.71 -45.16 13.52
CA TYR H 671 4.82 -45.96 13.01
C TYR H 671 4.99 -47.17 13.92
N GLN H 672 4.65 -48.36 13.41
CA GLN H 672 4.64 -49.56 14.21
C GLN H 672 5.34 -50.70 13.46
N THR H 673 5.42 -51.85 14.12
CA THR H 673 6.08 -53.02 13.55
C THR H 673 5.22 -53.69 12.48
N SER H 686 10.97 -54.89 9.37
CA SER H 686 9.65 -55.22 9.90
C SER H 686 8.96 -53.97 10.44
N GLN H 687 9.05 -52.87 9.71
CA GLN H 687 8.44 -51.61 10.11
C GLN H 687 7.69 -51.01 8.94
N SER H 688 6.55 -50.38 9.24
CA SER H 688 5.73 -49.72 8.22
C SER H 688 4.88 -48.67 8.91
N ILE H 689 4.10 -47.94 8.11
CA ILE H 689 3.22 -46.89 8.60
C ILE H 689 1.79 -47.40 8.50
N ILE H 690 1.06 -47.33 9.61
CA ILE H 690 -0.29 -47.85 9.69
C ILE H 690 -1.24 -46.72 10.06
N ALA H 691 -2.49 -46.85 9.61
CA ALA H 691 -3.54 -45.89 9.93
C ALA H 691 -4.68 -46.64 10.59
N TYR H 692 -5.20 -46.10 11.69
CA TYR H 692 -6.20 -46.79 12.48
C TYR H 692 -7.24 -45.77 12.93
N THR H 693 -8.08 -46.17 13.88
CA THR H 693 -9.11 -45.32 14.44
C THR H 693 -8.78 -45.02 15.91
N MET H 694 -9.06 -43.79 16.33
CA MET H 694 -8.74 -43.39 17.69
C MET H 694 -9.51 -44.20 18.71
N SER H 695 -8.93 -44.36 19.89
CA SER H 695 -9.55 -45.02 21.03
C SER H 695 -9.76 -44.00 22.12
N LEU H 696 -10.98 -43.93 22.65
CA LEU H 696 -11.30 -42.95 23.68
C LEU H 696 -10.87 -43.38 25.07
N GLY H 697 -10.38 -44.60 25.23
CA GLY H 697 -9.96 -45.11 26.52
C GLY H 697 -10.54 -46.48 26.79
N ALA H 698 -10.03 -47.09 27.86
CA ALA H 698 -10.46 -48.42 28.24
C ALA H 698 -11.91 -48.39 28.71
N GLU H 699 -12.74 -49.23 28.11
CA GLU H 699 -14.14 -49.28 28.49
C GLU H 699 -14.29 -49.87 29.90
N ASN H 700 -15.19 -49.27 30.68
CA ASN H 700 -15.43 -49.71 32.04
C ASN H 700 -16.94 -49.73 32.30
N SER H 701 -17.34 -50.58 33.23
CA SER H 701 -18.74 -50.69 33.62
C SER H 701 -18.84 -50.62 35.13
N VAL H 702 -19.81 -49.85 35.63
CA VAL H 702 -20.01 -49.67 37.05
C VAL H 702 -21.26 -50.42 37.45
N ALA H 703 -21.12 -51.32 38.43
CA ALA H 703 -22.23 -52.15 38.88
C ALA H 703 -23.09 -51.33 39.83
N TYR H 704 -23.94 -50.50 39.24
CA TYR H 704 -24.85 -49.67 40.03
C TYR H 704 -25.94 -50.53 40.63
N SER H 705 -26.21 -50.33 41.92
CA SER H 705 -27.31 -50.99 42.58
C SER H 705 -27.83 -50.06 43.66
N ASN H 706 -29.09 -50.28 44.04
CA ASN H 706 -29.82 -49.39 44.93
C ASN H 706 -29.69 -49.73 46.40
N ASN H 707 -28.83 -50.68 46.78
CA ASN H 707 -28.49 -50.86 48.18
C ASN H 707 -27.02 -51.24 48.36
N SER H 708 -26.15 -50.76 47.47
CA SER H 708 -24.73 -51.10 47.52
C SER H 708 -23.90 -49.83 47.50
N ILE H 709 -22.92 -49.75 48.40
CA ILE H 709 -22.00 -48.63 48.49
C ILE H 709 -20.58 -49.19 48.49
N ALA H 710 -19.63 -48.38 48.04
CA ALA H 710 -18.22 -48.75 48.05
C ALA H 710 -17.42 -47.70 48.81
N ILE H 711 -16.67 -48.13 49.81
CA ILE H 711 -15.91 -47.25 50.68
C ILE H 711 -14.43 -47.58 50.51
N PRO H 712 -13.57 -46.61 50.24
CA PRO H 712 -12.13 -46.91 50.12
C PRO H 712 -11.53 -47.21 51.49
N THR H 713 -10.70 -48.25 51.53
CA THR H 713 -10.05 -48.66 52.76
C THR H 713 -8.65 -48.09 52.91
N ASN H 714 -8.16 -47.36 51.92
CA ASN H 714 -6.80 -46.85 51.92
C ASN H 714 -6.72 -45.61 51.04
N PHE H 715 -5.58 -44.93 51.12
CA PHE H 715 -5.33 -43.70 50.40
C PHE H 715 -3.89 -43.67 49.90
N THR H 716 -3.63 -42.80 48.94
CA THR H 716 -2.27 -42.57 48.46
C THR H 716 -2.05 -41.07 48.25
N ILE H 717 -0.78 -40.67 48.29
CA ILE H 717 -0.36 -39.28 48.12
C ILE H 717 0.49 -39.19 46.86
N SER H 718 0.13 -38.28 45.96
CA SER H 718 0.84 -38.10 44.71
C SER H 718 1.13 -36.63 44.49
N VAL H 719 2.22 -36.35 43.78
CA VAL H 719 2.65 -34.99 43.48
C VAL H 719 2.63 -34.80 41.98
N THR H 720 1.95 -33.74 41.53
CA THR H 720 1.75 -33.45 40.12
C THR H 720 2.38 -32.11 39.79
N THR H 721 3.04 -32.03 38.65
CA THR H 721 3.67 -30.80 38.20
C THR H 721 2.76 -30.04 37.24
N GLU H 722 3.11 -28.78 37.00
CA GLU H 722 2.32 -27.92 36.13
C GLU H 722 3.13 -26.68 35.77
N ILE H 723 3.19 -26.36 34.49
CA ILE H 723 4.05 -25.32 33.96
C ILE H 723 3.18 -24.22 33.35
N LEU H 724 3.50 -22.96 33.65
CA LEU H 724 2.75 -21.82 33.12
C LEU H 724 3.68 -20.70 32.71
N PRO H 725 3.59 -20.22 31.47
CA PRO H 725 4.35 -19.02 31.09
C PRO H 725 3.83 -17.79 31.82
N VAL H 726 4.73 -16.84 32.06
CA VAL H 726 4.35 -15.61 32.73
C VAL H 726 4.80 -14.35 32.01
N SER H 727 5.81 -14.39 31.15
CA SER H 727 6.25 -13.20 30.43
C SER H 727 7.05 -13.63 29.21
N MET H 728 7.29 -12.69 28.31
CA MET H 728 8.07 -12.94 27.10
C MET H 728 9.10 -11.82 26.92
N THR H 729 9.99 -12.03 25.96
CA THR H 729 11.14 -11.15 25.80
C THR H 729 10.71 -9.76 25.37
N LYS H 730 11.34 -8.75 25.97
CA LYS H 730 11.10 -7.37 25.57
C LYS H 730 11.92 -7.05 24.33
N THR H 731 11.41 -6.13 23.52
CA THR H 731 12.03 -5.82 22.24
C THR H 731 11.86 -4.33 21.95
N SER H 732 12.78 -3.80 21.16
CA SER H 732 12.68 -2.44 20.64
C SER H 732 13.19 -2.43 19.22
N VAL H 733 12.65 -1.53 18.40
CA VAL H 733 12.97 -1.46 16.99
C VAL H 733 13.30 -0.01 16.62
N ASP H 734 14.35 0.17 15.82
CA ASP H 734 14.71 1.49 15.34
C ASP H 734 13.81 1.89 14.17
N CYS H 735 13.46 3.18 14.12
CA CYS H 735 12.61 3.69 13.05
C CYS H 735 13.26 3.49 11.69
N THR H 736 14.49 3.96 11.54
CA THR H 736 15.08 4.22 10.23
C THR H 736 16.14 3.22 9.83
N MET H 737 16.96 2.75 10.77
CA MET H 737 18.04 1.84 10.41
C MET H 737 17.51 0.56 9.78
N TYR H 738 16.31 0.14 10.15
CA TYR H 738 15.72 -1.02 9.49
C TYR H 738 15.33 -0.69 8.06
N ILE H 739 14.64 0.42 7.86
CA ILE H 739 14.07 0.73 6.55
C ILE H 739 15.08 1.39 5.63
N CYS H 740 15.71 2.47 6.09
CA CYS H 740 16.59 3.26 5.22
C CYS H 740 18.03 3.18 5.69
N GLY H 741 18.51 1.97 5.97
CA GLY H 741 19.82 1.80 6.57
C GLY H 741 20.96 2.46 5.82
N ASP H 742 21.75 3.23 6.55
CA ASP H 742 22.95 3.93 6.06
C ASP H 742 22.78 4.58 4.69
N SER H 743 21.61 5.18 4.45
CA SER H 743 21.37 5.92 3.22
C SER H 743 20.88 7.32 3.58
N THR H 744 21.58 8.33 3.08
CA THR H 744 21.22 9.71 3.42
C THR H 744 20.02 10.20 2.62
N GLU H 745 19.75 9.62 1.45
CA GLU H 745 18.67 10.07 0.59
C GLU H 745 17.35 9.37 0.89
N CYS H 746 17.34 8.41 1.80
CA CYS H 746 16.12 7.70 2.18
C CYS H 746 15.52 8.20 3.48
N SER H 747 16.35 8.60 4.44
CA SER H 747 15.83 9.00 5.75
C SER H 747 15.08 10.32 5.68
N ASN H 748 15.49 11.23 4.78
CA ASN H 748 14.83 12.54 4.71
C ASN H 748 13.42 12.41 4.17
N LEU H 749 13.22 11.54 3.18
CA LEU H 749 11.89 11.38 2.61
C LEU H 749 11.03 10.40 3.40
N LEU H 750 11.57 9.78 4.45
CA LEU H 750 10.74 9.02 5.37
C LEU H 750 9.93 9.93 6.28
N LEU H 751 10.35 11.18 6.44
CA LEU H 751 9.63 12.12 7.29
C LEU H 751 8.30 12.54 6.69
N GLN H 752 8.13 12.40 5.38
CA GLN H 752 6.88 12.76 4.74
C GLN H 752 5.76 11.79 5.07
N TYR H 753 6.07 10.67 5.72
CA TYR H 753 5.05 9.71 6.11
C TYR H 753 4.45 10.00 7.47
N GLY H 754 4.84 11.10 8.10
CA GLY H 754 4.20 11.53 9.33
C GLY H 754 4.78 10.92 10.58
N SER H 755 3.91 10.64 11.54
CA SER H 755 4.30 10.10 12.84
C SER H 755 4.12 8.59 12.90
N PHE H 756 4.42 7.90 11.80
CA PHE H 756 4.15 6.47 11.74
C PHE H 756 4.96 5.70 12.77
N CYS H 757 6.27 5.90 12.80
CA CYS H 757 7.09 5.04 13.65
C CYS H 757 7.09 5.49 15.10
N THR H 758 6.58 6.68 15.40
CA THR H 758 6.34 7.03 16.79
C THR H 758 5.26 6.12 17.38
N GLN H 759 4.26 5.77 16.58
CA GLN H 759 3.25 4.82 17.03
C GLN H 759 3.86 3.46 17.29
N LEU H 760 4.81 3.03 16.45
CA LEU H 760 5.48 1.75 16.69
C LEU H 760 6.29 1.80 17.98
N LYS H 761 7.01 2.89 18.22
CA LYS H 761 7.73 3.04 19.48
C LYS H 761 6.76 3.08 20.65
N ARG H 762 5.63 3.77 20.48
CA ARG H 762 4.64 3.86 21.55
C ARG H 762 3.99 2.50 21.83
N ALA H 763 3.74 1.72 20.78
CA ALA H 763 3.09 0.43 20.97
C ALA H 763 4.03 -0.60 21.59
N LEU H 764 5.27 -0.64 21.12
CA LEU H 764 6.22 -1.62 21.65
C LEU H 764 6.67 -1.29 23.06
N THR H 765 6.67 -0.01 23.42
CA THR H 765 6.97 0.36 24.80
C THR H 765 5.85 -0.06 25.74
N GLY H 766 4.60 -0.02 25.28
CA GLY H 766 3.50 -0.47 26.11
C GLY H 766 3.61 -1.95 26.44
N ILE H 767 4.03 -2.77 25.48
CA ILE H 767 4.25 -4.19 25.74
C ILE H 767 5.41 -4.38 26.71
N ALA H 768 6.50 -3.63 26.51
CA ALA H 768 7.70 -3.83 27.33
C ALA H 768 7.43 -3.50 28.79
N VAL H 769 6.76 -2.38 29.06
CA VAL H 769 6.48 -2.01 30.44
C VAL H 769 5.42 -2.93 31.05
N GLU H 770 4.59 -3.58 30.22
CA GLU H 770 3.60 -4.50 30.74
C GLU H 770 4.24 -5.77 31.26
N GLN H 771 5.32 -6.22 30.61
CA GLN H 771 5.96 -7.47 31.00
C GLN H 771 6.58 -7.40 32.38
N ASP H 772 6.86 -6.20 32.89
CA ASP H 772 7.32 -6.05 34.26
C ASP H 772 6.19 -6.20 35.27
N LYS H 773 4.95 -5.94 34.87
CA LYS H 773 3.82 -6.14 35.75
C LYS H 773 3.43 -7.60 35.87
N ASN H 774 3.62 -8.38 34.80
CA ASN H 774 3.28 -9.81 34.86
C ASN H 774 4.14 -10.54 35.87
N THR H 775 5.40 -10.15 36.02
CA THR H 775 6.27 -10.77 37.01
C THR H 775 6.13 -10.13 38.38
N GLN H 776 5.67 -8.89 38.46
CA GLN H 776 5.49 -8.22 39.73
C GLN H 776 4.19 -8.59 40.43
N GLU H 777 3.27 -9.23 39.73
CA GLU H 777 2.00 -9.65 40.32
C GLU H 777 1.98 -11.10 40.73
N VAL H 778 2.95 -11.89 40.30
CA VAL H 778 2.98 -13.31 40.63
C VAL H 778 3.83 -13.54 41.86
N PHE H 779 5.10 -13.15 41.80
CA PHE H 779 6.03 -13.48 42.86
C PHE H 779 6.02 -12.48 44.01
N ALA H 780 5.44 -11.30 43.84
CA ALA H 780 5.57 -10.21 44.80
C ALA H 780 4.34 -10.06 45.67
N GLN H 781 3.74 -11.17 46.09
CA GLN H 781 2.56 -11.15 46.93
C GLN H 781 2.88 -11.10 48.42
N VAL H 782 4.15 -11.02 48.79
CA VAL H 782 4.57 -10.93 50.18
C VAL H 782 5.51 -9.74 50.33
N LYS H 783 5.30 -8.96 51.39
CA LYS H 783 6.14 -7.79 51.66
C LYS H 783 7.20 -8.06 52.72
N GLN H 784 7.34 -9.30 53.16
CA GLN H 784 8.36 -9.69 54.11
C GLN H 784 9.18 -10.83 53.51
N ILE H 785 10.48 -10.83 53.74
CA ILE H 785 11.36 -11.86 53.23
C ILE H 785 11.69 -12.78 54.40
N TYR H 786 10.90 -13.84 54.56
CA TYR H 786 11.13 -14.77 55.64
C TYR H 786 12.31 -15.68 55.32
N LYS H 787 12.79 -16.40 56.34
CA LYS H 787 13.89 -17.33 56.17
C LYS H 787 13.69 -18.52 57.09
N THR H 788 14.02 -19.70 56.59
CA THR H 788 13.81 -20.93 57.34
C THR H 788 14.86 -21.06 58.45
N PRO H 789 14.51 -21.69 59.57
CA PRO H 789 15.46 -21.84 60.67
C PRO H 789 16.60 -22.77 60.30
N PRO H 790 17.71 -22.72 61.03
CA PRO H 790 18.86 -23.58 60.67
C PRO H 790 18.56 -25.07 60.72
N ILE H 791 17.70 -25.52 61.62
CA ILE H 791 17.38 -26.94 61.74
C ILE H 791 16.21 -27.25 60.81
N LYS H 792 16.37 -28.29 60.00
CA LYS H 792 15.42 -28.62 58.95
C LYS H 792 14.76 -29.98 59.19
N TYR H 793 14.36 -30.26 60.43
CA TYR H 793 13.64 -31.50 60.75
C TYR H 793 12.16 -31.17 60.85
N PHE H 794 11.45 -31.34 59.74
CA PHE H 794 10.01 -31.07 59.69
C PHE H 794 9.21 -32.36 59.86
N GLY H 795 9.42 -33.00 61.01
CA GLY H 795 8.62 -34.15 61.38
C GLY H 795 8.78 -35.35 60.48
N GLY H 796 9.88 -35.43 59.72
CA GLY H 796 10.13 -36.52 58.80
C GLY H 796 9.98 -36.14 57.34
N PHE H 797 9.22 -35.10 57.04
CA PHE H 797 9.14 -34.64 55.66
C PHE H 797 10.47 -34.05 55.24
N ASN H 798 10.92 -34.39 54.05
CA ASN H 798 12.24 -34.01 53.56
C ASN H 798 12.08 -32.98 52.45
N PHE H 799 12.41 -31.73 52.76
CA PHE H 799 12.28 -30.61 51.84
C PHE H 799 13.61 -30.21 51.21
N SER H 800 14.63 -31.07 51.30
CA SER H 800 15.95 -30.70 50.80
C SER H 800 15.95 -30.49 49.29
N GLN H 801 14.98 -31.03 48.57
CA GLN H 801 14.95 -30.93 47.12
C GLN H 801 14.36 -29.62 46.63
N ILE H 802 13.69 -28.85 47.49
CA ILE H 802 13.07 -27.61 47.07
C ILE H 802 13.61 -26.39 47.79
N LEU H 803 14.17 -26.53 48.99
CA LEU H 803 14.73 -25.40 49.70
C LEU H 803 16.03 -24.96 49.03
N PRO H 804 16.45 -23.72 49.23
CA PRO H 804 17.67 -23.23 48.58
C PRO H 804 18.90 -24.02 48.99
N ASP H 805 19.83 -24.16 48.04
CA ASP H 805 21.07 -24.89 48.23
C ASP H 805 22.24 -23.92 48.31
N PRO H 806 22.95 -23.84 49.44
CA PRO H 806 24.02 -22.84 49.57
C PRO H 806 25.32 -23.20 48.87
N SER H 807 25.52 -24.47 48.52
CA SER H 807 26.77 -24.85 47.87
C SER H 807 26.93 -24.17 46.53
N LYS H 808 25.86 -24.12 45.74
CA LYS H 808 25.89 -23.43 44.46
C LYS H 808 26.08 -21.93 44.67
N PRO H 809 26.78 -21.25 43.75
CA PRO H 809 26.90 -19.78 43.88
C PRO H 809 25.56 -19.07 43.91
N SER H 810 24.57 -19.53 43.14
CA SER H 810 23.22 -19.01 43.24
C SER H 810 22.43 -19.80 44.28
N LYS H 811 21.45 -19.13 44.88
CA LYS H 811 20.63 -19.75 45.93
C LYS H 811 19.45 -20.50 45.34
N ARG H 812 19.73 -21.40 44.40
CA ARG H 812 18.70 -22.14 43.68
C ARG H 812 18.70 -23.59 44.12
N SER H 813 17.51 -24.17 44.26
CA SER H 813 17.36 -25.52 44.77
C SER H 813 17.86 -26.52 43.73
N PHE H 814 17.80 -27.80 44.09
CA PHE H 814 18.19 -28.84 43.16
C PHE H 814 17.20 -28.96 42.00
N ILE H 815 15.91 -28.83 42.28
CA ILE H 815 14.91 -28.91 41.22
C ILE H 815 15.07 -27.73 40.26
N GLU H 816 15.29 -26.53 40.79
CA GLU H 816 15.42 -25.35 39.95
C GLU H 816 16.62 -25.43 39.02
N ASP H 817 17.62 -26.25 39.36
CA ASP H 817 18.78 -26.38 38.47
C ASP H 817 18.44 -27.16 37.21
N LEU H 818 17.66 -28.24 37.34
CA LEU H 818 17.24 -28.98 36.16
C LEU H 818 16.37 -28.12 35.26
N LEU H 819 15.48 -27.33 35.86
CA LEU H 819 14.60 -26.48 35.07
C LEU H 819 15.38 -25.41 34.31
N PHE H 820 16.46 -24.90 34.91
CA PHE H 820 17.23 -23.84 34.28
C PHE H 820 18.24 -24.35 33.27
N ASN H 821 18.38 -25.66 33.13
CA ASN H 821 19.27 -26.24 32.13
C ASN H 821 18.52 -26.92 30.99
N LYS H 822 17.21 -27.12 31.10
CA LYS H 822 16.44 -27.75 30.05
C LYS H 822 15.81 -26.75 29.09
N VAL H 823 15.93 -25.46 29.35
CA VAL H 823 15.39 -24.42 28.48
C VAL H 823 16.54 -23.51 28.08
N THR H 824 16.75 -23.34 26.77
CA THR H 824 17.86 -22.56 26.24
C THR H 824 17.32 -21.26 25.67
N LEU H 825 17.92 -20.15 26.08
CA LEU H 825 17.50 -18.83 25.63
C LEU H 825 18.27 -18.39 24.39
N LEU H 846 26.20 -16.12 17.04
CA LEU H 846 26.53 -15.15 16.01
C LEU H 846 25.26 -14.62 15.36
N ILE H 847 24.17 -15.38 15.51
CA ILE H 847 22.90 -14.96 14.91
C ILE H 847 22.39 -13.69 15.57
N CYS H 848 22.60 -13.54 16.88
CA CYS H 848 22.17 -12.34 17.57
C CYS H 848 23.01 -11.11 17.18
N ALA H 849 24.19 -11.31 16.60
CA ALA H 849 24.99 -10.21 16.12
C ALA H 849 24.63 -9.79 14.70
N GLN H 850 23.75 -10.53 14.04
CA GLN H 850 23.21 -10.13 12.74
C GLN H 850 22.03 -9.18 12.88
N LYS H 851 21.88 -8.54 14.03
CA LYS H 851 20.83 -7.57 14.30
C LYS H 851 21.36 -6.15 14.23
N PHE H 852 22.26 -5.89 13.28
CA PHE H 852 22.70 -4.54 12.95
C PHE H 852 21.63 -3.72 12.25
N LYS H 853 20.42 -4.26 12.10
CA LYS H 853 19.31 -3.53 11.50
C LYS H 853 18.53 -2.71 12.52
N GLY H 854 18.87 -2.81 13.80
CA GLY H 854 18.19 -2.05 14.83
C GLY H 854 17.26 -2.85 15.71
N LEU H 855 17.35 -4.17 15.69
CA LEU H 855 16.47 -5.05 16.47
C LEU H 855 17.23 -5.44 17.74
N THR H 856 16.88 -4.82 18.86
CA THR H 856 17.55 -5.06 20.12
C THR H 856 16.58 -5.68 21.12
N VAL H 857 17.15 -6.15 22.24
CA VAL H 857 16.39 -6.80 23.29
C VAL H 857 16.76 -6.15 24.62
N LEU H 858 15.78 -5.56 25.30
CA LEU H 858 16.04 -4.90 26.56
C LEU H 858 16.01 -5.91 27.71
N PRO H 859 16.79 -5.67 28.76
CA PRO H 859 16.86 -6.64 29.86
C PRO H 859 15.66 -6.51 30.78
N PRO H 860 15.23 -7.61 31.40
CA PRO H 860 14.10 -7.52 32.33
C PRO H 860 14.47 -6.76 33.59
N LEU H 861 13.45 -6.20 34.22
CA LEU H 861 13.67 -5.38 35.41
C LEU H 861 14.17 -6.21 36.59
N LEU H 862 13.64 -7.41 36.77
CA LEU H 862 14.01 -8.27 37.90
C LEU H 862 15.07 -9.26 37.44
N THR H 863 16.23 -9.22 38.09
CA THR H 863 17.24 -10.23 37.83
C THR H 863 16.78 -11.57 38.40
N ASP H 864 17.33 -12.65 37.84
CA ASP H 864 16.83 -13.98 38.20
C ASP H 864 17.19 -14.35 39.64
N GLU H 865 18.30 -13.84 40.16
CA GLU H 865 18.60 -14.06 41.58
C GLU H 865 17.55 -13.39 42.45
N MET H 866 17.10 -12.20 42.06
CA MET H 866 16.08 -11.50 42.83
C MET H 866 14.77 -12.27 42.83
N ILE H 867 14.41 -12.87 41.69
CA ILE H 867 13.22 -13.70 41.64
C ILE H 867 13.38 -14.95 42.48
N ALA H 868 14.58 -15.53 42.49
CA ALA H 868 14.83 -16.72 43.30
C ALA H 868 14.77 -16.43 44.79
N GLN H 869 14.73 -15.17 45.21
CA GLN H 869 14.55 -14.83 46.61
C GLN H 869 13.09 -14.68 47.00
N TYR H 870 12.25 -14.22 46.07
CA TYR H 870 10.81 -14.24 46.28
C TYR H 870 10.31 -15.67 46.48
N THR H 871 10.75 -16.58 45.62
CA THR H 871 10.34 -17.98 45.74
C THR H 871 10.81 -18.59 47.06
N SER H 872 11.97 -18.17 47.56
CA SER H 872 12.44 -18.67 48.83
C SER H 872 11.54 -18.25 49.98
N ALA H 873 11.05 -17.00 49.96
CA ALA H 873 10.20 -16.52 51.04
C ALA H 873 8.85 -17.23 51.03
N LEU H 874 8.32 -17.52 49.85
CA LEU H 874 7.07 -18.27 49.78
C LEU H 874 7.23 -19.66 50.39
N LEU H 875 8.36 -20.31 50.13
CA LEU H 875 8.59 -21.67 50.62
C LEU H 875 9.05 -21.70 52.06
N ALA H 876 9.42 -20.57 52.66
CA ALA H 876 9.84 -20.55 54.05
C ALA H 876 8.79 -19.96 54.98
N GLY H 877 7.68 -19.48 54.45
CA GLY H 877 6.59 -19.00 55.26
C GLY H 877 5.39 -19.89 55.12
N THR H 878 5.47 -20.85 54.20
CA THR H 878 4.42 -21.84 53.99
C THR H 878 4.71 -23.16 54.69
N ILE H 879 5.87 -23.30 55.33
CA ILE H 879 6.18 -24.51 56.06
C ILE H 879 6.29 -24.28 57.56
N THR H 880 6.54 -23.04 58.00
CA THR H 880 6.52 -22.72 59.43
C THR H 880 5.19 -22.09 59.83
N SER H 881 4.83 -20.98 59.20
CA SER H 881 3.61 -20.27 59.54
C SER H 881 2.35 -20.90 58.96
N GLY H 882 2.48 -21.82 58.03
CA GLY H 882 1.32 -22.45 57.45
C GLY H 882 0.75 -21.60 56.34
N TRP H 883 -0.55 -21.32 56.41
CA TRP H 883 -1.24 -20.53 55.39
C TRP H 883 -1.82 -19.24 55.95
N THR H 884 -1.40 -18.84 57.14
CA THR H 884 -1.90 -17.62 57.76
C THR H 884 -1.01 -16.42 57.53
N PHE H 885 0.05 -16.55 56.74
CA PHE H 885 0.93 -15.43 56.46
C PHE H 885 0.44 -14.58 55.30
N GLY H 886 -0.65 -14.97 54.65
CA GLY H 886 -1.24 -14.19 53.59
C GLY H 886 -2.45 -13.37 54.00
N ALA H 887 -2.88 -13.48 55.25
CA ALA H 887 -4.05 -12.74 55.74
C ALA H 887 -3.72 -11.87 56.93
N GLY H 888 -2.45 -11.73 57.29
CA GLY H 888 -2.06 -10.89 58.41
C GLY H 888 -0.71 -11.23 58.99
N ALA H 889 -0.62 -11.29 60.31
CA ALA H 889 0.64 -11.61 60.98
C ALA H 889 0.92 -13.10 60.86
N ALA H 890 2.16 -13.44 60.47
CA ALA H 890 2.54 -14.83 60.30
C ALA H 890 2.69 -15.50 61.66
N LEU H 891 1.92 -16.55 61.90
CA LEU H 891 1.89 -17.25 63.17
C LEU H 891 2.45 -18.65 62.97
N GLN H 892 3.50 -18.99 63.70
CA GLN H 892 4.15 -20.27 63.51
C GLN H 892 3.31 -21.40 64.09
N ILE H 893 3.50 -22.60 63.56
CA ILE H 893 2.76 -23.79 63.96
C ILE H 893 3.55 -25.01 63.49
N PRO H 894 3.69 -26.05 64.30
CA PRO H 894 4.50 -27.21 63.90
C PRO H 894 3.93 -27.88 62.67
N PHE H 895 4.83 -28.31 61.77
CA PHE H 895 4.41 -28.88 60.50
C PHE H 895 3.62 -30.16 60.69
N ALA H 896 4.05 -31.02 61.62
CA ALA H 896 3.37 -32.30 61.80
C ALA H 896 1.90 -32.10 62.15
N MET H 897 1.56 -31.00 62.82
CA MET H 897 0.18 -30.69 63.13
C MET H 897 -0.38 -29.55 62.29
N GLN H 898 0.33 -29.15 61.22
CA GLN H 898 -0.30 -28.31 60.21
C GLN H 898 -0.99 -29.15 59.15
N MET H 899 -0.37 -30.27 58.75
CA MET H 899 -1.04 -31.18 57.82
C MET H 899 -2.30 -31.78 58.42
N ALA H 900 -2.41 -31.81 59.75
CA ALA H 900 -3.64 -32.25 60.37
C ALA H 900 -4.79 -31.30 60.08
N TYR H 901 -4.49 -30.07 59.68
CA TYR H 901 -5.52 -29.10 59.30
C TYR H 901 -5.89 -29.20 57.84
N ARG H 902 -4.96 -29.64 56.98
CA ARG H 902 -5.30 -29.88 55.58
C ARG H 902 -6.12 -31.15 55.43
N PHE H 903 -5.80 -32.18 56.21
CA PHE H 903 -6.64 -33.38 56.22
C PHE H 903 -8.04 -33.08 56.75
N ASN H 904 -8.12 -32.21 57.76
CA ASN H 904 -9.41 -31.84 58.32
C ASN H 904 -10.28 -31.08 57.32
N GLY H 905 -9.68 -30.46 56.31
CA GLY H 905 -10.41 -29.74 55.30
C GLY H 905 -10.81 -30.55 54.10
N ILE H 906 -10.50 -31.84 54.07
CA ILE H 906 -10.89 -32.71 52.98
C ILE H 906 -12.15 -33.49 53.30
N GLY H 907 -12.27 -33.99 54.52
CA GLY H 907 -13.39 -34.82 54.89
C GLY H 907 -12.99 -35.99 55.75
N VAL H 908 -11.70 -36.09 56.07
CA VAL H 908 -11.19 -37.10 56.98
C VAL H 908 -10.78 -36.42 58.28
N THR H 909 -11.12 -37.05 59.39
CA THR H 909 -10.75 -36.51 60.69
C THR H 909 -9.24 -36.53 60.85
N GLN H 910 -8.75 -35.72 61.78
CA GLN H 910 -7.31 -35.57 61.95
C GLN H 910 -6.66 -36.79 62.57
N ASN H 911 -7.43 -37.70 63.15
CA ASN H 911 -6.82 -38.87 63.79
C ASN H 911 -6.20 -39.83 62.81
N VAL H 912 -6.46 -39.67 61.51
CA VAL H 912 -5.88 -40.59 60.54
C VAL H 912 -4.47 -40.18 60.15
N LEU H 913 -4.08 -38.94 60.41
CA LEU H 913 -2.72 -38.52 60.06
C LEU H 913 -1.70 -39.00 61.09
N TYR H 914 -1.96 -38.77 62.37
CA TYR H 914 -1.00 -39.15 63.40
C TYR H 914 -0.79 -40.67 63.42
N GLU H 915 -1.88 -41.42 63.29
CA GLU H 915 -1.77 -42.87 63.33
C GLU H 915 -1.05 -43.45 62.12
N ASN H 916 -0.80 -42.66 61.09
CA ASN H 916 -0.06 -43.08 59.91
C ASN H 916 1.00 -42.05 59.56
N GLN H 917 1.59 -41.43 60.57
CA GLN H 917 2.54 -40.34 60.31
C GLN H 917 3.79 -40.85 59.60
N LYS H 918 4.37 -41.95 60.08
CA LYS H 918 5.57 -42.48 59.44
C LYS H 918 5.29 -42.92 58.01
N LEU H 919 4.15 -43.58 57.79
CA LEU H 919 3.81 -44.07 56.45
C LEU H 919 3.61 -42.91 55.49
N ILE H 920 2.93 -41.85 55.94
CA ILE H 920 2.64 -40.73 55.06
C ILE H 920 3.91 -39.97 54.72
N ALA H 921 4.80 -39.76 55.70
CA ALA H 921 6.01 -39.00 55.46
C ALA H 921 6.90 -39.66 54.42
N ASN H 922 7.08 -40.97 54.52
CA ASN H 922 7.89 -41.69 53.53
C ASN H 922 7.21 -41.68 52.17
N GLN H 923 5.88 -41.78 52.15
CA GLN H 923 5.16 -41.78 50.88
C GLN H 923 5.31 -40.44 50.17
N PHE H 924 5.30 -39.34 50.92
CA PHE H 924 5.57 -38.04 50.31
C PHE H 924 7.04 -37.87 49.97
N ASN H 925 7.94 -38.43 50.78
CA ASN H 925 9.36 -38.32 50.47
C ASN H 925 9.71 -39.01 49.16
N SER H 926 9.16 -40.19 48.93
CA SER H 926 9.44 -40.90 47.68
C SER H 926 8.83 -40.20 46.48
N ALA H 927 7.67 -39.57 46.66
CA ALA H 927 7.02 -38.89 45.54
C ALA H 927 7.87 -37.75 45.01
N ILE H 928 8.50 -36.99 45.91
CA ILE H 928 9.30 -35.85 45.49
C ILE H 928 10.54 -36.31 44.75
N GLY H 929 11.07 -37.49 45.08
CA GLY H 929 12.23 -38.00 44.37
C GLY H 929 11.91 -38.39 42.94
N LYS H 930 10.75 -39.00 42.72
CA LYS H 930 10.36 -39.42 41.39
C LYS H 930 10.12 -38.23 40.45
N ILE H 931 9.71 -37.08 41.01
CA ILE H 931 9.46 -35.91 40.18
C ILE H 931 10.76 -35.43 39.54
N GLN H 932 11.87 -35.54 40.27
CA GLN H 932 13.14 -35.04 39.75
C GLN H 932 13.54 -35.75 38.47
N ASP H 933 13.34 -37.06 38.40
CA ASP H 933 13.70 -37.81 37.20
C ASP H 933 12.70 -37.59 36.07
N SER H 934 11.42 -37.40 36.41
CA SER H 934 10.41 -37.19 35.38
C SER H 934 10.68 -35.91 34.60
N LEU H 935 11.07 -34.85 35.29
CA LEU H 935 11.36 -33.58 34.62
C LEU H 935 12.52 -33.72 33.65
N SER H 936 13.56 -34.46 34.05
CA SER H 936 14.75 -34.65 33.23
C SER H 936 14.65 -35.87 32.33
N SER H 937 13.50 -36.52 32.28
CA SER H 937 13.36 -37.73 31.47
C SER H 937 13.40 -37.41 29.98
N THR H 938 12.44 -36.60 29.51
CA THR H 938 12.30 -36.30 28.10
C THR H 938 12.52 -34.81 27.86
N ALA H 939 12.56 -34.46 26.57
CA ALA H 939 12.72 -33.07 26.14
C ALA H 939 11.40 -32.36 25.91
N SER H 940 10.27 -33.04 26.07
CA SER H 940 8.95 -32.44 25.92
C SER H 940 8.34 -32.03 27.25
N ALA H 941 9.06 -32.21 28.37
CA ALA H 941 8.51 -31.84 29.66
C ALA H 941 8.28 -30.34 29.77
N LEU H 942 9.25 -29.54 29.32
CA LEU H 942 9.19 -28.09 29.40
C LEU H 942 8.74 -27.47 28.10
N GLY H 943 7.82 -28.13 27.39
CA GLY H 943 7.41 -27.65 26.08
C GLY H 943 6.69 -26.33 26.11
N LYS H 944 5.90 -26.08 27.16
CA LYS H 944 5.10 -24.86 27.22
C LYS H 944 5.98 -23.61 27.30
N LEU H 945 7.06 -23.68 28.08
CA LEU H 945 8.00 -22.56 28.15
C LEU H 945 8.93 -22.48 26.96
N GLN H 946 8.93 -23.48 26.09
CA GLN H 946 9.86 -23.53 24.96
C GLN H 946 9.32 -22.78 23.75
N ASP H 947 8.08 -23.07 23.34
CA ASP H 947 7.52 -22.37 22.20
C ASP H 947 7.34 -20.88 22.46
N VAL H 948 7.31 -20.47 23.73
CA VAL H 948 7.27 -19.04 24.03
C VAL H 948 8.57 -18.38 23.60
N VAL H 949 9.70 -19.04 23.81
CA VAL H 949 10.99 -18.47 23.40
C VAL H 949 11.32 -18.78 21.95
N ASN H 950 10.74 -19.85 21.38
CA ASN H 950 10.96 -20.13 19.96
C ASN H 950 10.16 -19.19 19.07
N HIS H 951 8.91 -18.90 19.44
CA HIS H 951 8.09 -18.00 18.63
C HIS H 951 8.69 -16.61 18.57
N ASN H 952 9.24 -16.13 19.68
CA ASN H 952 9.84 -14.80 19.69
C ASN H 952 11.12 -14.77 18.87
N ALA H 953 11.89 -15.86 18.89
CA ALA H 953 13.13 -15.89 18.12
C ALA H 953 12.87 -16.11 16.64
N GLN H 954 11.87 -16.92 16.29
CA GLN H 954 11.56 -17.16 14.90
C GLN H 954 10.95 -15.92 14.26
N ALA H 955 10.14 -15.17 15.02
CA ALA H 955 9.50 -13.99 14.46
C ALA H 955 10.51 -12.90 14.11
N LEU H 956 11.65 -12.88 14.79
CA LEU H 956 12.69 -11.89 14.48
C LEU H 956 13.42 -12.24 13.20
N ASN H 957 13.67 -13.52 12.95
CA ASN H 957 14.40 -13.93 11.74
C ASN H 957 13.61 -13.61 10.48
N THR H 958 12.30 -13.84 10.49
CA THR H 958 11.51 -13.50 9.31
C THR H 958 11.52 -12.01 9.05
N LEU H 959 11.64 -11.20 10.10
CA LEU H 959 11.77 -9.76 9.90
C LEU H 959 13.08 -9.42 9.20
N VAL H 960 14.17 -10.08 9.58
CA VAL H 960 15.47 -9.79 9.00
C VAL H 960 15.54 -10.26 7.56
N LYS H 961 15.06 -11.48 7.30
CA LYS H 961 15.11 -12.01 5.94
C LYS H 961 14.13 -11.32 5.00
N GLN H 962 13.19 -10.54 5.54
CA GLN H 962 12.17 -9.91 4.71
C GLN H 962 12.71 -8.74 3.90
N LEU H 963 13.88 -8.22 4.27
CA LEU H 963 14.42 -7.06 3.58
C LEU H 963 15.35 -7.43 2.43
N SER H 964 15.42 -8.70 2.07
CA SER H 964 16.12 -9.12 0.85
C SER H 964 15.20 -9.22 -0.34
N SER H 965 13.91 -8.91 -0.18
CA SER H 965 12.94 -8.98 -1.25
C SER H 965 12.89 -7.67 -2.02
N LYS H 966 12.26 -7.71 -3.19
CA LYS H 966 12.22 -6.56 -4.09
C LYS H 966 10.89 -5.83 -4.11
N PHE H 967 9.78 -6.52 -3.86
CA PHE H 967 8.45 -5.92 -3.90
C PHE H 967 8.16 -5.28 -5.25
N GLY H 968 8.67 -5.87 -6.32
CA GLY H 968 8.44 -5.34 -7.64
C GLY H 968 9.34 -4.19 -8.05
N ALA H 969 10.35 -3.87 -7.25
CA ALA H 969 11.28 -2.80 -7.60
C ALA H 969 12.42 -3.36 -8.47
N ILE H 970 13.38 -2.50 -8.77
CA ILE H 970 14.52 -2.93 -9.58
C ILE H 970 15.41 -3.87 -8.79
N SER H 971 15.70 -3.53 -7.54
CA SER H 971 16.60 -4.33 -6.72
C SER H 971 16.30 -4.07 -5.24
N SER H 972 16.79 -4.97 -4.40
CA SER H 972 16.62 -4.83 -2.96
C SER H 972 17.63 -3.88 -2.33
N VAL H 973 18.72 -3.57 -3.03
CA VAL H 973 19.73 -2.66 -2.50
C VAL H 973 19.22 -1.23 -2.62
N LEU H 974 19.27 -0.50 -1.50
CA LEU H 974 18.58 0.77 -1.42
C LEU H 974 19.29 1.86 -2.21
N ASN H 975 20.63 1.90 -2.13
CA ASN H 975 21.39 3.00 -2.71
C ASN H 975 21.80 2.77 -4.15
N ASP H 976 21.72 1.55 -4.66
CA ASP H 976 22.03 1.32 -6.07
C ASP H 976 20.91 1.74 -7.00
N ILE H 977 19.69 1.90 -6.48
CA ILE H 977 18.62 2.46 -7.28
C ILE H 977 18.91 3.92 -7.61
N PHE H 978 19.48 4.66 -6.66
CA PHE H 978 19.73 6.08 -6.86
C PHE H 978 20.89 6.33 -7.82
N SER H 979 21.78 5.37 -8.00
CA SER H 979 22.95 5.54 -8.85
C SER H 979 22.77 4.90 -10.22
N ARG H 980 21.55 4.58 -10.62
CA ARG H 980 21.28 4.02 -11.94
C ARG H 980 20.12 4.68 -12.67
N LEU H 981 19.26 5.42 -11.98
CA LEU H 981 18.08 6.00 -12.60
C LEU H 981 17.99 7.48 -12.27
N ASP H 982 17.48 8.26 -13.22
CA ASP H 982 17.29 9.69 -13.00
C ASP H 982 16.26 9.93 -11.91
N LYS H 983 16.43 11.04 -11.20
CA LYS H 983 15.68 11.29 -9.98
C LYS H 983 14.19 11.55 -10.23
N VAL H 984 13.78 11.81 -11.47
CA VAL H 984 12.38 12.10 -11.73
C VAL H 984 11.52 10.86 -11.53
N GLU H 985 12.03 9.69 -11.89
CA GLU H 985 11.26 8.45 -11.82
C GLU H 985 11.83 7.43 -10.86
N ALA H 986 13.04 7.63 -10.34
CA ALA H 986 13.54 6.75 -9.30
C ALA H 986 12.69 6.82 -8.04
N GLU H 987 11.88 7.87 -7.89
CA GLU H 987 10.96 7.96 -6.77
C GLU H 987 9.80 6.98 -6.90
N VAL H 988 9.51 6.52 -8.12
CA VAL H 988 8.49 5.50 -8.29
C VAL H 988 8.96 4.17 -7.72
N GLN H 989 10.19 3.78 -8.02
CA GLN H 989 10.71 2.52 -7.51
C GLN H 989 10.96 2.59 -6.01
N ILE H 990 11.47 3.73 -5.51
CA ILE H 990 11.86 3.80 -4.11
C ILE H 990 10.64 3.74 -3.21
N ASP H 991 9.49 4.24 -3.66
CA ASP H 991 8.28 4.16 -2.86
C ASP H 991 7.71 2.76 -2.87
N ARG H 992 7.91 2.00 -3.95
CA ARG H 992 7.48 0.62 -3.99
C ARG H 992 8.28 -0.26 -3.05
N LEU H 993 9.45 0.20 -2.61
CA LEU H 993 10.28 -0.53 -1.66
C LEU H 993 10.11 -0.05 -0.23
N ILE H 994 9.80 1.23 -0.03
CA ILE H 994 9.54 1.73 1.32
C ILE H 994 8.26 1.10 1.87
N THR H 995 7.19 1.13 1.08
CA THR H 995 5.91 0.60 1.56
C THR H 995 5.98 -0.89 1.81
N GLY H 996 6.75 -1.63 1.02
CA GLY H 996 6.90 -3.05 1.29
C GLY H 996 7.57 -3.31 2.62
N ARG H 997 8.67 -2.61 2.90
CA ARG H 997 9.33 -2.74 4.19
C ARG H 997 8.53 -2.07 5.30
N LEU H 998 7.64 -1.15 4.95
CA LEU H 998 6.92 -0.41 5.98
C LEU H 998 5.80 -1.26 6.57
N GLN H 999 5.15 -2.08 5.74
CA GLN H 999 4.09 -2.97 6.20
C GLN H 999 4.63 -4.27 6.78
N SER H 1000 5.91 -4.57 6.59
CA SER H 1000 6.49 -5.72 7.26
C SER H 1000 6.75 -5.45 8.73
N LEU H 1001 6.95 -4.18 9.09
CA LEU H 1001 7.03 -3.81 10.50
C LEU H 1001 5.66 -3.76 11.15
N GLN H 1002 4.66 -3.25 10.42
CA GLN H 1002 3.32 -3.16 10.98
C GLN H 1002 2.74 -4.54 11.25
N THR H 1003 3.02 -5.51 10.39
CA THR H 1003 2.58 -6.87 10.64
C THR H 1003 3.24 -7.45 11.88
N TYR H 1004 4.53 -7.17 12.07
CA TYR H 1004 5.24 -7.70 13.22
C TYR H 1004 4.67 -7.15 14.53
N VAL H 1005 4.37 -5.85 14.57
CA VAL H 1005 3.84 -5.26 15.79
C VAL H 1005 2.46 -5.82 16.09
N THR H 1006 1.60 -5.95 15.08
CA THR H 1006 0.24 -6.42 15.31
C THR H 1006 0.23 -7.83 15.89
N GLN H 1007 1.13 -8.69 15.42
CA GLN H 1007 1.22 -10.04 15.99
C GLN H 1007 1.66 -9.99 17.44
N GLN H 1008 2.57 -9.08 17.79
CA GLN H 1008 3.01 -8.98 19.18
C GLN H 1008 1.88 -8.53 20.09
N LEU H 1009 1.03 -7.63 19.61
CA LEU H 1009 -0.13 -7.22 20.40
C LEU H 1009 -1.06 -8.40 20.66
N ILE H 1010 -1.17 -9.32 19.71
CA ILE H 1010 -1.98 -10.52 19.90
C ILE H 1010 -1.32 -11.45 20.91
N ARG H 1011 -0.01 -11.66 20.77
CA ARG H 1011 0.69 -12.59 21.66
C ARG H 1011 0.73 -12.09 23.09
N ALA H 1012 0.95 -10.79 23.28
CA ALA H 1012 0.98 -10.24 24.62
C ALA H 1012 -0.37 -10.35 25.32
N ALA H 1013 -1.46 -10.43 24.57
CA ALA H 1013 -2.78 -10.61 25.17
C ALA H 1013 -3.00 -12.02 25.65
N GLU H 1014 -2.38 -13.01 25.02
CA GLU H 1014 -2.50 -14.40 25.45
C GLU H 1014 -1.45 -14.81 26.47
N ILE H 1015 -0.48 -13.94 26.76
CA ILE H 1015 0.40 -14.14 27.90
C ILE H 1015 -0.16 -13.46 29.13
N ARG H 1016 -0.73 -12.27 28.97
CA ARG H 1016 -1.40 -11.60 30.08
C ARG H 1016 -2.59 -12.38 30.58
N ALA H 1017 -3.13 -13.29 29.78
CA ALA H 1017 -4.18 -14.19 30.23
C ALA H 1017 -3.63 -15.40 30.98
N SER H 1018 -2.32 -15.62 30.93
CA SER H 1018 -1.69 -16.69 31.70
C SER H 1018 -0.93 -16.17 32.91
N ALA H 1019 -0.52 -14.91 32.91
CA ALA H 1019 -0.01 -14.29 34.12
C ALA H 1019 -1.13 -13.90 35.09
N ASN H 1020 -2.36 -13.86 34.61
CA ASN H 1020 -3.53 -13.67 35.47
C ASN H 1020 -4.09 -14.99 35.97
N LEU H 1021 -3.60 -16.12 35.46
CA LEU H 1021 -3.94 -17.43 36.00
C LEU H 1021 -2.88 -17.96 36.94
N ALA H 1022 -1.61 -17.61 36.72
CA ALA H 1022 -0.57 -17.94 37.67
C ALA H 1022 -0.64 -17.07 38.92
N ALA H 1023 -1.25 -15.90 38.83
CA ALA H 1023 -1.46 -15.05 39.99
C ALA H 1023 -2.68 -15.45 40.79
N THR H 1024 -3.53 -16.32 40.26
CA THR H 1024 -4.63 -16.92 40.99
C THR H 1024 -4.27 -18.28 41.56
N LYS H 1025 -3.46 -19.06 40.85
CA LYS H 1025 -2.95 -20.31 41.41
C LYS H 1025 -2.07 -20.06 42.62
N MET H 1026 -1.33 -18.95 42.63
CA MET H 1026 -0.47 -18.64 43.77
C MET H 1026 -1.27 -18.12 44.95
N SER H 1027 -2.33 -17.33 44.68
CA SER H 1027 -3.09 -16.76 45.78
C SER H 1027 -3.96 -17.79 46.46
N GLU H 1028 -4.36 -18.85 45.75
CA GLU H 1028 -5.27 -19.84 46.30
C GLU H 1028 -4.59 -21.16 46.64
N CYS H 1029 -3.88 -21.77 45.70
CA CYS H 1029 -3.27 -23.06 45.97
C CYS H 1029 -2.10 -22.93 46.94
N VAL H 1030 -1.28 -21.89 46.80
CA VAL H 1030 -0.09 -21.76 47.63
C VAL H 1030 -0.41 -21.13 48.97
N LEU H 1031 -1.16 -20.02 48.96
CA LEU H 1031 -1.44 -19.28 50.18
C LEU H 1031 -2.67 -19.79 50.92
N GLY H 1032 -3.26 -20.89 50.47
CA GLY H 1032 -4.39 -21.47 51.17
C GLY H 1032 -4.64 -22.87 50.68
N GLN H 1033 -5.77 -23.43 51.07
CA GLN H 1033 -6.24 -24.71 50.56
C GLN H 1033 -7.49 -24.45 49.73
N SER H 1034 -7.54 -25.06 48.54
CA SER H 1034 -8.56 -24.74 47.55
C SER H 1034 -9.67 -25.77 47.55
N LYS H 1035 -10.91 -25.30 47.54
CA LYS H 1035 -12.08 -26.16 47.42
C LYS H 1035 -12.56 -26.34 45.98
N ARG H 1036 -11.97 -25.61 45.03
CA ARG H 1036 -12.36 -25.75 43.63
C ARG H 1036 -11.83 -27.07 43.09
N VAL H 1037 -12.74 -27.93 42.63
CA VAL H 1037 -12.33 -29.24 42.16
C VAL H 1037 -11.60 -29.12 40.83
N ASP H 1038 -10.46 -29.83 40.73
CA ASP H 1038 -9.67 -29.91 39.50
C ASP H 1038 -9.11 -28.55 39.10
N PHE H 1039 -8.68 -27.77 40.10
CA PHE H 1039 -8.01 -26.50 39.88
C PHE H 1039 -6.55 -26.54 40.32
N CYS H 1040 -6.29 -27.00 41.53
CA CYS H 1040 -4.93 -27.12 42.06
C CYS H 1040 -4.48 -28.58 42.11
N GLY H 1041 -4.81 -29.34 41.08
CA GLY H 1041 -4.35 -30.70 40.98
C GLY H 1041 -5.46 -31.72 40.75
N LYS H 1042 -5.09 -32.93 40.33
CA LYS H 1042 -6.05 -33.99 40.08
C LYS H 1042 -6.26 -34.76 41.38
N GLY H 1043 -7.31 -34.42 42.11
CA GLY H 1043 -7.62 -35.06 43.36
C GLY H 1043 -8.03 -34.04 44.39
N TYR H 1044 -8.05 -34.45 45.65
CA TYR H 1044 -8.35 -33.54 46.75
C TYR H 1044 -7.08 -32.79 47.13
N HIS H 1045 -7.09 -31.47 46.96
CA HIS H 1045 -5.89 -30.67 47.14
C HIS H 1045 -5.42 -30.67 48.59
N LEU H 1046 -4.11 -30.63 48.78
CA LEU H 1046 -3.51 -30.46 50.09
C LEU H 1046 -2.68 -29.18 50.21
N MET H 1047 -1.76 -28.94 49.28
CA MET H 1047 -0.85 -27.81 49.35
C MET H 1047 0.01 -27.82 48.09
N SER H 1048 0.76 -26.73 47.88
CA SER H 1048 1.55 -26.61 46.65
C SER H 1048 2.82 -25.82 46.93
N PHE H 1049 3.78 -25.94 46.01
CA PHE H 1049 5.09 -25.31 46.15
C PHE H 1049 5.45 -24.63 44.84
N PRO H 1050 5.75 -23.34 44.82
CA PRO H 1050 6.21 -22.69 43.61
C PRO H 1050 7.68 -23.02 43.31
N GLN H 1051 8.02 -22.97 42.03
CA GLN H 1051 9.40 -23.04 41.59
C GLN H 1051 9.58 -22.09 40.41
N SER H 1052 10.68 -21.35 40.40
CA SER H 1052 10.91 -20.45 39.29
C SER H 1052 11.42 -21.21 38.07
N ALA H 1053 11.30 -20.58 36.91
CA ALA H 1053 11.75 -21.13 35.65
C ALA H 1053 11.92 -20.00 34.66
N PRO H 1054 12.69 -20.20 33.60
CA PRO H 1054 12.85 -19.12 32.60
C PRO H 1054 11.52 -18.76 31.95
N HIS H 1055 11.10 -17.51 32.14
CA HIS H 1055 9.89 -16.97 31.52
C HIS H 1055 8.64 -17.71 31.98
N GLY H 1056 8.60 -18.13 33.24
CA GLY H 1056 7.42 -18.83 33.72
C GLY H 1056 7.60 -19.30 35.14
N VAL H 1057 6.61 -20.05 35.61
CA VAL H 1057 6.61 -20.61 36.96
C VAL H 1057 6.15 -22.06 36.87
N VAL H 1058 6.53 -22.85 37.86
CA VAL H 1058 6.19 -24.27 37.93
C VAL H 1058 5.64 -24.55 39.33
N PHE H 1059 4.48 -25.19 39.39
CA PHE H 1059 3.84 -25.53 40.66
C PHE H 1059 3.98 -27.03 40.91
N LEU H 1060 4.02 -27.41 42.18
CA LEU H 1060 4.17 -28.80 42.62
C LEU H 1060 2.98 -29.14 43.51
N HIS H 1061 1.88 -29.58 42.90
CA HIS H 1061 0.65 -29.81 43.65
C HIS H 1061 0.72 -31.14 44.37
N VAL H 1062 0.39 -31.14 45.66
CA VAL H 1062 0.32 -32.35 46.47
C VAL H 1062 -1.15 -32.67 46.71
N THR H 1063 -1.58 -33.85 46.28
CA THR H 1063 -2.99 -34.20 46.29
C THR H 1063 -3.19 -35.56 46.96
N TYR H 1064 -4.42 -35.79 47.41
CA TYR H 1064 -4.82 -36.99 48.13
C TYR H 1064 -5.71 -37.80 47.22
N VAL H 1065 -5.37 -39.07 47.00
CA VAL H 1065 -6.10 -39.95 46.09
C VAL H 1065 -6.51 -41.20 46.86
N PRO H 1066 -7.78 -41.58 46.83
CA PRO H 1066 -8.20 -42.80 47.53
C PRO H 1066 -7.60 -44.05 46.91
N ALA H 1067 -7.16 -44.97 47.75
CA ALA H 1067 -6.56 -46.24 47.34
C ALA H 1067 -7.64 -47.31 47.33
N GLN H 1068 -7.30 -48.61 47.35
CA GLN H 1068 -8.23 -49.71 47.09
C GLN H 1068 -9.51 -49.59 47.89
N GLU H 1069 -10.59 -50.18 47.36
CA GLU H 1069 -11.93 -50.04 47.89
C GLU H 1069 -12.60 -51.41 48.05
N LYS H 1070 -13.59 -51.44 48.93
CA LYS H 1070 -14.43 -52.61 49.16
C LYS H 1070 -15.88 -52.15 49.23
N ASN H 1071 -16.79 -52.95 48.68
CA ASN H 1071 -18.20 -52.58 48.66
C ASN H 1071 -18.94 -53.18 49.84
N PHE H 1072 -20.04 -52.53 50.22
CA PHE H 1072 -20.83 -52.94 51.37
C PHE H 1072 -22.30 -52.79 51.03
N THR H 1073 -23.16 -52.94 52.04
CA THR H 1073 -24.60 -52.79 51.90
C THR H 1073 -25.05 -51.65 52.81
N THR H 1074 -25.92 -50.78 52.28
CA THR H 1074 -26.26 -49.53 52.94
C THR H 1074 -27.77 -49.34 53.01
N ALA H 1075 -28.21 -48.61 54.04
CA ALA H 1075 -29.60 -48.25 54.24
C ALA H 1075 -29.65 -46.78 54.67
N PRO H 1076 -30.65 -46.02 54.23
CA PRO H 1076 -30.62 -44.57 54.44
C PRO H 1076 -30.96 -44.14 55.85
N ALA H 1077 -31.67 -44.95 56.62
CA ALA H 1077 -32.03 -44.57 57.98
C ALA H 1077 -32.24 -45.84 58.79
N ILE H 1078 -32.20 -45.70 60.11
CA ILE H 1078 -32.34 -46.83 61.02
C ILE H 1078 -33.44 -46.51 62.03
N CYS H 1079 -34.35 -47.46 62.24
CA CYS H 1079 -35.47 -47.30 63.14
C CYS H 1079 -35.31 -48.21 64.34
N HIS H 1080 -35.26 -47.61 65.54
CA HIS H 1080 -35.13 -48.41 66.76
C HIS H 1080 -36.36 -48.29 67.67
N ASP H 1081 -36.68 -47.10 68.15
CA ASP H 1081 -37.88 -46.90 68.97
C ASP H 1081 -39.03 -46.36 68.14
N GLY H 1082 -39.34 -47.00 67.02
CA GLY H 1082 -40.37 -46.50 66.14
C GLY H 1082 -40.07 -45.17 65.49
N LYS H 1083 -38.83 -44.69 65.59
CA LYS H 1083 -38.44 -43.38 65.06
C LYS H 1083 -37.19 -43.55 64.19
N ALA H 1084 -37.18 -42.83 63.07
CA ALA H 1084 -36.04 -42.90 62.17
C ALA H 1084 -34.81 -42.24 62.79
N HIS H 1085 -33.64 -42.70 62.37
CA HIS H 1085 -32.37 -42.12 62.79
C HIS H 1085 -31.48 -41.91 61.59
N PHE H 1086 -30.79 -40.78 61.56
CA PHE H 1086 -29.92 -40.41 60.45
C PHE H 1086 -28.52 -40.11 60.96
N PRO H 1087 -27.48 -40.37 60.16
CA PRO H 1087 -26.12 -40.17 60.65
C PRO H 1087 -25.79 -38.68 60.73
N ARG H 1088 -25.20 -38.27 61.85
CA ARG H 1088 -24.83 -36.86 62.01
C ARG H 1088 -23.73 -36.48 61.03
N GLU H 1089 -22.64 -37.26 60.99
CA GLU H 1089 -21.71 -37.24 59.88
C GLU H 1089 -21.32 -38.68 59.58
N GLY H 1090 -21.56 -39.12 58.35
CA GLY H 1090 -21.21 -40.48 57.98
C GLY H 1090 -22.30 -41.20 57.23
N VAL H 1091 -22.07 -42.46 56.90
CA VAL H 1091 -23.01 -43.26 56.12
C VAL H 1091 -23.12 -44.63 56.77
N PHE H 1092 -24.34 -45.16 56.83
CA PHE H 1092 -24.57 -46.47 57.42
C PHE H 1092 -24.07 -47.57 56.50
N VAL H 1093 -23.25 -48.47 57.03
CA VAL H 1093 -22.73 -49.60 56.26
C VAL H 1093 -22.89 -50.85 57.10
N SER H 1094 -22.78 -52.00 56.43
CA SER H 1094 -22.85 -53.29 57.09
C SER H 1094 -21.94 -54.27 56.37
N ASN H 1095 -21.46 -55.26 57.12
CA ASN H 1095 -20.66 -56.34 56.55
C ASN H 1095 -21.41 -57.67 56.56
N GLY H 1096 -22.72 -57.63 56.73
CA GLY H 1096 -23.53 -58.84 56.68
C GLY H 1096 -24.23 -59.15 57.99
N THR H 1097 -23.55 -58.97 59.12
CA THR H 1097 -24.09 -59.35 60.41
C THR H 1097 -24.78 -58.18 61.12
N HIS H 1098 -24.02 -57.12 61.41
CA HIS H 1098 -24.57 -55.95 62.08
C HIS H 1098 -23.98 -54.68 61.49
N TRP H 1099 -24.65 -53.57 61.76
CA TRP H 1099 -24.42 -52.33 61.04
C TRP H 1099 -23.35 -51.47 61.71
N PHE H 1100 -22.94 -50.43 60.99
CA PHE H 1100 -21.89 -49.52 61.43
C PHE H 1100 -22.08 -48.19 60.73
N VAL H 1101 -21.44 -47.16 61.27
CA VAL H 1101 -21.38 -45.83 60.66
C VAL H 1101 -19.92 -45.46 60.49
N THR H 1102 -19.55 -45.01 59.30
CA THR H 1102 -18.16 -44.76 58.97
C THR H 1102 -18.00 -43.40 58.29
N GLN H 1103 -16.75 -43.00 58.10
CA GLN H 1103 -16.45 -41.79 57.37
C GLN H 1103 -16.76 -41.95 55.90
N ARG H 1104 -16.86 -40.83 55.20
CA ARG H 1104 -17.22 -40.87 53.79
C ARG H 1104 -16.09 -41.40 52.92
N ASN H 1105 -14.84 -41.05 53.24
CA ASN H 1105 -13.71 -41.29 52.36
C ASN H 1105 -12.62 -42.14 52.99
N PHE H 1106 -12.94 -42.91 54.04
CA PHE H 1106 -11.96 -43.77 54.69
C PHE H 1106 -12.68 -44.76 55.58
N TYR H 1107 -12.41 -46.04 55.39
CA TYR H 1107 -13.12 -47.07 56.14
C TYR H 1107 -12.70 -47.05 57.60
N GLU H 1108 -13.61 -46.64 58.49
CA GLU H 1108 -13.38 -46.69 59.93
C GLU H 1108 -14.72 -46.87 60.62
N PRO H 1109 -15.20 -48.11 60.73
CA PRO H 1109 -16.52 -48.34 61.31
C PRO H 1109 -16.56 -48.02 62.79
N GLN H 1110 -17.72 -47.59 63.25
CA GLN H 1110 -17.97 -47.31 64.66
C GLN H 1110 -19.33 -47.88 65.04
N ILE H 1111 -19.48 -48.22 66.31
CA ILE H 1111 -20.74 -48.77 66.80
C ILE H 1111 -21.80 -47.69 66.81
N ILE H 1112 -23.00 -48.04 66.36
CA ILE H 1112 -24.11 -47.09 66.35
C ILE H 1112 -24.42 -46.65 67.76
N THR H 1113 -24.57 -45.34 67.96
CA THR H 1113 -24.79 -44.77 69.28
C THR H 1113 -25.55 -43.47 69.10
N THR H 1114 -26.33 -43.11 70.13
CA THR H 1114 -27.14 -41.89 70.04
C THR H 1114 -26.28 -40.64 69.83
N ASP H 1115 -25.00 -40.71 70.20
CA ASP H 1115 -24.09 -39.60 69.89
C ASP H 1115 -23.86 -39.46 68.39
N ASN H 1116 -23.90 -40.57 67.65
CA ASN H 1116 -23.63 -40.53 66.22
C ASN H 1116 -24.85 -40.13 65.39
N THR H 1117 -26.06 -40.23 65.94
CA THR H 1117 -27.28 -40.11 65.16
C THR H 1117 -28.16 -39.00 65.71
N PHE H 1118 -29.07 -38.51 64.87
CA PHE H 1118 -30.12 -37.60 65.29
C PHE H 1118 -31.46 -38.09 64.74
N VAL H 1119 -32.51 -37.91 65.52
CA VAL H 1119 -33.83 -38.46 65.23
C VAL H 1119 -34.68 -37.41 64.53
N SER H 1120 -35.48 -37.86 63.55
CA SER H 1120 -36.37 -36.94 62.81
C SER H 1120 -37.59 -37.74 62.36
N GLY H 1121 -38.65 -37.69 63.17
CA GLY H 1121 -39.92 -38.29 62.80
C GLY H 1121 -39.96 -39.79 62.97
N ASN H 1122 -41.14 -40.35 62.70
CA ASN H 1122 -41.35 -41.78 62.78
C ASN H 1122 -40.79 -42.47 61.54
N CYS H 1123 -40.71 -43.80 61.60
CA CYS H 1123 -40.02 -44.60 60.59
C CYS H 1123 -40.98 -45.34 59.66
N ASP H 1124 -42.09 -44.70 59.29
CA ASP H 1124 -42.99 -45.25 58.30
C ASP H 1124 -43.05 -44.44 57.01
N VAL H 1125 -42.85 -43.13 57.09
CA VAL H 1125 -42.89 -42.29 55.90
C VAL H 1125 -41.67 -42.57 55.01
N VAL H 1126 -40.51 -42.83 55.63
CA VAL H 1126 -39.29 -43.05 54.86
C VAL H 1126 -39.35 -44.41 54.17
N ILE H 1127 -38.78 -44.49 52.98
CA ILE H 1127 -38.63 -45.76 52.28
C ILE H 1127 -37.20 -46.23 52.43
N GLY H 1128 -37.02 -47.55 52.42
CA GLY H 1128 -35.69 -48.13 52.54
C GLY H 1128 -35.14 -48.24 53.94
N ILE H 1129 -35.90 -47.83 54.95
CA ILE H 1129 -35.43 -47.92 56.33
C ILE H 1129 -35.36 -49.38 56.75
N VAL H 1130 -34.45 -49.68 57.68
CA VAL H 1130 -34.21 -51.04 58.15
C VAL H 1130 -34.15 -51.02 59.67
N ASN H 1131 -34.24 -52.22 60.26
CA ASN H 1131 -34.34 -52.38 61.70
C ASN H 1131 -32.99 -52.74 62.31
N ASN H 1132 -32.66 -52.08 63.42
CA ASN H 1132 -31.49 -52.42 64.22
C ASN H 1132 -31.64 -51.72 65.57
N THR H 1133 -30.62 -51.88 66.41
CA THR H 1133 -30.64 -51.37 67.76
C THR H 1133 -29.60 -50.27 67.92
N VAL H 1134 -29.99 -49.19 68.60
CA VAL H 1134 -29.10 -48.07 68.89
C VAL H 1134 -28.86 -48.05 70.39
N TYR H 1135 -27.59 -48.09 70.79
CA TYR H 1135 -27.22 -48.06 72.18
C TYR H 1135 -26.78 -46.66 72.55
N ASP H 1136 -27.49 -46.05 73.50
CA ASP H 1136 -27.19 -44.68 73.88
C ASP H 1136 -25.83 -44.58 74.57
N PRO H 1137 -25.14 -43.45 74.44
CA PRO H 1137 -23.82 -43.34 75.08
C PRO H 1137 -23.88 -43.42 76.59
N LEU H 1138 -25.06 -43.21 77.17
CA LEU H 1138 -25.24 -43.40 78.60
C LEU H 1138 -25.40 -44.87 78.96
N GLN H 1139 -25.48 -45.76 77.97
CA GLN H 1139 -25.53 -47.19 78.28
C GLN H 1139 -24.32 -47.66 79.06
N PRO H 1140 -23.07 -47.39 78.65
CA PRO H 1140 -21.96 -47.63 79.57
C PRO H 1140 -22.03 -46.79 80.82
N GLU H 1141 -22.59 -45.57 80.72
CA GLU H 1141 -22.81 -44.73 81.89
C GLU H 1141 -23.94 -45.24 82.77
N LEU H 1142 -24.72 -46.21 82.31
CA LEU H 1142 -25.72 -46.87 83.15
C LEU H 1142 -25.38 -48.31 83.44
N ASP H 1143 -24.87 -49.06 82.47
CA ASP H 1143 -24.50 -50.45 82.73
C ASP H 1143 -23.38 -50.55 83.76
N SER H 1144 -22.54 -49.51 83.86
CA SER H 1144 -21.58 -49.42 84.94
C SER H 1144 -22.11 -48.66 86.14
N PHE H 1145 -23.31 -48.08 86.05
CA PHE H 1145 -23.91 -47.35 87.17
C PHE H 1145 -25.21 -47.97 87.63
N LYS H 1146 -26.16 -48.21 86.73
CA LYS H 1146 -27.42 -48.84 87.14
C LYS H 1146 -27.18 -50.22 87.72
N GLU H 1147 -26.32 -51.02 87.06
CA GLU H 1147 -25.91 -52.28 87.65
C GLU H 1147 -25.18 -52.06 88.96
N GLU H 1148 -24.32 -51.04 89.01
CA GLU H 1148 -23.69 -50.65 90.26
C GLU H 1148 -24.73 -50.20 91.28
N LEU H 1149 -25.70 -49.40 90.83
CA LEU H 1149 -26.78 -48.97 91.73
C LEU H 1149 -27.68 -50.14 92.12
N ASP H 1150 -27.96 -51.04 91.17
CA ASP H 1150 -28.69 -52.25 91.51
C ASP H 1150 -27.88 -53.11 92.48
N LYS H 1151 -26.56 -53.18 92.27
CA LYS H 1151 -25.69 -53.82 93.27
C LYS H 1151 -25.78 -53.10 94.61
N TYR H 1152 -25.83 -51.76 94.58
CA TYR H 1152 -26.04 -51.00 95.81
C TYR H 1152 -27.41 -51.28 96.39
N PHE H 1153 -28.44 -51.37 95.54
CA PHE H 1153 -29.79 -51.64 96.03
C PHE H 1153 -29.89 -53.02 96.65
N LYS H 1154 -29.27 -54.02 96.01
CA LYS H 1154 -29.25 -55.36 96.59
C LYS H 1154 -28.37 -55.43 97.84
N ASN H 1155 -27.42 -54.50 97.98
CA ASN H 1155 -26.56 -54.44 99.15
C ASN H 1155 -27.29 -53.87 100.37
N HIS H 1156 -28.42 -53.19 100.17
CA HIS H 1156 -29.17 -52.58 101.26
C HIS H 1156 -30.55 -53.17 101.47
N THR H 1157 -31.15 -53.79 100.45
CA THR H 1157 -32.47 -54.39 100.61
C THR H 1157 -32.42 -55.71 101.36
N SER H 1158 -31.33 -56.46 101.22
CA SER H 1158 -31.25 -57.77 101.87
C SER H 1158 -31.34 -57.72 103.39
N PRO H 1159 -30.66 -56.80 104.10
CA PRO H 1159 -30.86 -56.88 105.56
C PRO H 1159 -32.18 -56.26 106.00
N GLN I 14 32.30 60.82 -4.04
CA GLN I 14 33.57 61.24 -3.47
C GLN I 14 33.65 60.88 -1.99
N CYS I 15 34.81 60.37 -1.58
CA CYS I 15 35.09 60.07 -0.18
C CYS I 15 36.56 60.38 0.10
N VAL I 16 36.86 60.56 1.38
CA VAL I 16 38.18 61.00 1.83
C VAL I 16 38.88 59.84 2.50
N ASN I 17 40.19 59.74 2.28
CA ASN I 17 41.02 58.69 2.89
C ASN I 17 41.40 59.12 4.30
N LEU I 18 40.45 58.97 5.22
CA LEU I 18 40.69 59.37 6.60
C LEU I 18 41.70 58.45 7.27
N THR I 19 41.63 57.15 6.99
CA THR I 19 42.44 56.13 7.66
C THR I 19 42.27 56.23 9.17
N THR I 20 43.36 56.56 9.88
CA THR I 20 43.39 56.74 11.34
C THR I 20 42.49 55.75 12.07
N ARG I 21 42.63 54.47 11.71
CA ARG I 21 41.82 53.42 12.28
C ARG I 21 42.52 52.79 13.47
N THR I 22 41.76 52.51 14.52
CA THR I 22 42.27 51.86 15.73
C THR I 22 41.53 50.55 15.95
N GLN I 23 42.25 49.56 16.45
CA GLN I 23 41.71 48.22 16.70
C GLN I 23 41.73 47.95 18.20
N LEU I 24 40.59 47.51 18.72
CA LEU I 24 40.43 47.25 20.14
C LEU I 24 39.89 45.84 20.35
N PRO I 25 40.21 45.21 21.49
CA PRO I 25 39.69 43.87 21.74
C PRO I 25 38.18 43.90 21.89
N PRO I 26 37.49 42.84 21.48
CA PRO I 26 36.04 42.77 21.66
C PRO I 26 35.68 42.16 23.00
N ALA I 27 34.39 42.17 23.30
CA ALA I 27 33.89 41.52 24.51
C ALA I 27 32.99 40.36 24.12
N TYR I 28 32.66 39.52 25.11
CA TYR I 28 31.78 38.38 24.90
C TYR I 28 30.57 38.52 25.81
N THR I 29 29.38 38.25 25.26
CA THR I 29 28.17 38.22 26.08
C THR I 29 27.35 37.02 25.65
N ASN I 30 26.38 36.61 26.47
CA ASN I 30 25.52 35.49 26.12
C ASN I 30 24.13 36.00 25.81
N SER I 31 23.65 35.67 24.60
CA SER I 31 22.28 36.01 24.22
C SER I 31 21.36 34.99 24.85
N PHE I 32 20.48 35.44 25.75
CA PHE I 32 19.69 34.51 26.54
C PHE I 32 18.67 33.77 25.67
N THR I 33 17.77 34.51 25.03
CA THR I 33 16.71 33.86 24.26
C THR I 33 16.43 34.62 22.96
N ARG I 34 17.18 35.68 22.68
CA ARG I 34 16.95 36.48 21.48
C ARG I 34 17.18 35.67 20.21
N GLY I 35 16.52 36.09 19.14
CA GLY I 35 16.76 35.52 17.82
C GLY I 35 15.72 34.54 17.33
N VAL I 36 14.44 34.85 17.51
CA VAL I 36 13.34 34.00 17.06
C VAL I 36 12.46 34.81 16.13
N TYR I 37 12.14 34.24 14.97
CA TYR I 37 11.36 34.92 13.95
C TYR I 37 10.28 33.99 13.42
N TYR I 38 9.36 34.58 12.66
CA TYR I 38 8.26 33.81 12.07
C TYR I 38 8.78 33.04 10.86
N PRO I 39 8.69 31.71 10.85
CA PRO I 39 9.24 30.95 9.71
C PRO I 39 8.45 31.11 8.43
N ASP I 40 7.13 31.01 8.47
CA ASP I 40 6.31 31.02 7.26
C ASP I 40 5.32 32.17 7.31
N LYS I 41 4.40 32.18 6.34
CA LYS I 41 3.41 33.25 6.20
C LYS I 41 2.02 32.63 6.39
N VAL I 42 1.63 32.40 7.64
CA VAL I 42 0.40 31.69 7.97
C VAL I 42 -0.03 32.10 9.37
N PHE I 43 -1.33 32.18 9.60
CA PHE I 43 -1.87 32.51 10.91
C PHE I 43 -2.13 31.24 11.71
N ARG I 44 -1.61 31.19 12.93
CA ARG I 44 -1.83 30.07 13.85
C ARG I 44 -2.34 30.59 15.18
N SER I 45 -3.09 29.74 15.89
CA SER I 45 -3.70 30.14 17.15
C SER I 45 -3.70 28.96 18.10
N SER I 46 -3.02 29.10 19.24
CA SER I 46 -3.04 28.14 20.33
C SER I 46 -2.67 26.73 19.87
N VAL I 47 -1.45 26.62 19.35
CA VAL I 47 -0.89 25.36 18.90
C VAL I 47 0.55 25.26 19.38
N LEU I 48 1.20 24.15 19.05
CA LEU I 48 2.64 23.97 19.26
C LEU I 48 3.23 23.45 17.97
N HIS I 49 4.06 24.25 17.31
CA HIS I 49 4.55 23.94 15.98
C HIS I 49 6.04 23.68 16.01
N SER I 50 6.45 22.53 15.47
CA SER I 50 7.85 22.13 15.45
C SER I 50 8.42 22.41 14.06
N THR I 51 9.43 23.28 13.99
CA THR I 51 10.00 23.71 12.72
C THR I 51 11.50 23.50 12.74
N GLN I 52 12.11 23.51 11.55
CA GLN I 52 13.55 23.35 11.41
C GLN I 52 14.07 24.38 10.43
N ASP I 53 14.90 25.30 10.91
CA ASP I 53 15.38 26.42 10.10
C ASP I 53 16.82 26.71 10.49
N LEU I 54 17.31 27.89 10.13
CA LEU I 54 18.57 28.42 10.61
C LEU I 54 18.27 29.45 11.68
N PHE I 55 18.53 29.10 12.94
CA PHE I 55 18.21 29.94 14.07
C PHE I 55 19.47 30.30 14.84
N LEU I 56 19.32 31.20 15.81
CA LEU I 56 20.41 31.51 16.73
C LEU I 56 20.28 30.61 17.96
N PRO I 57 21.25 29.75 18.23
CA PRO I 57 21.11 28.82 19.36
C PRO I 57 20.95 29.55 20.68
N PHE I 58 20.15 28.96 21.56
CA PHE I 58 19.91 29.56 22.87
C PHE I 58 21.19 29.53 23.70
N PHE I 59 21.43 30.61 24.44
CA PHE I 59 22.58 30.73 25.35
C PHE I 59 23.91 30.54 24.59
N SER I 60 24.14 31.45 23.65
CA SER I 60 25.37 31.47 22.85
C SER I 60 26.07 32.82 23.01
N ASN I 61 27.39 32.81 22.92
CA ASN I 61 28.14 34.06 22.99
C ASN I 61 28.03 34.85 21.69
N VAL I 62 27.54 36.06 21.82
CA VAL I 62 27.63 37.08 20.79
C VAL I 62 28.83 37.95 21.09
N THR I 63 29.51 38.39 20.04
CA THR I 63 30.62 39.31 20.17
C THR I 63 30.08 40.72 20.33
N TRP I 64 30.53 41.40 21.38
CA TRP I 64 30.07 42.72 21.75
C TRP I 64 31.12 43.75 21.35
N PHE I 65 30.70 44.73 20.56
CA PHE I 65 31.52 45.86 20.16
C PHE I 65 30.94 47.14 20.74
N HIS I 66 31.83 48.01 21.21
CA HIS I 66 31.47 49.27 21.85
C HIS I 66 32.06 50.42 21.05
N VAL I 67 31.28 51.49 20.89
CA VAL I 67 31.72 52.70 20.20
C VAL I 67 31.64 53.85 21.18
N ILE I 68 32.76 54.55 21.34
CA ILE I 68 32.88 55.59 22.36
C ILE I 68 32.13 56.85 21.91
N LYS I 75 36.37 58.32 19.41
CA LYS I 75 37.67 57.75 19.72
C LYS I 75 37.73 56.28 19.28
N ARG I 76 36.61 55.80 18.76
CA ARG I 76 36.49 54.44 18.25
C ARG I 76 35.85 54.47 16.87
N PHE I 77 36.45 53.72 15.94
CA PHE I 77 35.97 53.76 14.52
C PHE I 77 36.24 52.40 13.83
N ASP I 78 35.22 51.53 13.75
CA ASP I 78 35.33 50.23 13.10
C ASP I 78 34.20 50.09 12.09
N ASN I 79 34.54 49.71 10.86
CA ASN I 79 33.52 49.46 9.85
C ASN I 79 33.99 48.51 8.77
N PRO I 80 34.33 47.25 9.09
CA PRO I 80 34.65 46.29 8.02
C PRO I 80 33.43 45.52 7.56
N VAL I 81 33.62 44.64 6.58
CA VAL I 81 32.58 43.66 6.25
C VAL I 81 32.45 42.69 7.41
N LEU I 82 31.22 42.44 7.82
CA LEU I 82 31.00 41.51 8.92
C LEU I 82 31.21 40.08 8.43
N PRO I 83 32.01 39.26 9.16
CA PRO I 83 32.22 37.86 8.74
C PRO I 83 30.93 37.08 8.66
N PHE I 84 30.56 36.69 7.44
CA PHE I 84 29.26 36.11 7.15
C PHE I 84 29.38 34.59 7.13
N ASN I 85 28.60 33.91 7.96
CA ASN I 85 28.55 32.44 7.97
C ASN I 85 27.09 32.04 8.10
N ASP I 86 26.44 31.82 6.96
CA ASP I 86 25.05 31.37 6.92
C ASP I 86 24.13 32.34 7.67
N GLY I 87 24.31 33.63 7.41
CA GLY I 87 23.49 34.65 8.02
C GLY I 87 23.99 35.02 9.41
N VAL I 88 23.60 36.23 9.84
CA VAL I 88 24.02 36.73 11.14
C VAL I 88 22.85 37.44 11.82
N TYR I 89 23.00 37.62 13.13
CA TYR I 89 22.04 38.35 13.95
C TYR I 89 22.74 39.57 14.51
N PHE I 90 22.27 40.76 14.13
CA PHE I 90 22.91 42.01 14.50
C PHE I 90 21.96 42.80 15.39
N ALA I 91 22.39 43.10 16.61
CA ALA I 91 21.59 43.87 17.56
C ALA I 91 22.30 45.16 17.90
N SER I 92 21.53 46.19 18.23
CA SER I 92 22.09 47.50 18.54
C SER I 92 21.28 48.17 19.64
N ILE I 93 21.96 48.55 20.71
CA ILE I 93 21.35 49.30 21.80
C ILE I 93 21.78 50.75 21.63
N GLU I 94 20.85 51.62 21.22
CA GLU I 94 21.27 52.89 20.66
C GLU I 94 20.26 53.98 20.98
N LYS I 95 20.75 55.22 20.98
CA LYS I 95 19.92 56.42 21.03
C LYS I 95 20.34 57.49 20.02
N SER I 96 21.59 57.47 19.55
CA SER I 96 22.13 58.54 18.73
C SER I 96 21.93 58.32 17.23
N ASN I 97 21.40 57.18 16.81
CA ASN I 97 21.08 56.90 15.41
C ASN I 97 22.34 57.03 14.53
N ILE I 98 23.28 56.12 14.77
CA ILE I 98 24.56 56.16 14.09
C ILE I 98 24.55 55.31 12.81
N ILE I 99 24.17 54.03 12.91
CA ILE I 99 24.12 53.16 11.74
C ILE I 99 23.10 53.72 10.74
N ARG I 100 23.44 53.67 9.45
CA ARG I 100 22.73 54.49 8.48
C ARG I 100 21.90 53.71 7.47
N GLY I 101 22.50 52.86 6.63
CA GLY I 101 21.76 52.31 5.51
C GLY I 101 22.51 51.18 4.84
N TRP I 102 21.83 50.46 3.96
CA TRP I 102 22.33 49.16 3.48
C TRP I 102 22.79 49.30 2.03
N ILE I 103 24.07 49.60 1.86
CA ILE I 103 24.69 49.78 0.56
C ILE I 103 25.70 48.67 0.37
N PHE I 104 25.53 47.85 -0.66
CA PHE I 104 26.49 46.78 -0.81
C PHE I 104 26.50 46.21 -2.23
N GLY I 105 27.70 45.84 -2.68
CA GLY I 105 27.90 45.14 -3.93
C GLY I 105 28.83 43.95 -3.71
N THR I 106 29.76 43.77 -4.64
CA THR I 106 30.73 42.70 -4.50
C THR I 106 32.16 43.19 -4.74
N THR I 107 32.34 44.22 -5.55
CA THR I 107 33.66 44.82 -5.76
C THR I 107 33.64 46.34 -5.79
N LEU I 108 32.48 46.98 -5.87
CA LEU I 108 32.36 48.43 -5.74
C LEU I 108 33.11 49.15 -6.86
N ASP I 109 32.74 48.82 -8.11
CA ASP I 109 33.50 49.31 -9.27
C ASP I 109 32.62 49.77 -10.42
N SER I 110 31.37 50.15 -10.17
CA SER I 110 30.45 50.65 -11.20
C SER I 110 30.21 49.64 -12.32
N LYS I 111 30.46 48.36 -12.06
CA LYS I 111 30.21 47.29 -13.01
C LYS I 111 29.31 46.20 -12.45
N THR I 112 29.32 45.99 -11.13
CA THR I 112 28.53 44.96 -10.49
C THR I 112 27.24 45.57 -9.97
N GLN I 113 26.11 44.96 -10.33
CA GLN I 113 24.84 45.42 -9.79
C GLN I 113 24.85 45.30 -8.26
N SER I 114 24.49 46.38 -7.60
CA SER I 114 24.62 46.48 -6.17
C SER I 114 23.33 47.04 -5.58
N LEU I 115 23.05 46.64 -4.34
CA LEU I 115 21.89 47.11 -3.62
C LEU I 115 22.18 48.45 -2.97
N LEU I 116 21.21 49.35 -3.10
CA LEU I 116 21.18 50.61 -2.37
C LEU I 116 19.84 50.64 -1.66
N ILE I 117 19.83 50.24 -0.39
CA ILE I 117 18.70 50.45 0.49
C ILE I 117 19.00 51.76 1.21
N VAL I 118 18.39 52.84 0.74
CA VAL I 118 18.77 54.20 1.10
C VAL I 118 17.73 54.77 2.03
N ASN I 119 18.17 55.26 3.19
CA ASN I 119 17.29 55.82 4.22
C ASN I 119 18.03 56.95 4.94
N ASN I 120 17.80 58.17 4.47
CA ASN I 120 18.50 59.33 5.04
C ASN I 120 17.70 59.97 6.18
N ALA I 121 16.51 60.47 5.88
CA ALA I 121 15.66 61.09 6.89
C ALA I 121 14.32 60.38 7.03
N THR I 122 13.54 60.29 5.95
CA THR I 122 12.24 59.64 5.98
C THR I 122 11.99 58.70 4.80
N ASN I 123 12.79 58.77 3.76
CA ASN I 123 12.65 57.83 2.64
C ASN I 123 13.40 56.54 2.95
N VAL I 124 12.85 55.42 2.44
CA VAL I 124 13.60 54.19 2.37
C VAL I 124 13.38 53.61 0.97
N VAL I 125 14.30 53.90 0.06
CA VAL I 125 14.17 53.50 -1.33
C VAL I 125 15.07 52.30 -1.59
N ILE I 126 14.51 51.29 -2.27
CA ILE I 126 15.26 50.15 -2.75
C ILE I 126 15.71 50.43 -4.17
N LYS I 127 16.98 50.17 -4.45
CA LYS I 127 17.50 50.32 -5.81
C LYS I 127 18.52 49.23 -6.07
N VAL I 128 18.56 48.73 -7.30
CA VAL I 128 19.54 47.72 -7.71
C VAL I 128 20.22 48.26 -8.95
N CYS I 129 21.48 48.71 -8.79
CA CYS I 129 22.21 49.31 -9.89
C CYS I 129 23.70 49.22 -9.62
N GLU I 130 24.47 49.28 -10.70
CA GLU I 130 25.92 49.32 -10.59
C GLU I 130 26.36 50.72 -10.19
N PHE I 131 27.34 50.79 -9.29
CA PHE I 131 27.81 52.07 -8.80
C PHE I 131 29.26 51.96 -8.36
N GLN I 132 30.01 53.06 -8.52
CA GLN I 132 31.39 53.12 -8.06
C GLN I 132 31.39 53.77 -6.68
N PHE I 133 31.40 52.94 -5.64
CA PHE I 133 31.31 53.42 -4.26
C PHE I 133 32.69 53.89 -3.80
N CYS I 134 32.84 54.10 -2.49
CA CYS I 134 34.11 54.48 -1.90
C CYS I 134 34.78 53.26 -1.28
N ASN I 135 36.11 53.34 -1.16
CA ASN I 135 36.84 52.31 -0.42
C ASN I 135 36.47 52.32 1.06
N ASP I 136 36.38 53.51 1.65
CA ASP I 136 35.92 53.69 3.02
C ASP I 136 34.84 54.76 3.04
N PRO I 137 33.63 54.44 2.57
CA PRO I 137 32.57 55.46 2.52
C PRO I 137 32.17 55.91 3.93
N PHE I 138 31.58 57.10 4.01
CA PHE I 138 31.25 57.58 5.37
C PHE I 138 30.33 58.80 5.33
N LEU I 139 29.30 58.79 6.16
CA LEU I 139 28.50 60.02 6.35
C LEU I 139 29.06 60.47 7.68
N ASP I 140 30.14 59.80 8.13
CA ASP I 140 30.70 59.99 9.49
C ASP I 140 31.25 61.39 9.81
N HIS I 141 32.10 61.94 8.96
CA HIS I 141 32.74 63.20 9.42
C HIS I 141 32.17 64.44 8.74
N LYS I 142 31.62 65.33 9.55
CA LYS I 142 30.96 66.54 9.01
C LYS I 142 30.56 67.40 10.20
N ASN I 143 31.42 68.37 10.57
CA ASN I 143 31.05 69.35 11.62
C ASN I 143 31.35 68.86 13.04
N ASN I 144 32.53 68.27 13.29
CA ASN I 144 32.98 67.93 14.66
C ASN I 144 31.80 67.30 15.40
N LYS I 145 31.45 67.79 16.60
CA LYS I 145 30.41 67.14 17.40
C LYS I 145 29.07 67.13 16.69
N SER I 146 28.73 68.22 15.98
CA SER I 146 27.47 68.28 15.26
C SER I 146 27.42 67.22 14.18
N TRP I 147 26.35 66.42 14.22
CA TRP I 147 26.22 65.28 13.28
C TRP I 147 25.37 65.73 12.10
N MET I 148 25.60 65.16 10.92
CA MET I 148 24.74 65.47 9.77
C MET I 148 25.06 64.46 8.68
N GLU I 149 24.82 64.83 7.43
CA GLU I 149 25.15 63.93 6.32
C GLU I 149 26.33 64.49 5.53
N SER I 150 27.34 63.65 5.32
CA SER I 150 28.56 64.04 4.64
C SER I 150 28.75 63.19 3.39
N GLU I 151 28.86 63.86 2.24
CA GLU I 151 28.97 63.18 0.95
C GLU I 151 27.91 62.08 0.84
N PHE I 152 26.65 62.50 0.89
CA PHE I 152 25.54 61.56 0.83
C PHE I 152 25.61 60.68 -0.42
N ARG I 153 26.08 61.26 -1.53
CA ARG I 153 26.29 60.51 -2.76
C ARG I 153 27.70 59.88 -2.73
N VAL I 154 27.82 58.80 -1.96
CA VAL I 154 29.07 58.06 -1.90
C VAL I 154 29.37 57.40 -3.24
N TYR I 155 28.33 56.94 -3.94
CA TYR I 155 28.46 56.41 -5.28
C TYR I 155 28.72 57.54 -6.28
N SER I 156 29.15 57.16 -7.49
CA SER I 156 29.42 58.15 -8.51
C SER I 156 28.56 57.98 -9.76
N SER I 157 28.58 56.81 -10.38
CA SER I 157 27.98 56.62 -11.70
C SER I 157 27.16 55.33 -11.74
N ALA I 158 26.10 55.36 -12.53
CA ALA I 158 25.18 54.23 -12.69
C ALA I 158 25.36 53.60 -14.06
N ASN I 159 25.29 52.27 -14.11
CA ASN I 159 25.41 51.51 -15.35
C ASN I 159 24.05 51.04 -15.88
N ASN I 160 23.31 50.27 -15.08
CA ASN I 160 22.01 49.77 -15.49
C ASN I 160 21.18 49.53 -14.22
N CYS I 161 20.29 50.46 -13.91
CA CYS I 161 19.44 50.36 -12.73
C CYS I 161 18.13 49.66 -13.07
N THR I 162 17.68 48.79 -12.17
CA THR I 162 16.53 47.94 -12.44
C THR I 162 15.33 48.26 -11.57
N PHE I 163 15.47 48.24 -10.25
CA PHE I 163 14.33 48.33 -9.34
C PHE I 163 14.38 49.66 -8.58
N GLU I 164 13.23 50.29 -8.43
CA GLU I 164 13.13 51.55 -7.71
C GLU I 164 11.80 51.58 -6.96
N TYR I 165 11.87 51.77 -5.63
CA TYR I 165 10.67 51.77 -4.80
C TYR I 165 11.02 52.34 -3.43
N VAL I 166 10.28 53.36 -3.02
CA VAL I 166 10.53 54.06 -1.75
C VAL I 166 9.58 53.50 -0.70
N SER I 167 10.13 53.19 0.49
CA SER I 167 9.36 52.59 1.56
C SER I 167 9.48 53.43 2.82
N GLN I 168 8.71 53.05 3.83
CA GLN I 168 8.62 53.80 5.07
C GLN I 168 9.92 53.67 5.87
N PRO I 169 10.23 54.64 6.73
CA PRO I 169 11.43 54.55 7.56
C PRO I 169 11.21 53.83 8.87
N PHE I 170 12.26 53.75 9.69
CA PHE I 170 12.17 53.19 11.02
C PHE I 170 11.85 54.31 12.02
N LEU I 171 12.03 54.04 13.30
CA LEU I 171 11.85 55.05 14.35
C LEU I 171 13.23 55.51 14.79
N MET I 172 13.63 56.69 14.34
CA MET I 172 14.92 57.27 14.69
C MET I 172 14.73 58.36 15.76
N ASP I 173 15.81 59.09 16.04
CA ASP I 173 15.79 60.12 17.07
C ASP I 173 16.30 61.46 16.54
N LEU I 174 16.47 62.45 17.42
CA LEU I 174 16.79 63.81 17.03
C LEU I 174 18.20 64.15 17.49
N GLU I 175 19.10 64.41 16.53
CA GLU I 175 20.55 64.50 16.74
C GLU I 175 20.99 63.22 17.47
N GLY I 176 21.85 63.32 18.49
CA GLY I 176 22.28 62.16 19.24
C GLY I 176 22.99 62.59 20.49
N LYS I 177 23.02 61.68 21.47
CA LYS I 177 23.59 61.99 22.77
C LYS I 177 24.36 60.78 23.29
N GLN I 178 25.32 61.04 24.17
CA GLN I 178 26.20 60.01 24.72
C GLN I 178 25.62 59.44 26.01
N GLY I 179 24.47 58.80 25.88
CA GLY I 179 23.82 58.19 27.03
C GLY I 179 22.34 58.02 26.81
N ASN I 180 21.72 57.35 27.79
CA ASN I 180 20.28 57.10 27.81
C ASN I 180 19.82 56.41 26.52
N PHE I 181 20.35 55.20 26.32
CA PHE I 181 20.01 54.39 25.14
C PHE I 181 18.61 53.83 25.33
N LYS I 182 17.64 54.41 24.61
CA LYS I 182 16.24 54.01 24.72
C LYS I 182 15.76 53.15 23.57
N ASN I 183 16.57 52.89 22.55
CA ASN I 183 16.14 52.09 21.43
C ASN I 183 16.91 50.78 21.39
N LEU I 184 16.21 49.71 20.99
CA LEU I 184 16.84 48.40 20.81
C LEU I 184 16.40 47.85 19.48
N ARG I 185 17.32 47.81 18.51
CA ARG I 185 17.01 47.38 17.15
C ARG I 185 17.71 46.07 16.88
N GLU I 186 16.96 45.07 16.42
CA GLU I 186 17.56 43.76 16.15
C GLU I 186 17.13 43.26 14.77
N PHE I 187 18.13 42.90 13.96
CA PHE I 187 17.92 42.41 12.61
C PHE I 187 18.59 41.04 12.46
N VAL I 188 18.11 40.26 11.50
CA VAL I 188 18.77 39.02 11.11
C VAL I 188 18.84 38.97 9.59
N PHE I 189 20.02 38.64 9.08
CA PHE I 189 20.32 38.60 7.64
C PHE I 189 20.60 37.18 7.21
N LYS I 190 20.00 36.78 6.09
CA LYS I 190 20.13 35.41 5.58
C LYS I 190 19.97 35.44 4.06
N ASN I 191 20.38 34.36 3.40
CA ASN I 191 20.15 34.25 1.95
C ASN I 191 20.06 32.78 1.56
N ILE I 192 18.94 32.39 0.95
CA ILE I 192 18.75 31.00 0.52
C ILE I 192 17.57 30.96 -0.44
N ASP I 193 17.54 29.91 -1.28
CA ASP I 193 16.37 29.57 -2.11
C ASP I 193 15.97 30.72 -3.03
N GLY I 194 16.97 31.41 -3.58
CA GLY I 194 16.73 32.54 -4.44
C GLY I 194 16.26 33.80 -3.73
N TYR I 195 15.72 33.67 -2.53
CA TYR I 195 15.38 34.84 -1.73
C TYR I 195 16.55 35.25 -0.85
N PHE I 196 16.55 36.52 -0.46
CA PHE I 196 17.57 37.04 0.44
C PHE I 196 16.86 37.92 1.46
N LYS I 197 16.98 37.55 2.74
CA LYS I 197 16.01 37.86 3.77
C LYS I 197 16.60 38.78 4.83
N ILE I 198 15.85 39.82 5.19
CA ILE I 198 16.19 40.72 6.28
C ILE I 198 14.97 40.80 7.18
N TYR I 199 15.08 40.25 8.38
CA TYR I 199 14.03 40.39 9.39
C TYR I 199 14.44 41.44 10.40
N SER I 200 13.45 42.21 10.89
CA SER I 200 13.74 43.33 11.76
C SER I 200 12.74 43.40 12.92
N LYS I 201 13.18 44.04 14.00
CA LYS I 201 12.30 44.31 15.13
C LYS I 201 12.87 45.46 15.96
N HIS I 202 11.99 46.38 16.33
CA HIS I 202 12.36 47.56 17.13
C HIS I 202 11.61 47.53 18.45
N THR I 203 12.34 47.70 19.55
CA THR I 203 11.73 47.86 20.86
C THR I 203 12.13 49.21 21.45
N PRO I 204 11.19 50.09 21.74
CA PRO I 204 11.53 51.42 22.25
C PRO I 204 11.65 51.43 23.75
N ILE I 205 12.09 52.59 24.26
CA ILE I 205 12.09 52.98 25.68
C ILE I 205 12.66 51.89 26.56
N LEU I 206 13.72 51.25 26.11
CA LEU I 206 14.40 50.24 26.94
C LEU I 206 15.10 50.95 28.07
N VAL I 207 14.71 50.63 29.30
CA VAL I 207 15.15 51.39 30.47
C VAL I 207 16.36 50.71 31.14
N ARG I 208 17.01 49.79 30.45
CA ARG I 208 18.18 49.08 30.99
C ARG I 208 19.42 49.74 30.39
N GLU I 209 20.12 50.53 31.20
CA GLU I 209 21.27 51.29 30.73
C GLU I 209 22.57 50.48 30.71
N PRO I 210 22.94 49.77 31.79
CA PRO I 210 24.32 49.21 31.79
C PRO I 210 24.47 47.97 30.94
N GLU I 211 24.33 48.16 29.62
CA GLU I 211 24.58 47.13 28.58
C GLU I 211 23.79 45.87 28.95
N ASP I 212 24.41 44.68 28.94
CA ASP I 212 23.75 43.46 29.40
C ASP I 212 22.45 43.17 28.65
N LEU I 213 22.57 42.78 27.37
CA LEU I 213 21.42 42.51 26.51
C LEU I 213 20.23 41.98 27.32
N PRO I 214 19.05 42.61 27.20
CA PRO I 214 17.94 42.26 28.08
C PRO I 214 17.46 40.84 27.85
N GLN I 215 16.95 40.23 28.92
CA GLN I 215 16.35 38.91 28.84
C GLN I 215 14.89 39.04 28.39
N GLY I 216 14.26 37.89 28.19
CA GLY I 216 12.87 37.84 27.79
C GLY I 216 12.71 37.29 26.38
N PHE I 217 11.49 37.40 25.87
CA PHE I 217 11.16 36.88 24.55
C PHE I 217 10.52 37.97 23.70
N SER I 218 10.86 37.96 22.42
CA SER I 218 10.27 38.86 21.44
C SER I 218 10.58 38.34 20.06
N ALA I 219 9.55 38.15 19.24
CA ALA I 219 9.73 37.58 17.92
C ALA I 219 10.22 38.63 16.92
N LEU I 220 10.58 38.17 15.73
CA LEU I 220 11.01 39.04 14.64
C LEU I 220 10.11 38.81 13.44
N GLU I 221 9.59 39.89 12.88
CA GLU I 221 8.71 39.81 11.72
C GLU I 221 9.50 40.05 10.44
N PRO I 222 9.04 39.50 9.31
CA PRO I 222 9.79 39.68 8.06
C PRO I 222 9.76 41.11 7.53
N LEU I 223 10.91 41.78 7.61
CA LEU I 223 10.99 43.17 7.17
C LEU I 223 11.02 43.27 5.66
N VAL I 224 11.96 42.60 5.01
CA VAL I 224 12.07 42.64 3.56
C VAL I 224 12.60 41.31 3.06
N ASP I 225 12.06 40.89 1.92
CA ASP I 225 12.55 39.75 1.17
C ASP I 225 12.86 40.21 -0.24
N LEU I 226 14.13 40.23 -0.61
CA LEU I 226 14.46 40.63 -1.96
C LEU I 226 14.89 39.41 -2.76
N PRO I 227 14.14 39.07 -3.81
CA PRO I 227 14.64 38.11 -4.79
C PRO I 227 15.32 38.79 -5.96
N ILE I 228 16.29 39.67 -5.71
CA ILE I 228 16.86 40.43 -6.81
C ILE I 228 17.66 39.53 -7.74
N GLY I 229 18.26 38.46 -7.21
CA GLY I 229 19.17 37.66 -8.01
C GLY I 229 20.60 38.00 -7.68
N ILE I 230 20.89 38.05 -6.38
CA ILE I 230 22.17 38.49 -5.84
C ILE I 230 22.68 37.42 -4.90
N ASN I 231 23.77 37.73 -4.18
CA ASN I 231 24.16 36.94 -3.01
C ASN I 231 24.67 37.86 -1.91
N ILE I 232 24.02 37.79 -0.75
CA ILE I 232 24.44 38.53 0.44
C ILE I 232 25.56 37.74 1.10
N THR I 233 26.80 38.00 0.68
CA THR I 233 27.93 37.25 1.21
C THR I 233 29.06 38.18 1.63
N ARG I 234 29.12 39.36 1.02
CA ARG I 234 30.07 40.41 1.39
C ARG I 234 29.34 41.73 1.25
N PHE I 235 28.70 42.16 2.34
CA PHE I 235 27.92 43.38 2.34
C PHE I 235 28.38 44.25 3.50
N GLN I 236 27.75 45.42 3.65
CA GLN I 236 28.15 46.32 4.70
C GLN I 236 27.07 47.37 4.92
N THR I 237 26.92 47.78 6.18
CA THR I 237 26.15 48.95 6.56
C THR I 237 27.08 49.95 7.24
N LEU I 238 26.89 51.22 6.91
CA LEU I 238 27.82 52.26 7.33
C LEU I 238 27.35 52.90 8.63
N LEU I 239 28.37 53.45 9.32
CA LEU I 239 28.15 54.17 10.61
C LEU I 239 28.64 55.60 10.44
N ALA I 240 28.32 56.49 11.40
CA ALA I 240 28.68 57.92 11.29
C ALA I 240 29.46 58.40 12.51
N SER I 251 36.15 69.42 7.69
CA SER I 251 34.97 68.79 8.28
C SER I 251 34.99 67.28 8.06
N SER I 252 35.47 66.87 6.89
CA SER I 252 35.41 65.47 6.49
C SER I 252 36.25 64.55 7.39
N SER I 253 36.98 65.10 8.36
CA SER I 253 37.72 64.30 9.32
C SER I 253 37.63 64.96 10.68
N GLY I 254 37.32 64.18 11.71
CA GLY I 254 37.27 64.68 13.07
C GLY I 254 35.86 65.01 13.53
N TRP I 255 35.30 64.14 14.36
CA TRP I 255 33.92 64.33 14.89
C TRP I 255 33.82 63.77 16.32
N THR I 256 33.05 64.43 17.19
CA THR I 256 32.96 64.03 18.59
C THR I 256 32.02 62.84 18.70
N ALA I 257 32.55 61.70 19.16
CA ALA I 257 31.81 60.46 19.09
C ALA I 257 30.93 60.24 20.32
N GLY I 258 29.82 59.53 20.11
CA GLY I 258 28.88 59.22 21.16
C GLY I 258 28.90 57.75 21.55
N ALA I 259 28.29 57.47 22.70
CA ALA I 259 28.25 56.12 23.23
C ALA I 259 27.25 55.27 22.46
N ALA I 260 27.69 54.07 22.07
CA ALA I 260 26.81 53.13 21.39
C ALA I 260 27.36 51.73 21.58
N ALA I 261 26.48 50.74 21.43
CA ALA I 261 26.89 49.35 21.57
C ALA I 261 26.15 48.50 20.55
N TYR I 262 26.89 47.62 19.87
CA TYR I 262 26.25 46.67 18.96
C TYR I 262 26.85 45.28 19.18
N TYR I 263 26.09 44.27 18.77
CA TYR I 263 26.41 42.89 19.07
C TYR I 263 26.14 42.05 17.83
N VAL I 264 27.02 41.07 17.60
CA VAL I 264 26.90 40.19 16.44
C VAL I 264 26.92 38.74 16.89
N GLY I 265 25.95 37.97 16.40
CA GLY I 265 25.90 36.54 16.68
C GLY I 265 25.67 35.76 15.40
N TYR I 266 25.97 34.48 15.46
CA TYR I 266 26.00 33.65 14.26
C TYR I 266 24.88 32.62 14.29
N LEU I 267 24.31 32.34 13.12
CA LEU I 267 23.19 31.43 12.97
C LEU I 267 23.68 30.02 12.66
N GLN I 268 22.97 29.04 13.18
CA GLN I 268 23.25 27.63 12.95
C GLN I 268 21.95 26.91 12.64
N PRO I 269 22.01 25.78 11.93
CA PRO I 269 20.79 25.02 11.62
C PRO I 269 20.26 24.33 12.86
N ARG I 270 19.03 24.65 13.24
CA ARG I 270 18.43 24.12 14.45
C ARG I 270 16.95 23.85 14.23
N THR I 271 16.41 22.95 15.05
CA THR I 271 14.99 22.66 15.08
C THR I 271 14.41 23.23 16.37
N PHE I 272 13.40 24.07 16.24
CA PHE I 272 12.77 24.74 17.38
C PHE I 272 11.34 24.27 17.53
N LEU I 273 10.78 24.49 18.71
CA LEU I 273 9.36 24.28 18.97
C LEU I 273 8.79 25.61 19.43
N LEU I 274 7.77 26.09 18.72
CA LEU I 274 7.21 27.42 18.92
C LEU I 274 5.79 27.30 19.47
N LYS I 275 5.45 28.20 20.40
CA LYS I 275 4.15 28.21 21.04
C LYS I 275 3.41 29.49 20.67
N TYR I 276 2.18 29.35 20.20
CA TYR I 276 1.33 30.46 19.83
C TYR I 276 0.21 30.63 20.85
N ASN I 277 -0.08 31.87 21.22
CA ASN I 277 -1.20 32.14 22.11
C ASN I 277 -2.46 32.37 21.28
N GLU I 278 -3.58 32.63 21.96
CA GLU I 278 -4.85 32.77 21.27
C GLU I 278 -4.90 33.98 20.35
N ASN I 279 -4.04 34.97 20.58
CA ASN I 279 -4.03 36.17 19.74
C ASN I 279 -3.24 35.98 18.45
N GLY I 280 -2.51 34.88 18.31
CA GLY I 280 -1.76 34.61 17.10
C GLY I 280 -0.30 34.98 17.12
N THR I 281 0.26 35.30 18.29
CA THR I 281 1.65 35.69 18.41
C THR I 281 2.41 34.67 19.25
N ILE I 282 3.73 34.72 19.14
CA ILE I 282 4.61 33.75 19.78
C ILE I 282 4.95 34.24 21.18
N THR I 283 4.73 33.40 22.19
CA THR I 283 5.07 33.73 23.56
C THR I 283 6.19 32.89 24.15
N ASP I 284 6.46 31.71 23.58
CA ASP I 284 7.51 30.86 24.11
C ASP I 284 8.06 29.98 23.00
N ALA I 285 9.29 29.53 23.19
CA ALA I 285 9.94 28.65 22.24
C ALA I 285 11.02 27.87 22.96
N VAL I 286 11.21 26.62 22.54
CA VAL I 286 12.21 25.75 23.14
C VAL I 286 13.10 25.18 22.04
N ASP I 287 14.41 25.21 22.29
CA ASP I 287 15.37 24.56 21.41
C ASP I 287 15.32 23.06 21.63
N CYS I 288 15.50 22.31 20.54
CA CYS I 288 15.41 20.86 20.60
C CYS I 288 16.76 20.17 20.58
N ALA I 289 17.87 20.92 20.63
CA ALA I 289 19.19 20.31 20.55
C ALA I 289 20.17 20.95 21.52
N LEU I 290 19.69 21.42 22.66
CA LEU I 290 20.51 22.10 23.64
C LEU I 290 20.83 21.24 24.86
N ASP I 291 19.82 20.71 25.52
CA ASP I 291 19.96 19.86 26.70
C ASP I 291 19.10 18.62 26.53
N PRO I 292 19.42 17.56 27.27
CA PRO I 292 18.52 16.40 27.27
C PRO I 292 17.12 16.75 27.75
N LEU I 293 16.99 17.67 28.70
CA LEU I 293 15.66 18.07 29.15
C LEU I 293 14.88 18.72 28.02
N SER I 294 15.51 19.66 27.32
CA SER I 294 14.85 20.25 26.16
C SER I 294 14.64 19.21 25.07
N GLU I 295 15.53 18.23 24.97
CA GLU I 295 15.37 17.16 23.99
C GLU I 295 14.08 16.38 24.24
N THR I 296 13.83 16.00 25.48
CA THR I 296 12.62 15.25 25.77
C THR I 296 11.39 16.15 25.75
N LYS I 297 11.55 17.44 26.05
CA LYS I 297 10.47 18.38 25.86
C LYS I 297 10.04 18.43 24.40
N CYS I 298 11.00 18.45 23.49
CA CYS I 298 10.70 18.45 22.06
C CYS I 298 10.10 17.12 21.62
N THR I 299 10.62 16.02 22.16
CA THR I 299 10.11 14.70 21.78
C THR I 299 8.66 14.50 22.19
N LEU I 300 8.31 14.94 23.40
CA LEU I 300 6.95 14.72 23.89
C LEU I 300 5.95 15.75 23.40
N LYS I 301 6.39 16.74 22.62
CA LYS I 301 5.52 17.79 22.09
C LYS I 301 4.78 18.52 23.20
N SER I 302 5.48 18.80 24.29
CA SER I 302 4.89 19.50 25.42
C SER I 302 5.97 20.29 26.13
N PHE I 303 5.54 21.30 26.90
CA PHE I 303 6.44 22.16 27.63
C PHE I 303 6.69 21.68 29.07
N THR I 304 6.04 20.61 29.49
CA THR I 304 6.26 20.04 30.82
C THR I 304 6.36 18.54 30.70
N VAL I 305 7.28 17.95 31.45
CA VAL I 305 7.50 16.50 31.43
C VAL I 305 7.37 15.98 32.86
N GLU I 306 6.63 14.89 33.03
CA GLU I 306 6.42 14.30 34.34
C GLU I 306 7.54 13.33 34.68
N LYS I 307 7.61 12.97 35.96
CA LYS I 307 8.69 12.11 36.44
C LYS I 307 8.66 10.76 35.77
N GLY I 308 9.81 10.30 35.29
CA GLY I 308 9.90 9.00 34.65
C GLY I 308 11.17 8.90 33.82
N ILE I 309 11.15 7.91 32.93
CA ILE I 309 12.24 7.64 31.99
C ILE I 309 11.68 7.64 30.57
N TYR I 310 12.27 8.45 29.70
CA TYR I 310 11.78 8.64 28.34
C TYR I 310 12.88 8.31 27.33
N GLN I 311 12.48 7.66 26.24
CA GLN I 311 13.41 7.34 25.17
C GLN I 311 13.39 8.44 24.13
N THR I 312 14.57 8.78 23.60
CA THR I 312 14.73 9.92 22.73
C THR I 312 15.56 9.56 21.50
N SER I 313 16.03 10.57 20.77
CA SER I 313 16.77 10.35 19.54
C SER I 313 17.94 9.40 19.75
N ASN I 314 18.35 8.74 18.68
CA ASN I 314 19.34 7.68 18.75
C ASN I 314 20.74 8.24 18.89
N PHE I 315 21.67 7.35 19.20
CA PHE I 315 23.09 7.65 19.37
C PHE I 315 23.83 7.11 18.16
N ARG I 316 24.66 7.94 17.52
CA ARG I 316 25.28 7.56 16.27
C ARG I 316 26.63 8.26 16.13
N VAL I 317 27.44 7.77 15.19
CA VAL I 317 28.74 8.35 14.88
C VAL I 317 28.78 8.67 13.39
N GLN I 318 29.16 9.93 13.07
CA GLN I 318 29.21 10.38 11.68
C GLN I 318 30.53 10.01 11.03
N PRO I 319 30.53 9.75 9.72
CA PRO I 319 31.78 9.49 9.01
C PRO I 319 32.65 10.74 8.98
N THR I 320 33.96 10.51 8.97
CA THR I 320 34.92 11.60 9.06
C THR I 320 35.51 12.03 7.73
N GLU I 321 35.45 11.18 6.70
CA GLU I 321 36.04 11.50 5.41
C GLU I 321 35.39 10.62 4.34
N SER I 322 35.95 10.64 3.14
CA SER I 322 35.47 9.82 2.04
C SER I 322 36.65 9.22 1.31
N ILE I 323 36.53 7.94 0.93
CA ILE I 323 37.54 7.27 0.12
C ILE I 323 36.84 6.60 -1.05
N VAL I 324 37.58 6.38 -2.15
CA VAL I 324 37.05 5.76 -3.41
C VAL I 324 38.16 4.93 -4.04
N ARG I 325 37.94 3.65 -4.35
CA ARG I 325 39.02 2.78 -4.88
C ARG I 325 38.60 2.04 -6.15
N PHE I 326 38.25 2.75 -7.23
CA PHE I 326 37.94 2.14 -8.54
C PHE I 326 39.25 1.58 -9.09
N PRO I 327 39.29 0.66 -10.08
CA PRO I 327 40.54 0.01 -10.50
C PRO I 327 41.51 0.95 -11.19
N ASN I 328 42.77 0.55 -11.41
CA ASN I 328 43.71 1.42 -12.18
C ASN I 328 44.01 0.87 -13.56
N ILE I 329 43.70 1.62 -14.61
CA ILE I 329 44.04 1.17 -15.98
C ILE I 329 44.28 2.40 -16.85
N THR I 330 43.23 3.10 -17.28
CA THR I 330 43.22 4.27 -18.15
C THR I 330 43.67 3.94 -19.58
N ASN I 331 42.84 3.13 -20.25
CA ASN I 331 43.18 2.61 -21.57
C ASN I 331 42.30 3.16 -22.69
N LEU I 332 41.30 3.98 -22.38
CA LEU I 332 40.51 4.69 -23.40
C LEU I 332 39.83 3.72 -24.37
N CYS I 333 38.83 3.01 -23.84
CA CYS I 333 38.03 2.02 -24.57
C CYS I 333 37.73 2.47 -25.99
N PRO I 334 37.97 1.62 -26.99
CA PRO I 334 37.83 2.03 -28.40
C PRO I 334 36.37 2.13 -28.85
N PHE I 335 35.68 3.16 -28.36
CA PHE I 335 34.32 3.41 -28.82
C PHE I 335 34.31 4.08 -30.19
N ASP I 336 35.35 4.85 -30.53
CA ASP I 336 35.35 5.58 -31.78
C ASP I 336 35.37 4.63 -32.98
N GLU I 337 36.11 3.52 -32.87
CA GLU I 337 36.24 2.61 -33.99
C GLU I 337 34.89 2.02 -34.38
N VAL I 338 34.05 1.69 -33.40
CA VAL I 338 32.76 1.09 -33.70
C VAL I 338 31.86 2.08 -34.43
N PHE I 339 31.77 3.30 -33.92
CA PHE I 339 30.83 4.28 -34.48
C PHE I 339 31.33 4.90 -35.78
N ASN I 340 32.64 5.07 -35.92
CA ASN I 340 33.22 5.75 -37.07
C ASN I 340 33.72 4.81 -38.14
N ALA I 341 33.37 3.52 -38.06
CA ALA I 341 33.80 2.57 -39.07
C ALA I 341 33.14 2.89 -40.41
N THR I 342 33.91 2.73 -41.49
CA THR I 342 33.39 3.05 -42.82
C THR I 342 32.29 2.08 -43.24
N ARG I 343 32.46 0.79 -42.95
CA ARG I 343 31.55 -0.24 -43.40
C ARG I 343 30.97 -0.99 -42.21
N PHE I 344 29.65 -1.14 -42.21
CA PHE I 344 28.95 -1.98 -41.24
C PHE I 344 28.47 -3.25 -41.92
N ALA I 345 28.36 -4.31 -41.13
CA ALA I 345 27.94 -5.60 -41.67
C ALA I 345 26.47 -5.56 -42.05
N SER I 346 26.04 -6.62 -42.72
CA SER I 346 24.65 -6.74 -43.15
C SER I 346 23.73 -6.87 -41.93
N VAL I 347 22.43 -6.95 -42.19
CA VAL I 347 21.49 -7.24 -41.12
C VAL I 347 21.76 -8.62 -40.55
N TYR I 348 22.03 -9.60 -41.42
CA TYR I 348 22.06 -10.99 -41.03
C TYR I 348 23.45 -11.45 -40.61
N ALA I 349 24.40 -10.54 -40.44
CA ALA I 349 25.73 -10.92 -40.01
C ALA I 349 26.27 -9.91 -39.01
N TRP I 350 25.45 -9.50 -38.06
CA TRP I 350 25.84 -8.42 -37.16
C TRP I 350 27.09 -8.83 -36.38
N ASN I 351 28.07 -7.95 -36.36
CA ASN I 351 29.31 -8.24 -35.65
C ASN I 351 29.15 -7.98 -34.15
N ARG I 352 29.97 -8.68 -33.37
CA ARG I 352 29.97 -8.54 -31.91
C ARG I 352 31.40 -8.24 -31.49
N LYS I 353 31.64 -7.02 -31.03
CA LYS I 353 32.99 -6.57 -30.70
C LYS I 353 33.24 -6.65 -29.20
N ARG I 354 34.48 -6.92 -28.85
CA ARG I 354 34.92 -7.02 -27.47
C ARG I 354 35.34 -5.65 -26.96
N ILE I 355 34.76 -5.23 -25.84
CA ILE I 355 35.17 -4.02 -25.13
C ILE I 355 35.42 -4.43 -23.69
N SER I 356 36.70 -4.55 -23.31
CA SER I 356 37.05 -4.93 -21.95
C SER I 356 38.47 -4.49 -21.66
N ASN I 357 38.79 -4.41 -20.36
CA ASN I 357 40.10 -4.00 -19.88
C ASN I 357 40.50 -2.64 -20.43
N CYS I 358 39.58 -1.69 -20.34
CA CYS I 358 39.83 -0.32 -20.76
C CYS I 358 38.88 0.61 -20.01
N VAL I 359 39.04 1.91 -20.25
CA VAL I 359 38.21 2.94 -19.64
C VAL I 359 37.30 3.53 -20.71
N ALA I 360 36.00 3.53 -20.45
CA ALA I 360 35.00 3.97 -21.40
C ALA I 360 34.52 5.37 -21.01
N ASP I 361 34.62 6.31 -21.94
CA ASP I 361 34.11 7.67 -21.77
C ASP I 361 32.92 7.84 -22.70
N TYR I 362 31.74 7.99 -22.12
CA TYR I 362 30.51 8.11 -22.89
C TYR I 362 30.22 9.54 -23.34
N SER I 363 31.09 10.50 -22.98
CA SER I 363 30.86 11.88 -23.37
C SER I 363 30.91 12.03 -24.90
N VAL I 364 31.94 11.46 -25.52
CA VAL I 364 32.05 11.55 -26.97
C VAL I 364 30.96 10.72 -27.64
N LEU I 365 30.52 9.64 -26.99
CA LEU I 365 29.44 8.83 -27.54
C LEU I 365 28.15 9.63 -27.65
N TYR I 366 27.83 10.41 -26.62
CA TYR I 366 26.59 11.17 -26.57
C TYR I 366 26.75 12.56 -27.17
N ASN I 367 27.95 12.91 -27.64
CA ASN I 367 28.22 14.21 -28.22
C ASN I 367 27.91 14.30 -29.71
N LEU I 368 27.60 13.18 -30.36
CA LEU I 368 27.37 13.21 -31.80
C LEU I 368 25.99 13.80 -32.10
N ALA I 369 25.97 14.75 -33.03
CA ALA I 369 24.74 15.49 -33.33
C ALA I 369 23.59 14.62 -33.83
N PRO I 370 23.76 13.76 -34.84
CA PRO I 370 22.60 13.08 -35.43
C PRO I 370 22.08 11.90 -34.63
N PHE I 371 22.51 11.72 -33.38
CA PHE I 371 22.02 10.61 -32.56
C PHE I 371 20.63 10.94 -32.07
N PHE I 372 19.63 10.23 -32.59
CA PHE I 372 18.23 10.54 -32.34
C PHE I 372 17.51 9.46 -31.53
N THR I 373 17.51 8.22 -32.01
CA THR I 373 16.81 7.13 -31.33
C THR I 373 17.75 6.54 -30.28
N PHE I 374 17.84 7.25 -29.15
CA PHE I 374 18.76 6.91 -28.06
C PHE I 374 17.97 6.85 -26.77
N LYS I 375 17.39 5.69 -26.47
CA LYS I 375 16.64 5.47 -25.24
C LYS I 375 17.23 4.27 -24.52
N CYS I 376 17.42 4.40 -23.20
CA CYS I 376 18.05 3.34 -22.43
C CYS I 376 17.09 2.78 -21.39
N TYR I 377 17.13 1.46 -21.22
CA TYR I 377 16.13 0.72 -20.46
C TYR I 377 16.54 0.52 -19.00
N GLY I 378 17.66 -0.15 -18.77
CA GLY I 378 18.04 -0.48 -17.41
C GLY I 378 18.66 0.66 -16.63
N VAL I 379 19.11 1.70 -17.30
CA VAL I 379 19.81 2.82 -16.69
C VAL I 379 19.26 4.12 -17.24
N SER I 380 19.85 5.23 -16.81
CA SER I 380 19.55 6.53 -17.37
C SER I 380 20.76 7.04 -18.14
N PRO I 381 20.55 7.64 -19.32
CA PRO I 381 21.68 7.94 -20.21
C PRO I 381 22.73 8.86 -19.62
N THR I 382 22.39 9.65 -18.60
CA THR I 382 23.33 10.59 -18.01
C THR I 382 24.11 10.01 -16.85
N LYS I 383 23.92 8.73 -16.51
CA LYS I 383 24.61 8.10 -15.41
C LYS I 383 25.47 6.93 -15.87
N LEU I 384 25.95 6.99 -17.11
CA LEU I 384 26.83 5.95 -17.65
C LEU I 384 28.28 6.14 -17.26
N ASN I 385 28.64 7.30 -16.70
CA ASN I 385 30.03 7.65 -16.47
C ASN I 385 30.51 7.35 -15.05
N ASP I 386 29.64 6.75 -14.24
CA ASP I 386 30.01 6.54 -12.82
C ASP I 386 29.83 5.11 -12.35
N LEU I 387 29.73 4.14 -13.26
CA LEU I 387 29.46 2.75 -12.85
C LEU I 387 30.49 1.86 -13.54
N CYS I 388 30.80 0.68 -12.98
CA CYS I 388 31.71 -0.26 -13.68
C CYS I 388 30.97 -1.48 -14.20
N PHE I 389 31.14 -1.83 -15.48
CA PHE I 389 30.44 -2.91 -16.14
C PHE I 389 31.36 -4.10 -16.30
N THR I 390 30.81 -5.30 -16.13
CA THR I 390 31.62 -6.51 -16.20
C THR I 390 32.02 -6.84 -17.63
N ASN I 391 31.15 -6.57 -18.60
CA ASN I 391 31.45 -6.81 -20.00
C ASN I 391 30.49 -5.99 -20.86
N VAL I 392 31.00 -5.45 -21.95
CA VAL I 392 30.22 -4.60 -22.85
C VAL I 392 30.33 -5.16 -24.26
N TYR I 393 29.21 -5.20 -24.98
CA TYR I 393 29.16 -5.69 -26.34
C TYR I 393 28.47 -4.69 -27.24
N ALA I 394 28.92 -4.64 -28.50
CA ALA I 394 28.37 -3.73 -29.49
C ALA I 394 27.96 -4.51 -30.73
N ASP I 395 26.75 -4.27 -31.21
CA ASP I 395 26.20 -4.94 -32.37
C ASP I 395 25.89 -3.92 -33.45
N SER I 396 26.38 -4.14 -34.67
CA SER I 396 26.23 -3.20 -35.75
C SER I 396 25.50 -3.84 -36.93
N PHE I 397 24.47 -3.17 -37.41
CA PHE I 397 23.76 -3.58 -38.62
C PHE I 397 22.98 -2.39 -39.15
N VAL I 398 22.61 -2.47 -40.42
CA VAL I 398 21.94 -1.38 -41.13
C VAL I 398 20.59 -1.89 -41.61
N ILE I 399 19.51 -1.27 -41.12
CA ILE I 399 18.16 -1.68 -41.46
C ILE I 399 17.43 -0.51 -42.09
N ARG I 400 16.29 -0.81 -42.69
CA ARG I 400 15.45 0.23 -43.27
C ARG I 400 14.76 1.04 -42.18
N GLY I 401 14.38 2.28 -42.52
CA GLY I 401 13.79 3.17 -41.53
C GLY I 401 12.49 2.66 -40.96
N ASP I 402 11.68 1.97 -41.77
CA ASP I 402 10.38 1.51 -41.31
C ASP I 402 10.47 0.40 -40.28
N GLU I 403 11.65 -0.18 -40.06
CA GLU I 403 11.82 -1.29 -39.13
C GLU I 403 12.70 -0.95 -37.94
N VAL I 404 13.07 0.32 -37.76
CA VAL I 404 13.88 0.70 -36.60
C VAL I 404 13.11 0.50 -35.31
N ARG I 405 11.78 0.63 -35.36
CA ARG I 405 10.97 0.45 -34.17
C ARG I 405 10.88 -1.01 -33.72
N GLN I 406 11.35 -1.95 -34.52
CA GLN I 406 11.27 -3.36 -34.17
C GLN I 406 12.41 -3.83 -33.27
N ILE I 407 13.35 -2.94 -32.94
CA ILE I 407 14.48 -3.32 -32.09
C ILE I 407 14.16 -3.22 -30.61
N ALA I 408 13.04 -2.59 -30.25
CA ALA I 408 12.66 -2.54 -28.84
C ALA I 408 12.35 -3.95 -28.35
N PRO I 409 12.67 -4.27 -27.09
CA PRO I 409 12.43 -5.64 -26.59
C PRO I 409 10.96 -5.99 -26.62
N GLY I 410 10.69 -7.26 -26.93
CA GLY I 410 9.33 -7.75 -27.01
C GLY I 410 8.61 -7.44 -28.30
N GLN I 411 9.25 -6.72 -29.22
CA GLN I 411 8.59 -6.35 -30.47
C GLN I 411 8.44 -7.58 -31.36
N THR I 412 7.33 -7.62 -32.09
CA THR I 412 7.05 -8.67 -33.05
C THR I 412 7.02 -8.09 -34.45
N GLY I 413 7.41 -8.91 -35.43
CA GLY I 413 7.46 -8.43 -36.79
C GLY I 413 8.11 -9.45 -37.70
N ASN I 414 8.76 -8.95 -38.75
CA ASN I 414 9.41 -9.82 -39.72
C ASN I 414 10.92 -9.71 -39.68
N ILE I 415 11.47 -8.61 -39.18
CA ILE I 415 12.90 -8.52 -38.93
C ILE I 415 13.27 -8.98 -37.52
N ALA I 416 12.35 -8.90 -36.58
CA ALA I 416 12.61 -9.31 -35.20
C ALA I 416 12.33 -10.78 -34.96
N ASP I 417 12.05 -11.54 -36.01
CA ASP I 417 11.82 -12.97 -35.87
C ASP I 417 12.80 -13.82 -36.67
N TYR I 418 13.31 -13.33 -37.79
CA TYR I 418 14.21 -14.10 -38.63
C TYR I 418 15.61 -13.51 -38.72
N ASN I 419 15.83 -12.29 -38.23
CA ASN I 419 17.13 -11.64 -38.37
C ASN I 419 17.79 -11.34 -37.04
N TYR I 420 17.11 -10.67 -36.11
CA TYR I 420 17.74 -10.25 -34.86
C TYR I 420 16.66 -9.99 -33.83
N LYS I 421 16.71 -10.68 -32.70
CA LYS I 421 15.72 -10.55 -31.65
C LYS I 421 16.39 -10.22 -30.33
N LEU I 422 15.81 -9.28 -29.58
CA LEU I 422 16.35 -8.91 -28.28
C LEU I 422 15.60 -9.62 -27.16
N PRO I 423 16.29 -9.99 -26.09
CA PRO I 423 15.62 -10.67 -24.98
C PRO I 423 14.67 -9.73 -24.24
N ASP I 424 13.72 -10.33 -23.52
CA ASP I 424 12.74 -9.55 -22.79
C ASP I 424 13.32 -8.85 -21.58
N ASP I 425 14.45 -9.32 -21.07
CA ASP I 425 15.12 -8.73 -19.90
C ASP I 425 16.34 -7.92 -20.31
N PHE I 426 16.24 -7.19 -21.41
CA PHE I 426 17.39 -6.47 -21.94
C PHE I 426 17.86 -5.38 -20.99
N THR I 427 19.18 -5.31 -20.80
CA THR I 427 19.82 -4.25 -20.05
C THR I 427 20.90 -3.61 -20.92
N GLY I 428 20.81 -2.30 -21.11
CA GLY I 428 21.62 -1.56 -22.06
C GLY I 428 20.71 -0.73 -22.93
N CYS I 429 21.23 -0.26 -24.06
CA CYS I 429 20.39 0.55 -24.93
C CYS I 429 20.97 0.67 -26.34
N VAL I 430 20.13 1.21 -27.23
CA VAL I 430 20.37 1.22 -28.66
C VAL I 430 20.54 2.66 -29.12
N ILE I 431 21.32 2.84 -30.19
CA ILE I 431 21.50 4.13 -30.82
C ILE I 431 21.26 3.96 -32.32
N ALA I 432 20.45 4.85 -32.90
CA ALA I 432 20.13 4.79 -34.31
C ALA I 432 20.24 6.18 -34.91
N TRP I 433 20.75 6.27 -36.14
CA TRP I 433 20.89 7.54 -36.83
C TRP I 433 20.86 7.29 -38.32
N ASN I 434 20.33 8.27 -39.06
CA ASN I 434 20.26 8.17 -40.51
C ASN I 434 21.65 8.24 -41.12
N SER I 435 21.89 7.41 -42.13
CA SER I 435 23.18 7.38 -42.82
C SER I 435 22.96 7.31 -44.33
N ASN I 436 22.03 8.12 -44.84
CA ASN I 436 21.77 8.17 -46.27
C ASN I 436 22.95 8.75 -47.04
N LYS I 437 23.88 9.43 -46.37
CA LYS I 437 25.01 10.03 -47.05
C LYS I 437 25.94 8.98 -47.65
N LEU I 438 26.19 7.90 -46.93
CA LEU I 438 27.22 6.93 -47.30
C LEU I 438 26.68 5.65 -47.90
N ASP I 439 25.76 4.98 -47.21
CA ASP I 439 25.33 3.64 -47.63
C ASP I 439 24.65 3.66 -48.97
N SER I 440 23.80 4.66 -49.24
CA SER I 440 23.15 4.76 -50.52
C SER I 440 24.16 5.11 -51.61
N LYS I 441 23.84 4.70 -52.85
CA LYS I 441 24.72 4.91 -53.99
C LYS I 441 23.92 5.45 -55.16
N VAL I 442 24.62 6.18 -56.03
CA VAL I 442 23.99 6.69 -57.25
C VAL I 442 23.62 5.55 -58.19
N SER I 443 24.55 4.61 -58.40
CA SER I 443 24.29 3.47 -59.24
C SER I 443 23.57 2.32 -58.57
N GLY I 444 23.39 2.38 -57.26
CA GLY I 444 22.69 1.33 -56.55
C GLY I 444 23.61 0.39 -55.79
N ASN I 445 23.50 0.38 -54.47
CA ASN I 445 24.28 -0.50 -53.62
C ASN I 445 23.42 -1.69 -53.21
N TYR I 446 23.88 -2.89 -53.50
CA TYR I 446 23.12 -4.12 -53.29
C TYR I 446 23.94 -5.14 -52.52
N ASN I 447 24.60 -4.70 -51.45
CA ASN I 447 25.39 -5.57 -50.60
C ASN I 447 24.80 -5.72 -49.20
N TYR I 448 23.52 -5.42 -49.04
CA TYR I 448 22.81 -5.60 -47.77
C TYR I 448 21.68 -6.58 -47.98
N LEU I 449 21.62 -7.61 -47.14
CA LEU I 449 20.69 -8.72 -47.31
C LEU I 449 19.93 -8.95 -46.00
N TYR I 450 18.93 -9.83 -46.07
CA TYR I 450 18.11 -10.15 -44.91
C TYR I 450 17.19 -11.32 -45.25
N ARG I 451 16.85 -12.12 -44.24
CA ARG I 451 15.97 -13.25 -44.43
C ARG I 451 14.59 -12.82 -44.93
N LEU I 452 14.00 -13.64 -45.77
CA LEU I 452 12.59 -13.52 -46.15
C LEU I 452 11.75 -14.68 -45.68
N PHE I 453 12.30 -15.88 -45.64
CA PHE I 453 11.58 -17.07 -45.20
C PHE I 453 12.41 -17.79 -44.16
N ARG I 454 11.74 -18.51 -43.26
CA ARG I 454 12.43 -19.35 -42.31
C ARG I 454 11.45 -20.37 -41.76
N LYS I 455 11.98 -21.54 -41.39
CA LYS I 455 11.13 -22.60 -40.87
C LYS I 455 10.45 -22.18 -39.58
N SER I 456 11.19 -21.50 -38.70
CA SER I 456 10.63 -21.03 -37.44
C SER I 456 11.38 -19.79 -37.00
N ASN I 457 10.83 -19.10 -36.01
CA ASN I 457 11.45 -17.92 -35.46
C ASN I 457 12.73 -18.31 -34.72
N LEU I 458 13.43 -17.30 -34.21
CA LEU I 458 14.70 -17.52 -33.52
C LEU I 458 14.63 -16.95 -32.11
N LYS I 459 15.16 -17.71 -31.16
CA LYS I 459 15.23 -17.25 -29.79
C LYS I 459 16.35 -16.21 -29.66
N PRO I 460 16.30 -15.36 -28.61
CA PRO I 460 17.23 -14.23 -28.52
C PRO I 460 18.69 -14.57 -28.72
N PHE I 461 19.27 -14.03 -29.79
CA PHE I 461 20.68 -14.09 -30.16
C PHE I 461 21.12 -15.46 -30.69
N GLU I 462 20.23 -16.45 -30.81
CA GLU I 462 20.70 -17.78 -31.16
C GLU I 462 21.33 -17.77 -32.54
N ARG I 463 22.43 -18.49 -32.71
CA ARG I 463 23.38 -18.22 -33.77
C ARG I 463 23.03 -18.89 -35.10
N ASP I 464 22.95 -18.12 -36.22
CA ASP I 464 23.09 -18.90 -37.47
C ASP I 464 23.29 -18.07 -38.75
N ILE I 465 23.82 -18.74 -39.77
CA ILE I 465 24.07 -18.12 -41.07
C ILE I 465 23.49 -18.90 -42.25
N SER I 466 23.30 -20.22 -42.13
CA SER I 466 23.05 -21.11 -43.27
C SER I 466 22.07 -20.53 -44.28
N THR I 467 22.42 -20.64 -45.55
CA THR I 467 21.66 -20.06 -46.65
C THR I 467 21.08 -21.12 -47.59
N GLU I 468 20.74 -22.29 -47.07
CA GLU I 468 20.17 -23.34 -47.89
C GLU I 468 18.78 -22.93 -48.38
N ILE I 469 18.38 -23.51 -49.52
CA ILE I 469 17.10 -23.18 -50.13
C ILE I 469 15.96 -23.62 -49.22
N TYR I 470 14.83 -22.93 -49.34
CA TYR I 470 13.67 -23.17 -48.50
C TYR I 470 12.51 -23.62 -49.38
N GLN I 471 11.90 -24.75 -49.03
CA GLN I 471 10.87 -25.37 -49.86
C GLN I 471 9.50 -25.06 -49.28
N ALA I 472 8.66 -24.40 -50.07
CA ALA I 472 7.30 -24.11 -49.62
C ALA I 472 6.43 -25.36 -49.62
N GLY I 473 6.50 -26.16 -50.69
CA GLY I 473 5.62 -27.31 -50.81
C GLY I 473 6.07 -28.50 -49.97
N ASN I 474 5.14 -29.44 -49.79
CA ASN I 474 5.47 -30.67 -49.06
C ASN I 474 6.49 -31.51 -49.82
N LYS I 475 6.55 -31.37 -51.13
CA LYS I 475 7.54 -32.11 -51.90
C LYS I 475 8.94 -31.59 -51.56
N PRO I 476 9.92 -32.49 -51.43
CA PRO I 476 11.30 -32.03 -51.18
C PRO I 476 11.94 -31.49 -52.44
N CYS I 477 12.47 -30.27 -52.36
CA CYS I 477 13.17 -29.64 -53.46
C CYS I 477 14.65 -29.50 -53.13
N ASN I 478 15.48 -29.67 -54.14
CA ASN I 478 16.92 -29.52 -54.00
C ASN I 478 17.45 -28.85 -55.26
N GLY I 479 18.77 -28.82 -55.40
CA GLY I 479 19.37 -28.24 -56.58
C GLY I 479 19.38 -26.74 -56.56
N VAL I 480 18.51 -26.13 -57.37
CA VAL I 480 18.46 -24.69 -57.54
C VAL I 480 17.02 -24.22 -57.37
N ALA I 481 16.80 -22.94 -57.66
CA ALA I 481 15.48 -22.34 -57.53
C ALA I 481 14.52 -22.91 -58.58
N GLY I 482 13.23 -22.67 -58.34
CA GLY I 482 12.19 -23.19 -59.20
C GLY I 482 10.82 -22.97 -58.59
N PHE I 483 10.00 -24.01 -58.56
CA PHE I 483 8.65 -23.92 -58.01
C PHE I 483 8.64 -24.44 -56.57
N ASN I 484 8.03 -23.67 -55.68
CA ASN I 484 7.86 -24.03 -54.28
C ASN I 484 9.19 -24.27 -53.56
N CYS I 485 10.27 -23.71 -54.08
CA CYS I 485 11.56 -23.72 -53.37
C CYS I 485 12.39 -22.56 -53.89
N TYR I 486 12.73 -21.63 -53.00
CA TYR I 486 13.18 -20.31 -53.39
C TYR I 486 14.51 -19.95 -52.73
N PHE I 487 14.95 -18.71 -52.88
CA PHE I 487 16.12 -18.22 -52.15
C PHE I 487 15.68 -17.32 -51.02
N PRO I 488 16.15 -17.54 -49.79
CA PRO I 488 15.65 -16.77 -48.63
C PRO I 488 16.26 -15.39 -48.48
N LEU I 489 16.91 -14.84 -49.50
CA LEU I 489 17.60 -13.56 -49.38
C LEU I 489 17.05 -12.55 -50.38
N ARG I 490 16.90 -11.30 -49.91
CA ARG I 490 16.60 -10.18 -50.78
C ARG I 490 17.56 -9.04 -50.45
N SER I 491 17.88 -8.24 -51.46
CA SER I 491 18.84 -7.16 -51.31
C SER I 491 18.12 -5.82 -51.21
N TYR I 492 18.54 -5.00 -50.25
CA TYR I 492 18.01 -3.65 -50.13
C TYR I 492 18.41 -2.80 -51.34
N SER I 493 17.53 -1.88 -51.70
CA SER I 493 17.78 -0.90 -52.76
C SER I 493 17.79 0.47 -52.11
N PHE I 494 18.99 1.02 -51.94
CA PHE I 494 19.17 2.31 -51.25
C PHE I 494 19.61 3.35 -52.27
N ARG I 495 18.67 4.19 -52.69
CA ARG I 495 18.93 5.26 -53.63
C ARG I 495 18.45 6.58 -53.03
N PRO I 496 19.09 7.70 -53.41
CA PRO I 496 18.63 8.99 -52.89
C PRO I 496 17.23 9.35 -53.32
N THR I 497 16.72 8.74 -54.39
CA THR I 497 15.37 9.06 -54.86
C THR I 497 14.30 8.61 -53.87
N TYR I 498 14.60 7.59 -53.06
CA TYR I 498 13.63 7.12 -52.07
C TYR I 498 13.34 8.19 -51.03
N GLY I 499 12.09 8.26 -50.62
CA GLY I 499 11.67 9.23 -49.62
C GLY I 499 11.96 8.75 -48.21
N VAL I 500 11.47 9.54 -47.24
CA VAL I 500 11.68 9.20 -45.84
C VAL I 500 10.96 7.90 -45.53
N GLY I 501 11.66 7.00 -44.83
CA GLY I 501 11.15 5.68 -44.54
C GLY I 501 11.82 4.56 -45.31
N HIS I 502 12.73 4.89 -46.22
CA HIS I 502 13.48 3.88 -46.96
C HIS I 502 14.98 4.11 -46.92
N GLN I 503 15.44 5.21 -46.31
CA GLN I 503 16.87 5.45 -46.23
C GLN I 503 17.52 4.43 -45.29
N PRO I 504 18.78 4.07 -45.55
CA PRO I 504 19.51 3.22 -44.61
C PRO I 504 19.67 3.92 -43.26
N TYR I 505 19.60 3.12 -42.19
CA TYR I 505 19.67 3.63 -40.82
C TYR I 505 20.69 2.80 -40.05
N ARG I 506 21.88 3.33 -39.86
CA ARG I 506 22.89 2.63 -39.09
C ARG I 506 22.45 2.51 -37.63
N VAL I 507 22.57 1.31 -37.07
CA VAL I 507 22.13 1.03 -35.71
C VAL I 507 23.27 0.35 -34.95
N VAL I 508 23.43 0.73 -33.69
CA VAL I 508 24.38 0.09 -32.79
C VAL I 508 23.67 -0.18 -31.47
N VAL I 509 23.92 -1.35 -30.88
CA VAL I 509 23.27 -1.80 -29.66
C VAL I 509 24.33 -2.10 -28.62
N LEU I 510 24.16 -1.55 -27.42
CA LEU I 510 25.08 -1.78 -26.31
C LEU I 510 24.36 -2.58 -25.23
N SER I 511 24.98 -3.68 -24.81
CA SER I 511 24.42 -4.54 -23.78
C SER I 511 25.49 -4.85 -22.75
N PHE I 512 25.10 -4.92 -21.48
CA PHE I 512 26.06 -5.11 -20.41
C PHE I 512 25.33 -5.53 -19.14
N GLU I 513 25.99 -6.36 -18.34
CA GLU I 513 25.47 -6.77 -17.04
C GLU I 513 25.82 -5.68 -16.03
N LEU I 514 25.60 -5.94 -14.74
CA LEU I 514 25.78 -4.89 -13.73
C LEU I 514 26.24 -5.50 -12.42
N LEU I 515 27.51 -5.32 -12.10
CA LEU I 515 28.05 -5.42 -10.74
C LEU I 515 27.78 -6.80 -10.12
N HIS I 516 28.27 -7.84 -10.79
CA HIS I 516 28.21 -9.17 -10.20
C HIS I 516 29.47 -9.98 -10.50
N ALA I 517 30.55 -9.32 -10.91
CA ALA I 517 31.78 -9.99 -11.32
C ALA I 517 32.92 -8.98 -11.23
N PRO I 518 34.16 -9.44 -11.22
CA PRO I 518 35.30 -8.50 -11.25
C PRO I 518 35.21 -7.60 -12.48
N ALA I 519 35.03 -6.31 -12.24
CA ALA I 519 34.81 -5.36 -13.31
C ALA I 519 36.06 -5.18 -14.16
N THR I 520 35.85 -4.83 -15.42
CA THR I 520 36.94 -4.53 -16.34
C THR I 520 36.76 -3.19 -17.05
N VAL I 521 35.53 -2.82 -17.40
CA VAL I 521 35.24 -1.54 -18.01
C VAL I 521 34.72 -0.61 -16.91
N CYS I 522 35.39 0.52 -16.78
CA CYS I 522 35.01 1.40 -15.67
C CYS I 522 34.70 2.78 -16.19
N GLY I 523 34.51 3.69 -15.26
CA GLY I 523 34.27 5.06 -15.65
C GLY I 523 35.50 5.90 -15.33
N PRO I 524 35.63 7.16 -15.78
CA PRO I 524 36.78 7.97 -15.37
C PRO I 524 36.62 8.47 -13.95
N LYS I 525 37.33 7.84 -13.03
CA LYS I 525 37.32 8.35 -11.64
C LYS I 525 38.74 8.24 -11.09
N LYS I 526 39.01 8.90 -9.98
CA LYS I 526 40.31 8.97 -9.34
C LYS I 526 40.28 8.19 -8.04
N SER I 527 41.25 7.32 -7.84
CA SER I 527 41.21 6.51 -6.61
C SER I 527 41.72 7.36 -5.46
N THR I 528 42.14 6.73 -4.38
CA THR I 528 42.76 7.41 -3.24
C THR I 528 43.39 6.35 -2.35
N ASN I 529 43.77 6.75 -1.13
CA ASN I 529 44.40 5.85 -0.19
C ASN I 529 43.36 5.23 0.72
N LEU I 530 43.44 3.92 0.91
CA LEU I 530 42.50 3.22 1.76
C LEU I 530 42.80 3.52 3.23
N VAL I 531 41.75 3.63 4.04
CA VAL I 531 41.86 3.93 5.45
C VAL I 531 41.26 2.79 6.25
N LYS I 532 41.98 2.33 7.26
CA LYS I 532 41.59 1.19 8.08
C LYS I 532 41.11 1.65 9.44
N ASN I 533 40.01 1.04 9.90
CA ASN I 533 39.47 1.28 11.24
C ASN I 533 39.15 2.75 11.47
N LYS I 534 38.22 3.26 10.66
CA LYS I 534 37.73 4.62 10.78
C LYS I 534 36.43 4.74 10.01
N CYS I 535 35.44 5.40 10.60
CA CYS I 535 34.14 5.57 9.96
C CYS I 535 34.30 6.49 8.75
N VAL I 536 34.21 5.92 7.56
CA VAL I 536 34.43 6.63 6.31
C VAL I 536 33.23 6.40 5.39
N ASN I 537 33.30 6.98 4.19
CA ASN I 537 32.28 6.81 3.17
C ASN I 537 32.93 6.17 1.95
N PHE I 538 33.01 4.85 1.94
CA PHE I 538 33.73 4.15 0.90
C PHE I 538 32.95 4.15 -0.40
N ASN I 539 33.61 3.92 -1.56
CA ASN I 539 32.98 3.74 -2.92
C ASN I 539 33.83 2.70 -3.63
N PHE I 540 33.59 1.41 -3.40
CA PHE I 540 34.39 0.29 -3.88
C PHE I 540 33.81 -0.19 -5.20
N ASN I 541 34.29 0.35 -6.31
CA ASN I 541 33.90 -0.13 -7.66
C ASN I 541 32.41 -0.06 -7.90
N GLY I 542 31.72 0.91 -7.32
CA GLY I 542 30.27 1.07 -7.55
C GLY I 542 29.46 0.97 -6.28
N LEU I 543 30.05 0.42 -5.21
CA LEU I 543 29.29 0.24 -3.98
C LEU I 543 29.46 1.48 -3.10
N LYS I 544 28.35 2.12 -2.76
CA LYS I 544 28.36 3.26 -1.87
C LYS I 544 27.77 2.84 -0.53
N GLY I 545 28.50 3.11 0.54
CA GLY I 545 28.07 2.73 1.87
C GLY I 545 28.84 3.48 2.92
N THR I 546 28.60 3.10 4.18
CA THR I 546 29.24 3.74 5.31
C THR I 546 29.62 2.68 6.32
N GLY I 547 30.82 2.76 6.86
CA GLY I 547 31.27 1.81 7.85
C GLY I 547 32.75 1.91 8.09
N VAL I 548 33.28 0.95 8.83
CA VAL I 548 34.71 0.86 9.13
C VAL I 548 35.25 -0.41 8.50
N LEU I 549 36.43 -0.31 7.92
CA LEU I 549 37.03 -1.40 7.15
C LEU I 549 38.16 -2.04 7.95
N THR I 550 38.12 -3.37 8.08
CA THR I 550 39.12 -4.09 8.85
C THR I 550 39.75 -5.20 8.02
N GLU I 551 40.52 -6.07 8.66
CA GLU I 551 41.09 -7.25 8.02
C GLU I 551 40.17 -8.45 8.22
N SER I 552 40.16 -9.34 7.23
CA SER I 552 39.34 -10.54 7.27
C SER I 552 40.18 -11.73 6.83
N ASN I 553 39.82 -12.90 7.34
CA ASN I 553 40.54 -14.13 7.05
C ASN I 553 39.80 -15.04 6.07
N LYS I 554 38.56 -14.74 5.73
CA LYS I 554 37.80 -15.60 4.85
C LYS I 554 38.41 -15.63 3.46
N LYS I 555 38.45 -16.82 2.87
CA LYS I 555 39.17 -17.05 1.61
C LYS I 555 38.21 -16.88 0.44
N PHE I 556 38.53 -15.96 -0.46
CA PHE I 556 37.73 -15.70 -1.64
C PHE I 556 38.33 -16.45 -2.82
N LEU I 557 37.49 -17.20 -3.53
CA LEU I 557 37.94 -17.86 -4.74
C LEU I 557 38.19 -16.83 -5.84
N PRO I 558 39.03 -17.16 -6.83
CA PRO I 558 39.43 -16.15 -7.82
C PRO I 558 38.29 -15.53 -8.59
N PHE I 559 37.13 -16.16 -8.66
CA PHE I 559 36.01 -15.65 -9.41
C PHE I 559 34.98 -14.92 -8.54
N GLN I 560 35.29 -14.68 -7.28
CA GLN I 560 34.39 -14.01 -6.36
C GLN I 560 34.95 -12.65 -5.96
N GLN I 561 34.05 -11.69 -5.73
CA GLN I 561 34.45 -10.36 -5.28
C GLN I 561 33.63 -9.82 -4.12
N PHE I 562 32.44 -10.35 -3.86
CA PHE I 562 31.58 -9.81 -2.81
C PHE I 562 31.20 -10.93 -1.84
N GLY I 563 30.95 -10.53 -0.60
CA GLY I 563 30.41 -11.44 0.39
C GLY I 563 29.01 -11.04 0.77
N ARG I 564 28.21 -11.97 1.27
CA ARG I 564 26.83 -11.70 1.61
C ARG I 564 26.45 -12.47 2.86
N ASP I 565 25.38 -12.02 3.51
CA ASP I 565 24.87 -12.70 4.69
C ASP I 565 23.38 -13.03 4.55
N ILE I 566 22.75 -13.45 5.64
CA ILE I 566 21.36 -13.91 5.57
C ILE I 566 20.45 -12.79 5.11
N ALA I 567 20.69 -11.57 5.60
CA ALA I 567 19.89 -10.43 5.15
C ALA I 567 20.16 -10.06 3.70
N ASP I 568 21.18 -10.66 3.08
CA ASP I 568 21.53 -10.42 1.68
C ASP I 568 21.97 -8.97 1.45
N THR I 569 22.89 -8.52 2.30
CA THR I 569 23.57 -7.25 2.13
C THR I 569 25.07 -7.50 2.14
N THR I 570 25.81 -6.74 1.34
CA THR I 570 27.24 -6.96 1.22
C THR I 570 27.95 -6.61 2.53
N ASP I 571 28.87 -7.49 2.94
CA ASP I 571 29.63 -7.27 4.16
C ASP I 571 31.09 -7.68 4.03
N ALA I 572 31.58 -7.95 2.82
CA ALA I 572 32.99 -8.28 2.63
C ALA I 572 33.32 -8.02 1.17
N VAL I 573 34.26 -7.13 0.91
CA VAL I 573 34.61 -6.74 -0.45
C VAL I 573 36.11 -6.88 -0.63
N ARG I 574 36.53 -7.11 -1.87
CA ARG I 574 37.93 -7.23 -2.21
C ARG I 574 38.39 -5.94 -2.88
N ASP I 575 39.49 -5.39 -2.39
CA ASP I 575 40.00 -4.13 -2.92
C ASP I 575 40.55 -4.35 -4.34
N PRO I 576 40.08 -3.58 -5.35
CA PRO I 576 40.65 -3.67 -6.66
C PRO I 576 42.18 -3.58 -6.70
N GLN I 577 42.76 -2.40 -6.50
CA GLN I 577 44.23 -2.21 -6.59
C GLN I 577 45.01 -3.35 -5.95
N THR I 578 44.91 -3.54 -4.65
CA THR I 578 45.63 -4.56 -3.90
C THR I 578 44.63 -5.57 -3.37
N LEU I 579 44.91 -6.86 -3.58
CA LEU I 579 43.88 -7.88 -3.58
C LEU I 579 43.69 -8.58 -2.24
N GLU I 580 43.87 -7.87 -1.12
CA GLU I 580 43.48 -8.47 0.14
C GLU I 580 41.97 -8.32 0.35
N ILE I 581 41.46 -9.05 1.35
CA ILE I 581 40.03 -9.12 1.63
C ILE I 581 39.73 -8.25 2.84
N LEU I 582 38.81 -7.31 2.69
CA LEU I 582 38.39 -6.44 3.77
C LEU I 582 37.15 -7.03 4.43
N ASP I 583 36.53 -6.28 5.35
CA ASP I 583 35.36 -6.78 6.07
C ASP I 583 34.58 -5.58 6.57
N ILE I 584 33.39 -5.36 6.02
CA ILE I 584 32.62 -4.16 6.26
C ILE I 584 31.70 -4.36 7.45
N THR I 585 31.75 -3.42 8.40
CA THR I 585 30.87 -3.43 9.55
C THR I 585 30.46 -1.99 9.86
N PRO I 586 29.23 -1.77 10.31
CA PRO I 586 28.74 -0.40 10.48
C PRO I 586 29.32 0.26 11.72
N CYS I 587 29.12 1.57 11.79
CA CYS I 587 29.61 2.37 12.89
C CYS I 587 28.78 2.11 14.15
N SER I 588 29.31 2.55 15.28
CA SER I 588 28.64 2.34 16.56
C SER I 588 27.35 3.15 16.63
N PHE I 589 26.31 2.53 17.17
CA PHE I 589 25.03 3.20 17.38
C PHE I 589 24.41 2.66 18.66
N GLY I 590 23.24 3.19 19.00
CA GLY I 590 22.56 2.76 20.21
C GLY I 590 21.34 3.62 20.47
N GLY I 591 20.89 3.60 21.73
CA GLY I 591 19.76 4.41 22.13
C GLY I 591 20.14 5.26 23.33
N VAL I 592 19.34 6.31 23.54
CA VAL I 592 19.56 7.26 24.63
C VAL I 592 18.24 7.48 25.35
N SER I 593 18.28 7.39 26.68
CA SER I 593 17.12 7.67 27.52
C SER I 593 17.52 8.68 28.57
N VAL I 594 16.55 9.48 29.01
CA VAL I 594 16.80 10.51 30.02
C VAL I 594 16.00 10.18 31.26
N ILE I 595 16.64 10.37 32.42
CA ILE I 595 16.01 10.13 33.72
C ILE I 595 15.68 11.49 34.31
N THR I 596 14.41 11.80 34.47
CA THR I 596 14.05 13.10 34.99
C THR I 596 13.02 13.00 36.11
N PRO I 597 13.17 13.78 37.15
CA PRO I 597 12.06 14.01 38.09
C PRO I 597 11.07 14.96 37.43
N GLY I 598 10.04 15.32 38.19
CA GLY I 598 9.04 16.24 37.66
C GLY I 598 9.68 17.56 37.24
N THR I 599 9.07 18.20 36.23
CA THR I 599 9.61 19.47 35.76
C THR I 599 9.56 20.52 36.87
N ASN I 600 8.47 20.57 37.62
CA ASN I 600 8.38 21.53 38.71
C ASN I 600 9.36 21.19 39.82
N THR I 601 9.54 19.90 40.10
CA THR I 601 10.38 19.50 41.22
C THR I 601 11.83 19.94 41.03
N SER I 602 12.37 19.76 39.83
CA SER I 602 13.75 20.13 39.55
C SER I 602 13.94 20.14 38.04
N ASN I 603 15.18 20.45 37.63
CA ASN I 603 15.55 20.43 36.22
C ASN I 603 16.76 19.55 35.91
N GLN I 604 17.44 19.01 36.93
CA GLN I 604 18.55 18.11 36.67
C GLN I 604 18.05 16.81 36.07
N VAL I 605 18.91 16.16 35.27
CA VAL I 605 18.57 14.93 34.59
C VAL I 605 19.77 14.00 34.62
N ALA I 606 19.51 12.72 34.33
CA ALA I 606 20.55 11.72 34.14
C ALA I 606 20.28 11.01 32.82
N VAL I 607 21.33 10.67 32.09
CA VAL I 607 21.22 10.13 30.75
C VAL I 607 21.81 8.73 30.72
N LEU I 608 21.07 7.77 30.17
CA LEU I 608 21.49 6.39 30.07
C LEU I 608 21.80 6.05 28.62
N TYR I 609 22.92 5.39 28.39
CA TYR I 609 23.32 4.90 27.08
C TYR I 609 23.11 3.40 27.04
N GLN I 610 22.10 2.95 26.30
CA GLN I 610 21.63 1.58 26.42
C GLN I 610 22.63 0.60 25.81
N GLY I 611 22.98 -0.42 26.58
CA GLY I 611 23.72 -1.57 26.07
C GLY I 611 25.06 -1.25 25.43
N VAL I 612 25.86 -0.41 26.07
CA VAL I 612 27.17 -0.06 25.55
C VAL I 612 28.19 -0.13 26.68
N ASN I 613 29.39 -0.63 26.36
CA ASN I 613 30.49 -0.54 27.29
C ASN I 613 30.78 0.91 27.60
N CYS I 614 31.08 1.20 28.87
CA CYS I 614 31.11 2.59 29.29
C CYS I 614 32.30 3.36 28.74
N THR I 615 33.30 2.67 28.20
CA THR I 615 34.46 3.32 27.62
C THR I 615 34.30 3.60 26.12
N GLU I 616 33.20 3.18 25.52
CA GLU I 616 33.01 3.40 24.09
C GLU I 616 32.66 4.86 23.77
N VAL I 617 31.79 5.47 24.57
CA VAL I 617 31.30 6.82 24.30
C VAL I 617 32.35 7.90 24.55
N PRO I 618 33.25 7.79 25.54
CA PRO I 618 34.27 8.85 25.66
C PRO I 618 35.15 8.99 24.43
N VAL I 619 35.40 7.89 23.72
CA VAL I 619 36.15 7.95 22.47
C VAL I 619 35.39 8.75 21.42
N ALA I 620 34.06 8.66 21.42
CA ALA I 620 33.23 9.34 20.44
C ALA I 620 33.11 10.83 20.67
N ILE I 621 33.71 11.37 21.74
CA ILE I 621 33.61 12.79 22.04
C ILE I 621 34.43 13.59 21.04
N HIS I 622 33.74 14.25 20.10
CA HIS I 622 34.36 15.13 19.13
C HIS I 622 33.27 15.87 18.37
N ALA I 623 33.55 17.13 18.03
CA ALA I 623 32.57 17.93 17.31
C ALA I 623 32.27 17.30 15.95
N ASP I 624 30.98 17.35 15.56
CA ASP I 624 30.51 16.78 14.30
C ASP I 624 30.86 15.29 14.19
N GLN I 625 30.70 14.57 15.30
CA GLN I 625 30.84 13.12 15.30
C GLN I 625 29.72 12.41 16.05
N LEU I 626 28.88 13.13 16.78
CA LEU I 626 27.73 12.54 17.47
C LEU I 626 26.45 13.22 17.00
N THR I 627 25.40 12.42 16.82
CA THR I 627 24.12 12.99 16.41
C THR I 627 23.55 13.95 17.46
N PRO I 628 23.50 13.62 18.75
CA PRO I 628 23.09 14.64 19.73
C PRO I 628 24.24 15.58 20.03
N THR I 629 23.98 16.88 19.94
CA THR I 629 25.03 17.88 20.10
C THR I 629 25.31 18.23 21.55
N TRP I 630 24.52 17.74 22.50
CA TRP I 630 24.75 18.04 23.91
C TRP I 630 25.76 17.08 24.53
N ARG I 631 26.93 16.99 23.90
CA ARG I 631 27.98 16.08 24.34
C ARG I 631 28.58 16.45 25.69
N VAL I 632 28.05 17.47 26.36
CA VAL I 632 28.67 17.95 27.59
C VAL I 632 28.58 16.90 28.69
N TYR I 633 27.48 16.15 28.75
CA TYR I 633 27.34 15.13 29.80
C TYR I 633 28.22 13.91 29.56
N SER I 634 28.78 13.74 28.37
CA SER I 634 29.69 12.61 28.15
C SER I 634 30.90 12.73 29.05
N THR I 635 31.45 13.93 29.18
CA THR I 635 32.43 14.23 30.23
C THR I 635 31.71 14.93 31.39
N GLY I 636 30.87 14.16 32.07
CA GLY I 636 30.03 14.71 33.10
C GLY I 636 30.29 14.16 34.49
N SER I 637 29.24 13.75 35.18
CA SER I 637 29.35 13.27 36.55
C SER I 637 29.93 11.86 36.58
N ASN I 638 29.95 11.25 37.75
CA ASN I 638 30.54 9.93 37.89
C ASN I 638 29.75 8.91 37.08
N VAL I 639 30.47 8.07 36.37
CA VAL I 639 29.86 7.07 35.49
C VAL I 639 29.69 5.78 36.27
N PHE I 640 28.48 5.22 36.22
CA PHE I 640 28.16 3.96 36.89
C PHE I 640 27.72 2.97 35.83
N GLN I 641 28.39 1.82 35.78
CA GLN I 641 28.16 0.82 34.74
C GLN I 641 27.18 -0.24 35.23
N THR I 642 26.17 -0.52 34.42
CA THR I 642 25.14 -1.51 34.72
C THR I 642 24.98 -2.44 33.52
N ARG I 643 24.13 -3.45 33.69
CA ARG I 643 23.90 -4.42 32.62
C ARG I 643 23.14 -3.83 31.45
N ALA I 644 22.53 -2.66 31.62
CA ALA I 644 21.79 -1.99 30.56
C ALA I 644 22.56 -0.82 29.96
N GLY I 645 23.86 -0.73 30.23
CA GLY I 645 24.65 0.42 29.84
C GLY I 645 24.87 1.37 31.00
N CYS I 646 25.87 2.23 30.86
CA CYS I 646 26.26 3.09 31.96
C CYS I 646 25.58 4.45 31.83
N LEU I 647 24.97 4.89 32.92
CA LEU I 647 24.29 6.18 32.97
C LEU I 647 25.19 7.21 33.61
N ILE I 648 25.13 8.44 33.10
CA ILE I 648 26.01 9.52 33.53
C ILE I 648 25.16 10.62 34.14
N GLY I 649 25.48 11.00 35.37
CA GLY I 649 24.74 12.02 36.07
C GLY I 649 24.12 11.58 37.38
N ALA I 650 24.32 10.33 37.80
CA ALA I 650 23.78 9.82 39.05
C ALA I 650 24.88 9.13 39.83
N GLU I 651 24.81 9.25 41.15
CA GLU I 651 25.79 8.63 42.05
C GLU I 651 25.21 7.36 42.65
N TYR I 652 26.05 6.34 42.79
CA TYR I 652 25.62 5.02 43.22
C TYR I 652 25.82 4.88 44.72
N VAL I 653 24.75 5.06 45.49
CA VAL I 653 24.76 4.76 46.91
C VAL I 653 24.66 3.25 47.06
N ASN I 654 24.90 2.73 48.26
CA ASN I 654 24.86 1.29 48.47
C ASN I 654 23.94 0.87 49.60
N ASN I 655 23.02 1.73 50.03
CA ASN I 655 21.93 1.30 50.88
C ASN I 655 20.76 0.89 49.99
N SER I 656 19.59 0.68 50.57
CA SER I 656 18.45 0.18 49.81
C SER I 656 17.21 1.02 50.09
N TYR I 657 16.44 1.29 49.04
CA TYR I 657 15.15 1.98 49.16
C TYR I 657 14.11 1.22 48.36
N GLU I 658 12.93 1.80 48.20
CA GLU I 658 11.94 1.26 47.29
C GLU I 658 12.17 1.80 45.88
N CYS I 659 11.80 1.00 44.88
CA CYS I 659 12.03 1.40 43.50
C CYS I 659 11.13 2.58 43.14
N ASP I 660 11.74 3.61 42.55
CA ASP I 660 11.04 4.83 42.18
C ASP I 660 10.99 5.02 40.67
N ILE I 661 12.14 5.05 40.01
CA ILE I 661 12.24 5.07 38.56
C ILE I 661 13.00 3.83 38.13
N PRO I 662 12.35 2.85 37.51
CA PRO I 662 13.03 1.58 37.21
C PRO I 662 14.02 1.73 36.07
N ILE I 663 15.29 1.43 36.36
CA ILE I 663 16.35 1.54 35.36
C ILE I 663 16.50 0.25 34.58
N GLY I 664 16.68 -0.88 35.27
CA GLY I 664 16.84 -2.15 34.60
C GLY I 664 17.86 -3.05 35.27
N ALA I 665 17.56 -4.35 35.30
CA ALA I 665 18.45 -5.35 35.91
C ALA I 665 18.71 -5.05 37.39
N GLY I 666 17.66 -4.65 38.10
CA GLY I 666 17.76 -4.49 39.54
C GLY I 666 18.29 -3.16 40.02
N ILE I 667 18.18 -2.11 39.21
CA ILE I 667 18.64 -0.77 39.58
C ILE I 667 17.48 0.20 39.43
N CYS I 668 17.30 1.07 40.41
CA CYS I 668 16.28 2.10 40.35
C CYS I 668 16.88 3.44 40.74
N ALA I 669 16.46 4.49 40.05
CA ALA I 669 16.93 5.85 40.31
C ALA I 669 15.88 6.64 41.07
N SER I 670 16.35 7.65 41.79
CA SER I 670 15.45 8.46 42.61
C SER I 670 16.08 9.83 42.86
N TYR I 671 15.25 10.75 43.32
CA TYR I 671 15.64 12.13 43.61
C TYR I 671 15.66 12.31 45.12
N GLN I 672 16.85 12.32 45.71
CA GLN I 672 17.00 12.37 47.15
C GLN I 672 17.78 13.62 47.56
N THR I 673 18.05 13.73 48.86
CA THR I 673 18.76 14.86 49.42
C THR I 673 20.26 14.67 49.36
N SER I 686 21.18 21.03 47.94
CA SER I 686 21.38 19.79 48.67
C SER I 686 20.56 18.66 48.08
N GLN I 687 20.36 18.69 46.77
CA GLN I 687 19.57 17.68 46.07
C GLN I 687 20.35 17.19 44.85
N SER I 688 20.19 15.90 44.55
CA SER I 688 20.85 15.29 43.40
C SER I 688 20.09 14.02 43.04
N ILE I 689 20.51 13.39 41.94
CA ILE I 689 19.91 12.16 41.46
C ILE I 689 20.84 11.00 41.83
N ILE I 690 20.28 9.99 42.48
CA ILE I 690 21.07 8.85 42.95
C ILE I 690 20.53 7.57 42.31
N ALA I 691 21.39 6.57 42.22
CA ALA I 691 21.04 5.27 41.70
C ALA I 691 21.40 4.22 42.72
N TYR I 692 20.49 3.29 42.99
CA TYR I 692 20.68 2.31 44.05
C TYR I 692 20.17 0.97 43.56
N THR I 693 19.98 0.03 44.47
CA THR I 693 19.48 -1.30 44.18
C THR I 693 18.13 -1.50 44.84
N MET I 694 17.28 -2.31 44.22
CA MET I 694 15.96 -2.55 44.77
C MET I 694 16.04 -3.23 46.14
N SER I 695 15.02 -3.00 46.95
CA SER I 695 14.84 -3.69 48.22
C SER I 695 13.52 -4.44 48.18
N LEU I 696 13.58 -5.74 48.46
CA LEU I 696 12.39 -6.58 48.42
C LEU I 696 11.53 -6.45 49.67
N GLY I 697 12.02 -5.78 50.70
CA GLY I 697 11.31 -5.67 51.96
C GLY I 697 12.18 -6.09 53.14
N ALA I 698 11.69 -5.75 54.33
CA ALA I 698 12.42 -6.04 55.55
C ALA I 698 12.31 -7.52 55.89
N GLU I 699 13.44 -8.20 55.98
CA GLU I 699 13.43 -9.63 56.25
C GLU I 699 12.96 -9.90 57.68
N ASN I 700 12.24 -11.01 57.85
CA ASN I 700 11.57 -11.33 59.11
C ASN I 700 11.71 -12.83 59.36
N SER I 701 12.73 -13.21 60.11
CA SER I 701 12.89 -14.61 60.48
C SER I 701 11.77 -15.05 61.41
N VAL I 702 11.31 -16.29 61.24
CA VAL I 702 10.24 -16.85 62.04
C VAL I 702 10.83 -17.93 62.93
N ALA I 703 10.56 -17.83 64.24
CA ALA I 703 11.12 -18.75 65.22
C ALA I 703 10.30 -20.04 65.22
N TYR I 704 10.57 -20.88 64.23
CA TYR I 704 9.87 -22.14 64.11
C TYR I 704 10.41 -23.15 65.11
N SER I 705 9.50 -23.78 65.86
CA SER I 705 9.84 -24.87 66.75
C SER I 705 8.71 -25.88 66.68
N ASN I 706 9.01 -27.12 67.05
CA ASN I 706 8.08 -28.22 66.84
C ASN I 706 7.09 -28.42 67.97
N ASN I 707 7.10 -27.57 68.99
CA ASN I 707 6.08 -27.67 70.03
C ASN I 707 5.61 -26.30 70.49
N SER I 708 5.57 -25.32 69.59
CA SER I 708 5.16 -23.97 69.96
C SER I 708 4.27 -23.39 68.88
N ILE I 709 3.17 -22.77 69.30
CA ILE I 709 2.20 -22.16 68.40
C ILE I 709 1.91 -20.74 68.90
N ALA I 710 1.37 -19.92 68.01
CA ALA I 710 1.01 -18.55 68.32
C ALA I 710 -0.45 -18.31 67.98
N ILE I 711 -1.19 -17.73 68.91
CA ILE I 711 -2.63 -17.50 68.77
C ILE I 711 -2.86 -16.00 68.92
N PRO I 712 -3.58 -15.35 67.99
CA PRO I 712 -3.87 -13.92 68.17
C PRO I 712 -4.96 -13.72 69.23
N THR I 713 -4.79 -12.65 70.01
CA THR I 713 -5.71 -12.33 71.10
C THR I 713 -6.58 -11.11 70.81
N ASN I 714 -6.55 -10.60 69.58
CA ASN I 714 -7.34 -9.43 69.22
C ASN I 714 -7.44 -9.38 67.71
N PHE I 715 -8.38 -8.57 67.22
CA PHE I 715 -8.55 -8.45 65.77
C PHE I 715 -8.60 -6.99 65.34
N THR I 716 -8.92 -6.76 64.08
CA THR I 716 -9.18 -5.43 63.57
C THR I 716 -9.99 -5.57 62.29
N ILE I 717 -10.68 -4.48 61.92
CA ILE I 717 -11.52 -4.44 60.74
C ILE I 717 -11.03 -3.31 59.85
N SER I 718 -10.77 -3.63 58.58
CA SER I 718 -10.22 -2.67 57.64
C SER I 718 -11.02 -2.68 56.35
N VAL I 719 -11.07 -1.54 55.69
CA VAL I 719 -11.81 -1.37 54.44
C VAL I 719 -10.82 -1.03 53.34
N THR I 720 -10.88 -1.78 52.25
CA THR I 720 -9.95 -1.65 51.15
C THR I 720 -10.71 -1.32 49.86
N THR I 721 -10.20 -0.36 49.11
CA THR I 721 -10.84 0.04 47.87
C THR I 721 -10.26 -0.74 46.70
N GLU I 722 -10.97 -0.68 45.56
CA GLU I 722 -10.56 -1.40 44.36
C GLU I 722 -11.31 -0.83 43.17
N ILE I 723 -10.58 -0.55 42.08
CA ILE I 723 -11.12 0.13 40.92
C ILE I 723 -10.99 -0.77 39.70
N LEU I 724 -12.05 -0.85 38.90
CA LEU I 724 -12.04 -1.67 37.68
C LEU I 724 -12.74 -0.94 36.54
N PRO I 725 -12.12 -0.83 35.37
CA PRO I 725 -12.85 -0.34 34.19
C PRO I 725 -13.93 -1.32 33.76
N VAL I 726 -14.99 -0.79 33.16
CA VAL I 726 -16.09 -1.63 32.71
C VAL I 726 -16.41 -1.39 31.25
N SER I 727 -16.14 -0.20 30.75
CA SER I 727 -16.47 0.12 29.35
C SER I 727 -15.65 1.33 28.92
N MET I 728 -15.61 1.54 27.60
CA MET I 728 -14.91 2.67 27.02
C MET I 728 -15.84 3.41 26.08
N THR I 729 -15.41 4.59 25.63
CA THR I 729 -16.27 5.47 24.87
C THR I 729 -16.62 4.87 23.51
N LYS I 730 -17.89 4.97 23.15
CA LYS I 730 -18.32 4.60 21.82
C LYS I 730 -17.87 5.65 20.82
N THR I 731 -17.75 5.25 19.56
CA THR I 731 -17.26 6.15 18.53
C THR I 731 -17.75 5.67 17.17
N SER I 732 -17.63 6.54 16.18
CA SER I 732 -18.01 6.21 14.82
C SER I 732 -17.26 7.13 13.87
N VAL I 733 -16.99 6.62 12.68
CA VAL I 733 -16.18 7.33 11.68
C VAL I 733 -16.93 7.36 10.36
N ASP I 734 -16.86 8.49 9.67
CA ASP I 734 -17.45 8.62 8.35
C ASP I 734 -16.53 8.04 7.28
N CYS I 735 -17.13 7.40 6.27
CA CYS I 735 -16.34 6.78 5.21
C CYS I 735 -15.52 7.81 4.46
N THR I 736 -16.19 8.74 3.79
CA THR I 736 -15.56 9.60 2.79
C THR I 736 -15.21 10.99 3.31
N MET I 737 -15.86 11.45 4.39
CA MET I 737 -15.55 12.78 4.90
C MET I 737 -14.12 12.85 5.39
N TYR I 738 -13.63 11.79 6.05
CA TYR I 738 -12.25 11.80 6.52
C TYR I 738 -11.27 11.78 5.37
N ILE I 739 -11.50 10.94 4.36
CA ILE I 739 -10.53 10.71 3.31
C ILE I 739 -10.62 11.77 2.23
N CYS I 740 -11.80 11.92 1.62
CA CYS I 740 -11.96 12.80 0.46
C CYS I 740 -12.85 13.98 0.80
N GLY I 741 -12.58 14.63 1.93
CA GLY I 741 -13.45 15.69 2.42
C GLY I 741 -13.71 16.80 1.45
N ASP I 742 -15.00 17.16 1.30
CA ASP I 742 -15.50 18.23 0.46
C ASP I 742 -14.87 18.28 -0.92
N SER I 743 -14.63 17.11 -1.53
CA SER I 743 -14.12 17.03 -2.90
C SER I 743 -15.03 16.11 -3.69
N THR I 744 -15.64 16.65 -4.76
CA THR I 744 -16.56 15.87 -5.57
C THR I 744 -15.85 14.86 -6.46
N GLU I 745 -14.60 15.12 -6.82
CA GLU I 745 -13.85 14.26 -7.73
C GLU I 745 -13.00 13.24 -7.01
N CYS I 746 -13.06 13.18 -5.68
CA CYS I 746 -12.45 12.10 -4.92
C CYS I 746 -13.46 11.10 -4.41
N SER I 747 -14.69 11.53 -4.12
CA SER I 747 -15.70 10.62 -3.59
C SER I 747 -16.07 9.57 -4.63
N ASN I 748 -16.25 9.97 -5.89
CA ASN I 748 -16.62 9.00 -6.92
C ASN I 748 -15.50 8.03 -7.20
N LEU I 749 -14.25 8.49 -7.15
CA LEU I 749 -13.11 7.60 -7.37
C LEU I 749 -12.94 6.62 -6.21
N LEU I 750 -13.44 6.96 -5.02
CA LEU I 750 -13.30 6.08 -3.87
C LEU I 750 -14.17 4.84 -3.98
N LEU I 751 -15.21 4.87 -4.83
CA LEU I 751 -16.10 3.72 -4.96
C LEU I 751 -15.41 2.53 -5.61
N GLN I 752 -14.30 2.74 -6.32
CA GLN I 752 -13.61 1.64 -6.98
C GLN I 752 -12.91 0.70 -6.00
N TYR I 753 -12.83 1.06 -4.72
CA TYR I 753 -12.16 0.23 -3.73
C TYR I 753 -13.10 -0.80 -3.10
N GLY I 754 -14.36 -0.84 -3.50
CA GLY I 754 -15.25 -1.89 -3.07
C GLY I 754 -15.91 -1.67 -1.72
N SER I 755 -15.90 -2.71 -0.89
CA SER I 755 -16.55 -2.69 0.41
C SER I 755 -15.57 -2.38 1.53
N PHE I 756 -14.59 -1.51 1.25
CA PHE I 756 -13.53 -1.24 2.21
C PHE I 756 -14.06 -0.64 3.49
N CYS I 757 -14.99 0.32 3.40
CA CYS I 757 -15.38 1.06 4.59
C CYS I 757 -16.69 0.61 5.20
N THR I 758 -17.52 -0.14 4.47
CA THR I 758 -18.63 -0.80 5.14
C THR I 758 -18.15 -1.94 6.02
N GLN I 759 -16.93 -2.44 5.79
CA GLN I 759 -16.31 -3.35 6.73
C GLN I 759 -15.92 -2.63 8.02
N LEU I 760 -15.52 -1.37 7.90
CA LEU I 760 -15.16 -0.60 9.10
C LEU I 760 -16.39 -0.22 9.90
N LYS I 761 -17.50 0.07 9.23
CA LYS I 761 -18.72 0.39 9.96
C LYS I 761 -19.26 -0.82 10.72
N ARG I 762 -19.10 -2.02 10.15
CA ARG I 762 -19.52 -3.21 10.87
C ARG I 762 -18.57 -3.55 12.00
N ALA I 763 -17.30 -3.17 11.89
CA ALA I 763 -16.36 -3.43 12.98
C ALA I 763 -16.60 -2.50 14.15
N LEU I 764 -16.87 -1.21 13.87
CA LEU I 764 -17.09 -0.26 14.94
C LEU I 764 -18.48 -0.39 15.56
N THR I 765 -19.47 -0.81 14.78
CA THR I 765 -20.80 -1.05 15.36
C THR I 765 -20.80 -2.30 16.22
N GLY I 766 -19.94 -3.27 15.90
CA GLY I 766 -19.80 -4.41 16.78
C GLY I 766 -19.22 -4.05 18.13
N ILE I 767 -18.25 -3.13 18.14
CA ILE I 767 -17.68 -2.66 19.40
C ILE I 767 -18.71 -1.86 20.18
N ALA I 768 -19.42 -0.96 19.50
CA ALA I 768 -20.33 -0.06 20.20
C ALA I 768 -21.48 -0.81 20.85
N VAL I 769 -22.08 -1.78 20.14
CA VAL I 769 -23.18 -2.54 20.73
C VAL I 769 -22.68 -3.43 21.86
N GLU I 770 -21.40 -3.80 21.84
CA GLU I 770 -20.86 -4.63 22.91
C GLU I 770 -20.69 -3.83 24.19
N GLN I 771 -20.35 -2.55 24.09
CA GLN I 771 -20.14 -1.73 25.27
C GLN I 771 -21.41 -1.53 26.08
N ASP I 772 -22.58 -1.75 25.49
CA ASP I 772 -23.82 -1.70 26.24
C ASP I 772 -24.10 -3.01 26.96
N LYS I 773 -23.40 -4.08 26.63
CA LYS I 773 -23.53 -5.35 27.34
C LYS I 773 -22.62 -5.44 28.55
N ASN I 774 -21.47 -4.76 28.52
CA ASN I 774 -20.59 -4.76 29.67
C ASN I 774 -21.24 -4.08 30.86
N THR I 775 -21.96 -2.99 30.63
CA THR I 775 -22.67 -2.32 31.71
C THR I 775 -23.95 -3.06 32.09
N GLN I 776 -24.59 -3.73 31.14
CA GLN I 776 -25.80 -4.48 31.42
C GLN I 776 -25.54 -5.79 32.15
N GLU I 777 -24.30 -6.24 32.21
CA GLU I 777 -23.96 -7.48 32.90
C GLU I 777 -23.46 -7.26 34.31
N VAL I 778 -22.98 -6.07 34.63
CA VAL I 778 -22.42 -5.80 35.95
C VAL I 778 -23.53 -5.34 36.88
N PHE I 779 -24.17 -4.23 36.55
CA PHE I 779 -25.11 -3.59 37.46
C PHE I 779 -26.52 -4.18 37.42
N ALA I 780 -26.85 -4.98 36.42
CA ALA I 780 -28.24 -5.37 36.17
C ALA I 780 -28.53 -6.79 36.64
N GLN I 781 -27.98 -7.18 37.78
CA GLN I 781 -28.16 -8.54 38.30
C GLN I 781 -29.38 -8.66 39.22
N VAL I 782 -30.18 -7.61 39.35
CA VAL I 782 -31.39 -7.65 40.16
C VAL I 782 -32.56 -7.15 39.33
N LYS I 783 -33.70 -7.83 39.44
CA LYS I 783 -34.91 -7.45 38.72
C LYS I 783 -35.92 -6.74 39.62
N GLN I 784 -35.54 -6.41 40.84
CA GLN I 784 -36.38 -5.64 41.75
C GLN I 784 -35.59 -4.43 42.21
N ILE I 785 -36.26 -3.29 42.29
CA ILE I 785 -35.63 -2.05 42.75
C ILE I 785 -36.03 -1.87 44.20
N TYR I 786 -35.22 -2.40 45.11
CA TYR I 786 -35.48 -2.27 46.53
C TYR I 786 -35.17 -0.86 47.01
N LYS I 787 -35.61 -0.54 48.22
CA LYS I 787 -35.34 0.75 48.81
C LYS I 787 -35.26 0.61 50.32
N THR I 788 -34.38 1.40 50.93
CA THR I 788 -34.15 1.29 52.36
C THR I 788 -35.28 1.95 53.13
N PRO I 789 -35.58 1.47 54.33
CA PRO I 789 -36.66 2.05 55.14
C PRO I 789 -36.29 3.45 55.61
N PRO I 790 -37.27 4.26 56.02
CA PRO I 790 -36.96 5.63 56.44
C PRO I 790 -36.02 5.72 57.64
N ILE I 791 -36.10 4.79 58.58
CA ILE I 791 -35.22 4.81 59.74
C ILE I 791 -33.91 4.12 59.40
N LYS I 792 -32.80 4.79 59.70
CA LYS I 792 -31.48 4.35 59.29
C LYS I 792 -30.60 4.00 60.49
N TYR I 793 -31.17 3.30 61.48
CA TYR I 793 -30.41 2.85 62.63
C TYR I 793 -30.10 1.36 62.46
N PHE I 794 -28.94 1.07 61.90
CA PHE I 794 -28.51 -0.30 61.64
C PHE I 794 -27.60 -0.80 62.76
N GLY I 795 -28.12 -0.79 63.98
CA GLY I 795 -27.41 -1.36 65.11
C GLY I 795 -26.13 -0.65 65.48
N GLY I 796 -25.97 0.60 65.07
CA GLY I 796 -24.78 1.38 65.36
C GLY I 796 -23.88 1.60 64.16
N PHE I 797 -23.95 0.74 63.16
CA PHE I 797 -23.19 0.96 61.94
C PHE I 797 -23.75 2.17 61.20
N ASN I 798 -22.86 2.99 60.66
CA ASN I 798 -23.24 4.25 60.03
C ASN I 798 -22.99 4.15 58.53
N PHE I 799 -24.07 4.10 57.76
CA PHE I 799 -24.01 3.98 56.31
C PHE I 799 -24.31 5.29 55.59
N SER I 800 -24.21 6.42 56.29
CA SER I 800 -24.56 7.69 55.68
C SER I 800 -23.62 8.07 54.55
N GLN I 801 -22.44 7.47 54.48
CA GLN I 801 -21.45 7.81 53.47
C GLN I 801 -21.62 7.04 52.17
N ILE I 802 -22.49 6.03 52.13
CA ILE I 802 -22.68 5.24 50.92
C ILE I 802 -24.13 5.21 50.44
N LEU I 803 -25.11 5.41 51.32
CA LEU I 803 -26.49 5.44 50.90
C LEU I 803 -26.77 6.74 50.13
N PRO I 804 -27.79 6.76 49.28
CA PRO I 804 -28.07 7.97 48.49
C PRO I 804 -28.39 9.16 49.36
N ASP I 805 -27.99 10.34 48.87
CA ASP I 805 -28.19 11.61 49.56
C ASP I 805 -29.23 12.44 48.83
N PRO I 806 -30.37 12.75 49.44
CA PRO I 806 -31.45 13.45 48.72
C PRO I 806 -31.22 14.95 48.57
N SER I 807 -30.30 15.55 49.32
CA SER I 807 -30.06 16.98 49.19
C SER I 807 -29.56 17.34 47.80
N LYS I 808 -28.64 16.57 47.27
CA LYS I 808 -28.13 16.81 45.92
C LYS I 808 -29.24 16.55 44.89
N PRO I 809 -29.25 17.28 43.78
CA PRO I 809 -30.22 16.99 42.72
C PRO I 809 -30.14 15.55 42.21
N SER I 810 -28.94 14.99 42.11
CA SER I 810 -28.80 13.57 41.80
C SER I 810 -28.77 12.75 43.07
N LYS I 811 -29.23 11.51 42.97
CA LYS I 811 -29.30 10.62 44.13
C LYS I 811 -27.98 9.88 44.34
N ARG I 812 -26.89 10.63 44.42
CA ARG I 812 -25.55 10.07 44.53
C ARG I 812 -25.01 10.30 45.94
N SER I 813 -24.36 9.28 46.47
CA SER I 813 -23.86 9.32 47.84
C SER I 813 -22.73 10.33 47.96
N PHE I 814 -22.24 10.50 49.19
CA PHE I 814 -21.12 11.42 49.41
C PHE I 814 -19.85 10.92 48.73
N ILE I 815 -19.57 9.63 48.82
CA ILE I 815 -18.34 9.10 48.22
C ILE I 815 -18.41 9.17 46.70
N GLU I 816 -19.58 8.92 46.12
CA GLU I 816 -19.71 8.95 44.67
C GLU I 816 -19.46 10.35 44.12
N ASP I 817 -19.71 11.39 44.92
CA ASP I 817 -19.42 12.74 44.45
C ASP I 817 -17.94 12.97 44.27
N LEU I 818 -17.11 12.52 45.22
CA LEU I 818 -15.67 12.66 45.06
C LEU I 818 -15.18 11.89 43.84
N LEU I 819 -15.73 10.70 43.61
CA LEU I 819 -15.33 9.89 42.47
C LEU I 819 -15.66 10.57 41.15
N PHE I 820 -16.77 11.31 41.10
CA PHE I 820 -17.18 11.95 39.85
C PHE I 820 -16.48 13.28 39.60
N ASN I 821 -15.78 13.82 40.60
CA ASN I 821 -15.05 15.08 40.43
C ASN I 821 -13.55 14.86 40.32
N LYS I 822 -13.09 13.62 40.22
CA LYS I 822 -11.67 13.31 40.08
C LYS I 822 -11.32 12.72 38.73
N VAL I 823 -12.30 12.36 37.91
CA VAL I 823 -12.06 11.86 36.56
C VAL I 823 -12.73 12.81 35.59
N THR I 824 -11.94 13.37 34.68
CA THR I 824 -12.41 14.38 33.73
C THR I 824 -12.58 13.75 32.36
N LEU I 825 -13.78 13.90 31.79
CA LEU I 825 -14.08 13.34 30.48
C LEU I 825 -13.75 14.31 29.37
N LEU I 846 -13.28 23.11 22.71
CA LEU I 846 -12.98 23.46 21.33
C LEU I 846 -12.20 22.35 20.67
N ILE I 847 -11.52 21.54 21.49
CA ILE I 847 -10.76 20.41 20.94
C ILE I 847 -11.68 19.39 20.30
N CYS I 848 -12.91 19.25 20.81
CA CYS I 848 -13.87 18.33 20.21
C CYS I 848 -14.61 18.94 19.02
N ALA I 849 -14.41 20.22 18.75
CA ALA I 849 -15.07 20.88 17.63
C ALA I 849 -14.25 20.86 16.35
N GLN I 850 -13.01 20.38 16.40
CA GLN I 850 -12.25 20.16 15.18
C GLN I 850 -12.52 18.79 14.58
N LYS I 851 -13.58 18.13 15.02
CA LYS I 851 -13.97 16.82 14.49
C LYS I 851 -14.94 16.96 13.33
N PHE I 852 -14.83 18.04 12.56
CA PHE I 852 -15.49 18.18 11.28
C PHE I 852 -15.01 17.18 10.24
N LYS I 853 -14.05 16.32 10.58
CA LYS I 853 -13.60 15.27 9.70
C LYS I 853 -14.48 14.04 9.73
N GLY I 854 -15.47 14.00 10.62
CA GLY I 854 -16.37 12.88 10.70
C GLY I 854 -16.18 11.96 11.89
N LEU I 855 -15.45 12.38 12.91
CA LEU I 855 -15.20 11.56 14.10
C LEU I 855 -16.20 11.98 15.16
N THR I 856 -17.21 11.15 15.38
CA THR I 856 -18.27 11.45 16.35
C THR I 856 -18.23 10.45 17.50
N VAL I 857 -18.95 10.79 18.57
CA VAL I 857 -19.02 9.97 19.77
C VAL I 857 -20.48 9.77 20.11
N LEU I 858 -20.94 8.51 20.08
CA LEU I 858 -22.33 8.20 20.40
C LEU I 858 -22.53 8.14 21.92
N PRO I 859 -23.72 8.49 22.40
CA PRO I 859 -23.96 8.49 23.84
C PRO I 859 -24.27 7.10 24.35
N PRO I 860 -23.90 6.78 25.59
CA PRO I 860 -24.20 5.47 26.13
C PRO I 860 -25.69 5.26 26.33
N LEU I 861 -26.10 4.00 26.30
CA LEU I 861 -27.51 3.67 26.43
C LEU I 861 -28.05 4.00 27.81
N LEU I 862 -27.29 3.71 28.86
CA LEU I 862 -27.73 3.93 30.23
C LEU I 862 -27.21 5.27 30.72
N THR I 863 -28.11 6.16 31.09
CA THR I 863 -27.71 7.42 31.68
C THR I 863 -27.19 7.18 33.10
N ASP I 864 -26.39 8.13 33.59
CA ASP I 864 -25.73 7.94 34.87
C ASP I 864 -26.68 8.09 36.06
N GLU I 865 -27.76 8.86 35.90
CA GLU I 865 -28.76 8.91 36.96
C GLU I 865 -29.61 7.65 37.01
N MET I 866 -29.50 6.78 36.02
CA MET I 866 -30.16 5.48 36.02
C MET I 866 -29.25 4.35 36.48
N ILE I 867 -27.94 4.49 36.24
CA ILE I 867 -26.98 3.53 36.79
C ILE I 867 -26.93 3.65 38.31
N ALA I 868 -27.06 4.86 38.84
CA ALA I 868 -27.04 5.08 40.28
C ALA I 868 -28.26 4.51 40.97
N GLN I 869 -29.27 4.06 40.23
CA GLN I 869 -30.42 3.39 40.84
C GLN I 869 -30.21 1.90 41.00
N TYR I 870 -29.49 1.26 40.08
CA TYR I 870 -29.01 -0.09 40.31
C TYR I 870 -28.13 -0.17 41.55
N THR I 871 -27.14 0.72 41.64
CA THR I 871 -26.25 0.70 42.79
C THR I 871 -27.02 0.96 44.08
N SER I 872 -28.08 1.76 44.03
CA SER I 872 -28.90 1.97 45.21
C SER I 872 -29.63 0.69 45.63
N ALA I 873 -30.14 -0.07 44.66
CA ALA I 873 -30.87 -1.29 45.00
C ALA I 873 -29.93 -2.37 45.55
N LEU I 874 -28.72 -2.46 45.01
CA LEU I 874 -27.75 -3.40 45.56
C LEU I 874 -27.43 -3.08 47.01
N LEU I 875 -27.29 -1.81 47.34
CA LEU I 875 -26.94 -1.40 48.70
C LEU I 875 -28.13 -1.36 49.63
N ALA I 876 -29.35 -1.51 49.14
CA ALA I 876 -30.53 -1.52 49.99
C ALA I 876 -31.12 -2.90 50.19
N GLY I 877 -30.64 -3.90 49.45
CA GLY I 877 -31.09 -5.27 49.64
C GLY I 877 -29.99 -6.11 50.25
N THR I 878 -28.80 -5.53 50.39
CA THR I 878 -27.68 -6.19 51.03
C THR I 878 -27.50 -5.80 52.47
N ILE I 879 -28.29 -4.85 52.98
CA ILE I 879 -28.22 -4.46 54.38
C ILE I 879 -29.48 -4.79 55.15
N THR I 880 -30.56 -5.17 54.48
CA THR I 880 -31.75 -5.68 55.15
C THR I 880 -31.95 -7.17 54.93
N SER I 881 -31.92 -7.62 53.68
CA SER I 881 -32.15 -9.02 53.34
C SER I 881 -30.88 -9.85 53.39
N GLY I 882 -29.75 -9.26 53.73
CA GLY I 882 -28.50 -10.01 53.74
C GLY I 882 -28.09 -10.42 52.34
N TRP I 883 -27.64 -11.66 52.22
CA TRP I 883 -27.24 -12.23 50.94
C TRP I 883 -28.28 -13.18 50.38
N THR I 884 -29.49 -13.19 50.94
CA THR I 884 -30.53 -14.10 50.49
C THR I 884 -31.28 -13.60 49.28
N PHE I 885 -31.05 -12.37 48.83
CA PHE I 885 -31.83 -11.81 47.74
C PHE I 885 -31.27 -12.15 46.37
N GLY I 886 -30.11 -12.77 46.30
CA GLY I 886 -29.56 -13.20 45.03
C GLY I 886 -29.89 -14.62 44.64
N ALA I 887 -30.50 -15.38 45.55
CA ALA I 887 -30.81 -16.79 45.32
C ALA I 887 -32.28 -17.09 45.42
N GLY I 888 -33.13 -16.06 45.39
CA GLY I 888 -34.57 -16.28 45.47
C GLY I 888 -35.34 -15.10 46.01
N ALA I 889 -36.26 -15.36 46.95
CA ALA I 889 -37.05 -14.31 47.55
C ALA I 889 -36.27 -13.61 48.65
N ALA I 890 -36.27 -12.28 48.63
CA ALA I 890 -35.53 -11.52 49.62
C ALA I 890 -36.19 -11.66 50.99
N LEU I 891 -35.39 -12.02 51.99
CA LEU I 891 -35.87 -12.31 53.34
C LEU I 891 -35.16 -11.40 54.32
N GLN I 892 -35.91 -10.53 55.00
CA GLN I 892 -35.28 -9.56 55.87
C GLN I 892 -34.72 -10.22 57.12
N ILE I 893 -33.73 -9.55 57.71
CA ILE I 893 -33.03 -10.05 58.90
C ILE I 893 -32.31 -8.87 59.54
N PRO I 894 -32.32 -8.76 60.87
CA PRO I 894 -31.63 -7.63 61.51
C PRO I 894 -30.15 -7.62 61.21
N PHE I 895 -29.61 -6.43 60.99
CA PHE I 895 -28.20 -6.32 60.59
C PHE I 895 -27.28 -6.78 61.71
N ALA I 896 -27.59 -6.44 62.96
CA ALA I 896 -26.70 -6.80 64.06
C ALA I 896 -26.51 -8.31 64.16
N MET I 897 -27.47 -9.10 63.69
CA MET I 897 -27.35 -10.54 63.67
C MET I 897 -27.15 -11.12 62.28
N GLN I 898 -27.14 -10.29 61.24
CA GLN I 898 -26.62 -10.76 59.96
C GLN I 898 -25.10 -10.83 59.99
N MET I 899 -24.46 -9.83 60.61
CA MET I 899 -23.02 -9.83 60.74
C MET I 899 -22.52 -11.00 61.57
N ALA I 900 -23.38 -11.57 62.42
CA ALA I 900 -22.99 -12.77 63.15
C ALA I 900 -22.90 -13.98 62.25
N TYR I 901 -23.47 -13.92 61.06
CA TYR I 901 -23.37 -15.01 60.09
C TYR I 901 -22.11 -14.91 59.24
N ARG I 902 -21.61 -13.69 59.02
CA ARG I 902 -20.33 -13.54 58.34
C ARG I 902 -19.17 -13.94 59.24
N PHE I 903 -19.26 -13.62 60.53
CA PHE I 903 -18.25 -14.10 61.48
C PHE I 903 -18.27 -15.60 61.59
N ASN I 904 -19.46 -16.20 61.56
CA ASN I 904 -19.58 -17.65 61.65
C ASN I 904 -19.01 -18.35 60.44
N GLY I 905 -18.87 -17.66 59.31
CA GLY I 905 -18.29 -18.22 58.12
C GLY I 905 -16.80 -18.05 57.97
N ILE I 906 -16.15 -17.45 58.97
CA ILE I 906 -14.70 -17.26 58.96
C ILE I 906 -13.99 -18.31 59.79
N GLY I 907 -14.52 -18.63 60.96
CA GLY I 907 -13.85 -19.55 61.86
C GLY I 907 -13.96 -19.13 63.31
N VAL I 908 -14.62 -17.99 63.56
CA VAL I 908 -14.88 -17.52 64.90
C VAL I 908 -16.36 -17.73 65.21
N THR I 909 -16.64 -18.21 66.41
CA THR I 909 -18.02 -18.41 66.81
C THR I 909 -18.75 -17.08 66.87
N GLN I 910 -20.08 -17.14 66.73
CA GLN I 910 -20.86 -15.92 66.64
C GLN I 910 -20.89 -15.14 67.94
N ASN I 911 -20.50 -15.74 69.06
CA ASN I 911 -20.58 -15.03 70.32
C ASN I 911 -19.60 -13.86 70.36
N VAL I 912 -18.47 -13.95 69.66
CA VAL I 912 -17.46 -12.92 69.75
C VAL I 912 -17.96 -11.60 69.21
N LEU I 913 -18.95 -11.60 68.32
CA LEU I 913 -19.49 -10.35 67.80
C LEU I 913 -20.26 -9.59 68.87
N TYR I 914 -21.15 -10.27 69.57
CA TYR I 914 -22.00 -9.59 70.55
C TYR I 914 -21.18 -9.07 71.72
N GLU I 915 -20.19 -9.82 72.17
CA GLU I 915 -19.40 -9.39 73.31
C GLU I 915 -18.64 -8.10 73.00
N ASN I 916 -18.34 -7.86 71.73
CA ASN I 916 -17.62 -6.66 71.31
C ASN I 916 -18.38 -5.92 70.23
N GLN I 917 -19.72 -5.90 70.34
CA GLN I 917 -20.52 -5.22 69.33
C GLN I 917 -20.24 -3.74 69.30
N LYS I 918 -20.13 -3.11 70.46
CA LYS I 918 -19.90 -1.67 70.52
C LYS I 918 -18.56 -1.29 69.91
N LEU I 919 -17.51 -2.03 70.25
CA LEU I 919 -16.18 -1.72 69.72
C LEU I 919 -16.10 -1.96 68.22
N ILE I 920 -16.73 -3.03 67.75
CA ILE I 920 -16.64 -3.37 66.32
C ILE I 920 -17.34 -2.31 65.48
N ALA I 921 -18.49 -1.83 65.93
CA ALA I 921 -19.23 -0.82 65.16
C ALA I 921 -18.41 0.45 65.00
N ASN I 922 -17.80 0.93 66.08
CA ASN I 922 -16.97 2.12 66.00
C ASN I 922 -15.75 1.88 65.13
N GLN I 923 -15.19 0.68 65.21
CA GLN I 923 -14.02 0.35 64.40
C GLN I 923 -14.36 0.40 62.92
N PHE I 924 -15.55 -0.07 62.54
CA PHE I 924 -15.98 0.02 61.15
C PHE I 924 -16.43 1.44 60.80
N ASN I 925 -16.99 2.18 61.75
CA ASN I 925 -17.42 3.55 61.45
C ASN I 925 -16.22 4.44 61.14
N SER I 926 -15.13 4.29 61.89
CA SER I 926 -13.94 5.10 61.64
C SER I 926 -13.25 4.69 60.34
N ALA I 927 -13.29 3.40 60.01
CA ALA I 927 -12.62 2.93 58.80
C ALA I 927 -13.25 3.55 57.55
N ILE I 928 -14.57 3.65 57.52
CA ILE I 928 -15.24 4.22 56.35
C ILE I 928 -14.96 5.71 56.23
N GLY I 929 -14.73 6.40 57.36
CA GLY I 929 -14.41 7.81 57.29
C GLY I 929 -13.05 8.07 56.69
N LYS I 930 -12.07 7.24 57.03
CA LYS I 930 -10.71 7.41 56.51
C LYS I 930 -10.65 7.17 55.01
N ILE I 931 -11.56 6.36 54.47
CA ILE I 931 -11.56 6.07 53.04
C ILE I 931 -11.86 7.32 52.24
N GLN I 932 -12.73 8.18 52.75
CA GLN I 932 -13.12 9.36 52.01
C GLN I 932 -11.94 10.28 51.74
N ASP I 933 -11.07 10.45 52.74
CA ASP I 933 -9.91 11.32 52.56
C ASP I 933 -8.85 10.66 51.67
N SER I 934 -8.70 9.33 51.78
CA SER I 934 -7.69 8.65 50.98
C SER I 934 -7.98 8.76 49.49
N LEU I 935 -9.26 8.65 49.11
CA LEU I 935 -9.63 8.76 47.71
C LEU I 935 -9.30 10.14 47.16
N SER I 936 -9.55 11.18 47.95
CA SER I 936 -9.31 12.56 47.54
C SER I 936 -7.92 13.05 47.91
N SER I 937 -7.06 12.17 48.43
CA SER I 937 -5.74 12.60 48.86
C SER I 937 -4.86 12.99 47.68
N THR I 938 -4.62 12.04 46.77
CA THR I 938 -3.72 12.26 45.65
C THR I 938 -4.49 12.14 44.33
N ALA I 939 -3.79 12.47 43.24
CA ALA I 939 -4.35 12.41 41.90
C ALA I 939 -4.09 11.08 41.21
N SER I 940 -3.39 10.15 41.86
CA SER I 940 -3.13 8.83 41.30
C SER I 940 -4.08 7.76 41.84
N ALA I 941 -5.05 8.14 42.67
CA ALA I 941 -5.98 7.16 43.21
C ALA I 941 -6.83 6.53 42.12
N LEU I 942 -7.36 7.35 41.22
CA LEU I 942 -8.25 6.90 40.15
C LEU I 942 -7.49 6.70 38.84
N GLY I 943 -6.25 6.24 38.92
CA GLY I 943 -5.43 6.12 37.72
C GLY I 943 -5.95 5.09 36.74
N LYS I 944 -6.53 3.99 37.24
CA LYS I 944 -6.97 2.92 36.35
C LYS I 944 -8.11 3.38 35.45
N LEU I 945 -9.04 4.18 35.96
CA LEU I 945 -10.10 4.74 35.14
C LEU I 945 -9.65 5.94 34.32
N GLN I 946 -8.45 6.46 34.57
CA GLN I 946 -7.99 7.67 33.90
C GLN I 946 -7.32 7.37 32.56
N ASP I 947 -6.38 6.43 32.54
CA ASP I 947 -5.72 6.11 31.28
C ASP I 947 -6.67 5.46 30.29
N VAL I 948 -7.82 4.96 30.75
CA VAL I 948 -8.82 4.45 29.83
C VAL I 948 -9.40 5.60 29.00
N VAL I 949 -9.68 6.74 29.63
CA VAL I 949 -10.23 7.86 28.89
C VAL I 949 -9.16 8.65 28.15
N ASN I 950 -7.91 8.60 28.60
CA ASN I 950 -6.83 9.26 27.88
C ASN I 950 -6.48 8.51 26.61
N HIS I 951 -6.37 7.18 26.69
CA HIS I 951 -6.01 6.39 25.51
C HIS I 951 -7.07 6.50 24.42
N ASN I 952 -8.31 6.80 24.80
CA ASN I 952 -9.39 6.96 23.83
C ASN I 952 -9.52 8.39 23.33
N ALA I 953 -8.71 9.32 23.84
CA ALA I 953 -8.66 10.68 23.34
C ALA I 953 -7.33 11.03 22.69
N GLN I 954 -6.25 10.36 23.10
CA GLN I 954 -5.00 10.49 22.38
C GLN I 954 -5.06 9.81 21.03
N ALA I 955 -5.80 8.70 20.93
CA ALA I 955 -5.91 7.99 19.66
C ALA I 955 -6.65 8.80 18.61
N LEU I 956 -7.62 9.61 19.02
CA LEU I 956 -8.34 10.45 18.08
C LEU I 956 -7.47 11.58 17.55
N ASN I 957 -6.65 12.17 18.42
CA ASN I 957 -5.81 13.29 17.99
C ASN I 957 -4.80 12.87 16.93
N THR I 958 -4.19 11.69 17.08
CA THR I 958 -3.27 11.21 16.07
C THR I 958 -3.98 10.94 14.75
N LEU I 959 -5.23 10.48 14.82
CA LEU I 959 -6.00 10.28 13.60
C LEU I 959 -6.25 11.59 12.87
N VAL I 960 -6.59 12.64 13.62
CA VAL I 960 -6.83 13.95 13.00
C VAL I 960 -5.55 14.56 12.50
N LYS I 961 -4.49 14.49 13.31
CA LYS I 961 -3.21 15.10 12.95
C LYS I 961 -2.53 14.38 11.79
N GLN I 962 -2.95 13.16 11.48
CA GLN I 962 -2.28 12.38 10.45
C GLN I 962 -2.58 12.88 9.05
N LEU I 963 -3.73 13.51 8.85
CA LEU I 963 -4.12 13.92 7.52
C LEU I 963 -3.45 15.20 7.05
N SER I 964 -2.44 15.69 7.78
CA SER I 964 -1.61 16.79 7.31
C SER I 964 -0.33 16.30 6.64
N SER I 965 -0.19 14.99 6.47
CA SER I 965 1.02 14.39 5.91
C SER I 965 0.86 14.19 4.41
N LYS I 966 2.01 14.13 3.72
CA LYS I 966 2.02 14.08 2.26
C LYS I 966 2.11 12.67 1.70
N PHE I 967 2.75 11.74 2.40
CA PHE I 967 2.93 10.37 1.94
C PHE I 967 3.67 10.30 0.60
N GLY I 968 4.56 11.24 0.36
CA GLY I 968 5.31 11.26 -0.89
C GLY I 968 4.60 11.91 -2.05
N ALA I 969 3.45 12.54 -1.83
CA ALA I 969 2.73 13.23 -2.90
C ALA I 969 3.26 14.66 -3.04
N ILE I 970 2.66 15.39 -3.97
CA ILE I 970 3.05 16.79 -4.16
C ILE I 970 2.63 17.65 -2.98
N SER I 971 1.39 17.47 -2.52
CA SER I 971 0.84 18.30 -1.47
C SER I 971 -0.16 17.48 -0.67
N SER I 972 -0.52 18.01 0.50
CA SER I 972 -1.42 17.33 1.41
C SER I 972 -2.88 17.70 1.21
N VAL I 973 -3.19 18.56 0.25
CA VAL I 973 -4.56 18.99 -0.01
C VAL I 973 -5.00 18.43 -1.36
N LEU I 974 -6.17 17.78 -1.37
CA LEU I 974 -6.65 17.15 -2.59
C LEU I 974 -7.09 18.17 -3.62
N ASN I 975 -7.61 19.32 -3.17
CA ASN I 975 -8.13 20.31 -4.12
C ASN I 975 -7.03 20.90 -4.98
N ASP I 976 -5.87 21.18 -4.40
CA ASP I 976 -4.80 21.83 -5.14
C ASP I 976 -4.02 20.87 -6.02
N ILE I 977 -4.10 19.57 -5.77
CA ILE I 977 -3.43 18.61 -6.64
C ILE I 977 -4.11 18.58 -8.01
N PHE I 978 -5.44 18.63 -8.04
CA PHE I 978 -6.16 18.53 -9.29
C PHE I 978 -6.08 19.79 -10.14
N SER I 979 -5.77 20.93 -9.53
CA SER I 979 -5.72 22.20 -10.24
C SER I 979 -4.32 22.60 -10.65
N ARG I 980 -3.37 21.67 -10.60
CA ARG I 980 -2.00 21.93 -11.04
C ARG I 980 -1.43 20.86 -11.95
N LEU I 981 -2.08 19.72 -12.08
CA LEU I 981 -1.57 18.61 -12.88
C LEU I 981 -2.65 18.10 -13.80
N ASP I 982 -2.24 17.63 -14.98
CA ASP I 982 -3.17 17.07 -15.93
C ASP I 982 -3.73 15.75 -15.43
N LYS I 983 -4.88 15.35 -15.99
CA LYS I 983 -5.64 14.24 -15.42
C LYS I 983 -4.92 12.91 -15.57
N VAL I 984 -4.06 12.77 -16.58
CA VAL I 984 -3.36 11.50 -16.77
C VAL I 984 -2.37 11.25 -15.64
N GLU I 985 -1.73 12.30 -15.14
CA GLU I 985 -0.70 12.16 -14.12
C GLU I 985 -1.26 12.32 -12.71
N ALA I 986 -2.25 13.20 -12.54
CA ALA I 986 -2.82 13.43 -11.21
C ALA I 986 -3.41 12.18 -10.61
N GLU I 987 -3.76 11.18 -11.41
CA GLU I 987 -4.27 9.92 -10.89
C GLU I 987 -3.19 9.09 -10.22
N VAL I 988 -1.93 9.47 -10.35
CA VAL I 988 -0.84 8.78 -9.66
C VAL I 988 -0.63 9.36 -8.27
N GLN I 989 -0.63 10.69 -8.15
CA GLN I 989 -0.39 11.32 -6.86
C GLN I 989 -1.51 11.04 -5.86
N ILE I 990 -2.76 11.17 -6.30
CA ILE I 990 -3.87 11.03 -5.36
C ILE I 990 -3.96 9.60 -4.85
N ASP I 991 -3.67 8.61 -5.71
CA ASP I 991 -3.67 7.23 -5.24
C ASP I 991 -2.59 7.00 -4.21
N ARG I 992 -1.48 7.74 -4.29
CA ARG I 992 -0.47 7.69 -3.25
C ARG I 992 -0.90 8.39 -1.97
N LEU I 993 -1.97 9.18 -2.03
CA LEU I 993 -2.54 9.84 -0.87
C LEU I 993 -3.78 9.15 -0.33
N ILE I 994 -4.60 8.58 -1.22
CA ILE I 994 -5.75 7.82 -0.76
C ILE I 994 -5.31 6.57 -0.02
N THR I 995 -4.32 5.85 -0.56
CA THR I 995 -3.90 4.60 0.07
C THR I 995 -3.18 4.84 1.38
N GLY I 996 -2.73 6.06 1.66
CA GLY I 996 -2.11 6.36 2.93
C GLY I 996 -3.15 6.71 3.98
N ARG I 997 -4.09 7.59 3.62
CA ARG I 997 -5.17 7.93 4.53
C ARG I 997 -6.05 6.73 4.83
N LEU I 998 -6.18 5.81 3.88
CA LEU I 998 -7.01 4.64 4.10
C LEU I 998 -6.31 3.63 4.99
N GLN I 999 -4.99 3.50 4.85
CA GLN I 999 -4.23 2.62 5.72
C GLN I 999 -4.11 3.17 7.12
N SER I 1000 -4.04 4.50 7.27
CA SER I 1000 -4.00 5.13 8.58
C SER I 1000 -5.32 5.03 9.33
N LEU I 1001 -6.40 4.66 8.65
CA LEU I 1001 -7.69 4.46 9.28
C LEU I 1001 -7.96 3.00 9.62
N GLN I 1002 -7.37 2.08 8.86
CA GLN I 1002 -7.46 0.67 9.20
C GLN I 1002 -6.66 0.34 10.45
N THR I 1003 -5.55 1.06 10.67
CA THR I 1003 -4.78 0.85 11.88
C THR I 1003 -5.56 1.25 13.13
N TYR I 1004 -6.34 2.34 13.03
CA TYR I 1004 -7.12 2.79 14.17
C TYR I 1004 -8.16 1.75 14.57
N VAL I 1005 -8.84 1.15 13.59
CA VAL I 1005 -9.85 0.15 13.91
C VAL I 1005 -9.20 -1.08 14.55
N THR I 1006 -8.07 -1.53 14.00
CA THR I 1006 -7.44 -2.73 14.53
C THR I 1006 -6.99 -2.55 15.96
N GLN I 1007 -6.49 -1.37 16.31
CA GLN I 1007 -6.11 -1.10 17.70
C GLN I 1007 -7.33 -1.13 18.61
N GLN I 1008 -8.47 -0.62 18.15
CA GLN I 1008 -9.67 -0.65 18.97
C GLN I 1008 -10.14 -2.07 19.22
N LEU I 1009 -9.98 -2.95 18.24
CA LEU I 1009 -10.36 -4.34 18.44
C LEU I 1009 -9.52 -5.00 19.52
N ILE I 1010 -8.26 -4.59 19.67
CA ILE I 1010 -7.43 -5.12 20.75
C ILE I 1010 -7.89 -4.57 22.09
N ARG I 1011 -8.18 -3.27 22.16
CA ARG I 1011 -8.57 -2.67 23.42
C ARG I 1011 -9.93 -3.16 23.88
N ALA I 1012 -10.88 -3.29 22.96
CA ALA I 1012 -12.20 -3.78 23.33
C ALA I 1012 -12.17 -5.20 23.85
N ALA I 1013 -11.14 -5.97 23.49
CA ALA I 1013 -10.98 -7.32 24.02
C ALA I 1013 -10.31 -7.34 25.39
N GLU I 1014 -9.80 -6.21 25.86
CA GLU I 1014 -9.25 -6.11 27.20
C GLU I 1014 -10.31 -5.64 28.19
N ILE I 1015 -11.10 -4.63 27.82
CA ILE I 1015 -12.21 -4.21 28.67
C ILE I 1015 -13.21 -5.34 28.84
N ARG I 1016 -13.42 -6.13 27.78
CA ARG I 1016 -14.27 -7.31 27.89
C ARG I 1016 -13.71 -8.30 28.89
N ALA I 1017 -12.39 -8.31 29.08
CA ALA I 1017 -11.78 -9.17 30.08
C ALA I 1017 -11.84 -8.57 31.48
N SER I 1018 -12.16 -7.29 31.61
CA SER I 1018 -12.33 -6.66 32.91
C SER I 1018 -13.79 -6.43 33.28
N ALA I 1019 -14.70 -6.47 32.30
CA ALA I 1019 -16.12 -6.51 32.60
C ALA I 1019 -16.60 -7.90 32.93
N ASN I 1020 -15.81 -8.93 32.65
CA ASN I 1020 -16.08 -10.29 33.07
C ASN I 1020 -15.44 -10.62 34.41
N LEU I 1021 -14.63 -9.72 34.95
CA LEU I 1021 -14.14 -9.84 36.32
C LEU I 1021 -14.93 -8.98 37.29
N ALA I 1022 -15.46 -7.85 36.85
CA ALA I 1022 -16.35 -7.05 37.68
C ALA I 1022 -17.72 -7.70 37.81
N ALA I 1023 -18.11 -8.53 36.86
CA ALA I 1023 -19.35 -9.28 36.95
C ALA I 1023 -19.23 -10.51 37.82
N THR I 1024 -18.00 -10.92 38.15
CA THR I 1024 -17.74 -11.98 39.11
C THR I 1024 -17.49 -11.46 40.51
N LYS I 1025 -16.83 -10.31 40.63
CA LYS I 1025 -16.69 -9.65 41.93
C LYS I 1025 -18.06 -9.30 42.50
N MET I 1026 -18.97 -8.83 41.64
CA MET I 1026 -20.31 -8.46 42.11
C MET I 1026 -21.13 -9.68 42.49
N SER I 1027 -21.04 -10.75 41.70
CA SER I 1027 -21.81 -11.94 42.00
C SER I 1027 -21.36 -12.58 43.31
N GLU I 1028 -20.05 -12.65 43.54
CA GLU I 1028 -19.54 -13.43 44.66
C GLU I 1028 -19.29 -12.59 45.90
N CYS I 1029 -18.61 -11.44 45.77
CA CYS I 1029 -18.30 -10.64 46.94
C CYS I 1029 -19.53 -9.90 47.46
N VAL I 1030 -20.36 -9.38 46.57
CA VAL I 1030 -21.49 -8.55 46.99
C VAL I 1030 -22.72 -9.39 47.33
N LEU I 1031 -23.04 -10.37 46.49
CA LEU I 1031 -24.23 -11.18 46.70
C LEU I 1031 -23.98 -12.40 47.56
N GLY I 1032 -22.79 -12.55 48.12
CA GLY I 1032 -22.50 -13.63 49.03
C GLY I 1032 -21.22 -13.33 49.79
N GLN I 1033 -20.77 -14.31 50.56
CA GLN I 1033 -19.48 -14.24 51.23
C GLN I 1033 -18.53 -15.21 50.55
N SER I 1034 -17.33 -14.75 50.23
CA SER I 1034 -16.42 -15.48 49.37
C SER I 1034 -15.36 -16.21 50.18
N LYS I 1035 -15.08 -17.44 49.77
CA LYS I 1035 -14.07 -18.28 50.40
C LYS I 1035 -12.74 -18.28 49.65
N ARG I 1036 -12.65 -17.57 48.53
CA ARG I 1036 -11.42 -17.53 47.74
C ARG I 1036 -10.43 -16.58 48.37
N VAL I 1037 -9.16 -16.98 48.38
CA VAL I 1037 -8.12 -16.20 49.03
C VAL I 1037 -7.68 -15.07 48.12
N ASP I 1038 -7.59 -13.86 48.68
CA ASP I 1038 -7.09 -12.68 47.97
C ASP I 1038 -7.94 -12.33 46.76
N PHE I 1039 -9.22 -12.72 46.77
CA PHE I 1039 -10.14 -12.35 45.70
C PHE I 1039 -10.92 -11.08 46.06
N CYS I 1040 -11.67 -11.12 47.15
CA CYS I 1040 -12.46 -9.98 47.62
C CYS I 1040 -11.78 -9.28 48.78
N GLY I 1041 -10.46 -9.13 48.74
CA GLY I 1041 -9.77 -8.35 49.75
C GLY I 1041 -8.59 -9.05 50.37
N LYS I 1042 -7.70 -8.28 50.99
CA LYS I 1042 -6.52 -8.82 51.65
C LYS I 1042 -6.90 -9.16 53.09
N GLY I 1043 -7.27 -10.42 53.31
CA GLY I 1043 -7.67 -10.90 54.61
C GLY I 1043 -8.88 -11.81 54.48
N TYR I 1044 -9.51 -12.09 55.62
CA TYR I 1044 -10.71 -12.90 55.63
C TYR I 1044 -11.91 -12.03 55.27
N HIS I 1045 -12.54 -12.33 54.15
CA HIS I 1045 -13.59 -11.48 53.61
C HIS I 1045 -14.82 -11.48 54.51
N LEU I 1046 -15.50 -10.33 54.58
CA LEU I 1046 -16.75 -10.19 55.31
C LEU I 1046 -17.90 -9.75 54.43
N MET I 1047 -17.73 -8.70 53.63
CA MET I 1047 -18.79 -8.17 52.78
C MET I 1047 -18.18 -7.09 51.89
N SER I 1048 -18.98 -6.56 50.96
CA SER I 1048 -18.49 -5.54 50.05
C SER I 1048 -19.63 -4.63 49.63
N PHE I 1049 -19.28 -3.45 49.14
CA PHE I 1049 -20.24 -2.45 48.70
C PHE I 1049 -19.81 -1.90 47.34
N PRO I 1050 -20.72 -1.81 46.37
CA PRO I 1050 -20.38 -1.19 45.09
C PRO I 1050 -20.59 0.31 45.11
N GLN I 1051 -19.80 0.99 44.29
CA GLN I 1051 -19.98 2.41 44.03
C GLN I 1051 -19.73 2.66 42.56
N SER I 1052 -20.59 3.47 41.94
CA SER I 1052 -20.41 3.77 40.54
C SER I 1052 -19.28 4.77 40.33
N ALA I 1053 -18.79 4.83 39.11
CA ALA I 1053 -17.74 5.77 38.72
C ALA I 1053 -17.78 5.91 37.21
N PRO I 1054 -17.17 6.97 36.66
CA PRO I 1054 -17.14 7.11 35.19
C PRO I 1054 -16.41 5.94 34.54
N HIS I 1055 -17.13 5.21 33.69
CA HIS I 1055 -16.58 4.11 32.89
C HIS I 1055 -16.04 2.98 33.76
N GLY I 1056 -16.64 2.72 34.91
CA GLY I 1056 -16.12 1.66 35.76
C GLY I 1056 -16.94 1.49 37.01
N VAL I 1057 -16.36 0.77 37.96
CA VAL I 1057 -16.98 0.48 39.25
C VAL I 1057 -15.89 0.47 40.32
N VAL I 1058 -16.31 0.71 41.56
CA VAL I 1058 -15.40 0.76 42.70
C VAL I 1058 -16.00 -0.09 43.82
N PHE I 1059 -15.18 -0.96 44.41
CA PHE I 1059 -15.62 -1.84 45.48
C PHE I 1059 -14.98 -1.43 46.79
N LEU I 1060 -15.71 -1.63 47.89
CA LEU I 1060 -15.24 -1.33 49.25
C LEU I 1060 -15.29 -2.63 50.04
N HIS I 1061 -14.18 -3.36 50.04
CA HIS I 1061 -14.14 -4.67 50.67
C HIS I 1061 -13.87 -4.53 52.17
N VAL I 1062 -14.72 -5.12 52.99
CA VAL I 1062 -14.57 -5.11 54.44
C VAL I 1062 -14.00 -6.47 54.85
N THR I 1063 -12.83 -6.45 55.46
CA THR I 1063 -12.10 -7.67 55.76
C THR I 1063 -11.71 -7.71 57.23
N TYR I 1064 -11.45 -8.93 57.71
CA TYR I 1064 -11.10 -9.21 59.10
C TYR I 1064 -9.62 -9.53 59.18
N VAL I 1065 -8.90 -8.88 60.08
CA VAL I 1065 -7.46 -9.07 60.19
C VAL I 1065 -7.06 -9.29 61.65
N PRO I 1066 -6.31 -10.34 61.96
CA PRO I 1066 -5.91 -10.59 63.36
C PRO I 1066 -4.91 -9.55 63.86
N ALA I 1067 -5.10 -9.15 65.12
CA ALA I 1067 -4.22 -8.18 65.78
C ALA I 1067 -3.14 -8.92 66.56
N GLN I 1068 -2.49 -8.22 67.50
CA GLN I 1068 -1.34 -8.75 68.23
C GLN I 1068 -1.61 -10.13 68.80
N GLU I 1069 -0.53 -10.89 68.96
CA GLU I 1069 -0.59 -12.32 69.29
C GLU I 1069 0.34 -12.64 70.46
N LYS I 1070 0.20 -13.86 70.95
CA LYS I 1070 1.04 -14.42 72.00
C LYS I 1070 1.22 -15.91 71.73
N ASN I 1071 2.41 -16.42 72.01
CA ASN I 1071 2.75 -17.80 71.69
C ASN I 1071 2.64 -18.69 72.92
N PHE I 1072 2.31 -19.96 72.68
CA PHE I 1072 2.10 -20.93 73.75
C PHE I 1072 2.80 -22.23 73.37
N THR I 1073 2.52 -23.27 74.16
CA THR I 1073 3.08 -24.61 73.93
C THR I 1073 1.93 -25.56 73.61
N THR I 1074 2.11 -26.37 72.58
CA THR I 1074 1.03 -27.19 72.03
C THR I 1074 1.43 -28.66 71.97
N ALA I 1075 0.44 -29.53 72.08
CA ALA I 1075 0.61 -30.98 71.96
C ALA I 1075 -0.52 -31.53 71.10
N PRO I 1076 -0.23 -32.52 70.25
CA PRO I 1076 -1.23 -32.93 69.24
C PRO I 1076 -2.38 -33.73 69.79
N ALA I 1077 -2.28 -34.29 70.99
CA ALA I 1077 -3.36 -35.09 71.55
C ALA I 1077 -3.28 -34.99 73.07
N ILE I 1078 -4.01 -35.87 73.74
CA ILE I 1078 -3.97 -35.93 75.20
C ILE I 1078 -4.44 -37.32 75.62
N CYS I 1079 -3.71 -37.93 76.56
CA CYS I 1079 -3.98 -39.30 76.99
C CYS I 1079 -4.37 -39.28 78.46
N HIS I 1080 -5.59 -39.70 78.77
CA HIS I 1080 -6.05 -39.73 80.15
C HIS I 1080 -6.32 -41.14 80.66
N ASP I 1081 -7.23 -41.88 80.04
CA ASP I 1081 -7.46 -43.28 80.41
C ASP I 1081 -6.74 -44.23 79.47
N GLY I 1082 -5.44 -44.00 79.27
CA GLY I 1082 -4.71 -44.81 78.32
C GLY I 1082 -5.15 -44.67 76.88
N LYS I 1083 -5.98 -43.68 76.57
CA LYS I 1083 -6.52 -43.48 75.23
C LYS I 1083 -6.28 -42.05 74.79
N ALA I 1084 -5.90 -41.88 73.53
CA ALA I 1084 -5.68 -40.54 73.00
C ALA I 1084 -6.99 -39.78 72.89
N HIS I 1085 -6.89 -38.46 72.95
CA HIS I 1085 -8.04 -37.58 72.75
C HIS I 1085 -7.63 -36.43 71.84
N PHE I 1086 -8.45 -36.15 70.83
CA PHE I 1086 -8.19 -35.11 69.87
C PHE I 1086 -9.27 -34.04 69.97
N PRO I 1087 -8.95 -32.78 69.67
CA PRO I 1087 -9.95 -31.73 69.81
C PRO I 1087 -11.01 -31.85 68.75
N ARG I 1088 -12.27 -31.70 69.16
CA ARG I 1088 -13.37 -31.71 68.19
C ARG I 1088 -13.23 -30.55 67.22
N GLU I 1089 -13.01 -29.35 67.74
CA GLU I 1089 -12.69 -28.19 66.90
C GLU I 1089 -11.90 -27.22 67.77
N GLY I 1090 -10.59 -27.20 67.59
CA GLY I 1090 -9.73 -26.38 68.40
C GLY I 1090 -8.33 -26.96 68.44
N VAL I 1091 -7.47 -26.26 69.18
CA VAL I 1091 -6.07 -26.64 69.30
C VAL I 1091 -5.69 -26.63 70.78
N PHE I 1092 -4.92 -27.64 71.20
CA PHE I 1092 -4.54 -27.77 72.60
C PHE I 1092 -3.39 -26.80 72.90
N VAL I 1093 -3.60 -25.93 73.89
CA VAL I 1093 -2.58 -24.99 74.32
C VAL I 1093 -2.52 -24.98 75.83
N SER I 1094 -1.43 -24.46 76.37
CA SER I 1094 -1.29 -24.29 77.81
C SER I 1094 -0.38 -23.10 78.06
N ASN I 1095 -0.54 -22.49 79.24
CA ASN I 1095 0.27 -21.36 79.64
C ASN I 1095 1.38 -21.74 80.60
N GLY I 1096 1.65 -23.04 80.74
CA GLY I 1096 2.73 -23.48 81.60
C GLY I 1096 2.28 -24.41 82.72
N THR I 1097 1.13 -24.11 83.31
CA THR I 1097 0.64 -24.88 84.45
C THR I 1097 -0.29 -26.01 84.03
N HIS I 1098 -1.40 -25.67 83.36
CA HIS I 1098 -2.35 -26.67 82.92
C HIS I 1098 -2.92 -26.27 81.57
N TRP I 1099 -3.53 -27.24 80.90
CA TRP I 1099 -3.85 -27.14 79.49
C TRP I 1099 -5.24 -26.55 79.24
N PHE I 1100 -5.48 -26.22 77.97
CA PHE I 1100 -6.74 -25.63 77.53
C PHE I 1100 -6.94 -25.96 76.07
N VAL I 1101 -8.17 -25.81 75.60
CA VAL I 1101 -8.51 -25.95 74.19
C VAL I 1101 -9.13 -24.64 73.73
N THR I 1102 -8.64 -24.11 72.61
CA THR I 1102 -9.11 -22.82 72.12
C THR I 1102 -9.36 -22.90 70.63
N GLN I 1103 -10.21 -21.99 70.15
CA GLN I 1103 -10.46 -21.86 68.73
C GLN I 1103 -9.26 -21.21 68.03
N ARG I 1104 -9.12 -21.48 66.74
CA ARG I 1104 -7.87 -21.21 66.06
C ARG I 1104 -7.56 -19.72 65.95
N ASN I 1105 -8.55 -18.90 65.60
CA ASN I 1105 -8.30 -17.52 65.18
C ASN I 1105 -8.61 -16.49 66.25
N PHE I 1106 -8.80 -16.91 67.50
CA PHE I 1106 -9.09 -15.97 68.58
C PHE I 1106 -8.82 -16.66 69.91
N TYR I 1107 -8.15 -15.98 70.82
CA TYR I 1107 -7.75 -16.60 72.08
C TYR I 1107 -8.95 -16.64 73.01
N GLU I 1108 -9.49 -17.84 73.25
CA GLU I 1108 -10.56 -18.04 74.22
C GLU I 1108 -10.42 -19.43 74.81
N PRO I 1109 -9.59 -19.58 75.84
CA PRO I 1109 -9.36 -20.91 76.41
C PRO I 1109 -10.59 -21.47 77.10
N GLN I 1110 -10.71 -22.79 77.07
CA GLN I 1110 -11.78 -23.51 77.74
C GLN I 1110 -11.20 -24.72 78.45
N ILE I 1111 -11.87 -25.16 79.51
CA ILE I 1111 -11.43 -26.32 80.26
C ILE I 1111 -11.68 -27.57 79.43
N ILE I 1112 -10.71 -28.49 79.45
CA ILE I 1112 -10.86 -29.74 78.70
C ILE I 1112 -12.02 -30.53 79.27
N THR I 1113 -12.89 -31.00 78.39
CA THR I 1113 -14.08 -31.74 78.80
C THR I 1113 -14.44 -32.70 77.67
N THR I 1114 -15.15 -33.77 78.03
CA THR I 1114 -15.43 -34.83 77.06
C THR I 1114 -16.24 -34.32 75.87
N ASP I 1115 -17.04 -33.27 76.07
CA ASP I 1115 -17.78 -32.70 74.94
C ASP I 1115 -16.87 -31.94 73.99
N ASN I 1116 -15.66 -31.57 74.42
CA ASN I 1116 -14.71 -30.89 73.56
C ASN I 1116 -13.84 -31.84 72.76
N THR I 1117 -13.75 -33.10 73.15
CA THR I 1117 -12.78 -34.03 72.59
C THR I 1117 -13.49 -35.29 72.10
N PHE I 1118 -12.84 -35.99 71.17
CA PHE I 1118 -13.28 -37.31 70.77
C PHE I 1118 -12.10 -38.27 70.84
N VAL I 1119 -12.37 -39.51 71.23
CA VAL I 1119 -11.34 -40.49 71.54
C VAL I 1119 -11.22 -41.48 70.39
N SER I 1120 -9.98 -41.86 70.07
CA SER I 1120 -9.74 -42.82 68.99
C SER I 1120 -8.40 -43.51 69.23
N GLY I 1121 -8.45 -44.73 69.75
CA GLY I 1121 -7.27 -45.56 69.91
C GLY I 1121 -6.50 -45.26 71.18
N ASN I 1122 -5.56 -46.15 71.48
CA ASN I 1122 -4.71 -46.00 72.65
C ASN I 1122 -3.64 -44.94 72.41
N CYS I 1123 -2.96 -44.54 73.48
CA CYS I 1123 -2.04 -43.42 73.44
C CYS I 1123 -0.58 -43.85 73.42
N ASP I 1124 -0.26 -44.93 72.71
CA ASP I 1124 1.12 -45.35 72.52
C ASP I 1124 1.59 -45.30 71.08
N VAL I 1125 0.68 -45.09 70.13
CA VAL I 1125 1.05 -45.03 68.72
C VAL I 1125 1.25 -43.60 68.23
N VAL I 1126 0.61 -42.62 68.85
CA VAL I 1126 0.78 -41.22 68.46
C VAL I 1126 2.15 -40.74 68.90
N ILE I 1127 2.66 -39.73 68.22
CA ILE I 1127 3.94 -39.10 68.55
C ILE I 1127 3.66 -37.75 69.19
N GLY I 1128 4.33 -37.46 70.30
CA GLY I 1128 4.17 -36.17 70.95
C GLY I 1128 3.00 -36.05 71.89
N ILE I 1129 2.32 -37.16 72.19
CA ILE I 1129 1.21 -37.12 73.13
C ILE I 1129 1.73 -36.78 74.52
N VAL I 1130 0.88 -36.13 75.33
CA VAL I 1130 1.26 -35.67 76.65
C VAL I 1130 0.18 -36.10 77.64
N ASN I 1131 0.55 -36.13 78.92
CA ASN I 1131 -0.31 -36.62 79.99
C ASN I 1131 -1.05 -35.47 80.66
N ASN I 1132 -2.36 -35.63 80.81
CA ASN I 1132 -3.20 -34.71 81.56
C ASN I 1132 -4.53 -35.39 81.84
N THR I 1133 -5.47 -34.63 82.39
CA THR I 1133 -6.76 -35.17 82.80
C THR I 1133 -7.88 -34.51 82.02
N VAL I 1134 -8.93 -35.29 81.76
CA VAL I 1134 -10.13 -34.81 81.09
C VAL I 1134 -11.30 -34.99 82.05
N TYR I 1135 -12.06 -33.94 82.26
CA TYR I 1135 -13.17 -33.94 83.21
C TYR I 1135 -14.47 -34.22 82.49
N ASP I 1136 -15.28 -35.10 83.04
CA ASP I 1136 -16.56 -35.44 82.44
C ASP I 1136 -17.50 -34.24 82.52
N PRO I 1137 -18.24 -33.92 81.45
CA PRO I 1137 -19.31 -32.93 81.58
C PRO I 1137 -20.39 -33.40 82.53
N LEU I 1138 -20.59 -34.72 82.63
CA LEU I 1138 -21.49 -35.30 83.59
C LEU I 1138 -20.82 -35.51 84.95
N GLN I 1139 -19.53 -35.20 85.07
CA GLN I 1139 -18.88 -35.26 86.37
C GLN I 1139 -19.57 -34.36 87.39
N PRO I 1140 -19.83 -33.07 87.12
CA PRO I 1140 -20.70 -32.33 88.04
C PRO I 1140 -22.10 -32.91 88.09
N GLU I 1141 -22.59 -33.47 86.98
CA GLU I 1141 -23.89 -34.14 86.98
C GLU I 1141 -23.87 -35.47 87.70
N LEU I 1142 -22.70 -35.96 88.09
CA LEU I 1142 -22.62 -37.13 88.97
C LEU I 1142 -21.98 -36.80 90.31
N ASP I 1143 -20.92 -35.98 90.33
CA ASP I 1143 -20.28 -35.64 91.59
C ASP I 1143 -21.22 -34.86 92.49
N SER I 1144 -22.18 -34.15 91.91
CA SER I 1144 -23.26 -33.53 92.67
C SER I 1144 -24.53 -34.36 92.67
N PHE I 1145 -24.51 -35.54 92.07
CA PHE I 1145 -25.66 -36.45 92.08
C PHE I 1145 -25.33 -37.80 92.71
N LYS I 1146 -24.21 -38.42 92.32
CA LYS I 1146 -23.76 -39.63 93.01
C LYS I 1146 -23.49 -39.35 94.48
N GLU I 1147 -22.81 -38.23 94.76
CA GLU I 1147 -22.67 -37.79 96.15
C GLU I 1147 -24.03 -37.43 96.74
N GLU I 1148 -24.90 -36.81 95.93
CA GLU I 1148 -26.26 -36.54 96.39
C GLU I 1148 -27.00 -37.84 96.70
N LEU I 1149 -26.86 -38.84 95.83
CA LEU I 1149 -27.37 -40.17 96.15
C LEU I 1149 -26.63 -40.76 97.35
N ASP I 1150 -25.32 -40.56 97.42
CA ASP I 1150 -24.57 -40.93 98.61
C ASP I 1150 -25.06 -40.14 99.82
N LYS I 1151 -25.33 -38.85 99.63
CA LYS I 1151 -25.96 -38.06 100.69
C LYS I 1151 -27.31 -38.64 101.06
N TYR I 1152 -28.09 -39.06 100.05
CA TYR I 1152 -29.32 -39.78 100.32
C TYR I 1152 -29.04 -41.13 100.99
N PHE I 1153 -27.97 -41.80 100.55
CA PHE I 1153 -27.60 -43.06 101.20
C PHE I 1153 -27.18 -42.84 102.65
N LYS I 1154 -26.37 -41.82 102.89
CA LYS I 1154 -25.99 -41.50 104.26
C LYS I 1154 -27.16 -41.00 105.10
N ASN I 1155 -28.20 -40.47 104.45
CA ASN I 1155 -29.42 -40.05 105.13
C ASN I 1155 -30.34 -41.22 105.46
N HIS I 1156 -30.12 -42.39 104.86
CA HIS I 1156 -30.96 -43.56 105.06
C HIS I 1156 -30.25 -44.74 105.69
N THR I 1157 -28.93 -44.89 105.47
CA THR I 1157 -28.21 -46.01 106.07
C THR I 1157 -27.95 -45.80 107.54
N SER I 1158 -27.69 -44.56 107.96
CA SER I 1158 -27.37 -44.30 109.36
C SER I 1158 -28.50 -44.67 110.32
N PRO I 1159 -29.78 -44.34 110.08
CA PRO I 1159 -30.75 -44.77 111.08
C PRO I 1159 -31.09 -46.25 110.99
#